data_8J79
#
_entry.id   8J79
#
_cell.length_a   167.678
_cell.length_b   123.470
_cell.length_c   150.059
_cell.angle_alpha   90.00
_cell.angle_beta   90.89
_cell.angle_gamma   90.00
#
_symmetry.space_group_name_H-M   'C 1 2 1'
#
loop_
_entity.id
_entity.type
_entity.pdbx_description
1 polymer 'Xanthine dehydrogenase/oxidase'
2 non-polymer 'FE2/S2 (INORGANIC) CLUSTER'
3 non-polymer 'PHOSPHONIC ACIDMONO-(2-AMINO-5,6-DIMERCAPTO-4-OXO-3,7,8A,9,10,10A-HEXAHYDRO-4H-8-OXA-1,3,9,10-TETRAAZA-ANTHRACEN-7-YLMETHYL)ESTER'
4 non-polymer 'DIOXOTHIOMOLYBDENUM(VI) ION'
5 non-polymer 'FLAVIN-ADENINE DINUCLEOTIDE'
6 non-polymer 'CARBONATE ION'
7 non-polymer 'CALCIUM ION'
8 non-polymer Oxypurinol
9 non-polymer GLYCEROL
10 water water
#
_entity_poly.entity_id   1
_entity_poly.type   'polypeptide(L)'
_entity_poly.pdbx_seq_one_letter_code
;MTADELVFFVNGKKVVEKNADPETTLLAYLRRKLGLRGTKLGCGEGGCGACTVMLSKYDRLQDKIIHFSANACLAPICTL
HHVAVTTVEGIGSTKTRLHPVQERIAKSHGSQCGFCTPGIVMSMYTLLRNQPEPTVEEIEDAFQGNLCRCTGYRPILQGF
RTFAKNGGCCGGNGNNPNCCMNQKKDHTVTLSPSLFNPEEFMPLDPTQEPIFPPELLRLKDVPPKQLRFEGERVTWIQAS
TLKELLDLKAQHPEAKLVVGNTEIGIEMKFKNQLFPMIICPAWIPELNAVEHGPEGISFGAACALSSVEKTLLEAVAKLP
TQKTEVFRGVLEQLRWFAGKQVKSVASLGGNIITASPISDLNPVFMASGTKLTIVSRGTRRTVPMDHTFFPSYRKTLLGP
EEILLSIEIPYSREDEFFSAFKQASRREDDIAKVTCGMRVLFQPGSMQVKELALCYGGMADRTISALKTTQKQLSKFWNE
KLLQDVCAGLAEELSLSPDAPGGMIEFRRTLTLSFFFKFYLTVLKKLGKDSKDKCGKLDPTYTSATLLFQKDPPANIQLF
QEVPNGQSKEDTVGRPLPHLAAAMQASGEAVYCDDIPRYENELFLRLVTSTRAHAKIKSIDVSEAQKVPGFVCFLSADDI
PGSNETGLFNDETVFAKDTVTCVGHIIGAVVADTPEHAERAAHVVKVTYEDLPAIITIEDAIKNNSFYGSELKIEKGDLK
KGFSEADNVVSGELYIGGQDHFYLETHCTIAIPKGEEGEMELFVSTQNAMKTQSFVAKMLGVPVNRILVRVKRMGGGFGG
KETRSTLVSVAVALAAYKTGHPVRCMLDRNEDMLITGGRHPFLARYKVGFMKTGTIVALEVDHYSNAGNSRDLSHSIMER
ALFHMDNCYKIPNIRGTGRLCKTNLSSNTAFRGFGGPQALFIAENWMSEVAVTCGLPAEEVRWKNMYKEGDLTHFNQRLE
GFSVPRCWDECLKSSQYYARKSEVDKFNKENCWKKRGLCIIPTKFGISFTVPFLNQAGALIHVYTDGSVLVSHGGTEMGQ
GLHTKMVQVASKALKIPISKIYISETSTNTVPNSSPTAASVSTDIYGQAVYEACQTILKRLEPFKKKNPDGSWEDWVMAA
YQDRVSLSTTGFYRTPNLGYSFETNSGNAFHYFTYGVACSEVEIDCLTGDHKNLRTDIVMDVGSSLNPAIDIGQVEGAFV
QGLGLFTLEELHYSPEGSLHTRGPSTYKIPAFGSIPTEFRVSLLRDCPNKKAIYASKAVGEPPLFLGASVFFAIKDAIRA
ARAQHTNNNTKELFRLDSPATPEKIRNACVDKFTTLCVTGAPGNCKPWSLRV
;
_entity_poly.pdbx_strand_id   A,B
#
# COMPACT_ATOMS: atom_id res chain seq x y z
N ALA A 3 30.06 9.15 -21.33
CA ALA A 3 28.84 10.01 -21.25
C ALA A 3 29.03 11.15 -20.24
N ASP A 4 28.58 12.33 -20.61
CA ASP A 4 28.63 13.54 -19.74
C ASP A 4 27.49 13.48 -18.73
N GLU A 5 27.65 14.19 -17.62
CA GLU A 5 26.57 14.49 -16.66
C GLU A 5 25.56 15.44 -17.31
N LEU A 6 24.27 15.19 -17.08
CA LEU A 6 23.17 16.12 -17.39
C LEU A 6 22.86 16.87 -16.09
N VAL A 7 22.93 18.19 -16.13
CA VAL A 7 22.75 19.04 -14.94
C VAL A 7 21.67 20.07 -15.20
N PHE A 8 20.58 19.99 -14.45
CA PHE A 8 19.45 20.95 -14.54
C PHE A 8 18.88 21.13 -13.15
N PHE A 9 17.87 21.97 -13.07
CA PHE A 9 17.21 22.36 -11.80
C PHE A 9 15.72 22.06 -11.91
N VAL A 10 15.15 21.57 -10.82
CA VAL A 10 13.69 21.37 -10.71
C VAL A 10 13.26 22.04 -9.41
N ASN A 11 12.38 23.04 -9.52
CA ASN A 11 11.83 23.81 -8.37
C ASN A 11 12.99 24.34 -7.52
N GLY A 12 14.08 24.77 -8.13
CA GLY A 12 15.22 25.41 -7.45
C GLY A 12 16.27 24.43 -6.96
N LYS A 13 16.08 23.12 -7.15
CA LYS A 13 16.95 22.05 -6.61
C LYS A 13 17.78 21.48 -7.77
N LYS A 14 19.10 21.43 -7.62
CA LYS A 14 20.01 20.90 -8.67
C LYS A 14 19.76 19.40 -8.83
N VAL A 15 19.72 18.97 -10.06
CA VAL A 15 19.60 17.55 -10.44
C VAL A 15 20.83 17.24 -11.26
N VAL A 16 21.61 16.26 -10.83
CA VAL A 16 22.79 15.76 -11.59
C VAL A 16 22.43 14.35 -12.03
N GLU A 17 22.17 14.17 -13.32
CA GLU A 17 21.84 12.84 -13.86
C GLU A 17 23.09 12.33 -14.59
N LYS A 18 23.68 11.29 -14.03
CA LYS A 18 24.99 10.78 -14.47
C LYS A 18 24.75 9.85 -15.65
N ASN A 19 23.55 9.33 -15.84
CA ASN A 19 23.34 8.35 -16.94
C ASN A 19 22.09 8.70 -17.74
N ALA A 20 21.99 9.94 -18.23
CA ALA A 20 20.80 10.39 -18.98
C ALA A 20 20.55 9.43 -20.15
N ASP A 21 19.35 8.88 -20.27
CA ASP A 21 18.91 8.19 -21.51
C ASP A 21 18.24 9.22 -22.43
N PRO A 22 18.69 9.41 -23.69
CA PRO A 22 18.03 10.36 -24.59
C PRO A 22 16.53 10.16 -24.85
N GLU A 23 16.00 8.97 -24.59
CA GLU A 23 14.54 8.67 -24.79
C GLU A 23 13.72 9.07 -23.57
N THR A 24 14.35 9.49 -22.47
CA THR A 24 13.64 9.87 -21.24
C THR A 24 13.02 11.26 -21.45
N THR A 25 11.70 11.35 -21.37
CA THR A 25 10.95 12.64 -21.33
C THR A 25 11.06 13.26 -19.93
N LEU A 26 10.92 14.58 -19.84
CA LEU A 26 10.83 15.29 -18.55
C LEU A 26 9.65 14.76 -17.75
N LEU A 27 8.52 14.46 -18.37
CA LEU A 27 7.37 13.97 -17.60
C LEU A 27 7.71 12.69 -16.85
N ALA A 28 8.27 11.69 -17.54
CA ALA A 28 8.68 10.40 -16.93
C ALA A 28 9.71 10.67 -15.82
N TYR A 29 10.67 11.53 -16.08
CA TYR A 29 11.74 11.83 -15.10
C TYR A 29 11.08 12.43 -13.85
N LEU A 30 10.23 13.46 -14.03
CA LEU A 30 9.55 14.14 -12.88
C LEU A 30 8.79 13.07 -12.08
N ARG A 31 7.99 12.22 -12.75
CA ARG A 31 6.99 11.32 -12.09
C ARG A 31 7.73 10.12 -11.49
N ARG A 32 8.71 9.55 -12.20
CA ARG A 32 9.29 8.23 -11.80
C ARG A 32 10.66 8.38 -11.12
N LYS A 33 11.42 9.43 -11.38
CA LYS A 33 12.75 9.58 -10.76
C LYS A 33 12.68 10.60 -9.63
N LEU A 34 11.98 11.72 -9.79
CA LEU A 34 12.00 12.80 -8.77
C LEU A 34 10.80 12.72 -7.81
N GLY A 35 9.85 11.81 -8.04
CA GLY A 35 8.64 11.63 -7.23
C GLY A 35 7.73 12.86 -7.23
N LEU A 36 7.77 13.72 -8.26
CA LEU A 36 6.84 14.89 -8.36
C LEU A 36 5.68 14.53 -9.31
N ARG A 37 4.57 14.08 -8.73
CA ARG A 37 3.44 13.47 -9.46
C ARG A 37 2.33 14.52 -9.71
N GLY A 38 2.56 15.80 -9.44
CA GLY A 38 1.59 16.85 -9.82
C GLY A 38 1.47 17.06 -11.32
N THR A 39 2.58 16.95 -12.04
CA THR A 39 2.58 16.96 -13.52
C THR A 39 1.95 15.64 -14.04
N LYS A 40 0.92 15.73 -14.90
CA LYS A 40 0.12 14.54 -15.34
C LYS A 40 0.34 14.17 -16.81
N LEU A 41 0.13 12.88 -17.09
CA LEU A 41 -0.03 12.36 -18.47
C LEU A 41 -1.51 12.34 -18.81
N GLY A 42 -1.92 13.07 -19.85
CA GLY A 42 -3.28 13.08 -20.38
C GLY A 42 -3.34 12.56 -21.82
N CYS A 43 -2.25 12.65 -22.58
CA CYS A 43 -2.27 12.26 -24.02
C CYS A 43 -0.88 11.88 -24.55
N GLY A 44 0.22 12.40 -24.00
CA GLY A 44 1.56 12.07 -24.53
C GLY A 44 1.83 12.55 -25.95
N GLU A 45 1.00 13.44 -26.51
CA GLU A 45 1.13 13.92 -27.92
C GLU A 45 0.99 15.46 -28.02
N GLY A 46 1.04 16.19 -26.91
CA GLY A 46 1.23 17.66 -26.93
C GLY A 46 -0.08 18.42 -27.01
N GLY A 47 -1.23 17.71 -27.05
CA GLY A 47 -2.55 18.29 -27.32
C GLY A 47 -3.37 18.68 -26.09
N CYS A 48 -3.07 18.21 -24.86
CA CYS A 48 -3.98 18.38 -23.70
C CYS A 48 -3.41 19.35 -22.64
N GLY A 49 -2.08 19.49 -22.56
CA GLY A 49 -1.43 20.42 -21.62
C GLY A 49 -1.43 19.95 -20.17
N ALA A 50 -1.85 18.72 -19.84
CA ALA A 50 -1.88 18.21 -18.45
C ALA A 50 -0.46 18.14 -17.92
N CYS A 51 0.52 18.05 -18.80
CA CYS A 51 1.94 17.89 -18.49
C CYS A 51 2.66 19.23 -18.51
N THR A 52 1.95 20.37 -18.53
CA THR A 52 2.61 21.69 -18.68
C THR A 52 3.54 21.96 -17.49
N VAL A 53 4.74 22.43 -17.80
CA VAL A 53 5.71 22.96 -16.81
C VAL A 53 6.25 24.30 -17.32
N MET A 54 6.90 25.03 -16.45
CA MET A 54 7.62 26.24 -16.87
C MET A 54 9.10 25.90 -16.95
N LEU A 55 9.72 26.40 -18.01
CA LEU A 55 11.18 26.36 -18.22
C LEU A 55 11.74 27.77 -18.16
N SER A 56 12.89 27.89 -17.48
CA SER A 56 13.58 29.18 -17.27
C SER A 56 15.04 28.96 -17.63
N LYS A 57 15.60 29.87 -18.42
CA LYS A 57 17.04 29.81 -18.75
C LYS A 57 17.57 31.21 -18.97
N TYR A 58 18.89 31.32 -18.88
CA TYR A 58 19.62 32.56 -19.24
C TYR A 58 19.76 32.63 -20.76
N ASP A 59 19.29 33.69 -21.40
CA ASP A 59 19.48 33.90 -22.86
C ASP A 59 20.78 34.67 -23.08
N ARG A 60 21.80 33.99 -23.65
CA ARG A 60 23.11 34.58 -24.08
C ARG A 60 22.80 35.80 -24.93
N LEU A 61 22.12 35.56 -26.07
CA LEU A 61 21.83 36.56 -27.13
C LEU A 61 20.96 37.73 -26.63
N GLN A 62 20.36 37.69 -25.42
CA GLN A 62 19.49 38.80 -24.89
C GLN A 62 19.91 39.30 -23.50
N ASP A 63 20.89 38.66 -22.85
CA ASP A 63 21.42 38.97 -21.49
C ASP A 63 20.29 39.07 -20.46
N LYS A 64 19.39 38.08 -20.41
CA LYS A 64 18.21 38.09 -19.51
C LYS A 64 17.71 36.65 -19.23
N ILE A 65 17.06 36.47 -18.09
CA ILE A 65 16.29 35.23 -17.75
C ILE A 65 14.97 35.23 -18.53
N ILE A 66 14.74 34.16 -19.29
CA ILE A 66 13.46 33.96 -20.03
C ILE A 66 12.70 32.80 -19.37
N HIS A 67 11.39 32.89 -19.38
CA HIS A 67 10.43 31.91 -18.82
C HIS A 67 9.43 31.60 -19.93
N PHE A 68 9.20 30.32 -20.21
CA PHE A 68 8.26 29.82 -21.23
C PHE A 68 7.70 28.47 -20.78
N SER A 69 6.51 28.14 -21.29
CA SER A 69 5.81 26.90 -20.88
C SER A 69 6.24 25.79 -21.83
N ALA A 70 6.11 24.55 -21.43
CA ALA A 70 6.50 23.43 -22.30
C ALA A 70 5.68 22.21 -21.92
N ASN A 71 5.47 21.32 -22.86
CA ASN A 71 4.85 20.01 -22.58
C ASN A 71 5.97 19.08 -22.11
N ALA A 72 5.87 18.64 -20.87
CA ALA A 72 6.84 17.70 -20.28
C ALA A 72 6.75 16.34 -20.98
N CYS A 73 5.62 15.98 -21.60
CA CYS A 73 5.48 14.69 -22.32
C CYS A 73 6.38 14.66 -23.57
N LEU A 74 6.72 15.81 -24.16
CA LEU A 74 7.53 15.84 -25.41
C LEU A 74 8.92 16.43 -25.19
N ALA A 75 9.23 16.99 -24.02
CA ALA A 75 10.57 17.55 -23.71
C ALA A 75 11.55 16.44 -23.34
N PRO A 76 12.58 16.13 -24.16
CA PRO A 76 13.63 15.22 -23.73
C PRO A 76 14.45 15.90 -22.62
N ILE A 77 14.74 15.19 -21.52
CA ILE A 77 15.62 15.72 -20.44
C ILE A 77 16.98 16.15 -21.02
N CYS A 78 17.41 15.53 -22.13
CA CYS A 78 18.72 15.83 -22.80
C CYS A 78 18.72 17.22 -23.46
N THR A 79 17.57 17.90 -23.58
CA THR A 79 17.47 19.29 -24.11
C THR A 79 17.61 20.28 -22.95
N LEU A 80 17.59 19.79 -21.70
CA LEU A 80 17.41 20.65 -20.51
C LEU A 80 18.72 20.93 -19.77
N HIS A 81 19.89 20.57 -20.29
CA HIS A 81 21.15 20.92 -19.60
C HIS A 81 21.15 22.42 -19.28
N HIS A 82 21.35 22.79 -18.01
CA HIS A 82 21.42 24.19 -17.46
C HIS A 82 20.09 24.94 -17.69
N VAL A 83 18.98 24.21 -17.67
CA VAL A 83 17.62 24.80 -17.66
C VAL A 83 17.06 24.59 -16.25
N ALA A 84 16.25 25.55 -15.81
CA ALA A 84 15.48 25.47 -14.55
C ALA A 84 14.01 25.14 -14.87
N VAL A 85 13.54 24.03 -14.34
CA VAL A 85 12.13 23.58 -14.47
C VAL A 85 11.39 24.05 -13.23
N THR A 86 10.15 24.51 -13.41
CA THR A 86 9.17 24.73 -12.34
C THR A 86 7.92 23.91 -12.63
N THR A 87 7.50 23.10 -11.66
CA THR A 87 6.29 22.28 -11.74
C THR A 87 5.27 22.96 -10.85
N VAL A 88 4.04 22.46 -10.83
CA VAL A 88 3.01 22.91 -9.88
C VAL A 88 3.53 22.92 -8.44
N GLU A 89 4.36 21.94 -8.03
CA GLU A 89 4.82 21.84 -6.63
C GLU A 89 5.79 22.98 -6.34
N GLY A 90 6.38 23.58 -7.37
CA GLY A 90 7.40 24.63 -7.18
C GLY A 90 6.78 25.99 -6.90
N ILE A 91 5.47 26.19 -7.04
CA ILE A 91 4.90 27.57 -6.92
C ILE A 91 4.07 27.71 -5.63
N GLY A 92 3.78 26.63 -4.91
CA GLY A 92 2.85 26.68 -3.78
C GLY A 92 2.26 25.32 -3.45
N SER A 93 1.66 25.21 -2.28
CA SER A 93 1.08 23.94 -1.79
C SER A 93 0.18 24.25 -0.61
N THR A 94 -0.76 23.36 -0.33
CA THR A 94 -1.62 23.50 0.88
C THR A 94 -0.75 23.31 2.13
N LYS A 95 0.44 22.72 2.02
CA LYS A 95 1.32 22.49 3.19
C LYS A 95 2.07 23.79 3.51
N THR A 96 2.25 24.69 2.54
CA THR A 96 2.96 25.97 2.75
C THR A 96 1.94 27.08 2.56
N ARG A 97 1.89 27.63 1.36
CA ARG A 97 0.88 28.60 0.97
C ARG A 97 0.61 28.38 -0.52
N LEU A 98 -0.64 28.48 -0.94
CA LEU A 98 -0.99 28.48 -2.39
C LEU A 98 -0.49 29.78 -3.02
N HIS A 99 0.03 29.68 -4.23
CA HIS A 99 0.23 30.78 -5.19
C HIS A 99 -1.13 31.37 -5.55
N PRO A 100 -1.24 32.70 -5.71
CA PRO A 100 -2.46 33.30 -6.25
C PRO A 100 -3.15 32.49 -7.37
N VAL A 101 -2.40 31.96 -8.33
CA VAL A 101 -2.99 31.17 -9.45
C VAL A 101 -3.72 29.95 -8.89
N GLN A 102 -3.11 29.31 -7.89
CA GLN A 102 -3.68 28.09 -7.26
C GLN A 102 -4.94 28.49 -6.49
N GLU A 103 -4.83 29.52 -5.66
CA GLU A 103 -5.94 30.01 -4.81
C GLU A 103 -7.16 30.36 -5.68
N ARG A 104 -6.95 31.05 -6.80
CA ARG A 104 -8.05 31.62 -7.60
C ARG A 104 -8.71 30.56 -8.45
N ILE A 105 -7.98 29.60 -9.00
CA ILE A 105 -8.65 28.53 -9.79
C ILE A 105 -9.48 27.68 -8.83
N ALA A 106 -9.02 27.48 -7.57
CA ALA A 106 -9.75 26.66 -6.57
C ALA A 106 -10.98 27.43 -6.07
N LYS A 107 -10.81 28.68 -5.67
CA LYS A 107 -11.94 29.48 -5.09
C LYS A 107 -12.97 29.86 -6.15
N SER A 108 -12.58 29.89 -7.43
CA SER A 108 -13.45 30.29 -8.57
C SER A 108 -14.30 29.15 -9.11
N HIS A 109 -14.08 27.92 -8.63
CA HIS A 109 -14.77 26.69 -9.07
C HIS A 109 -14.20 26.31 -10.44
N GLY A 110 -12.90 26.55 -10.67
CA GLY A 110 -12.22 26.23 -11.91
C GLY A 110 -11.67 24.80 -11.92
N SER A 111 -11.91 24.03 -10.85
CA SER A 111 -11.35 22.66 -10.68
C SER A 111 -12.48 21.73 -10.26
N GLN A 112 -12.77 20.75 -11.09
CA GLN A 112 -13.76 19.72 -10.80
C GLN A 112 -13.01 18.43 -10.52
N CYS A 113 -12.72 17.59 -11.53
CA CYS A 113 -12.00 16.32 -11.30
C CYS A 113 -10.56 16.65 -10.87
N GLY A 114 -10.05 17.80 -11.30
CA GLY A 114 -8.73 18.36 -10.93
C GLY A 114 -7.59 17.86 -11.78
N PHE A 115 -7.79 16.93 -12.74
CA PHE A 115 -6.61 16.31 -13.41
C PHE A 115 -5.95 17.31 -14.37
N CYS A 116 -6.70 18.26 -14.95
CA CYS A 116 -6.10 19.29 -15.84
C CYS A 116 -5.55 20.48 -15.05
N THR A 117 -5.82 20.54 -13.74
CA THR A 117 -5.65 21.80 -12.96
C THR A 117 -4.18 22.19 -12.90
N PRO A 118 -3.23 21.27 -12.58
CA PRO A 118 -1.82 21.65 -12.57
C PRO A 118 -1.32 22.20 -13.92
N GLY A 119 -1.66 21.56 -15.03
CA GLY A 119 -1.28 22.03 -16.38
C GLY A 119 -1.80 23.44 -16.65
N ILE A 120 -3.03 23.74 -16.25
CA ILE A 120 -3.64 25.08 -16.50
C ILE A 120 -3.07 26.12 -15.54
N VAL A 121 -2.82 25.73 -14.29
CA VAL A 121 -2.05 26.52 -13.28
C VAL A 121 -0.70 26.91 -13.88
N MET A 122 0.05 25.96 -14.43
CA MET A 122 1.41 26.28 -14.96
C MET A 122 1.32 27.12 -16.24
N SER A 123 0.30 26.97 -17.10
CA SER A 123 0.09 27.91 -18.25
C SER A 123 -0.13 29.34 -17.72
N MET A 124 -0.92 29.50 -16.67
CA MET A 124 -1.32 30.85 -16.16
C MET A 124 -0.11 31.47 -15.45
N TYR A 125 0.60 30.67 -14.64
CA TYR A 125 1.82 31.04 -13.89
C TYR A 125 2.88 31.57 -14.85
N THR A 126 3.13 30.85 -15.94
CA THR A 126 4.12 31.26 -16.98
C THR A 126 3.72 32.61 -17.56
N LEU A 127 2.45 32.80 -17.92
CA LEU A 127 1.97 34.12 -18.46
C LEU A 127 2.33 35.21 -17.46
N LEU A 128 1.97 35.04 -16.17
CA LEU A 128 2.20 36.03 -15.09
C LEU A 128 3.69 36.32 -14.88
N ARG A 129 4.56 35.32 -15.05
CA ARG A 129 6.04 35.51 -14.97
C ARG A 129 6.52 36.34 -16.16
N ASN A 130 5.78 36.41 -17.27
CA ASN A 130 6.20 37.21 -18.45
C ASN A 130 5.50 38.57 -18.39
N GLN A 131 4.27 38.61 -17.91
CA GLN A 131 3.37 39.80 -17.89
C GLN A 131 2.55 39.71 -16.63
N PRO A 132 2.98 40.38 -15.55
CA PRO A 132 2.29 40.37 -14.26
C PRO A 132 0.87 41.00 -14.30
N GLU A 133 0.56 41.81 -15.31
CA GLU A 133 -0.80 42.37 -15.41
C GLU A 133 -1.28 42.18 -16.83
N PRO A 134 -1.64 40.94 -17.19
CA PRO A 134 -1.98 40.63 -18.57
C PRO A 134 -3.34 41.24 -18.94
N THR A 135 -3.61 41.33 -20.24
CA THR A 135 -4.94 41.64 -20.80
C THR A 135 -5.77 40.35 -20.82
N VAL A 136 -7.09 40.52 -20.91
CA VAL A 136 -8.07 39.40 -20.99
C VAL A 136 -7.66 38.53 -22.19
N GLU A 137 -7.22 39.13 -23.32
CA GLU A 137 -6.89 38.33 -24.53
C GLU A 137 -5.60 37.50 -24.29
N GLU A 138 -4.58 38.07 -23.62
CA GLU A 138 -3.36 37.33 -23.23
C GLU A 138 -3.75 36.15 -22.33
N ILE A 139 -4.68 36.36 -21.41
CA ILE A 139 -5.10 35.28 -20.48
C ILE A 139 -5.69 34.14 -21.31
N GLU A 140 -6.64 34.42 -22.21
CA GLU A 140 -7.29 33.35 -23.00
C GLU A 140 -6.24 32.65 -23.90
N ASP A 141 -5.33 33.42 -24.50
CA ASP A 141 -4.28 32.88 -25.39
C ASP A 141 -3.36 31.96 -24.58
N ALA A 142 -3.23 32.13 -23.25
CA ALA A 142 -2.35 31.27 -22.45
C ALA A 142 -2.78 29.80 -22.59
N PHE A 143 -4.03 29.52 -22.93
CA PHE A 143 -4.62 28.16 -22.75
C PHE A 143 -4.94 27.49 -24.10
N GLN A 144 -4.39 27.97 -25.22
CA GLN A 144 -4.61 27.38 -26.57
C GLN A 144 -4.23 25.89 -26.53
N GLY A 145 -3.36 25.50 -25.61
CA GLY A 145 -2.78 24.14 -25.48
C GLY A 145 -3.19 23.42 -24.23
N ASN A 146 -4.28 23.84 -23.56
CA ASN A 146 -4.83 23.14 -22.37
C ASN A 146 -6.29 22.76 -22.62
N LEU A 147 -6.65 21.56 -22.21
CA LEU A 147 -8.01 20.96 -22.36
C LEU A 147 -8.54 20.65 -20.98
N CYS A 148 -9.83 20.90 -20.79
CA CYS A 148 -10.56 20.53 -19.56
C CYS A 148 -11.88 19.94 -20.03
N ARG A 149 -12.26 18.77 -19.50
CA ARG A 149 -13.49 18.05 -19.90
C ARG A 149 -14.63 18.36 -18.94
N CYS A 150 -14.30 18.79 -17.73
CA CYS A 150 -15.27 18.91 -16.62
C CYS A 150 -15.97 20.27 -16.61
N THR A 151 -15.22 21.35 -16.70
CA THR A 151 -15.69 22.67 -16.16
C THR A 151 -16.44 23.49 -17.20
N GLY A 152 -16.25 23.23 -18.51
CA GLY A 152 -16.76 24.12 -19.57
C GLY A 152 -16.07 25.46 -19.50
N TYR A 153 -14.89 25.53 -18.88
CA TYR A 153 -13.84 26.56 -19.06
C TYR A 153 -14.21 27.93 -18.45
N ARG A 154 -15.47 28.29 -18.48
CA ARG A 154 -15.99 29.61 -18.00
C ARG A 154 -15.42 29.97 -16.63
N PRO A 155 -15.51 29.15 -15.57
CA PRO A 155 -14.99 29.56 -14.26
C PRO A 155 -13.46 29.75 -14.20
N ILE A 156 -12.71 29.00 -14.99
CA ILE A 156 -11.22 29.14 -15.05
C ILE A 156 -10.87 30.52 -15.61
N LEU A 157 -11.48 30.90 -16.74
CA LEU A 157 -11.30 32.22 -17.37
C LEU A 157 -11.84 33.35 -16.46
N GLN A 158 -13.02 33.21 -15.85
CA GLN A 158 -13.58 34.27 -14.97
C GLN A 158 -12.71 34.47 -13.73
N GLY A 159 -12.24 33.39 -13.08
CA GLY A 159 -11.33 33.49 -11.93
C GLY A 159 -10.03 34.20 -12.30
N PHE A 160 -9.46 33.87 -13.45
CA PHE A 160 -8.14 34.38 -13.86
C PHE A 160 -8.27 35.80 -14.43
N ARG A 161 -9.45 36.20 -14.89
CA ARG A 161 -9.75 37.59 -15.33
C ARG A 161 -9.44 38.56 -14.20
N THR A 162 -9.42 38.11 -12.94
CA THR A 162 -9.11 38.98 -11.78
C THR A 162 -7.64 39.45 -11.84
N PHE A 163 -6.79 38.86 -12.67
CA PHE A 163 -5.36 39.24 -12.79
C PHE A 163 -5.16 40.36 -13.82
N ALA A 164 -6.14 40.66 -14.67
CA ALA A 164 -6.01 41.72 -15.74
C ALA A 164 -6.07 43.13 -15.13
N PRO A 193 -26.63 36.75 -5.18
CA PRO A 193 -25.31 36.41 -4.60
C PRO A 193 -24.29 35.98 -5.68
N SER A 194 -23.01 35.96 -5.27
CA SER A 194 -21.82 35.64 -6.12
C SER A 194 -21.29 34.23 -5.78
N LEU A 195 -20.75 33.56 -6.79
CA LEU A 195 -20.15 32.21 -6.65
C LEU A 195 -18.79 32.33 -5.96
N PHE A 196 -18.09 33.44 -6.11
CA PHE A 196 -16.80 33.68 -5.41
C PHE A 196 -16.62 35.18 -5.21
N ASN A 197 -15.67 35.55 -4.36
CA ASN A 197 -15.48 36.97 -3.97
C ASN A 197 -14.03 37.29 -4.25
N PRO A 198 -13.76 38.04 -5.33
CA PRO A 198 -12.39 38.41 -5.70
C PRO A 198 -11.66 39.30 -4.68
N GLU A 199 -12.39 40.01 -3.82
CA GLU A 199 -11.76 40.88 -2.79
C GLU A 199 -11.09 39.99 -1.72
N GLU A 200 -11.40 38.70 -1.62
CA GLU A 200 -10.72 37.77 -0.69
C GLU A 200 -9.34 37.39 -1.22
N PHE A 201 -9.07 37.61 -2.51
CA PHE A 201 -7.91 36.97 -3.20
C PHE A 201 -6.63 37.71 -2.80
N MET A 202 -5.59 36.93 -2.53
CA MET A 202 -4.24 37.49 -2.24
C MET A 202 -3.70 38.10 -3.52
N PRO A 203 -3.31 39.40 -3.56
CA PRO A 203 -2.73 39.97 -4.77
C PRO A 203 -1.41 39.28 -5.17
N LEU A 204 -1.13 39.31 -6.46
CA LEU A 204 0.11 38.73 -7.00
C LEU A 204 1.25 39.66 -6.57
N ASP A 205 2.36 39.11 -6.12
CA ASP A 205 3.51 39.95 -5.71
C ASP A 205 4.72 39.31 -6.35
N PRO A 206 5.17 39.82 -7.52
CA PRO A 206 6.29 39.22 -8.23
C PRO A 206 7.62 39.23 -7.47
N THR A 207 7.79 40.14 -6.49
CA THR A 207 9.01 40.20 -5.64
C THR A 207 9.11 38.96 -4.76
N GLN A 208 8.06 38.17 -4.59
CA GLN A 208 8.07 36.97 -3.72
C GLN A 208 8.19 35.69 -4.55
N GLU A 209 8.43 35.78 -5.84
CA GLU A 209 8.61 34.58 -6.72
C GLU A 209 9.99 33.97 -6.43
N PRO A 210 10.15 32.64 -6.57
CA PRO A 210 11.45 32.03 -6.33
C PRO A 210 12.46 32.59 -7.32
N ILE A 211 13.67 32.87 -6.85
CA ILE A 211 14.78 33.44 -7.68
C ILE A 211 15.27 32.37 -8.68
N PHE A 212 15.82 32.80 -9.81
CA PHE A 212 16.51 31.93 -10.78
C PHE A 212 17.72 31.34 -10.05
N PRO A 213 17.99 30.02 -10.15
CA PRO A 213 18.98 29.37 -9.29
C PRO A 213 20.34 30.02 -9.45
N PRO A 214 20.92 30.61 -8.38
CA PRO A 214 22.20 31.33 -8.49
C PRO A 214 23.35 30.47 -9.08
N GLU A 215 23.35 29.16 -8.81
CA GLU A 215 24.37 28.25 -9.38
C GLU A 215 24.24 28.25 -10.90
N LEU A 216 23.02 28.33 -11.45
CA LEU A 216 22.81 28.34 -12.91
C LEU A 216 23.33 29.64 -13.48
N LEU A 217 23.05 30.76 -12.79
CA LEU A 217 23.50 32.09 -13.27
C LEU A 217 25.03 32.16 -13.25
N ARG A 218 25.72 31.43 -12.36
CA ARG A 218 27.21 31.36 -12.39
C ARG A 218 27.71 30.59 -13.61
N LEU A 219 27.06 29.47 -13.96
CA LEU A 219 27.48 28.58 -15.07
C LEU A 219 27.30 29.27 -16.44
N LYS A 220 26.55 30.38 -16.52
CA LYS A 220 26.34 31.13 -17.78
C LYS A 220 27.68 31.69 -18.28
N ASP A 221 28.65 31.83 -17.37
CA ASP A 221 29.98 32.43 -17.63
C ASP A 221 30.86 31.43 -18.41
N VAL A 222 30.77 30.13 -18.11
CA VAL A 222 31.56 29.05 -18.77
C VAL A 222 31.01 28.81 -20.18
N PRO A 223 31.74 29.08 -21.28
CA PRO A 223 31.22 28.81 -22.62
C PRO A 223 30.87 27.33 -22.83
N PRO A 224 29.89 27.05 -23.69
CA PRO A 224 29.36 25.69 -23.84
C PRO A 224 30.38 24.70 -24.41
N LYS A 225 30.22 23.43 -24.05
CA LYS A 225 31.02 22.28 -24.53
C LYS A 225 30.07 21.24 -25.13
N GLN A 226 30.48 20.54 -26.17
CA GLN A 226 29.74 19.40 -26.74
C GLN A 226 29.48 18.36 -25.65
N LEU A 227 28.25 17.87 -25.53
CA LEU A 227 27.91 16.79 -24.57
C LEU A 227 27.49 15.54 -25.33
N ARG A 228 27.68 14.37 -24.69
CA ARG A 228 27.26 13.07 -25.24
C ARG A 228 26.47 12.33 -24.16
N PHE A 229 25.25 11.86 -24.49
CA PHE A 229 24.38 11.05 -23.60
C PHE A 229 24.17 9.72 -24.33
N GLU A 230 24.20 8.63 -23.58
CA GLU A 230 24.15 7.24 -24.09
C GLU A 230 23.02 6.55 -23.33
N GLY A 231 21.99 6.15 -24.05
CA GLY A 231 20.81 5.44 -23.51
C GLY A 231 20.83 3.98 -23.93
N GLU A 232 19.73 3.29 -23.63
CA GLU A 232 19.61 1.85 -23.92
C GLU A 232 19.65 1.68 -25.45
N ARG A 233 19.05 2.59 -26.21
CA ARG A 233 18.99 2.41 -27.68
C ARG A 233 19.57 3.61 -28.44
N VAL A 234 19.70 4.78 -27.83
CA VAL A 234 19.91 6.05 -28.59
C VAL A 234 21.12 6.77 -28.00
N THR A 235 21.96 7.34 -28.87
CA THR A 235 23.05 8.29 -28.52
C THR A 235 22.65 9.72 -28.96
N TRP A 236 22.93 10.68 -28.08
CA TRP A 236 22.53 12.08 -28.21
C TRP A 236 23.79 12.93 -28.04
N ILE A 237 24.09 13.70 -29.08
CA ILE A 237 25.19 14.68 -29.11
C ILE A 237 24.56 16.08 -29.03
N GLN A 238 24.87 16.83 -27.99
CA GLN A 238 24.52 18.27 -27.92
C GLN A 238 25.66 19.07 -28.54
N ALA A 239 25.47 19.59 -29.76
CA ALA A 239 26.50 20.37 -30.48
C ALA A 239 26.61 21.76 -29.85
N SER A 240 27.81 22.25 -29.58
CA SER A 240 28.03 23.60 -29.03
C SER A 240 28.30 24.63 -30.15
N THR A 241 28.87 24.21 -31.28
CA THR A 241 29.25 25.15 -32.38
C THR A 241 28.72 24.61 -33.71
N LEU A 242 28.61 25.51 -34.70
CA LEU A 242 28.21 25.14 -36.08
C LEU A 242 29.21 24.14 -36.68
N LYS A 243 30.52 24.39 -36.48
CA LYS A 243 31.61 23.51 -36.96
C LYS A 243 31.40 22.08 -36.44
N GLU A 244 31.06 21.91 -35.17
CA GLU A 244 30.77 20.57 -34.59
C GLU A 244 29.53 19.98 -35.29
N LEU A 245 28.51 20.78 -35.48
CA LEU A 245 27.28 20.28 -36.15
C LEU A 245 27.64 19.74 -37.55
N LEU A 246 28.38 20.51 -38.34
CA LEU A 246 28.65 20.11 -39.75
C LEU A 246 29.61 18.91 -39.81
N ASP A 247 30.59 18.82 -38.90
CA ASP A 247 31.48 17.63 -38.75
C ASP A 247 30.63 16.40 -38.43
N LEU A 248 29.75 16.48 -37.44
CA LEU A 248 28.89 15.35 -37.01
C LEU A 248 28.00 14.90 -38.17
N LYS A 249 27.41 15.84 -38.89
CA LYS A 249 26.50 15.51 -40.04
C LYS A 249 27.31 14.91 -41.21
N ALA A 250 28.57 15.32 -41.41
CA ALA A 250 29.46 14.70 -42.42
C ALA A 250 29.79 13.25 -42.01
N GLN A 251 30.09 13.01 -40.72
CA GLN A 251 30.37 11.66 -40.16
C GLN A 251 29.09 10.83 -40.04
N HIS A 252 27.97 11.43 -39.62
CA HIS A 252 26.68 10.70 -39.40
C HIS A 252 25.54 11.39 -40.14
N PRO A 253 25.47 11.29 -41.49
CA PRO A 253 24.43 12.01 -42.25
C PRO A 253 23.00 11.56 -41.90
N GLU A 254 22.84 10.34 -41.40
CA GLU A 254 21.53 9.71 -41.04
C GLU A 254 21.00 10.28 -39.71
N ALA A 255 21.89 10.77 -38.84
CA ALA A 255 21.54 11.32 -37.50
C ALA A 255 20.36 12.26 -37.69
N LYS A 256 19.35 12.16 -36.82
CA LYS A 256 18.21 13.09 -36.78
C LYS A 256 18.61 14.30 -35.94
N LEU A 257 18.39 15.50 -36.47
CA LEU A 257 18.45 16.72 -35.63
C LEU A 257 17.19 16.66 -34.77
N VAL A 258 17.29 17.18 -33.55
CA VAL A 258 16.13 17.42 -32.65
C VAL A 258 16.35 18.79 -32.07
N VAL A 259 15.35 19.64 -32.17
CA VAL A 259 15.31 20.93 -31.43
C VAL A 259 14.16 20.81 -30.42
N GLY A 260 12.92 20.94 -30.90
CA GLY A 260 11.70 20.93 -30.06
C GLY A 260 11.22 19.55 -29.71
N ASN A 261 11.56 18.56 -30.56
CA ASN A 261 11.15 17.15 -30.40
C ASN A 261 9.62 17.00 -30.62
N THR A 262 8.94 18.02 -31.15
CA THR A 262 7.45 17.98 -31.29
C THR A 262 7.04 17.23 -32.55
N GLU A 263 7.97 16.86 -33.42
CA GLU A 263 7.75 15.80 -34.44
C GLU A 263 8.45 14.49 -34.07
N ILE A 264 9.75 14.53 -33.79
CA ILE A 264 10.53 13.28 -33.55
C ILE A 264 9.90 12.54 -32.35
N GLY A 265 9.48 13.26 -31.32
CA GLY A 265 8.79 12.69 -30.15
C GLY A 265 7.53 11.92 -30.54
N ILE A 266 6.82 12.40 -31.55
CA ILE A 266 5.59 11.72 -32.05
C ILE A 266 6.04 10.50 -32.85
N GLU A 267 7.06 10.67 -33.68
CA GLU A 267 7.53 9.57 -34.55
C GLU A 267 7.99 8.42 -33.64
N MET A 268 8.77 8.71 -32.60
CA MET A 268 9.34 7.67 -31.71
C MET A 268 8.21 6.96 -30.96
N LYS A 269 7.23 7.71 -30.45
CA LYS A 269 6.21 7.16 -29.49
C LYS A 269 5.08 6.46 -30.24
N PHE A 270 4.58 7.06 -31.31
CA PHE A 270 3.34 6.65 -32.02
C PHE A 270 3.67 5.93 -33.32
N LYS A 271 4.84 6.15 -33.94
CA LYS A 271 5.10 5.51 -35.26
C LYS A 271 6.18 4.43 -35.12
N ASN A 272 6.56 4.05 -33.90
CA ASN A 272 7.54 2.96 -33.64
C ASN A 272 8.86 3.25 -34.38
N GLN A 273 9.26 4.52 -34.51
CA GLN A 273 10.55 4.89 -35.14
C GLN A 273 11.65 4.85 -34.08
N LEU A 274 12.82 4.35 -34.46
CA LEU A 274 14.03 4.37 -33.59
C LEU A 274 15.13 5.08 -34.37
N PHE A 275 15.57 6.25 -33.91
CA PHE A 275 16.75 6.95 -34.46
C PHE A 275 17.92 6.74 -33.50
N PRO A 276 18.88 5.84 -33.83
CA PRO A 276 19.96 5.49 -32.91
C PRO A 276 20.90 6.67 -32.61
N MET A 277 20.93 7.68 -33.48
CA MET A 277 21.75 8.87 -33.22
C MET A 277 20.97 10.16 -33.50
N ILE A 278 21.02 11.03 -32.52
CA ILE A 278 20.35 12.35 -32.50
C ILE A 278 21.42 13.39 -32.25
N ILE A 279 21.35 14.48 -32.97
CA ILE A 279 22.20 15.67 -32.72
C ILE A 279 21.23 16.79 -32.39
N CYS A 280 21.50 17.49 -31.33
CA CYS A 280 20.69 18.65 -30.93
C CYS A 280 21.55 19.88 -31.15
N PRO A 281 21.17 20.71 -32.13
CA PRO A 281 21.92 21.91 -32.45
C PRO A 281 21.36 23.18 -31.80
N ALA A 282 20.49 23.07 -30.79
CA ALA A 282 19.71 24.23 -30.24
C ALA A 282 20.62 25.29 -29.62
N TRP A 283 21.83 24.92 -29.20
CA TRP A 283 22.73 25.88 -28.52
C TRP A 283 23.42 26.80 -29.53
N ILE A 284 23.43 26.45 -30.81
CA ILE A 284 24.41 27.04 -31.77
C ILE A 284 23.98 28.48 -32.06
N PRO A 285 24.83 29.51 -31.81
CA PRO A 285 24.39 30.89 -31.97
C PRO A 285 23.87 31.24 -33.39
N GLU A 286 24.48 30.69 -34.44
CA GLU A 286 24.06 30.89 -35.85
C GLU A 286 22.64 30.38 -36.13
N LEU A 287 22.20 29.33 -35.43
CA LEU A 287 20.84 28.74 -35.59
C LEU A 287 19.85 29.53 -34.75
N ASN A 288 20.30 30.49 -33.95
CA ASN A 288 19.41 31.30 -33.07
C ASN A 288 19.44 32.79 -33.47
N ALA A 289 20.24 33.19 -34.45
CA ALA A 289 20.43 34.61 -34.81
C ALA A 289 19.17 35.17 -35.51
N VAL A 290 18.88 36.44 -35.24
CA VAL A 290 17.76 37.22 -35.84
C VAL A 290 18.39 38.47 -36.48
N GLU A 291 18.34 38.58 -37.81
CA GLU A 291 18.99 39.70 -38.55
C GLU A 291 17.91 40.43 -39.36
N HIS A 292 17.77 41.72 -39.14
CA HIS A 292 16.90 42.60 -39.97
C HIS A 292 17.70 43.14 -41.15
N GLY A 293 17.46 42.61 -42.34
CA GLY A 293 18.17 42.98 -43.58
C GLY A 293 17.31 43.88 -44.46
N PRO A 294 17.84 44.34 -45.62
CA PRO A 294 17.06 45.16 -46.55
C PRO A 294 15.93 44.42 -47.30
N GLU A 295 16.04 43.10 -47.53
CA GLU A 295 14.99 42.29 -48.22
C GLU A 295 14.02 41.66 -47.20
N GLY A 296 14.41 41.48 -45.92
CA GLY A 296 13.49 40.94 -44.90
C GLY A 296 14.18 40.62 -43.60
N ILE A 297 13.55 39.78 -42.78
CA ILE A 297 14.01 39.37 -41.44
C ILE A 297 14.43 37.89 -41.49
N SER A 298 15.71 37.65 -41.19
CA SER A 298 16.36 36.33 -41.13
C SER A 298 16.26 35.79 -39.70
N PHE A 299 15.86 34.53 -39.60
CA PHE A 299 15.74 33.75 -38.35
C PHE A 299 16.61 32.51 -38.51
N GLY A 300 17.44 32.24 -37.53
CA GLY A 300 18.08 30.94 -37.34
C GLY A 300 17.03 29.85 -37.37
N ALA A 301 17.34 28.73 -38.00
CA ALA A 301 16.44 27.56 -38.13
C ALA A 301 16.08 26.98 -36.75
N ALA A 302 16.82 27.23 -35.67
CA ALA A 302 16.46 26.71 -34.33
C ALA A 302 15.58 27.73 -33.59
N CYS A 303 15.32 28.92 -34.11
CA CYS A 303 14.45 29.89 -33.40
C CYS A 303 13.07 29.24 -33.17
N ALA A 304 12.54 29.36 -31.96
CA ALA A 304 11.19 28.88 -31.57
C ALA A 304 10.13 29.69 -32.32
N LEU A 305 9.01 29.08 -32.65
CA LEU A 305 7.92 29.82 -33.33
C LEU A 305 7.45 31.01 -32.46
N SER A 306 7.45 30.90 -31.14
CA SER A 306 7.08 32.00 -30.22
C SER A 306 8.04 33.20 -30.38
N SER A 307 9.34 32.96 -30.64
CA SER A 307 10.34 34.04 -30.91
C SER A 307 10.05 34.67 -32.26
N VAL A 308 9.79 33.85 -33.27
CA VAL A 308 9.41 34.36 -34.62
C VAL A 308 8.21 35.28 -34.48
N GLU A 309 7.17 34.80 -33.79
CA GLU A 309 5.87 35.51 -33.59
C GLU A 309 6.15 36.85 -32.91
N LYS A 310 6.95 36.87 -31.85
CA LYS A 310 7.28 38.12 -31.12
C LYS A 310 8.01 39.11 -32.04
N THR A 311 9.00 38.67 -32.82
CA THR A 311 9.74 39.52 -33.79
C THR A 311 8.79 40.05 -34.88
N LEU A 312 8.00 39.18 -35.49
CA LEU A 312 7.09 39.63 -36.55
C LEU A 312 6.03 40.61 -35.99
N LEU A 313 5.46 40.38 -34.82
CA LEU A 313 4.51 41.35 -34.20
C LEU A 313 5.18 42.73 -34.06
N GLU A 314 6.39 42.78 -33.50
CA GLU A 314 7.15 44.05 -33.33
C GLU A 314 7.37 44.68 -34.71
N ALA A 315 7.76 43.92 -35.74
CA ALA A 315 7.92 44.41 -37.13
C ALA A 315 6.60 45.01 -37.66
N VAL A 316 5.46 44.35 -37.41
CA VAL A 316 4.13 44.78 -37.92
C VAL A 316 3.73 46.07 -37.19
N ALA A 317 4.04 46.20 -35.90
CA ALA A 317 3.78 47.44 -35.13
C ALA A 317 4.63 48.61 -35.64
N LYS A 318 5.90 48.36 -36.00
CA LYS A 318 6.88 49.42 -36.36
C LYS A 318 6.82 49.82 -37.84
N LEU A 319 6.70 48.88 -38.78
CA LEU A 319 6.92 49.13 -40.22
C LEU A 319 5.60 49.47 -40.91
N PRO A 320 5.63 50.13 -42.07
CA PRO A 320 4.41 50.38 -42.84
C PRO A 320 3.69 49.11 -43.29
N THR A 321 2.37 49.20 -43.40
CA THR A 321 1.47 48.08 -43.76
C THR A 321 1.99 47.38 -45.02
N GLN A 322 2.39 48.16 -46.00
CA GLN A 322 2.72 47.64 -47.36
C GLN A 322 3.96 46.75 -47.33
N LYS A 323 4.80 46.87 -46.30
CA LYS A 323 6.04 46.06 -46.16
C LYS A 323 5.80 44.76 -45.37
N THR A 324 4.68 44.58 -44.67
CA THR A 324 4.49 43.46 -43.70
C THR A 324 3.39 42.48 -44.13
N GLU A 325 3.01 42.47 -45.41
CA GLU A 325 1.97 41.55 -45.97
C GLU A 325 2.32 40.09 -45.68
N VAL A 326 3.53 39.65 -45.95
CA VAL A 326 3.91 38.24 -45.69
C VAL A 326 3.99 38.03 -44.18
N PHE A 327 4.55 38.99 -43.41
CA PHE A 327 4.70 38.85 -41.95
C PHE A 327 3.30 38.61 -41.35
N ARG A 328 2.29 39.32 -41.84
CA ARG A 328 0.92 39.20 -41.25
C ARG A 328 0.34 37.83 -41.67
N GLY A 329 0.74 37.28 -42.81
CA GLY A 329 0.32 35.92 -43.20
C GLY A 329 0.89 34.89 -42.25
N VAL A 330 2.18 35.01 -41.98
CA VAL A 330 2.87 34.12 -41.00
C VAL A 330 2.14 34.22 -39.65
N LEU A 331 1.88 35.45 -39.15
CA LEU A 331 1.27 35.68 -37.82
C LEU A 331 -0.13 35.07 -37.77
N GLU A 332 -0.89 35.18 -38.86
CA GLU A 332 -2.25 34.63 -38.90
C GLU A 332 -2.16 33.10 -38.73
N GLN A 333 -1.23 32.44 -39.42
CA GLN A 333 -1.04 30.98 -39.26
C GLN A 333 -0.60 30.69 -37.83
N LEU A 334 0.32 31.47 -37.26
CA LEU A 334 0.85 31.18 -35.90
C LEU A 334 -0.24 31.38 -34.83
N ARG A 335 -1.25 32.25 -35.03
CA ARG A 335 -2.40 32.34 -34.10
C ARG A 335 -3.03 30.97 -33.85
N TRP A 336 -3.11 30.16 -34.90
CA TRP A 336 -3.82 28.86 -34.90
C TRP A 336 -2.87 27.67 -34.94
N PHE A 337 -1.61 27.91 -34.59
CA PHE A 337 -0.56 26.89 -34.59
C PHE A 337 -0.36 26.37 -33.15
N ALA A 338 -0.95 25.20 -32.87
CA ALA A 338 -0.87 24.51 -31.57
C ALA A 338 -1.24 25.49 -30.46
N GLY A 339 -0.42 25.55 -29.40
CA GLY A 339 -0.59 26.47 -28.26
C GLY A 339 0.75 27.00 -27.79
N LYS A 340 0.77 27.64 -26.64
CA LYS A 340 2.00 28.30 -26.14
C LYS A 340 3.08 27.25 -25.89
N GLN A 341 2.73 26.10 -25.32
CA GLN A 341 3.71 25.08 -24.90
C GLN A 341 4.51 24.62 -26.13
N VAL A 342 3.84 24.29 -27.22
CA VAL A 342 4.47 23.77 -28.48
C VAL A 342 5.15 24.91 -29.22
N LYS A 343 4.55 26.09 -29.29
CA LYS A 343 5.22 27.23 -29.99
C LYS A 343 6.49 27.69 -29.28
N SER A 344 6.60 27.49 -27.97
CA SER A 344 7.78 27.91 -27.16
C SER A 344 8.99 26.99 -27.40
N VAL A 345 8.78 25.78 -27.95
CA VAL A 345 9.88 24.79 -28.20
C VAL A 345 10.03 24.42 -29.68
N ALA A 346 8.97 24.44 -30.47
CA ALA A 346 8.96 24.09 -31.91
C ALA A 346 9.83 25.09 -32.67
N SER A 347 10.73 24.58 -33.51
CA SER A 347 11.66 25.40 -34.31
C SER A 347 11.10 25.60 -35.72
N LEU A 348 11.45 26.72 -36.33
CA LEU A 348 11.19 27.00 -37.76
C LEU A 348 11.68 25.83 -38.59
N GLY A 349 12.93 25.44 -38.38
CA GLY A 349 13.62 24.46 -39.22
C GLY A 349 12.95 23.12 -39.11
N GLY A 350 12.44 22.80 -37.92
CA GLY A 350 11.68 21.56 -37.72
C GLY A 350 10.42 21.56 -38.56
N ASN A 351 9.70 22.67 -38.64
CA ASN A 351 8.44 22.69 -39.41
C ASN A 351 8.76 22.52 -40.91
N ILE A 352 9.76 23.26 -41.38
CA ILE A 352 10.12 23.26 -42.82
C ILE A 352 10.62 21.85 -43.22
N ILE A 353 11.59 21.30 -42.49
CA ILE A 353 12.26 20.03 -42.91
C ILE A 353 11.36 18.83 -42.64
N THR A 354 10.45 18.87 -41.64
CA THR A 354 9.49 17.77 -41.44
C THR A 354 8.69 17.57 -42.71
N ALA A 355 8.37 18.67 -43.38
CA ALA A 355 7.71 18.66 -44.69
C ALA A 355 6.41 17.87 -44.62
N SER A 356 5.62 18.10 -43.58
CA SER A 356 4.28 17.49 -43.46
C SER A 356 3.38 18.10 -44.52
N PRO A 357 2.57 17.24 -45.19
CA PRO A 357 1.55 17.70 -46.10
C PRO A 357 0.69 18.79 -45.45
N ILE A 358 0.47 18.74 -44.12
CA ILE A 358 -0.48 19.68 -43.47
C ILE A 358 0.27 20.81 -42.75
N SER A 359 1.54 21.07 -43.09
CA SER A 359 2.30 22.23 -42.54
C SER A 359 1.53 23.54 -42.83
N ASP A 360 1.36 24.38 -41.83
CA ASP A 360 0.64 25.67 -41.96
C ASP A 360 1.64 26.74 -42.40
N LEU A 361 2.94 26.49 -42.29
CA LEU A 361 3.98 27.51 -42.59
C LEU A 361 4.59 27.26 -43.97
N ASN A 362 4.75 26.00 -44.39
CA ASN A 362 5.40 25.73 -45.69
C ASN A 362 4.61 26.38 -46.84
N PRO A 363 3.25 26.36 -46.90
CA PRO A 363 2.54 27.04 -47.97
C PRO A 363 2.83 28.56 -47.99
N VAL A 364 3.02 29.16 -46.83
CA VAL A 364 3.26 30.62 -46.69
C VAL A 364 4.70 30.86 -47.15
N PHE A 365 5.62 29.99 -46.71
CA PHE A 365 7.05 30.14 -47.11
C PHE A 365 7.16 29.93 -48.62
N MET A 366 6.43 28.98 -49.18
CA MET A 366 6.43 28.70 -50.64
C MET A 366 5.82 29.87 -51.44
N ALA A 367 4.67 30.40 -51.02
CA ALA A 367 3.96 31.46 -51.75
C ALA A 367 4.81 32.75 -51.73
N SER A 368 5.60 32.98 -50.69
CA SER A 368 6.36 34.24 -50.49
C SER A 368 7.76 34.10 -51.05
N GLY A 369 8.16 32.89 -51.48
CA GLY A 369 9.55 32.62 -51.89
C GLY A 369 10.52 32.94 -50.77
N THR A 370 10.15 32.61 -49.54
CA THR A 370 11.03 32.71 -48.36
C THR A 370 12.38 32.05 -48.70
N LYS A 371 13.48 32.70 -48.33
CA LYS A 371 14.86 32.29 -48.68
C LYS A 371 15.42 31.38 -47.58
N LEU A 372 15.96 30.25 -48.01
CA LEU A 372 16.51 29.17 -47.16
C LEU A 372 18.02 29.16 -47.35
N THR A 373 18.77 29.38 -46.29
CA THR A 373 20.25 29.21 -46.30
C THR A 373 20.58 27.83 -45.75
N ILE A 374 21.20 27.02 -46.61
CA ILE A 374 21.52 25.59 -46.38
C ILE A 374 23.04 25.43 -46.40
N VAL A 375 23.58 24.66 -45.46
CA VAL A 375 25.07 24.50 -45.30
C VAL A 375 25.38 23.02 -45.00
N SER A 376 26.59 22.64 -45.36
CA SER A 376 27.27 21.38 -44.98
C SER A 376 28.73 21.74 -44.79
N ARG A 377 29.54 20.85 -44.26
CA ARG A 377 30.98 21.14 -44.07
C ARG A 377 31.52 21.55 -45.44
N GLY A 378 31.96 22.80 -45.55
CA GLY A 378 32.58 23.37 -46.76
C GLY A 378 31.59 23.80 -47.83
N THR A 379 30.29 23.96 -47.54
CA THR A 379 29.34 24.44 -48.59
C THR A 379 28.28 25.35 -47.99
N ARG A 380 27.70 26.20 -48.83
CA ARG A 380 26.61 27.12 -48.45
C ARG A 380 25.92 27.64 -49.71
N ARG A 381 24.59 27.66 -49.70
CA ARG A 381 23.71 28.19 -50.77
C ARG A 381 22.44 28.79 -50.16
N THR A 382 21.89 29.79 -50.82
CA THR A 382 20.57 30.37 -50.50
C THR A 382 19.67 30.09 -51.70
N VAL A 383 18.46 29.58 -51.44
CA VAL A 383 17.46 29.25 -52.48
C VAL A 383 16.13 29.81 -52.00
N PRO A 384 15.34 30.48 -52.86
CA PRO A 384 13.93 30.74 -52.56
C PRO A 384 13.13 29.44 -52.49
N MET A 385 12.32 29.23 -51.44
CA MET A 385 11.42 28.07 -51.39
C MET A 385 10.50 28.18 -52.61
N ASP A 386 10.34 27.09 -53.37
CA ASP A 386 9.35 27.02 -54.47
C ASP A 386 8.81 25.60 -54.53
N HIS A 387 8.01 25.28 -55.55
CA HIS A 387 7.27 23.99 -55.59
C HIS A 387 8.26 22.81 -55.60
N THR A 388 9.49 22.99 -56.13
CA THR A 388 10.51 21.92 -56.27
C THR A 388 11.17 21.57 -54.92
N PHE A 389 11.11 22.44 -53.92
CA PHE A 389 11.75 22.20 -52.60
C PHE A 389 11.19 20.92 -51.97
N PHE A 390 9.93 20.59 -52.24
CA PHE A 390 9.23 19.41 -51.67
C PHE A 390 8.95 18.42 -52.80
N PRO A 391 9.88 17.53 -53.17
CA PRO A 391 9.70 16.70 -54.36
C PRO A 391 8.74 15.52 -54.20
N SER A 392 8.61 14.99 -52.99
CA SER A 392 7.80 13.79 -52.67
C SER A 392 7.46 13.80 -51.18
N TYR A 393 6.65 12.85 -50.74
CA TYR A 393 6.20 12.69 -49.33
C TYR A 393 7.38 12.79 -48.34
N ARG A 394 7.32 13.78 -47.45
CA ARG A 394 8.24 14.02 -46.30
C ARG A 394 9.69 14.23 -46.76
N LYS A 395 9.95 14.56 -48.02
CA LYS A 395 11.32 14.86 -48.48
C LYS A 395 11.42 16.33 -48.82
N THR A 396 12.63 16.87 -48.70
CA THR A 396 12.99 18.21 -49.21
C THR A 396 14.24 18.06 -50.07
N LEU A 397 14.70 19.15 -50.69
CA LEU A 397 15.90 19.18 -51.58
C LEU A 397 17.18 19.44 -50.77
N LEU A 398 17.24 19.07 -49.50
CA LEU A 398 18.53 19.05 -48.76
C LEU A 398 19.22 17.73 -49.08
N GLY A 399 20.54 17.77 -49.29
CA GLY A 399 21.39 16.57 -49.25
C GLY A 399 21.48 16.00 -47.84
N PRO A 400 21.98 14.77 -47.67
CA PRO A 400 22.00 14.13 -46.36
C PRO A 400 23.03 14.81 -45.41
N GLU A 401 24.03 15.51 -45.94
CA GLU A 401 25.12 16.21 -45.18
C GLU A 401 24.68 17.66 -44.84
N GLU A 402 23.50 18.10 -45.32
CA GLU A 402 23.12 19.54 -45.21
C GLU A 402 22.19 19.76 -44.01
N ILE A 403 22.25 20.97 -43.47
CA ILE A 403 21.32 21.43 -42.41
C ILE A 403 20.81 22.79 -42.85
N LEU A 404 19.56 23.10 -42.47
CA LEU A 404 18.97 24.45 -42.68
C LEU A 404 19.53 25.38 -41.60
N LEU A 405 20.25 26.40 -42.02
CA LEU A 405 20.94 27.36 -41.10
C LEU A 405 19.96 28.49 -40.73
N SER A 406 19.31 29.06 -41.73
CA SER A 406 18.48 30.28 -41.53
C SER A 406 17.49 30.45 -42.67
N ILE A 407 16.48 31.23 -42.35
CA ILE A 407 15.25 31.47 -43.16
C ILE A 407 15.09 32.99 -43.18
N GLU A 408 14.99 33.58 -44.36
CA GLU A 408 14.67 35.03 -44.45
C GLU A 408 13.24 35.17 -44.96
N ILE A 409 12.35 35.65 -44.11
CA ILE A 409 10.95 36.00 -44.49
C ILE A 409 10.97 37.40 -45.08
N PRO A 410 10.53 37.53 -46.34
CA PRO A 410 10.69 38.79 -47.07
C PRO A 410 9.76 39.93 -46.67
N TYR A 411 10.25 41.17 -46.78
CA TYR A 411 9.33 42.34 -46.80
C TYR A 411 8.41 42.18 -48.00
N SER A 412 7.16 42.59 -47.90
CA SER A 412 6.31 42.76 -49.11
C SER A 412 6.72 44.05 -49.85
N ARG A 413 6.50 44.08 -51.16
CA ARG A 413 6.79 45.22 -52.06
C ARG A 413 5.52 46.05 -52.33
N GLU A 414 5.70 47.21 -52.95
CA GLU A 414 4.57 47.99 -53.51
C GLU A 414 3.81 47.09 -54.48
N ASP A 415 2.49 47.15 -54.53
CA ASP A 415 1.67 46.36 -55.50
C ASP A 415 1.73 44.85 -55.17
N GLU A 416 2.13 44.45 -53.95
CA GLU A 416 2.27 43.01 -53.60
C GLU A 416 1.43 42.73 -52.35
N PHE A 417 0.48 41.80 -52.46
CA PHE A 417 -0.45 41.47 -51.36
C PHE A 417 -0.40 39.96 -51.06
N PHE A 418 -0.70 39.65 -49.80
CA PHE A 418 -0.56 38.28 -49.26
C PHE A 418 -1.74 37.97 -48.34
N SER A 419 -2.22 36.73 -48.41
CA SER A 419 -3.16 36.13 -47.43
C SER A 419 -2.68 34.74 -47.05
N ALA A 420 -3.06 34.31 -45.86
CA ALA A 420 -2.87 32.94 -45.36
C ALA A 420 -4.12 32.57 -44.60
N PHE A 421 -4.63 31.37 -44.84
CA PHE A 421 -5.87 30.81 -44.28
C PHE A 421 -5.63 29.35 -43.87
N LYS A 422 -6.32 28.97 -42.80
CA LYS A 422 -6.33 27.61 -42.20
C LYS A 422 -7.78 27.30 -41.83
N GLN A 423 -8.28 26.17 -42.27
CA GLN A 423 -9.53 25.61 -41.74
C GLN A 423 -9.23 24.17 -41.30
N ALA A 424 -9.73 23.81 -40.12
CA ALA A 424 -9.57 22.49 -39.47
C ALA A 424 -10.94 22.03 -38.96
N SER A 425 -10.97 21.14 -37.97
CA SER A 425 -12.18 20.65 -37.28
C SER A 425 -12.55 21.61 -36.13
N ARG A 426 -11.53 22.21 -35.52
CA ARG A 426 -11.64 23.16 -34.40
C ARG A 426 -10.65 24.30 -34.66
N ARG A 427 -11.03 25.52 -34.35
CA ARG A 427 -10.21 26.72 -34.59
C ARG A 427 -8.86 26.52 -33.88
N GLU A 428 -8.87 26.16 -32.59
CA GLU A 428 -7.67 26.22 -31.71
C GLU A 428 -6.97 24.86 -31.75
N ASP A 429 -5.63 24.86 -31.79
CA ASP A 429 -4.75 23.67 -31.65
C ASP A 429 -5.28 22.49 -32.47
N ASP A 430 -5.34 22.61 -33.80
CA ASP A 430 -5.84 21.53 -34.68
C ASP A 430 -4.91 21.36 -35.90
N ILE A 431 -4.96 20.17 -36.51
CA ILE A 431 -4.30 19.85 -37.79
C ILE A 431 -5.13 20.50 -38.92
N ALA A 432 -4.51 21.20 -39.87
CA ALA A 432 -5.23 21.79 -41.04
C ALA A 432 -5.96 20.69 -41.84
N LYS A 433 -7.22 20.93 -42.21
CA LYS A 433 -7.84 20.17 -43.34
C LYS A 433 -7.27 20.75 -44.65
N VAL A 434 -7.39 22.06 -44.79
CA VAL A 434 -6.75 22.83 -45.88
C VAL A 434 -6.12 24.08 -45.26
N THR A 435 -4.94 24.44 -45.75
CA THR A 435 -4.16 25.58 -45.28
C THR A 435 -3.44 26.15 -46.50
N CYS A 436 -3.27 27.47 -46.56
CA CYS A 436 -2.70 28.07 -47.77
C CYS A 436 -1.90 29.33 -47.49
N GLY A 437 -1.04 29.62 -48.46
CA GLY A 437 -0.41 30.94 -48.67
C GLY A 437 -0.72 31.42 -50.06
N MET A 438 -1.10 32.68 -50.18
CA MET A 438 -1.49 33.28 -51.49
C MET A 438 -0.80 34.63 -51.65
N ARG A 439 -0.11 34.80 -52.78
CA ARG A 439 0.64 36.03 -53.05
C ARG A 439 0.28 36.49 -54.45
N VAL A 440 0.09 37.79 -54.62
CA VAL A 440 -0.11 38.39 -55.96
C VAL A 440 0.79 39.63 -56.04
N LEU A 441 1.48 39.77 -57.19
CA LEU A 441 2.27 40.98 -57.50
C LEU A 441 1.66 41.58 -58.77
N PHE A 442 1.25 42.86 -58.70
CA PHE A 442 0.68 43.57 -59.87
C PHE A 442 1.78 44.36 -60.57
N GLN A 443 1.60 44.66 -61.83
CA GLN A 443 2.40 45.73 -62.50
C GLN A 443 2.19 47.04 -61.71
N PRO A 444 3.17 47.96 -61.68
CA PRO A 444 3.11 49.14 -60.80
C PRO A 444 1.86 50.00 -60.94
N GLY A 445 1.07 50.15 -59.87
CA GLY A 445 -0.11 51.02 -59.82
C GLY A 445 -1.33 50.40 -60.48
N SER A 446 -1.23 49.17 -60.97
CA SER A 446 -2.27 48.54 -61.83
C SER A 446 -3.00 47.43 -61.08
N MET A 447 -3.96 46.84 -61.78
CA MET A 447 -4.70 45.64 -61.36
C MET A 447 -4.26 44.47 -62.25
N GLN A 448 -3.15 44.61 -62.95
CA GLN A 448 -2.68 43.61 -63.94
C GLN A 448 -1.66 42.69 -63.27
N VAL A 449 -1.94 41.40 -63.25
CA VAL A 449 -1.14 40.39 -62.51
C VAL A 449 0.25 40.27 -63.14
N LYS A 450 1.29 40.46 -62.36
CA LYS A 450 2.66 40.11 -62.80
C LYS A 450 3.04 38.73 -62.26
N GLU A 451 2.75 38.46 -60.99
CA GLU A 451 3.05 37.15 -60.33
C GLU A 451 1.85 36.77 -59.46
N LEU A 452 1.55 35.47 -59.46
CA LEU A 452 0.45 34.87 -58.65
C LEU A 452 0.97 33.56 -58.11
N ALA A 453 0.88 33.34 -56.80
CA ALA A 453 1.23 32.02 -56.22
C ALA A 453 0.15 31.61 -55.23
N LEU A 454 -0.44 30.45 -55.45
CA LEU A 454 -1.48 29.85 -54.59
C LEU A 454 -0.90 28.49 -54.16
N CYS A 455 -0.48 28.42 -52.90
CA CYS A 455 0.17 27.20 -52.36
C CYS A 455 -0.71 26.69 -51.23
N TYR A 456 -0.92 25.37 -51.20
CA TYR A 456 -1.91 24.69 -50.35
C TYR A 456 -1.23 23.54 -49.61
N GLY A 457 -1.58 23.39 -48.34
CA GLY A 457 -1.38 22.15 -47.58
C GLY A 457 -2.70 21.39 -47.48
N GLY A 458 -2.65 20.07 -47.33
CA GLY A 458 -3.82 19.24 -47.06
C GLY A 458 -4.46 18.77 -48.34
N MET A 459 -3.80 18.95 -49.48
CA MET A 459 -4.46 18.65 -50.77
C MET A 459 -3.66 17.61 -51.54
N ALA A 460 -2.58 17.08 -50.94
CA ALA A 460 -1.65 16.09 -51.54
C ALA A 460 -0.72 15.55 -50.46
N ASP A 461 0.22 14.68 -50.82
CA ASP A 461 1.21 14.14 -49.86
C ASP A 461 2.35 15.16 -49.64
N ARG A 462 2.23 16.39 -50.11
CA ARG A 462 3.25 17.46 -49.89
C ARG A 462 2.60 18.82 -50.06
N THR A 463 3.27 19.88 -49.62
CA THR A 463 2.84 21.25 -49.96
C THR A 463 2.92 21.39 -51.49
N ILE A 464 1.85 21.88 -52.14
CA ILE A 464 1.80 22.08 -53.62
C ILE A 464 1.43 23.52 -54.00
N SER A 465 1.84 23.90 -55.20
CA SER A 465 1.47 25.18 -55.85
C SER A 465 0.50 24.87 -56.99
N ALA A 466 -0.54 25.68 -57.18
CA ALA A 466 -1.50 25.53 -58.28
C ALA A 466 -0.92 26.22 -59.53
N LEU A 467 0.24 25.77 -60.00
CA LEU A 467 1.07 26.46 -61.03
C LEU A 467 0.33 26.55 -62.37
N LYS A 468 -0.34 25.46 -62.75
CA LYS A 468 -1.13 25.42 -64.01
C LYS A 468 -2.14 26.56 -63.98
N THR A 469 -2.86 26.69 -62.87
CA THR A 469 -3.97 27.65 -62.72
C THR A 469 -3.41 29.07 -62.73
N THR A 470 -2.34 29.33 -61.97
CA THR A 470 -1.83 30.70 -61.74
C THR A 470 -1.09 31.15 -63.00
N GLN A 471 -0.44 30.23 -63.69
CA GLN A 471 0.30 30.53 -64.93
C GLN A 471 -0.68 31.14 -65.94
N LYS A 472 -1.94 30.66 -66.05
CA LYS A 472 -2.91 31.17 -67.05
C LYS A 472 -3.35 32.60 -66.70
N GLN A 473 -3.07 33.13 -65.51
CA GLN A 473 -3.55 34.49 -65.14
C GLN A 473 -2.44 35.54 -65.30
N LEU A 474 -1.20 35.17 -65.64
CA LEU A 474 -0.12 36.18 -65.74
C LEU A 474 -0.55 37.13 -66.88
N SER A 475 -0.58 38.44 -66.59
CA SER A 475 -0.92 39.55 -67.51
C SER A 475 -2.43 39.77 -67.57
N LYS A 476 -3.25 38.95 -66.89
CA LYS A 476 -4.71 39.20 -66.76
C LYS A 476 -4.95 40.27 -65.69
N PHE A 477 -6.16 40.81 -65.63
CA PHE A 477 -6.52 41.84 -64.63
C PHE A 477 -7.37 41.17 -63.55
N TRP A 478 -7.32 41.75 -62.35
CA TRP A 478 -8.04 41.26 -61.16
C TRP A 478 -9.51 41.61 -61.34
N ASN A 479 -10.32 40.65 -61.80
CA ASN A 479 -11.76 40.86 -62.13
C ASN A 479 -12.56 39.58 -61.98
N GLU A 480 -13.87 39.67 -62.18
CA GLU A 480 -14.82 38.56 -61.96
C GLU A 480 -14.41 37.39 -62.86
N LYS A 481 -13.96 37.68 -64.07
CA LYS A 481 -13.55 36.61 -65.01
C LYS A 481 -12.31 35.89 -64.47
N LEU A 482 -11.31 36.63 -63.93
CA LEU A 482 -10.14 35.98 -63.28
C LEU A 482 -10.62 35.08 -62.12
N LEU A 483 -11.56 35.56 -61.29
CA LEU A 483 -12.10 34.74 -60.16
C LEU A 483 -12.69 33.42 -60.71
N GLN A 484 -13.50 33.51 -61.76
CA GLN A 484 -14.22 32.33 -62.31
C GLN A 484 -13.20 31.35 -62.90
N ASP A 485 -12.20 31.88 -63.60
CA ASP A 485 -11.15 31.09 -64.29
C ASP A 485 -10.30 30.39 -63.22
N VAL A 486 -9.88 31.10 -62.18
CA VAL A 486 -9.03 30.51 -61.09
C VAL A 486 -9.84 29.41 -60.38
N CYS A 487 -11.13 29.64 -60.10
CA CYS A 487 -11.97 28.64 -59.39
C CYS A 487 -12.08 27.38 -60.25
N ALA A 488 -12.37 27.53 -61.54
CA ALA A 488 -12.57 26.36 -62.43
C ALA A 488 -11.24 25.64 -62.55
N GLY A 489 -10.15 26.39 -62.64
CA GLY A 489 -8.79 25.81 -62.70
C GLY A 489 -8.45 25.05 -61.42
N LEU A 490 -8.74 25.63 -60.24
CA LEU A 490 -8.40 24.98 -58.94
C LEU A 490 -9.21 23.69 -58.83
N ALA A 491 -10.46 23.71 -59.31
CA ALA A 491 -11.35 22.53 -59.28
C ALA A 491 -10.77 21.41 -60.15
N GLU A 492 -10.13 21.73 -61.26
CA GLU A 492 -9.51 20.70 -62.14
C GLU A 492 -8.13 20.32 -61.59
N GLU A 493 -7.30 21.30 -61.24
CA GLU A 493 -5.89 21.04 -60.84
C GLU A 493 -5.77 20.39 -59.45
N LEU A 494 -6.56 20.77 -58.45
CA LEU A 494 -6.44 20.24 -57.07
C LEU A 494 -7.45 19.11 -56.86
N SER A 495 -7.38 18.08 -57.70
CA SER A 495 -8.33 16.94 -57.68
C SER A 495 -7.98 16.02 -56.50
N LEU A 496 -8.97 15.30 -56.02
CA LEU A 496 -8.86 14.30 -54.95
C LEU A 496 -9.62 13.05 -55.39
N SER A 497 -8.95 11.90 -55.48
CA SER A 497 -9.60 10.62 -55.85
C SER A 497 -10.46 10.17 -54.67
N PRO A 498 -11.50 9.33 -54.86
CA PRO A 498 -12.42 9.00 -53.77
C PRO A 498 -11.75 8.35 -52.54
N ASP A 499 -10.53 7.79 -52.71
CA ASP A 499 -9.74 7.10 -51.65
C ASP A 499 -8.66 8.02 -51.05
N ALA A 500 -8.70 9.33 -51.26
CA ALA A 500 -7.78 10.32 -50.61
C ALA A 500 -7.73 10.12 -49.11
N PRO A 501 -6.51 10.02 -48.53
CA PRO A 501 -6.36 9.97 -47.08
C PRO A 501 -6.94 11.22 -46.38
N GLY A 502 -7.63 11.01 -45.26
CA GLY A 502 -8.38 12.07 -44.56
C GLY A 502 -9.83 12.19 -45.03
N GLY A 503 -10.19 11.71 -46.22
CA GLY A 503 -11.55 11.86 -46.72
C GLY A 503 -11.96 13.32 -46.81
N MET A 504 -13.24 13.61 -46.58
CA MET A 504 -13.82 14.97 -46.70
C MET A 504 -13.40 15.60 -48.05
N ILE A 505 -13.65 14.89 -49.15
CA ILE A 505 -13.21 15.23 -50.53
C ILE A 505 -13.91 16.53 -50.97
N GLU A 506 -15.24 16.58 -50.85
CA GLU A 506 -16.05 17.74 -51.30
C GLU A 506 -15.68 18.98 -50.47
N PHE A 507 -15.51 18.79 -49.16
CA PHE A 507 -15.21 19.92 -48.24
C PHE A 507 -13.83 20.50 -48.59
N ARG A 508 -12.80 19.66 -48.72
CA ARG A 508 -11.43 20.17 -48.99
C ARG A 508 -11.39 20.92 -50.34
N ARG A 509 -11.92 20.35 -51.39
CA ARG A 509 -12.02 21.02 -52.72
C ARG A 509 -12.74 22.38 -52.57
N THR A 510 -13.87 22.43 -51.89
CA THR A 510 -14.61 23.68 -51.66
C THR A 510 -13.72 24.70 -50.96
N LEU A 511 -13.01 24.30 -49.90
CA LEU A 511 -12.13 25.24 -49.16
C LEU A 511 -11.08 25.81 -50.11
N THR A 512 -10.51 25.00 -50.99
CA THR A 512 -9.45 25.55 -51.89
C THR A 512 -10.02 26.73 -52.70
N LEU A 513 -11.25 26.63 -53.20
CA LEU A 513 -11.90 27.73 -53.96
C LEU A 513 -12.27 28.87 -52.99
N SER A 514 -12.84 28.51 -51.84
CA SER A 514 -13.41 29.46 -50.87
C SER A 514 -12.29 30.34 -50.32
N PHE A 515 -11.13 29.73 -50.09
CA PHE A 515 -9.89 30.47 -49.72
C PHE A 515 -9.51 31.44 -50.84
N PHE A 516 -9.51 30.98 -52.10
CA PHE A 516 -9.13 31.90 -53.20
C PHE A 516 -10.12 33.06 -53.29
N PHE A 517 -11.43 32.80 -53.13
CA PHE A 517 -12.48 33.84 -53.16
C PHE A 517 -12.16 34.87 -52.08
N LYS A 518 -11.86 34.44 -50.84
CA LYS A 518 -11.53 35.36 -49.73
C LYS A 518 -10.33 36.18 -50.15
N PHE A 519 -9.32 35.56 -50.75
CA PHE A 519 -8.10 36.28 -51.20
C PHE A 519 -8.50 37.30 -52.27
N TYR A 520 -9.28 36.86 -53.25
CA TYR A 520 -9.79 37.68 -54.36
C TYR A 520 -10.46 38.96 -53.80
N LEU A 521 -11.37 38.82 -52.83
CA LEU A 521 -12.14 39.98 -52.33
C LEU A 521 -11.19 40.85 -51.51
N THR A 522 -10.31 40.24 -50.71
CA THR A 522 -9.35 40.96 -49.84
C THR A 522 -8.46 41.83 -50.72
N VAL A 523 -8.01 41.27 -51.84
CA VAL A 523 -7.11 41.99 -52.77
C VAL A 523 -7.87 43.16 -53.42
N LEU A 524 -9.17 43.01 -53.74
CA LEU A 524 -9.98 44.12 -54.29
C LEU A 524 -9.95 45.29 -53.30
N LYS A 525 -10.18 44.99 -52.02
CA LYS A 525 -10.17 46.00 -50.92
C LYS A 525 -8.79 46.67 -50.83
N LYS A 526 -7.72 45.88 -50.85
CA LYS A 526 -6.33 46.41 -50.75
C LYS A 526 -5.98 47.19 -52.02
N LEU A 527 -6.52 46.84 -53.19
CA LEU A 527 -6.29 47.64 -54.41
C LEU A 527 -7.03 48.99 -54.34
N GLY A 528 -8.14 49.10 -53.59
CA GLY A 528 -9.00 50.29 -53.52
C GLY A 528 -8.45 51.36 -52.60
N LEU A 538 -16.01 47.28 -52.38
CA LEU A 538 -16.83 46.03 -52.22
C LEU A 538 -18.26 46.41 -51.81
N ASP A 539 -19.25 45.69 -52.33
CA ASP A 539 -20.63 45.66 -51.78
C ASP A 539 -20.54 45.38 -50.27
N PRO A 540 -21.18 46.20 -49.41
CA PRO A 540 -21.02 46.05 -47.96
C PRO A 540 -21.45 44.66 -47.46
N THR A 541 -22.37 43.96 -48.14
CA THR A 541 -22.79 42.58 -47.78
C THR A 541 -21.65 41.57 -48.01
N TYR A 542 -20.55 41.99 -48.66
CA TYR A 542 -19.37 41.14 -48.98
C TYR A 542 -18.20 41.40 -48.03
N THR A 543 -18.20 42.51 -47.29
CA THR A 543 -17.02 42.96 -46.50
C THR A 543 -16.62 41.89 -45.48
N SER A 544 -17.58 41.28 -44.78
CA SER A 544 -17.28 40.37 -43.64
C SER A 544 -16.51 39.14 -44.15
N ALA A 545 -16.59 38.81 -45.43
CA ALA A 545 -15.85 37.68 -46.02
C ALA A 545 -14.34 37.97 -45.97
N THR A 546 -13.93 39.22 -45.83
CA THR A 546 -12.50 39.64 -45.88
C THR A 546 -11.94 39.79 -44.46
N LEU A 547 -12.76 39.72 -43.42
CA LEU A 547 -12.34 39.93 -42.00
C LEU A 547 -11.62 38.68 -41.44
N LEU A 548 -10.46 38.88 -40.84
CA LEU A 548 -9.78 37.78 -40.10
C LEU A 548 -10.50 37.62 -38.77
N PHE A 549 -10.40 36.44 -38.19
CA PHE A 549 -11.17 36.03 -36.99
C PHE A 549 -10.94 37.07 -35.90
N GLN A 550 -12.02 37.47 -35.24
CA GLN A 550 -12.02 38.40 -34.09
C GLN A 550 -13.13 37.95 -33.12
N LYS A 551 -12.83 37.74 -31.85
CA LYS A 551 -13.88 37.46 -30.82
C LYS A 551 -14.17 38.77 -30.07
N ASP A 552 -15.45 38.98 -29.68
CA ASP A 552 -15.86 40.01 -28.69
C ASP A 552 -15.31 39.61 -27.32
N PRO A 553 -15.20 40.55 -26.36
CA PRO A 553 -14.76 40.17 -25.01
C PRO A 553 -15.86 39.39 -24.29
N PRO A 554 -15.46 38.52 -23.34
CA PRO A 554 -16.41 37.67 -22.63
C PRO A 554 -17.33 38.45 -21.68
N ALA A 555 -18.54 37.94 -21.48
CA ALA A 555 -19.59 38.42 -20.55
C ALA A 555 -20.22 37.19 -19.88
N ASN A 556 -20.02 37.04 -18.58
CA ASN A 556 -20.51 35.84 -17.83
C ASN A 556 -21.29 36.30 -16.63
N ILE A 557 -22.53 35.81 -16.52
CA ILE A 557 -23.46 36.10 -15.39
C ILE A 557 -23.95 34.75 -14.84
N GLN A 558 -23.88 34.57 -13.53
CA GLN A 558 -24.50 33.40 -12.86
C GLN A 558 -25.51 33.94 -11.86
N LEU A 559 -26.75 33.43 -11.95
CA LEU A 559 -27.81 33.82 -10.99
C LEU A 559 -28.22 32.59 -10.22
N PHE A 560 -28.30 32.72 -8.91
CA PHE A 560 -28.85 31.64 -8.09
C PHE A 560 -29.50 32.25 -6.84
N GLN A 561 -30.05 31.41 -5.97
CA GLN A 561 -30.81 31.84 -4.79
C GLN A 561 -29.92 31.92 -3.54
N GLU A 562 -30.01 33.06 -2.85
CA GLU A 562 -29.47 33.27 -1.48
C GLU A 562 -30.18 32.29 -0.55
N VAL A 563 -29.49 31.78 0.47
CA VAL A 563 -30.08 30.91 1.53
C VAL A 563 -30.92 31.80 2.44
N PRO A 564 -31.94 31.28 3.15
CA PRO A 564 -32.77 32.09 4.06
C PRO A 564 -31.95 32.91 5.07
N ASN A 565 -32.46 34.10 5.42
CA ASN A 565 -31.82 35.10 6.32
C ASN A 565 -31.34 34.43 7.62
N GLY A 566 -32.13 33.52 8.18
CA GLY A 566 -31.82 32.97 9.51
C GLY A 566 -30.88 31.78 9.47
N GLN A 567 -30.44 31.30 8.31
CA GLN A 567 -29.74 30.00 8.24
C GLN A 567 -28.39 30.14 8.96
N SER A 568 -28.04 29.18 9.82
CA SER A 568 -26.73 29.17 10.52
C SER A 568 -25.57 29.25 9.51
N LYS A 569 -24.49 29.94 9.87
CA LYS A 569 -23.25 30.04 9.06
C LYS A 569 -22.60 28.65 8.91
N GLU A 570 -22.75 27.76 9.90
CA GLU A 570 -22.23 26.37 9.86
C GLU A 570 -23.11 25.44 9.01
N ASP A 571 -24.34 25.87 8.68
CA ASP A 571 -25.21 25.13 7.73
C ASP A 571 -24.82 25.59 6.33
N THR A 572 -24.05 24.80 5.58
CA THR A 572 -23.50 25.20 4.27
C THR A 572 -24.41 24.73 3.13
N VAL A 573 -25.51 24.05 3.45
CA VAL A 573 -26.47 23.53 2.42
C VAL A 573 -27.16 24.73 1.75
N GLY A 574 -27.00 24.83 0.42
CA GLY A 574 -27.48 25.95 -0.41
C GLY A 574 -26.42 27.00 -0.62
N ARG A 575 -25.22 26.86 -0.03
CA ARG A 575 -24.08 27.82 -0.17
C ARG A 575 -23.10 27.34 -1.24
N PRO A 576 -22.47 28.29 -1.98
CA PRO A 576 -21.47 27.95 -3.00
C PRO A 576 -20.06 27.59 -2.45
N LEU A 577 -20.03 26.54 -1.63
CA LEU A 577 -18.78 25.99 -1.05
C LEU A 577 -17.92 25.40 -2.17
N PRO A 578 -16.63 25.78 -2.32
CA PRO A 578 -15.80 25.12 -3.33
C PRO A 578 -15.61 23.63 -3.03
N HIS A 579 -15.47 22.82 -4.08
CA HIS A 579 -15.06 21.40 -4.04
C HIS A 579 -13.97 21.27 -2.98
N LEU A 580 -14.14 20.36 -2.02
CA LEU A 580 -13.18 20.19 -0.89
C LEU A 580 -11.75 19.88 -1.33
N ALA A 581 -11.53 19.23 -2.47
CA ALA A 581 -10.18 18.86 -2.95
C ALA A 581 -9.60 19.88 -3.93
N ALA A 582 -10.33 20.98 -4.20
CA ALA A 582 -9.97 21.96 -5.28
C ALA A 582 -8.55 22.48 -5.02
N ALA A 583 -8.21 22.87 -3.78
CA ALA A 583 -6.90 23.48 -3.45
C ALA A 583 -5.78 22.46 -3.66
N MET A 584 -5.99 21.22 -3.22
CA MET A 584 -5.03 20.11 -3.46
C MET A 584 -4.91 19.74 -4.94
N GLN A 585 -5.99 19.86 -5.72
CA GLN A 585 -5.98 19.63 -7.18
C GLN A 585 -5.13 20.72 -7.84
N ALA A 586 -5.25 21.97 -7.37
CA ALA A 586 -4.51 23.12 -7.94
C ALA A 586 -3.03 23.05 -7.56
N SER A 587 -2.71 22.38 -6.45
CA SER A 587 -1.31 22.27 -5.95
C SER A 587 -0.65 20.99 -6.48
N GLY A 588 -1.39 20.05 -7.07
CA GLY A 588 -0.79 18.78 -7.50
C GLY A 588 -0.64 17.79 -6.38
N GLU A 589 -1.25 18.04 -5.21
CA GLU A 589 -1.18 17.17 -4.01
C GLU A 589 -2.25 16.10 -4.07
N ALA A 590 -3.36 16.33 -4.79
CA ALA A 590 -4.46 15.36 -4.94
C ALA A 590 -3.90 14.11 -5.62
N VAL A 591 -4.00 12.98 -4.98
CA VAL A 591 -3.47 11.71 -5.53
C VAL A 591 -4.49 11.06 -6.46
N TYR A 592 -4.11 10.82 -7.70
CA TYR A 592 -4.88 9.93 -8.62
C TYR A 592 -4.18 8.57 -8.65
N CYS A 593 -4.79 7.58 -9.27
CA CYS A 593 -4.36 6.16 -9.13
C CYS A 593 -2.85 6.01 -9.45
N ASP A 594 -2.43 6.46 -10.64
CA ASP A 594 -1.02 6.29 -11.05
C ASP A 594 -0.06 7.15 -10.20
N ASP A 595 -0.56 8.19 -9.53
CA ASP A 595 0.24 9.01 -8.58
C ASP A 595 0.62 8.20 -7.33
N ILE A 596 -0.10 7.14 -7.02
CA ILE A 596 0.27 6.25 -5.88
C ILE A 596 1.68 5.73 -6.14
N PRO A 597 2.60 5.84 -5.16
CA PRO A 597 3.97 5.38 -5.36
C PRO A 597 4.02 3.88 -5.72
N ARG A 598 4.96 3.44 -6.54
CA ARG A 598 5.02 2.00 -6.89
C ARG A 598 5.76 1.25 -5.79
N TYR A 599 5.43 -0.01 -5.58
CA TYR A 599 6.26 -0.90 -4.74
C TYR A 599 7.60 -1.14 -5.45
N GLU A 600 8.66 -1.38 -4.67
CA GLU A 600 9.99 -1.76 -5.21
C GLU A 600 9.85 -2.97 -6.14
N ASN A 601 8.92 -3.88 -5.91
CA ASN A 601 8.77 -5.12 -6.74
C ASN A 601 7.59 -4.98 -7.73
N GLU A 602 7.08 -3.76 -7.93
CA GLU A 602 5.89 -3.50 -8.78
C GLU A 602 6.24 -3.59 -10.27
N LEU A 603 5.44 -4.36 -11.02
CA LEU A 603 5.58 -4.58 -12.48
C LEU A 603 4.53 -3.79 -13.25
N PHE A 604 4.73 -3.65 -14.56
CA PHE A 604 3.88 -2.88 -15.49
C PHE A 604 3.28 -3.84 -16.53
N LEU A 605 2.01 -3.61 -16.83
CA LEU A 605 1.20 -4.42 -17.79
C LEU A 605 0.91 -3.58 -19.02
N ARG A 606 1.08 -4.19 -20.20
CA ARG A 606 0.68 -3.59 -21.49
C ARG A 606 -0.26 -4.57 -22.18
N LEU A 607 -1.48 -4.16 -22.48
CA LEU A 607 -2.47 -5.00 -23.21
C LEU A 607 -1.99 -5.28 -24.64
N VAL A 608 -2.17 -6.51 -25.09
CA VAL A 608 -1.97 -6.92 -26.52
C VAL A 608 -3.35 -7.07 -27.14
N THR A 609 -3.66 -6.25 -28.16
CA THR A 609 -5.03 -6.15 -28.71
C THR A 609 -5.08 -6.53 -30.19
N SER A 610 -6.26 -6.95 -30.62
CA SER A 610 -6.53 -7.35 -32.02
C SER A 610 -6.34 -6.16 -32.96
N THR A 611 -5.70 -6.40 -34.09
CA THR A 611 -5.61 -5.46 -35.24
C THR A 611 -6.66 -5.85 -36.28
N ARG A 612 -7.57 -6.80 -35.99
CA ARG A 612 -8.59 -7.24 -36.99
C ARG A 612 -9.99 -7.06 -36.40
N ALA A 613 -10.97 -6.64 -37.20
CA ALA A 613 -12.39 -6.50 -36.79
C ALA A 613 -13.00 -7.88 -36.43
N HIS A 614 -12.68 -8.93 -37.17
CA HIS A 614 -13.29 -10.27 -36.95
C HIS A 614 -12.42 -11.37 -37.59
N ALA A 615 -11.79 -12.20 -36.77
CA ALA A 615 -10.82 -13.19 -37.27
C ALA A 615 -10.68 -14.31 -36.27
N LYS A 616 -10.30 -15.48 -36.79
CA LYS A 616 -9.70 -16.57 -35.99
C LYS A 616 -8.31 -16.15 -35.58
N ILE A 617 -7.94 -16.46 -34.36
CA ILE A 617 -6.53 -16.39 -33.88
C ILE A 617 -5.92 -17.76 -34.20
N LYS A 618 -4.93 -17.80 -35.08
CA LYS A 618 -4.32 -19.07 -35.59
C LYS A 618 -3.11 -19.39 -34.72
N SER A 619 -2.28 -18.39 -34.43
CA SER A 619 -1.12 -18.57 -33.54
C SER A 619 -0.77 -17.23 -32.89
N ILE A 620 -0.10 -17.30 -31.74
CA ILE A 620 0.58 -16.14 -31.10
C ILE A 620 2.05 -16.51 -30.87
N ASP A 621 2.98 -15.71 -31.38
CA ASP A 621 4.44 -15.90 -31.23
C ASP A 621 4.96 -14.76 -30.37
N VAL A 622 5.61 -15.09 -29.23
CA VAL A 622 6.17 -14.13 -28.23
C VAL A 622 7.71 -14.14 -28.22
N SER A 623 8.30 -14.83 -29.18
CA SER A 623 9.75 -15.10 -29.24
C SER A 623 10.49 -13.77 -29.37
N GLU A 624 9.97 -12.80 -30.13
CA GLU A 624 10.58 -11.43 -30.18
C GLU A 624 10.35 -10.71 -28.85
N ALA A 625 9.18 -10.83 -28.25
CA ALA A 625 8.84 -10.10 -26.98
C ALA A 625 9.78 -10.55 -25.87
N GLN A 626 10.03 -11.86 -25.78
CA GLN A 626 10.88 -12.48 -24.72
C GLN A 626 12.29 -11.93 -24.77
N LYS A 627 12.69 -11.29 -25.85
CA LYS A 627 14.05 -10.74 -26.05
C LYS A 627 14.15 -9.31 -25.52
N VAL A 628 13.03 -8.62 -25.32
CA VAL A 628 13.05 -7.20 -24.85
C VAL A 628 13.55 -7.18 -23.41
N PRO A 629 14.53 -6.34 -23.03
CA PRO A 629 15.01 -6.31 -21.66
C PRO A 629 13.82 -6.05 -20.70
N GLY A 630 13.83 -6.74 -19.56
CA GLY A 630 12.88 -6.60 -18.43
C GLY A 630 11.57 -7.34 -18.68
N PHE A 631 11.42 -8.01 -19.81
CA PHE A 631 10.26 -8.89 -20.09
C PHE A 631 10.10 -9.86 -18.92
N VAL A 632 8.88 -9.98 -18.40
CA VAL A 632 8.58 -10.95 -17.32
C VAL A 632 7.72 -12.08 -17.93
N CYS A 633 6.58 -11.79 -18.54
CA CYS A 633 5.73 -12.86 -19.09
C CYS A 633 4.73 -12.28 -20.08
N PHE A 634 4.15 -13.19 -20.86
CA PHE A 634 2.98 -12.97 -21.72
C PHE A 634 1.82 -13.73 -21.11
N LEU A 635 0.69 -13.06 -20.89
CA LEU A 635 -0.51 -13.71 -20.32
C LEU A 635 -1.57 -13.75 -21.42
N SER A 636 -2.35 -14.81 -21.40
CA SER A 636 -3.48 -15.07 -22.32
C SER A 636 -4.52 -15.90 -21.57
N ALA A 637 -5.59 -16.26 -22.25
CA ALA A 637 -6.77 -16.96 -21.70
C ALA A 637 -6.35 -18.19 -20.88
N ASP A 638 -5.32 -18.91 -21.29
CA ASP A 638 -4.96 -20.19 -20.64
C ASP A 638 -4.37 -19.92 -19.24
N ASP A 639 -3.95 -18.71 -18.93
CA ASP A 639 -3.37 -18.38 -17.61
C ASP A 639 -4.47 -18.15 -16.58
N ILE A 640 -5.72 -17.99 -17.01
CA ILE A 640 -6.82 -17.62 -16.10
C ILE A 640 -7.14 -18.81 -15.20
N PRO A 641 -7.08 -18.62 -13.86
CA PRO A 641 -7.35 -19.71 -12.92
C PRO A 641 -8.84 -19.98 -12.68
N GLY A 642 -9.71 -18.97 -12.79
CA GLY A 642 -11.17 -19.15 -12.63
C GLY A 642 -11.89 -19.18 -13.98
N SER A 643 -12.50 -18.07 -14.38
CA SER A 643 -13.40 -18.04 -15.54
C SER A 643 -12.95 -16.97 -16.52
N ASN A 644 -13.04 -17.31 -17.80
CA ASN A 644 -12.71 -16.39 -18.91
C ASN A 644 -14.02 -15.74 -19.35
N GLU A 645 -15.14 -16.01 -18.67
CA GLU A 645 -16.43 -15.38 -19.01
C GLU A 645 -16.61 -14.14 -18.13
N THR A 646 -16.86 -12.98 -18.72
CA THR A 646 -16.97 -11.72 -17.98
C THR A 646 -17.99 -10.81 -18.66
N GLY A 647 -18.10 -9.59 -18.14
CA GLY A 647 -18.99 -8.58 -18.73
C GLY A 647 -20.34 -8.62 -18.05
N LEU A 648 -21.07 -7.51 -18.16
CA LEU A 648 -22.35 -7.30 -17.44
C LEU A 648 -23.33 -8.43 -17.77
N PHE A 649 -23.34 -8.92 -19.02
CA PHE A 649 -24.26 -10.00 -19.48
C PHE A 649 -23.49 -11.30 -19.75
N ASN A 650 -22.27 -11.44 -19.25
CA ASN A 650 -21.48 -12.70 -19.31
C ASN A 650 -21.20 -13.13 -20.75
N ASP A 651 -21.06 -12.16 -21.64
CA ASP A 651 -20.95 -12.42 -23.08
C ASP A 651 -19.58 -11.92 -23.56
N GLU A 652 -18.62 -11.77 -22.65
CA GLU A 652 -17.28 -11.24 -23.04
C GLU A 652 -16.23 -12.20 -22.57
N THR A 653 -15.04 -12.09 -23.16
CA THR A 653 -13.81 -12.79 -22.67
C THR A 653 -13.02 -11.80 -21.82
N VAL A 654 -12.28 -12.32 -20.84
CA VAL A 654 -11.21 -11.53 -20.17
C VAL A 654 -10.09 -11.37 -21.19
N PHE A 655 -9.69 -12.48 -21.82
CA PHE A 655 -8.72 -12.51 -22.94
C PHE A 655 -9.32 -13.33 -24.11
N ALA A 656 -9.22 -12.83 -25.36
CA ALA A 656 -9.86 -13.49 -26.52
C ALA A 656 -9.41 -14.96 -26.57
N LYS A 657 -10.34 -15.84 -26.89
CA LYS A 657 -10.08 -17.28 -27.09
C LYS A 657 -10.66 -17.67 -28.46
N ASP A 658 -9.81 -18.12 -29.39
CA ASP A 658 -10.20 -18.72 -30.70
C ASP A 658 -10.45 -17.59 -31.71
N THR A 659 -11.15 -16.54 -31.27
CA THR A 659 -11.68 -15.49 -32.16
C THR A 659 -11.47 -14.10 -31.54
N VAL A 660 -11.26 -13.11 -32.40
CA VAL A 660 -11.32 -11.66 -32.06
C VAL A 660 -12.54 -11.08 -32.77
N THR A 661 -13.23 -10.14 -32.14
CA THR A 661 -14.54 -9.65 -32.63
C THR A 661 -14.54 -8.13 -32.70
N CYS A 662 -13.40 -7.48 -32.49
CA CYS A 662 -13.20 -6.05 -32.85
C CYS A 662 -11.70 -5.71 -32.91
N VAL A 663 -11.36 -4.65 -33.64
CA VAL A 663 -10.03 -4.01 -33.48
C VAL A 663 -10.01 -3.49 -32.03
N GLY A 664 -9.00 -3.85 -31.25
CA GLY A 664 -8.88 -3.45 -29.84
C GLY A 664 -9.29 -4.57 -28.90
N HIS A 665 -9.81 -5.66 -29.45
CA HIS A 665 -10.22 -6.84 -28.66
C HIS A 665 -9.01 -7.33 -27.86
N ILE A 666 -9.10 -7.46 -26.55
CA ILE A 666 -7.89 -7.82 -25.74
C ILE A 666 -7.63 -9.33 -25.89
N ILE A 667 -6.46 -9.66 -26.41
CA ILE A 667 -5.99 -11.05 -26.63
C ILE A 667 -5.15 -11.49 -25.43
N GLY A 668 -4.41 -10.56 -24.84
CA GLY A 668 -3.40 -10.91 -23.85
C GLY A 668 -2.75 -9.68 -23.25
N ALA A 669 -1.66 -9.89 -22.53
CA ALA A 669 -0.93 -8.79 -21.89
C ALA A 669 0.53 -9.21 -21.67
N VAL A 670 1.42 -8.25 -21.91
CA VAL A 670 2.83 -8.32 -21.49
C VAL A 670 2.99 -7.65 -20.12
N VAL A 671 3.78 -8.30 -19.28
CA VAL A 671 4.25 -7.76 -17.98
C VAL A 671 5.77 -7.56 -18.10
N ALA A 672 6.27 -6.40 -17.69
CA ALA A 672 7.71 -6.12 -17.76
C ALA A 672 8.11 -5.23 -16.57
N ASP A 673 9.40 -4.98 -16.40
CA ASP A 673 9.96 -4.25 -15.22
C ASP A 673 9.74 -2.73 -15.35
N THR A 674 9.48 -2.21 -16.55
CA THR A 674 9.18 -0.76 -16.77
C THR A 674 8.05 -0.66 -17.76
N PRO A 675 7.32 0.48 -17.79
CA PRO A 675 6.26 0.66 -18.77
C PRO A 675 6.78 0.63 -20.22
N GLU A 676 7.98 1.17 -20.46
CA GLU A 676 8.56 1.26 -21.83
C GLU A 676 8.89 -0.15 -22.33
N HIS A 677 9.40 -1.00 -21.44
CA HIS A 677 9.72 -2.40 -21.81
C HIS A 677 8.45 -3.20 -22.07
N ALA A 678 7.37 -2.95 -21.33
CA ALA A 678 6.06 -3.63 -21.52
C ALA A 678 5.50 -3.26 -22.89
N GLU A 679 5.51 -1.96 -23.21
CA GLU A 679 5.08 -1.39 -24.52
C GLU A 679 5.87 -2.04 -25.67
N ARG A 680 7.20 -2.07 -25.59
CA ARG A 680 8.06 -2.50 -26.72
C ARG A 680 7.84 -3.99 -26.94
N ALA A 681 7.72 -4.76 -25.87
CA ALA A 681 7.53 -6.22 -25.96
C ALA A 681 6.14 -6.49 -26.54
N ALA A 682 5.08 -5.80 -26.09
CA ALA A 682 3.70 -5.98 -26.62
C ALA A 682 3.67 -5.73 -28.14
N HIS A 683 4.38 -4.70 -28.60
CA HIS A 683 4.37 -4.25 -30.01
C HIS A 683 4.85 -5.38 -30.93
N VAL A 684 5.76 -6.23 -30.47
CA VAL A 684 6.40 -7.28 -31.32
C VAL A 684 5.83 -8.67 -30.99
N VAL A 685 4.80 -8.78 -30.15
CA VAL A 685 4.02 -10.04 -30.09
C VAL A 685 3.33 -10.18 -31.44
N LYS A 686 3.52 -11.32 -32.14
CA LYS A 686 3.02 -11.58 -33.51
C LYS A 686 1.80 -12.49 -33.43
N VAL A 687 0.63 -12.00 -33.83
CA VAL A 687 -0.62 -12.76 -33.86
C VAL A 687 -0.89 -13.04 -35.34
N THR A 688 -1.19 -14.30 -35.68
CA THR A 688 -1.59 -14.73 -37.04
C THR A 688 -3.10 -14.90 -37.03
N TYR A 689 -3.78 -14.26 -37.97
CA TYR A 689 -5.26 -14.23 -38.05
C TYR A 689 -5.74 -14.91 -39.32
N GLU A 690 -6.97 -15.39 -39.28
CA GLU A 690 -7.74 -15.77 -40.49
C GLU A 690 -9.05 -14.99 -40.42
N ASP A 691 -9.20 -14.01 -41.32
CA ASP A 691 -10.34 -13.04 -41.33
C ASP A 691 -11.65 -13.79 -41.43
N LEU A 692 -12.67 -13.37 -40.67
CA LEU A 692 -14.07 -13.80 -40.80
C LEU A 692 -14.89 -12.62 -41.34
N PRO A 693 -16.07 -12.87 -41.95
CA PRO A 693 -16.95 -11.78 -42.36
C PRO A 693 -17.26 -10.83 -41.19
N ALA A 694 -17.10 -9.53 -41.41
CA ALA A 694 -17.26 -8.53 -40.34
C ALA A 694 -18.53 -7.72 -40.59
N ILE A 695 -19.23 -7.34 -39.52
CA ILE A 695 -20.39 -6.42 -39.53
C ILE A 695 -19.98 -5.15 -38.77
N ILE A 696 -19.81 -4.03 -39.45
CA ILE A 696 -19.22 -2.82 -38.84
C ILE A 696 -20.31 -1.82 -38.47
N THR A 697 -21.16 -1.47 -39.45
CA THR A 697 -22.04 -0.29 -39.40
C THR A 697 -23.43 -0.74 -38.98
N ILE A 698 -24.27 0.23 -38.63
CA ILE A 698 -25.71 -0.01 -38.33
C ILE A 698 -26.41 -0.65 -39.54
N GLU A 699 -26.14 -0.14 -40.73
CA GLU A 699 -26.77 -0.59 -42.00
C GLU A 699 -26.35 -2.04 -42.23
N ASP A 700 -25.08 -2.37 -42.01
CA ASP A 700 -24.55 -3.77 -42.13
C ASP A 700 -25.34 -4.66 -41.15
N ALA A 701 -25.56 -4.18 -39.93
CA ALA A 701 -26.25 -4.99 -38.90
C ALA A 701 -27.71 -5.21 -39.31
N ILE A 702 -28.39 -4.16 -39.76
CA ILE A 702 -29.81 -4.29 -40.17
C ILE A 702 -29.89 -5.34 -41.30
N LYS A 703 -29.00 -5.23 -42.29
CA LYS A 703 -29.00 -6.09 -43.53
C LYS A 703 -28.73 -7.56 -43.12
N ASN A 704 -27.96 -7.79 -42.06
CA ASN A 704 -27.49 -9.14 -41.66
C ASN A 704 -28.35 -9.63 -40.50
N ASN A 705 -29.30 -8.85 -40.02
CA ASN A 705 -30.17 -9.26 -38.89
C ASN A 705 -29.30 -9.48 -37.64
N SER A 706 -28.21 -8.72 -37.46
CA SER A 706 -27.24 -8.87 -36.34
C SER A 706 -27.64 -7.92 -35.19
N PHE A 707 -28.46 -8.40 -34.26
CA PHE A 707 -29.03 -7.59 -33.16
C PHE A 707 -28.79 -8.35 -31.86
N TYR A 708 -28.70 -7.59 -30.76
CA TYR A 708 -28.75 -8.11 -29.37
C TYR A 708 -30.21 -8.05 -28.89
N GLY A 709 -30.78 -9.23 -28.67
CA GLY A 709 -32.17 -9.43 -28.22
C GLY A 709 -33.20 -8.91 -29.21
N SER A 710 -34.43 -8.70 -28.74
CA SER A 710 -35.58 -8.40 -29.59
C SER A 710 -35.89 -6.91 -29.41
N GLU A 711 -36.72 -6.40 -30.29
CA GLU A 711 -37.09 -4.99 -30.39
C GLU A 711 -37.58 -4.50 -29.02
N LEU A 712 -37.19 -3.30 -28.59
CA LEU A 712 -37.83 -2.61 -27.45
C LEU A 712 -38.96 -1.73 -28.03
N LYS A 713 -40.06 -1.52 -27.32
CA LYS A 713 -41.13 -0.67 -27.89
C LYS A 713 -41.97 -0.02 -26.79
N ILE A 714 -42.31 1.26 -27.00
CA ILE A 714 -43.35 2.00 -26.23
C ILE A 714 -44.37 2.48 -27.24
N GLU A 715 -45.65 2.20 -26.99
CA GLU A 715 -46.74 2.61 -27.90
C GLU A 715 -47.92 3.09 -27.07
N LYS A 716 -48.44 4.26 -27.42
CA LYS A 716 -49.59 4.86 -26.73
C LYS A 716 -50.51 5.49 -27.77
N GLY A 717 -51.82 5.38 -27.53
CA GLY A 717 -52.84 5.94 -28.43
C GLY A 717 -53.01 5.11 -29.69
N ASP A 718 -53.40 5.76 -30.80
CA ASP A 718 -53.82 5.08 -32.06
C ASP A 718 -53.09 5.75 -33.23
N LEU A 719 -52.00 5.16 -33.72
CA LEU A 719 -51.10 5.82 -34.72
C LEU A 719 -51.86 6.00 -36.04
N LYS A 720 -52.57 4.96 -36.49
CA LYS A 720 -53.31 5.01 -37.77
C LYS A 720 -54.31 6.18 -37.75
N LYS A 721 -55.09 6.34 -36.68
CA LYS A 721 -56.07 7.44 -36.56
C LYS A 721 -55.30 8.78 -36.44
N GLY A 722 -54.18 8.82 -35.70
CA GLY A 722 -53.42 10.07 -35.55
C GLY A 722 -52.92 10.57 -36.88
N PHE A 723 -52.35 9.66 -37.69
CA PHE A 723 -51.86 10.01 -39.05
C PHE A 723 -53.04 10.43 -39.95
N SER A 724 -54.21 9.82 -39.78
CA SER A 724 -55.46 10.14 -40.54
C SER A 724 -55.92 11.57 -40.21
N GLU A 725 -55.78 12.02 -38.96
CA GLU A 725 -56.22 13.38 -38.52
C GLU A 725 -55.22 14.45 -38.97
N ALA A 726 -54.02 14.07 -39.39
CA ALA A 726 -52.89 15.00 -39.57
C ALA A 726 -53.10 15.81 -40.86
N ASP A 727 -52.94 17.13 -40.78
CA ASP A 727 -52.86 17.99 -41.99
C ASP A 727 -51.62 17.60 -42.81
N ASN A 728 -50.50 17.35 -42.13
CA ASN A 728 -49.19 17.18 -42.80
C ASN A 728 -48.46 15.98 -42.19
N VAL A 729 -47.64 15.31 -42.99
CA VAL A 729 -46.78 14.20 -42.52
C VAL A 729 -45.40 14.45 -43.10
N VAL A 730 -44.36 14.47 -42.25
CA VAL A 730 -42.93 14.48 -42.64
C VAL A 730 -42.32 13.17 -42.16
N SER A 731 -41.53 12.56 -43.05
CA SER A 731 -40.78 11.30 -42.87
C SER A 731 -39.33 11.63 -43.13
N GLY A 732 -38.41 11.08 -42.35
CA GLY A 732 -36.97 11.18 -42.68
C GLY A 732 -36.10 10.18 -41.95
N GLU A 733 -34.82 10.44 -42.00
CA GLU A 733 -33.81 9.63 -41.30
C GLU A 733 -32.78 10.59 -40.76
N LEU A 734 -32.18 10.23 -39.64
CA LEU A 734 -31.25 11.09 -38.87
C LEU A 734 -30.18 10.21 -38.25
N TYR A 735 -28.94 10.71 -38.28
CA TYR A 735 -27.80 10.02 -37.66
C TYR A 735 -27.12 10.96 -36.67
N ILE A 736 -26.76 10.41 -35.52
CA ILE A 736 -25.95 11.10 -34.49
C ILE A 736 -24.72 10.25 -34.20
N GLY A 737 -23.54 10.83 -34.44
CA GLY A 737 -22.25 10.18 -34.23
C GLY A 737 -22.02 9.86 -32.76
N GLY A 738 -21.12 8.91 -32.52
CA GLY A 738 -20.66 8.56 -31.18
C GLY A 738 -19.89 9.68 -30.50
N GLN A 739 -19.21 9.32 -29.41
CA GLN A 739 -18.44 10.28 -28.56
C GLN A 739 -17.47 9.45 -27.73
N ASP A 740 -16.24 9.93 -27.62
CA ASP A 740 -15.26 9.39 -26.64
C ASP A 740 -15.28 10.26 -25.40
N HIS A 741 -15.29 9.63 -24.23
CA HIS A 741 -15.42 10.31 -22.91
C HIS A 741 -14.34 11.40 -22.78
N PHE A 742 -13.11 11.08 -23.16
CA PHE A 742 -11.94 12.00 -22.98
C PHE A 742 -11.95 12.52 -21.55
N TYR A 743 -12.12 11.64 -20.57
CA TYR A 743 -11.71 11.87 -19.15
C TYR A 743 -10.20 12.17 -19.24
N LEU A 744 -9.75 13.27 -18.63
CA LEU A 744 -8.33 13.65 -18.74
C LEU A 744 -7.44 12.55 -18.13
N GLU A 745 -7.89 11.88 -17.05
CA GLU A 745 -7.25 10.64 -16.54
C GLU A 745 -7.85 9.42 -17.26
N THR A 746 -7.02 8.68 -17.97
CA THR A 746 -7.41 7.42 -18.65
C THR A 746 -7.57 6.34 -17.59
N HIS A 747 -8.04 5.18 -18.04
CA HIS A 747 -8.30 4.01 -17.17
C HIS A 747 -7.00 3.62 -16.49
N CYS A 748 -7.06 3.17 -15.24
CA CYS A 748 -5.85 2.63 -14.56
C CYS A 748 -6.23 1.81 -13.35
N THR A 749 -5.44 0.78 -13.13
CA THR A 749 -5.63 -0.14 -11.99
C THR A 749 -4.26 -0.48 -11.44
N ILE A 750 -4.16 -0.49 -10.12
CA ILE A 750 -3.03 -1.11 -9.38
C ILE A 750 -3.64 -2.34 -8.70
N ALA A 751 -3.06 -3.52 -8.91
CA ALA A 751 -3.51 -4.77 -8.22
C ALA A 751 -2.39 -5.24 -7.29
N ILE A 752 -2.68 -5.43 -6.01
CA ILE A 752 -1.68 -5.83 -5.00
C ILE A 752 -2.10 -7.21 -4.51
N PRO A 753 -1.38 -8.31 -4.86
CA PRO A 753 -1.71 -9.65 -4.36
C PRO A 753 -1.11 -9.77 -2.95
N LYS A 754 -1.89 -10.25 -1.98
CA LYS A 754 -1.40 -10.34 -0.58
C LYS A 754 -0.66 -11.67 -0.35
N GLY A 755 -0.94 -12.70 -1.14
CA GLY A 755 -0.28 -14.02 -1.06
C GLY A 755 -0.97 -14.93 -0.03
N GLU A 756 -2.10 -14.50 0.54
CA GLU A 756 -2.94 -15.25 1.51
C GLU A 756 -4.37 -15.40 1.02
N GLU A 757 -4.83 -16.65 0.87
CA GLU A 757 -6.26 -17.01 0.70
C GLU A 757 -6.86 -16.32 -0.52
N GLY A 758 -6.04 -16.00 -1.54
CA GLY A 758 -6.53 -15.37 -2.77
C GLY A 758 -6.70 -13.87 -2.62
N GLU A 759 -6.35 -13.29 -1.48
CA GLU A 759 -6.64 -11.88 -1.15
C GLU A 759 -5.92 -10.96 -2.14
N MET A 760 -6.61 -9.92 -2.56
CA MET A 760 -6.07 -8.89 -3.47
C MET A 760 -6.75 -7.56 -3.16
N GLU A 761 -5.96 -6.47 -3.16
CA GLU A 761 -6.38 -5.08 -2.91
C GLU A 761 -6.09 -4.31 -4.20
N LEU A 762 -7.08 -3.63 -4.79
CA LEU A 762 -6.91 -2.92 -6.07
C LEU A 762 -7.25 -1.45 -5.83
N PHE A 763 -6.47 -0.58 -6.42
CA PHE A 763 -6.72 0.88 -6.51
C PHE A 763 -7.09 1.12 -7.97
N VAL A 764 -8.31 1.61 -8.17
CA VAL A 764 -8.93 1.63 -9.52
C VAL A 764 -9.57 2.99 -9.72
N SER A 765 -9.30 3.58 -10.88
CA SER A 765 -10.12 4.66 -11.51
C SER A 765 -11.45 4.08 -12.03
N THR A 766 -12.44 3.87 -11.16
CA THR A 766 -13.76 3.32 -11.55
C THR A 766 -14.88 4.04 -10.81
N GLN A 767 -16.03 4.13 -11.46
CA GLN A 767 -17.36 4.47 -10.90
C GLN A 767 -18.06 3.24 -10.29
N ASN A 768 -17.49 2.05 -10.45
CA ASN A 768 -18.21 0.80 -10.09
C ASN A 768 -17.28 -0.14 -9.34
N ALA A 769 -17.08 0.12 -8.05
CA ALA A 769 -16.16 -0.70 -7.24
C ALA A 769 -16.74 -2.11 -7.06
N MET A 770 -18.06 -2.22 -7.00
CA MET A 770 -18.75 -3.49 -6.78
C MET A 770 -18.53 -4.43 -7.97
N LYS A 771 -18.77 -3.98 -9.19
CA LYS A 771 -18.55 -4.86 -10.36
C LYS A 771 -17.05 -5.11 -10.55
N THR A 772 -16.18 -4.14 -10.28
CA THR A 772 -14.72 -4.42 -10.30
C THR A 772 -14.40 -5.62 -9.39
N GLN A 773 -14.86 -5.60 -8.13
CA GLN A 773 -14.66 -6.65 -7.13
C GLN A 773 -15.16 -8.02 -7.62
N SER A 774 -16.42 -8.08 -8.06
CA SER A 774 -17.05 -9.36 -8.46
C SER A 774 -16.41 -9.87 -9.75
N PHE A 775 -16.10 -9.01 -10.72
CA PHE A 775 -15.40 -9.43 -11.96
C PHE A 775 -13.98 -9.94 -11.65
N VAL A 776 -13.24 -9.27 -10.77
CA VAL A 776 -11.86 -9.75 -10.40
C VAL A 776 -12.01 -11.12 -9.70
N ALA A 777 -12.97 -11.23 -8.79
CA ALA A 777 -13.21 -12.48 -8.05
C ALA A 777 -13.62 -13.61 -9.01
N LYS A 778 -14.48 -13.32 -9.99
CA LYS A 778 -14.97 -14.38 -10.92
C LYS A 778 -13.81 -14.85 -11.79
N MET A 779 -12.96 -13.94 -12.23
CA MET A 779 -11.79 -14.32 -13.08
C MET A 779 -10.80 -15.16 -12.23
N LEU A 780 -10.59 -14.82 -10.95
CA LEU A 780 -9.64 -15.56 -10.06
C LEU A 780 -10.24 -16.90 -9.57
N GLY A 781 -11.57 -17.06 -9.63
CA GLY A 781 -12.34 -18.14 -8.99
C GLY A 781 -12.24 -18.13 -7.47
N VAL A 782 -12.32 -16.95 -6.82
CA VAL A 782 -12.28 -16.80 -5.34
C VAL A 782 -13.56 -16.13 -4.90
N PRO A 783 -13.98 -16.31 -3.62
CA PRO A 783 -15.13 -15.59 -3.13
C PRO A 783 -14.89 -14.08 -3.20
N VAL A 784 -15.98 -13.34 -3.34
CA VAL A 784 -15.97 -11.86 -3.42
C VAL A 784 -15.35 -11.24 -2.16
N ASN A 785 -15.56 -11.86 -0.98
CA ASN A 785 -15.01 -11.37 0.32
C ASN A 785 -13.49 -11.33 0.32
N ARG A 786 -12.78 -11.90 -0.67
CA ARG A 786 -11.28 -11.88 -0.71
C ARG A 786 -10.74 -10.63 -1.41
N ILE A 787 -11.60 -9.87 -2.08
CA ILE A 787 -11.19 -8.79 -3.02
C ILE A 787 -11.61 -7.45 -2.44
N LEU A 788 -10.67 -6.54 -2.29
CA LEU A 788 -10.90 -5.17 -1.76
C LEU A 788 -10.62 -4.20 -2.91
N VAL A 789 -11.59 -3.39 -3.27
CA VAL A 789 -11.42 -2.34 -4.31
C VAL A 789 -11.58 -1.00 -3.59
N ARG A 790 -10.63 -0.10 -3.82
CA ARG A 790 -10.51 1.24 -3.20
C ARG A 790 -10.49 2.28 -4.31
N VAL A 791 -11.39 3.26 -4.25
CA VAL A 791 -11.45 4.37 -5.24
C VAL A 791 -11.34 5.69 -4.48
N LYS A 792 -10.20 6.33 -4.57
CA LYS A 792 -10.01 7.65 -3.93
C LYS A 792 -10.78 8.69 -4.73
N ARG A 793 -10.41 8.83 -6.01
CA ARG A 793 -11.04 9.76 -6.96
C ARG A 793 -10.69 9.34 -8.39
N MET A 794 -11.46 9.84 -9.35
CA MET A 794 -11.16 9.70 -10.79
C MET A 794 -10.90 11.08 -11.36
N GLY A 795 -9.96 11.21 -12.28
CA GLY A 795 -9.86 12.45 -13.06
C GLY A 795 -10.83 12.40 -14.24
N GLY A 796 -12.13 12.33 -13.97
CA GLY A 796 -13.12 12.07 -15.01
C GLY A 796 -13.61 10.63 -15.06
N GLY A 797 -14.89 10.47 -15.32
CA GLY A 797 -15.53 9.18 -15.59
C GLY A 797 -16.58 9.31 -16.68
N PHE A 798 -17.60 10.12 -16.45
CA PHE A 798 -18.60 10.50 -17.48
C PHE A 798 -19.31 9.26 -18.08
N GLY A 799 -19.34 8.16 -17.34
CA GLY A 799 -20.01 6.92 -17.72
C GLY A 799 -19.01 5.91 -18.24
N GLY A 800 -17.88 6.40 -18.77
CA GLY A 800 -16.79 5.58 -19.32
C GLY A 800 -16.20 4.62 -18.30
N LYS A 801 -16.37 4.90 -17.01
CA LYS A 801 -15.76 4.07 -15.95
C LYS A 801 -16.87 3.36 -15.18
N GLU A 802 -18.09 3.30 -15.73
CA GLU A 802 -19.19 2.57 -15.04
C GLU A 802 -18.98 1.06 -15.20
N THR A 803 -18.49 0.59 -16.33
CA THR A 803 -18.27 -0.87 -16.52
C THR A 803 -16.89 -1.08 -17.16
N ARG A 804 -16.57 -0.27 -18.16
CA ARG A 804 -15.48 -0.63 -19.08
C ARG A 804 -14.11 -0.55 -18.37
N SER A 805 -14.03 0.07 -17.20
CA SER A 805 -12.81 0.03 -16.38
C SER A 805 -12.40 -1.43 -16.06
N THR A 806 -13.30 -2.42 -16.10
CA THR A 806 -12.97 -3.83 -15.70
C THR A 806 -12.03 -4.45 -16.73
N LEU A 807 -12.00 -3.91 -17.96
CA LEU A 807 -11.18 -4.53 -19.03
C LEU A 807 -9.74 -4.52 -18.54
N VAL A 808 -9.35 -3.40 -17.94
CA VAL A 808 -7.98 -3.19 -17.39
C VAL A 808 -7.88 -3.88 -16.01
N SER A 809 -8.84 -3.68 -15.11
CA SER A 809 -8.73 -4.19 -13.73
C SER A 809 -8.49 -5.69 -13.78
N VAL A 810 -9.21 -6.42 -14.62
CA VAL A 810 -9.17 -7.90 -14.54
C VAL A 810 -7.88 -8.38 -15.16
N ALA A 811 -7.37 -7.67 -16.18
CA ALA A 811 -6.06 -8.04 -16.77
C ALA A 811 -4.94 -7.78 -15.75
N VAL A 812 -4.99 -6.64 -15.05
CA VAL A 812 -3.94 -6.31 -14.05
C VAL A 812 -4.05 -7.26 -12.85
N ALA A 813 -5.26 -7.61 -12.42
CA ALA A 813 -5.45 -8.60 -11.34
C ALA A 813 -4.87 -9.97 -11.74
N LEU A 814 -5.03 -10.39 -13.00
CA LEU A 814 -4.47 -11.72 -13.42
C LEU A 814 -2.93 -11.68 -13.30
N ALA A 815 -2.34 -10.60 -13.75
CA ALA A 815 -0.89 -10.35 -13.71
C ALA A 815 -0.38 -10.39 -12.27
N ALA A 816 -1.10 -9.78 -11.30
CA ALA A 816 -0.72 -9.81 -9.87
C ALA A 816 -0.83 -11.25 -9.34
N TYR A 817 -1.92 -11.94 -9.66
CA TYR A 817 -2.14 -13.37 -9.31
C TYR A 817 -0.98 -14.21 -9.87
N LYS A 818 -0.64 -14.07 -11.14
CA LYS A 818 0.34 -14.99 -11.82
C LYS A 818 1.76 -14.70 -11.29
N THR A 819 2.14 -13.44 -11.11
CA THR A 819 3.52 -13.04 -10.72
C THR A 819 3.68 -13.11 -9.19
N GLY A 820 2.62 -12.91 -8.41
CA GLY A 820 2.73 -12.64 -6.98
C GLY A 820 3.32 -11.25 -6.67
N HIS A 821 3.45 -10.39 -7.68
CA HIS A 821 3.95 -9.00 -7.52
C HIS A 821 2.78 -8.03 -7.69
N PRO A 822 2.86 -6.84 -7.06
CA PRO A 822 2.06 -5.71 -7.44
C PRO A 822 2.20 -5.50 -8.95
N VAL A 823 1.09 -5.19 -9.62
CA VAL A 823 1.17 -4.77 -11.03
C VAL A 823 0.32 -3.55 -11.22
N ARG A 824 0.65 -2.76 -12.21
CA ARG A 824 -0.22 -1.60 -12.55
C ARG A 824 -0.26 -1.42 -14.05
N CYS A 825 -1.35 -0.82 -14.52
CA CYS A 825 -1.50 -0.36 -15.93
C CYS A 825 -2.28 0.94 -15.96
N MET A 826 -1.74 1.98 -16.57
CA MET A 826 -2.54 3.18 -16.94
C MET A 826 -2.56 3.26 -18.48
N LEU A 827 -3.73 3.28 -19.12
CA LEU A 827 -3.83 3.32 -20.59
C LEU A 827 -3.27 4.62 -21.14
N ASP A 828 -2.45 4.51 -22.18
CA ASP A 828 -2.19 5.66 -23.09
C ASP A 828 -3.52 6.06 -23.74
N ARG A 829 -3.66 7.36 -24.06
CA ARG A 829 -4.87 7.87 -24.71
C ARG A 829 -5.25 6.98 -25.91
N ASN A 830 -4.31 6.60 -26.77
CA ASN A 830 -4.64 5.89 -28.03
C ASN A 830 -5.23 4.51 -27.72
N GLU A 831 -4.73 3.80 -26.71
CA GLU A 831 -5.30 2.52 -26.22
C GLU A 831 -6.71 2.78 -25.67
N ASP A 832 -6.84 3.81 -24.87
CA ASP A 832 -8.12 4.15 -24.18
C ASP A 832 -9.22 4.39 -25.22
N MET A 833 -8.93 5.20 -26.23
CA MET A 833 -9.91 5.53 -27.29
C MET A 833 -10.25 4.28 -28.13
N LEU A 834 -9.28 3.44 -28.37
CA LEU A 834 -9.50 2.23 -29.20
C LEU A 834 -10.38 1.22 -28.45
N ILE A 835 -10.08 0.95 -27.18
CA ILE A 835 -10.54 -0.29 -26.47
C ILE A 835 -11.84 -0.06 -25.71
N THR A 836 -12.03 1.07 -25.03
CA THR A 836 -12.93 1.14 -23.85
C THR A 836 -14.36 1.59 -24.24
N GLY A 837 -14.60 1.84 -25.52
CA GLY A 837 -15.94 2.18 -26.01
C GLY A 837 -16.30 3.63 -25.73
N GLY A 838 -17.44 4.02 -26.29
CA GLY A 838 -17.96 5.38 -26.24
C GLY A 838 -19.47 5.41 -26.20
N ARG A 839 -19.99 6.61 -26.40
CA ARG A 839 -21.42 6.87 -26.62
C ARG A 839 -21.87 6.06 -27.84
N HIS A 840 -23.11 5.59 -27.77
CA HIS A 840 -23.71 4.85 -28.89
C HIS A 840 -24.03 5.81 -30.04
N PRO A 841 -23.52 5.57 -31.25
CA PRO A 841 -24.13 6.15 -32.44
C PRO A 841 -25.57 5.62 -32.58
N PHE A 842 -26.47 6.48 -33.02
CA PHE A 842 -27.90 6.18 -33.25
C PHE A 842 -28.24 6.56 -34.68
N LEU A 843 -28.99 5.68 -35.34
CA LEU A 843 -29.70 5.96 -36.59
C LEU A 843 -31.21 5.90 -36.30
N ALA A 844 -31.96 6.88 -36.76
CA ALA A 844 -33.42 6.95 -36.55
C ALA A 844 -34.15 7.09 -37.88
N ARG A 845 -35.26 6.39 -38.00
CA ARG A 845 -36.27 6.56 -39.07
C ARG A 845 -37.54 7.07 -38.39
N TYR A 846 -38.01 8.23 -38.82
CA TYR A 846 -39.11 8.91 -38.11
C TYR A 846 -40.20 9.36 -39.09
N LYS A 847 -41.39 9.51 -38.54
CA LYS A 847 -42.59 9.90 -39.30
C LYS A 847 -43.46 10.69 -38.34
N VAL A 848 -43.72 11.96 -38.65
CA VAL A 848 -44.43 12.86 -37.69
C VAL A 848 -45.65 13.46 -38.41
N GLY A 849 -46.81 13.31 -37.78
CA GLY A 849 -48.10 13.84 -38.24
C GLY A 849 -48.50 15.04 -37.40
N PHE A 850 -48.81 16.16 -38.05
CA PHE A 850 -49.11 17.43 -37.34
C PHE A 850 -50.19 18.24 -38.09
N MET A 851 -50.79 19.18 -37.38
CA MET A 851 -51.78 20.13 -37.92
C MET A 851 -51.06 21.35 -38.49
N LYS A 852 -51.76 22.16 -39.25
CA LYS A 852 -51.17 23.37 -39.91
C LYS A 852 -50.69 24.33 -38.83
N THR A 853 -51.27 24.25 -37.62
CA THR A 853 -50.91 25.07 -36.44
C THR A 853 -49.57 24.63 -35.82
N GLY A 854 -49.05 23.45 -36.16
CA GLY A 854 -47.81 22.91 -35.60
C GLY A 854 -48.06 21.87 -34.53
N THR A 855 -49.32 21.66 -34.13
CA THR A 855 -49.68 20.68 -33.09
C THR A 855 -49.36 19.27 -33.59
N ILE A 856 -48.68 18.48 -32.77
CA ILE A 856 -48.31 17.10 -33.17
C ILE A 856 -49.52 16.22 -32.87
N VAL A 857 -49.84 15.30 -33.79
CA VAL A 857 -50.97 14.36 -33.56
C VAL A 857 -50.48 12.91 -33.66
N ALA A 858 -49.33 12.64 -34.26
CA ALA A 858 -48.87 11.24 -34.36
C ALA A 858 -47.34 11.22 -34.50
N LEU A 859 -46.68 10.21 -33.94
CA LEU A 859 -45.21 10.11 -34.11
C LEU A 859 -44.78 8.65 -34.06
N GLU A 860 -43.98 8.25 -35.04
CA GLU A 860 -43.30 6.93 -35.03
C GLU A 860 -41.81 7.19 -35.22
N VAL A 861 -41.02 6.59 -34.34
CA VAL A 861 -39.54 6.66 -34.45
C VAL A 861 -39.03 5.25 -34.21
N ASP A 862 -38.29 4.71 -35.18
CA ASP A 862 -37.47 3.49 -35.05
C ASP A 862 -36.01 3.89 -34.76
N HIS A 863 -35.48 3.48 -33.61
CA HIS A 863 -34.11 3.80 -33.12
C HIS A 863 -33.22 2.58 -33.36
N TYR A 864 -32.02 2.79 -33.88
CA TYR A 864 -30.98 1.73 -33.99
C TYR A 864 -29.66 2.27 -33.40
N SER A 865 -29.09 1.55 -32.45
CA SER A 865 -27.81 1.92 -31.81
C SER A 865 -26.71 0.99 -32.31
N ASN A 866 -25.51 1.52 -32.47
CA ASN A 866 -24.33 0.68 -32.76
C ASN A 866 -23.79 0.24 -31.39
N ALA A 867 -24.01 -1.02 -31.00
CA ALA A 867 -23.73 -1.54 -29.63
C ALA A 867 -22.29 -2.07 -29.53
N GLY A 868 -21.71 -2.43 -30.66
CA GLY A 868 -20.40 -3.11 -30.71
C GLY A 868 -20.49 -4.57 -30.29
N ASN A 869 -19.38 -5.10 -29.78
CA ASN A 869 -19.13 -6.57 -29.68
C ASN A 869 -19.56 -7.17 -28.32
N SER A 870 -20.26 -6.44 -27.46
CA SER A 870 -20.94 -7.04 -26.28
C SER A 870 -22.18 -6.25 -25.92
N ARG A 871 -23.03 -6.81 -25.10
CA ARG A 871 -24.25 -6.13 -24.61
C ARG A 871 -23.84 -4.92 -23.76
N ASP A 872 -23.10 -5.15 -22.67
CA ASP A 872 -22.77 -4.10 -21.67
C ASP A 872 -24.06 -3.35 -21.31
N LEU A 873 -24.08 -2.02 -21.34
CA LEU A 873 -25.27 -1.25 -20.90
C LEU A 873 -26.19 -0.87 -22.08
N SER A 874 -26.03 -1.46 -23.26
CA SER A 874 -26.71 -1.01 -24.52
C SER A 874 -28.23 -1.10 -24.38
N HIS A 875 -28.73 -2.09 -23.63
CA HIS A 875 -30.19 -2.34 -23.50
C HIS A 875 -30.81 -1.24 -22.65
N SER A 876 -30.24 -0.95 -21.50
CA SER A 876 -30.70 0.12 -20.59
C SER A 876 -30.60 1.52 -21.26
N ILE A 877 -29.58 1.73 -22.07
CA ILE A 877 -29.38 2.99 -22.82
C ILE A 877 -30.54 3.19 -23.85
N MET A 878 -30.91 2.14 -24.54
CA MET A 878 -32.05 2.16 -25.48
C MET A 878 -33.37 2.37 -24.72
N GLU A 879 -33.55 1.77 -23.54
CA GLU A 879 -34.73 2.06 -22.70
C GLU A 879 -34.83 3.55 -22.37
N ARG A 880 -33.75 4.18 -21.90
CA ARG A 880 -33.75 5.64 -21.59
C ARG A 880 -33.97 6.47 -22.87
N ALA A 881 -33.45 6.04 -24.03
CA ALA A 881 -33.71 6.72 -25.32
C ALA A 881 -35.24 6.74 -25.55
N LEU A 882 -35.89 5.59 -25.42
CA LEU A 882 -37.36 5.46 -25.62
C LEU A 882 -38.08 6.30 -24.59
N PHE A 883 -37.57 6.46 -23.36
CA PHE A 883 -38.26 7.25 -22.30
C PHE A 883 -38.08 8.76 -22.57
N HIS A 884 -37.17 9.14 -23.47
CA HIS A 884 -36.93 10.58 -23.78
C HIS A 884 -37.27 10.96 -25.21
N MET A 885 -37.92 10.10 -26.01
CA MET A 885 -38.33 10.43 -27.40
C MET A 885 -39.39 11.54 -27.44
N ASP A 886 -40.01 11.88 -26.31
CA ASP A 886 -41.05 12.96 -26.22
C ASP A 886 -40.40 14.33 -25.99
N ASN A 887 -39.18 14.38 -25.47
CA ASN A 887 -38.59 15.60 -24.88
C ASN A 887 -39.65 16.23 -23.95
N CYS A 888 -40.09 17.45 -24.21
CA CYS A 888 -41.07 18.18 -23.36
C CYS A 888 -42.43 18.29 -24.05
N TYR A 889 -42.75 17.38 -24.98
CA TYR A 889 -43.92 17.54 -25.91
C TYR A 889 -44.99 16.44 -25.70
N LYS A 890 -46.25 16.87 -25.59
CA LYS A 890 -47.41 15.94 -25.49
C LYS A 890 -47.74 15.44 -26.90
N ILE A 891 -47.62 14.13 -27.09
CA ILE A 891 -47.89 13.45 -28.38
C ILE A 891 -48.92 12.35 -28.12
N PRO A 892 -50.20 12.56 -28.48
CA PRO A 892 -51.27 11.64 -28.07
C PRO A 892 -51.15 10.26 -28.72
N ASN A 893 -50.60 10.18 -29.93
CA ASN A 893 -50.44 8.89 -30.65
C ASN A 893 -48.96 8.73 -30.96
N ILE A 894 -48.32 7.71 -30.39
CA ILE A 894 -46.84 7.59 -30.37
C ILE A 894 -46.42 6.12 -30.30
N ARG A 895 -45.49 5.81 -31.17
CA ARG A 895 -44.82 4.49 -31.22
C ARG A 895 -43.32 4.73 -31.37
N GLY A 896 -42.55 4.29 -30.39
CA GLY A 896 -41.08 4.28 -30.49
C GLY A 896 -40.55 2.88 -30.41
N THR A 897 -39.64 2.51 -31.32
CA THR A 897 -38.95 1.21 -31.25
C THR A 897 -37.44 1.43 -31.14
N GLY A 898 -36.75 0.41 -30.66
CA GLY A 898 -35.30 0.41 -30.48
C GLY A 898 -34.73 -0.95 -30.83
N ARG A 899 -33.65 -0.95 -31.61
CA ARG A 899 -32.86 -2.16 -31.87
C ARG A 899 -31.38 -1.90 -31.50
N LEU A 900 -30.75 -2.88 -30.86
CA LEU A 900 -29.30 -2.89 -30.54
C LEU A 900 -28.59 -3.66 -31.66
N CYS A 901 -27.76 -2.97 -32.45
CA CYS A 901 -26.94 -3.57 -33.52
C CYS A 901 -25.71 -4.20 -32.92
N LYS A 902 -25.53 -5.47 -33.23
CA LYS A 902 -24.36 -6.28 -32.79
C LYS A 902 -23.30 -6.20 -33.89
N THR A 903 -22.13 -5.64 -33.59
CA THR A 903 -21.13 -5.23 -34.60
C THR A 903 -19.72 -5.57 -34.13
N ASN A 904 -18.78 -5.63 -35.07
CA ASN A 904 -17.36 -5.90 -34.81
C ASN A 904 -16.65 -4.57 -34.49
N LEU A 905 -17.18 -3.84 -33.51
CA LEU A 905 -16.57 -2.60 -32.95
C LEU A 905 -16.43 -2.79 -31.44
N SER A 906 -15.47 -2.12 -30.81
CA SER A 906 -15.44 -2.07 -29.33
C SER A 906 -16.87 -1.83 -28.84
N SER A 907 -17.21 -2.45 -27.72
CA SER A 907 -18.53 -2.39 -27.08
C SER A 907 -18.77 -0.97 -26.59
N ASN A 908 -19.89 -0.34 -26.95
CA ASN A 908 -20.24 1.03 -26.48
C ASN A 908 -20.99 0.95 -25.15
N THR A 909 -21.01 2.05 -24.38
CA THR A 909 -21.31 1.98 -22.96
C THR A 909 -22.01 3.27 -22.54
N ALA A 910 -22.12 3.46 -21.24
CA ALA A 910 -22.62 4.70 -20.63
C ALA A 910 -21.78 5.89 -21.07
N PHE A 911 -22.45 6.99 -21.39
CA PHE A 911 -21.85 8.32 -21.56
C PHE A 911 -22.91 9.32 -21.09
N ARG A 912 -22.54 10.14 -20.12
CA ARG A 912 -23.33 11.28 -19.59
C ARG A 912 -24.59 11.49 -20.46
N GLY A 913 -25.75 11.11 -19.95
CA GLY A 913 -27.01 11.19 -20.70
C GLY A 913 -27.60 9.81 -21.01
N PHE A 914 -26.74 8.82 -21.31
CA PHE A 914 -27.12 7.38 -21.28
C PHE A 914 -28.31 7.13 -22.23
N GLY A 915 -28.20 7.48 -23.52
CA GLY A 915 -29.28 7.27 -24.53
C GLY A 915 -30.26 8.44 -24.58
N GLY A 916 -30.34 9.24 -23.53
CA GLY A 916 -31.20 10.42 -23.45
C GLY A 916 -30.88 11.42 -24.54
N PRO A 917 -29.63 11.93 -24.60
CA PRO A 917 -29.25 12.90 -25.61
C PRO A 917 -29.54 12.51 -27.07
N GLN A 918 -29.36 11.24 -27.45
CA GLN A 918 -29.66 10.75 -28.82
C GLN A 918 -31.17 10.91 -29.09
N ALA A 919 -32.01 10.50 -28.17
CA ALA A 919 -33.47 10.44 -28.39
C ALA A 919 -34.00 11.88 -28.37
N LEU A 920 -33.44 12.71 -27.49
CA LEU A 920 -33.84 14.13 -27.39
C LEU A 920 -33.47 14.88 -28.68
N PHE A 921 -32.30 14.55 -29.24
CA PHE A 921 -31.81 15.17 -30.50
C PHE A 921 -32.76 14.80 -31.66
N ILE A 922 -33.12 13.51 -31.79
CA ILE A 922 -34.10 13.02 -32.78
C ILE A 922 -35.42 13.76 -32.64
N ALA A 923 -35.91 13.94 -31.41
CA ALA A 923 -37.15 14.72 -31.10
C ALA A 923 -37.05 16.15 -31.64
N GLU A 924 -36.00 16.88 -31.26
CA GLU A 924 -35.93 18.33 -31.60
C GLU A 924 -35.68 18.50 -33.11
N ASN A 925 -35.10 17.49 -33.76
CA ASN A 925 -34.88 17.49 -35.23
C ASN A 925 -36.26 17.44 -35.93
N TRP A 926 -37.16 16.55 -35.56
CA TRP A 926 -38.47 16.53 -36.25
C TRP A 926 -39.31 17.73 -35.81
N MET A 927 -39.18 18.18 -34.55
CA MET A 927 -39.90 19.40 -34.08
C MET A 927 -39.47 20.59 -34.94
N SER A 928 -38.18 20.74 -35.19
CA SER A 928 -37.60 21.85 -35.99
C SER A 928 -38.18 21.78 -37.41
N GLU A 929 -38.38 20.58 -37.94
CA GLU A 929 -38.94 20.35 -39.29
C GLU A 929 -40.45 20.67 -39.33
N VAL A 930 -41.18 20.45 -38.24
CA VAL A 930 -42.62 20.81 -38.13
C VAL A 930 -42.77 22.34 -38.26
N ALA A 931 -41.96 23.11 -37.55
CA ALA A 931 -42.02 24.59 -37.55
C ALA A 931 -41.69 25.11 -38.96
N VAL A 932 -40.66 24.57 -39.61
CA VAL A 932 -40.29 24.99 -41.01
C VAL A 932 -41.46 24.67 -41.95
N THR A 933 -42.00 23.45 -41.88
CA THR A 933 -43.09 22.98 -42.76
C THR A 933 -44.32 23.86 -42.56
N CYS A 934 -44.62 24.27 -41.32
CA CYS A 934 -45.82 25.07 -40.97
C CYS A 934 -45.61 26.54 -41.30
N GLY A 935 -44.37 27.00 -41.48
CA GLY A 935 -44.07 28.43 -41.68
C GLY A 935 -44.29 29.22 -40.41
N LEU A 936 -44.07 28.58 -39.26
CA LEU A 936 -44.31 29.22 -37.94
C LEU A 936 -43.00 29.37 -37.17
N PRO A 937 -42.88 30.42 -36.32
CA PRO A 937 -41.73 30.57 -35.45
C PRO A 937 -41.59 29.31 -34.61
N ALA A 938 -40.37 28.79 -34.50
CA ALA A 938 -40.09 27.50 -33.83
C ALA A 938 -40.48 27.59 -32.34
N GLU A 939 -40.27 28.72 -31.67
CA GLU A 939 -40.61 28.84 -30.22
C GLU A 939 -42.14 28.71 -30.03
N GLU A 940 -42.96 29.18 -30.97
CA GLU A 940 -44.44 29.05 -30.86
C GLU A 940 -44.83 27.59 -31.00
N VAL A 941 -44.22 26.89 -31.94
CA VAL A 941 -44.59 25.47 -32.19
C VAL A 941 -44.16 24.63 -31.01
N ARG A 942 -43.02 24.94 -30.39
CA ARG A 942 -42.49 24.20 -29.21
C ARG A 942 -43.43 24.46 -28.04
N TRP A 943 -43.76 25.73 -27.81
CA TRP A 943 -44.60 26.15 -26.66
C TRP A 943 -45.96 25.45 -26.72
N LYS A 944 -46.61 25.48 -27.89
CA LYS A 944 -48.01 25.00 -28.01
C LYS A 944 -48.02 23.46 -27.92
N ASN A 945 -46.89 22.78 -28.10
CA ASN A 945 -46.83 21.30 -27.99
C ASN A 945 -46.39 20.85 -26.60
N MET A 946 -45.94 21.78 -25.76
CA MET A 946 -45.28 21.48 -24.45
C MET A 946 -46.31 20.81 -23.55
N TYR A 947 -45.94 19.74 -22.85
CA TYR A 947 -46.72 19.25 -21.68
C TYR A 947 -47.14 20.42 -20.77
N LYS A 948 -48.23 20.17 -20.04
CA LYS A 948 -48.73 20.98 -18.90
C LYS A 948 -48.60 20.14 -17.62
N GLU A 949 -48.52 20.83 -16.48
CA GLU A 949 -48.57 20.23 -15.13
C GLU A 949 -49.63 19.13 -15.05
N GLY A 950 -49.26 17.92 -14.62
CA GLY A 950 -50.21 16.82 -14.39
C GLY A 950 -50.40 15.96 -15.62
N ASP A 951 -49.87 16.33 -16.79
CA ASP A 951 -49.93 15.48 -17.99
C ASP A 951 -49.24 14.15 -17.72
N LEU A 952 -49.60 13.13 -18.50
CA LEU A 952 -48.91 11.82 -18.53
C LEU A 952 -47.97 11.85 -19.72
N THR A 953 -46.78 11.29 -19.54
CA THR A 953 -45.82 11.04 -20.63
C THR A 953 -46.38 9.89 -21.48
N HIS A 954 -45.67 9.58 -22.54
CA HIS A 954 -45.99 8.43 -23.43
C HIS A 954 -45.80 7.13 -22.65
N PHE A 955 -45.07 7.13 -21.54
CA PHE A 955 -44.94 5.93 -20.67
C PHE A 955 -45.83 6.07 -19.41
N ASN A 956 -46.82 6.95 -19.45
CA ASN A 956 -47.96 7.02 -18.49
C ASN A 956 -47.43 7.48 -17.13
N GLN A 957 -46.33 8.24 -17.10
CA GLN A 957 -45.92 8.78 -15.81
C GLN A 957 -46.44 10.21 -15.69
N ARG A 958 -46.96 10.55 -14.52
CA ARG A 958 -47.52 11.89 -14.24
C ARG A 958 -46.40 12.91 -14.00
N LEU A 959 -46.45 14.04 -14.71
CA LEU A 959 -45.49 15.15 -14.58
C LEU A 959 -45.95 16.08 -13.47
N GLU A 960 -45.35 15.95 -12.29
CA GLU A 960 -45.67 16.76 -11.08
C GLU A 960 -44.51 17.70 -10.82
N GLY A 961 -44.81 18.97 -10.52
CA GLY A 961 -43.82 20.04 -10.47
C GLY A 961 -43.12 20.19 -11.81
N PHE A 962 -43.88 20.22 -12.90
CA PHE A 962 -43.34 20.37 -14.28
C PHE A 962 -42.94 21.84 -14.46
N SER A 963 -41.64 22.17 -14.38
CA SER A 963 -41.16 23.56 -14.29
C SER A 963 -40.69 24.08 -15.67
N VAL A 964 -40.74 23.28 -16.72
CA VAL A 964 -40.30 23.72 -18.09
C VAL A 964 -40.92 25.08 -18.41
N PRO A 965 -42.27 25.29 -18.27
CA PRO A 965 -42.88 26.59 -18.56
C PRO A 965 -42.23 27.79 -17.85
N ARG A 966 -41.87 27.66 -16.56
CA ARG A 966 -41.16 28.76 -15.86
C ARG A 966 -39.76 28.93 -16.44
N CYS A 967 -39.04 27.84 -16.71
CA CYS A 967 -37.66 27.95 -17.26
C CYS A 967 -37.72 28.64 -18.62
N TRP A 968 -38.73 28.29 -19.40
CA TRP A 968 -38.93 28.78 -20.78
C TRP A 968 -39.26 30.30 -20.77
N ASP A 969 -40.26 30.70 -20.01
CA ASP A 969 -40.65 32.14 -19.93
C ASP A 969 -39.48 32.93 -19.34
N GLU A 970 -38.81 32.43 -18.32
CA GLU A 970 -37.67 33.19 -17.74
C GLU A 970 -36.50 33.24 -18.74
N CYS A 971 -36.19 32.14 -19.43
CA CYS A 971 -35.08 32.13 -20.41
C CYS A 971 -35.41 33.04 -21.60
N LEU A 972 -36.65 33.06 -22.09
CA LEU A 972 -37.09 34.01 -23.18
C LEU A 972 -36.82 35.44 -22.73
N LYS A 973 -37.18 35.75 -21.47
CA LYS A 973 -37.09 37.14 -20.98
C LYS A 973 -35.60 37.54 -20.81
N SER A 974 -34.80 36.77 -20.06
CA SER A 974 -33.44 37.19 -19.64
C SER A 974 -32.48 37.11 -20.83
N SER A 975 -32.76 36.24 -21.81
CA SER A 975 -31.97 36.09 -23.07
C SER A 975 -32.36 37.18 -24.07
N GLN A 976 -33.45 37.92 -23.83
CA GLN A 976 -33.98 38.94 -24.78
C GLN A 976 -34.22 38.28 -26.14
N TYR A 977 -34.76 37.06 -26.13
CA TYR A 977 -34.88 36.24 -27.35
C TYR A 977 -35.56 37.04 -28.49
N TYR A 978 -36.70 37.66 -28.23
CA TYR A 978 -37.53 38.31 -29.28
C TYR A 978 -36.74 39.46 -29.92
N ALA A 979 -36.13 40.33 -29.11
CA ALA A 979 -35.31 41.46 -29.60
C ALA A 979 -34.12 40.90 -30.38
N ARG A 980 -33.56 39.77 -29.97
CA ARG A 980 -32.34 39.23 -30.66
C ARG A 980 -32.72 38.52 -31.96
N LYS A 981 -33.92 37.94 -32.06
CA LYS A 981 -34.41 37.36 -33.34
C LYS A 981 -34.42 38.46 -34.45
N SER A 982 -34.82 39.70 -34.16
CA SER A 982 -34.83 40.75 -35.22
C SER A 982 -33.40 41.22 -35.52
N GLU A 983 -32.50 41.27 -34.53
CA GLU A 983 -31.07 41.59 -34.77
C GLU A 983 -30.47 40.48 -35.66
N VAL A 984 -30.81 39.21 -35.42
CA VAL A 984 -30.32 38.08 -36.27
C VAL A 984 -30.74 38.31 -37.73
N ASP A 985 -32.03 38.60 -37.98
CA ASP A 985 -32.61 38.81 -39.33
C ASP A 985 -31.90 39.97 -40.02
N LYS A 986 -31.60 41.02 -39.27
CA LYS A 986 -30.91 42.22 -39.81
C LYS A 986 -29.48 41.85 -40.25
N PHE A 987 -28.74 41.14 -39.41
CA PHE A 987 -27.36 40.68 -39.73
C PHE A 987 -27.41 39.84 -41.02
N ASN A 988 -28.41 38.97 -41.16
CA ASN A 988 -28.50 38.02 -42.31
C ASN A 988 -28.79 38.78 -43.60
N LYS A 989 -29.53 39.89 -43.52
CA LYS A 989 -29.80 40.73 -44.71
C LYS A 989 -28.52 41.47 -45.08
N GLU A 990 -27.70 41.86 -44.10
CA GLU A 990 -26.49 42.71 -44.30
C GLU A 990 -25.26 41.87 -44.59
N ASN A 991 -25.38 40.54 -44.62
CA ASN A 991 -24.17 39.69 -44.71
C ASN A 991 -24.49 38.54 -45.65
N CYS A 992 -23.68 38.42 -46.70
CA CYS A 992 -23.79 37.40 -47.75
C CYS A 992 -23.07 36.10 -47.36
N TRP A 993 -21.90 36.20 -46.70
CA TRP A 993 -20.94 35.07 -46.55
C TRP A 993 -20.76 34.72 -45.07
N LYS A 994 -21.53 35.35 -44.20
CA LYS A 994 -21.66 34.98 -42.76
C LYS A 994 -23.15 35.03 -42.45
N LYS A 995 -23.62 34.19 -41.53
CA LYS A 995 -25.04 34.17 -41.11
C LYS A 995 -25.10 33.84 -39.63
N ARG A 996 -26.14 34.35 -38.99
CA ARG A 996 -26.43 34.12 -37.57
C ARG A 996 -27.66 33.22 -37.46
N GLY A 997 -27.67 32.45 -36.38
CA GLY A 997 -28.79 31.56 -36.02
C GLY A 997 -29.05 31.66 -34.54
N LEU A 998 -30.30 31.48 -34.16
CA LEU A 998 -30.80 31.61 -32.78
C LEU A 998 -31.77 30.45 -32.58
N CYS A 999 -31.68 29.75 -31.46
CA CYS A 999 -32.65 28.70 -31.11
C CYS A 999 -32.80 28.61 -29.59
N ILE A 1000 -33.98 28.29 -29.13
CA ILE A 1000 -34.25 28.05 -27.70
C ILE A 1000 -34.91 26.68 -27.61
N ILE A 1001 -34.31 25.76 -26.86
CA ILE A 1001 -34.87 24.39 -26.71
C ILE A 1001 -35.02 24.07 -25.22
N PRO A 1002 -36.05 23.28 -24.86
CA PRO A 1002 -36.21 22.80 -23.51
C PRO A 1002 -35.65 21.37 -23.41
N THR A 1003 -35.55 20.88 -22.19
CA THR A 1003 -35.31 19.46 -21.92
C THR A 1003 -35.95 19.08 -20.59
N LYS A 1004 -36.17 17.78 -20.47
CA LYS A 1004 -36.48 17.08 -19.23
C LYS A 1004 -35.69 15.78 -19.25
N PHE A 1005 -35.28 15.37 -18.06
CA PHE A 1005 -34.42 14.20 -17.85
C PHE A 1005 -35.00 13.45 -16.66
N GLY A 1006 -35.34 12.17 -16.88
CA GLY A 1006 -35.89 11.29 -15.85
C GLY A 1006 -34.81 10.89 -14.87
N ILE A 1007 -35.08 11.04 -13.58
CA ILE A 1007 -34.08 10.80 -12.53
C ILE A 1007 -34.36 9.46 -11.81
N SER A 1008 -33.48 8.49 -12.04
CA SER A 1008 -33.42 7.15 -11.40
C SER A 1008 -32.73 6.19 -12.35
N PHE A 1009 -32.14 5.15 -11.82
CA PHE A 1009 -31.74 3.97 -12.64
C PHE A 1009 -33.04 3.35 -13.17
N THR A 1010 -33.02 3.06 -14.46
CA THR A 1010 -34.10 2.29 -15.15
C THR A 1010 -34.10 0.86 -14.63
N VAL A 1011 -32.99 0.38 -14.09
CA VAL A 1011 -32.94 -0.95 -13.40
C VAL A 1011 -33.36 -0.73 -11.95
N PRO A 1012 -34.59 -1.10 -11.55
CA PRO A 1012 -35.07 -0.74 -10.22
C PRO A 1012 -34.09 -1.10 -9.10
N PHE A 1013 -33.43 -2.25 -9.14
CA PHE A 1013 -32.65 -2.71 -7.96
C PHE A 1013 -31.42 -1.82 -7.75
N LEU A 1014 -31.01 -1.01 -8.72
CA LEU A 1014 -29.81 -0.15 -8.56
C LEU A 1014 -30.16 1.07 -7.72
N ASN A 1015 -31.45 1.38 -7.48
CA ASN A 1015 -31.86 2.60 -6.72
C ASN A 1015 -31.75 2.31 -5.22
N GLN A 1016 -30.52 2.06 -4.77
CA GLN A 1016 -30.22 1.70 -3.38
C GLN A 1016 -28.83 2.28 -3.07
N ALA A 1017 -28.64 2.70 -1.83
CA ALA A 1017 -27.46 3.46 -1.34
C ALA A 1017 -27.20 3.15 0.14
N GLY A 1018 -25.92 2.91 0.47
CA GLY A 1018 -25.45 2.65 1.83
C GLY A 1018 -24.43 3.69 2.23
N ALA A 1019 -24.38 4.02 3.52
CA ALA A 1019 -23.33 4.82 4.15
C ALA A 1019 -22.85 4.12 5.41
N LEU A 1020 -21.65 4.50 5.87
CA LEU A 1020 -21.03 4.02 7.12
C LEU A 1020 -20.45 5.26 7.81
N ILE A 1021 -20.87 5.57 9.02
CA ILE A 1021 -20.34 6.78 9.70
C ILE A 1021 -19.74 6.37 11.03
N HIS A 1022 -18.53 6.86 11.29
CA HIS A 1022 -17.82 6.68 12.59
C HIS A 1022 -17.62 8.07 13.19
N VAL A 1023 -17.94 8.22 14.46
CA VAL A 1023 -17.49 9.40 15.27
C VAL A 1023 -16.37 8.92 16.19
N TYR A 1024 -15.17 9.47 16.03
CA TYR A 1024 -13.99 9.14 16.86
C TYR A 1024 -14.07 9.92 18.17
N THR A 1025 -13.31 9.50 19.17
CA THR A 1025 -13.46 10.05 20.55
C THR A 1025 -12.99 11.52 20.63
N ASP A 1026 -12.39 12.07 19.58
CA ASP A 1026 -12.09 13.52 19.56
C ASP A 1026 -13.29 14.28 18.97
N GLY A 1027 -14.36 13.59 18.58
CA GLY A 1027 -15.54 14.20 17.93
C GLY A 1027 -15.38 14.36 16.42
N SER A 1028 -14.23 14.05 15.85
CA SER A 1028 -14.06 14.07 14.37
C SER A 1028 -14.87 12.90 13.76
N VAL A 1029 -15.45 13.14 12.59
CA VAL A 1029 -16.39 12.21 11.92
C VAL A 1029 -15.77 11.73 10.61
N LEU A 1030 -15.77 10.43 10.40
CA LEU A 1030 -15.35 9.81 9.12
C LEU A 1030 -16.59 9.27 8.43
N VAL A 1031 -16.94 9.86 7.29
CA VAL A 1031 -18.10 9.38 6.48
C VAL A 1031 -17.59 8.48 5.35
N SER A 1032 -18.25 7.35 5.14
CA SER A 1032 -17.98 6.50 3.96
C SER A 1032 -19.32 6.24 3.28
N HIS A 1033 -19.41 6.31 1.96
CA HIS A 1033 -20.66 5.96 1.26
C HIS A 1033 -20.33 5.18 0.00
N GLY A 1034 -21.34 4.64 -0.67
CA GLY A 1034 -21.13 3.87 -1.90
C GLY A 1034 -20.69 4.69 -3.09
N GLY A 1035 -20.82 6.02 -3.07
CA GLY A 1035 -20.55 6.85 -4.25
C GLY A 1035 -19.08 7.18 -4.39
N THR A 1036 -18.65 7.47 -5.62
CA THR A 1036 -17.25 7.77 -5.95
C THR A 1036 -17.17 9.21 -6.44
N GLU A 1037 -15.99 9.82 -6.30
CA GLU A 1037 -15.76 11.20 -6.73
C GLU A 1037 -15.02 11.19 -8.08
N MET A 1038 -15.60 11.86 -9.09
CA MET A 1038 -15.01 11.95 -10.44
C MET A 1038 -14.97 13.41 -10.85
N GLY A 1039 -15.13 14.32 -9.89
CA GLY A 1039 -15.08 15.77 -10.11
C GLY A 1039 -16.42 16.44 -9.90
N GLN A 1040 -17.50 15.64 -9.73
CA GLN A 1040 -18.88 16.15 -9.61
C GLN A 1040 -19.15 16.75 -8.22
N GLY A 1041 -18.21 16.66 -7.29
CA GLY A 1041 -18.36 17.26 -5.95
C GLY A 1041 -19.29 16.46 -5.06
N LEU A 1042 -19.45 15.14 -5.29
CA LEU A 1042 -20.28 14.27 -4.44
C LEU A 1042 -19.78 14.28 -2.97
N HIS A 1043 -18.51 14.02 -2.70
CA HIS A 1043 -18.01 14.01 -1.32
C HIS A 1043 -18.27 15.38 -0.69
N THR A 1044 -18.06 16.47 -1.42
CA THR A 1044 -18.36 17.83 -0.90
C THR A 1044 -19.82 17.88 -0.46
N LYS A 1045 -20.73 17.43 -1.32
CA LYS A 1045 -22.18 17.56 -1.01
C LYS A 1045 -22.55 16.68 0.18
N MET A 1046 -21.97 15.50 0.27
CA MET A 1046 -22.20 14.55 1.38
C MET A 1046 -21.66 15.14 2.68
N VAL A 1047 -20.53 15.85 2.67
CA VAL A 1047 -20.00 16.55 3.86
C VAL A 1047 -20.99 17.67 4.22
N GLN A 1048 -21.49 18.41 3.24
CA GLN A 1048 -22.45 19.52 3.51
C GLN A 1048 -23.69 18.92 4.16
N VAL A 1049 -24.12 17.74 3.69
CA VAL A 1049 -25.35 17.07 4.16
C VAL A 1049 -25.14 16.58 5.62
N ALA A 1050 -24.04 15.89 5.90
CA ALA A 1050 -23.72 15.39 7.26
C ALA A 1050 -23.58 16.54 8.26
N SER A 1051 -22.91 17.63 7.88
CA SER A 1051 -22.74 18.87 8.69
C SER A 1051 -24.11 19.47 9.07
N LYS A 1052 -25.03 19.59 8.11
CA LYS A 1052 -26.40 20.10 8.41
C LYS A 1052 -27.12 19.12 9.33
N ALA A 1053 -27.14 17.82 9.00
CA ALA A 1053 -27.91 16.80 9.73
C ALA A 1053 -27.44 16.72 11.18
N LEU A 1054 -26.13 16.80 11.41
CA LEU A 1054 -25.52 16.61 12.74
C LEU A 1054 -25.46 17.95 13.49
N LYS A 1055 -25.60 19.07 12.77
CA LYS A 1055 -25.46 20.47 13.29
C LYS A 1055 -24.03 20.66 13.84
N ILE A 1056 -23.03 20.29 13.04
CA ILE A 1056 -21.60 20.54 13.37
C ILE A 1056 -20.96 21.10 12.11
N PRO A 1057 -19.86 21.82 12.24
CA PRO A 1057 -19.20 22.40 11.07
C PRO A 1057 -18.59 21.30 10.18
N ILE A 1058 -18.50 21.61 8.88
CA ILE A 1058 -17.90 20.71 7.84
C ILE A 1058 -16.45 20.37 8.23
N SER A 1059 -15.79 21.28 8.95
CA SER A 1059 -14.38 21.12 9.39
C SER A 1059 -14.23 19.86 10.24
N LYS A 1060 -15.30 19.39 10.88
CA LYS A 1060 -15.22 18.19 11.75
C LYS A 1060 -15.51 16.90 10.99
N ILE A 1061 -15.83 16.97 9.70
CA ILE A 1061 -16.28 15.79 8.90
C ILE A 1061 -15.30 15.58 7.76
N TYR A 1062 -14.98 14.31 7.47
CA TYR A 1062 -14.01 13.92 6.43
C TYR A 1062 -14.52 12.70 5.70
N ILE A 1063 -14.33 12.69 4.40
CA ILE A 1063 -14.50 11.51 3.53
C ILE A 1063 -13.15 11.26 2.87
N SER A 1064 -12.60 10.07 3.12
CA SER A 1064 -11.27 9.64 2.63
C SER A 1064 -11.45 9.03 1.24
N GLU A 1065 -12.33 8.05 1.10
CA GLU A 1065 -12.36 7.27 -0.15
C GLU A 1065 -13.62 6.41 -0.19
N THR A 1066 -13.75 5.69 -1.29
CA THR A 1066 -14.82 4.67 -1.47
C THR A 1066 -14.14 3.31 -1.37
N SER A 1067 -14.71 2.34 -0.65
CA SER A 1067 -14.11 1.01 -0.56
C SER A 1067 -15.16 -0.06 -0.32
N THR A 1068 -14.94 -1.22 -0.89
CA THR A 1068 -15.92 -2.34 -0.84
C THR A 1068 -15.93 -2.97 0.56
N ASN A 1069 -14.98 -2.67 1.46
CA ASN A 1069 -14.98 -3.22 2.84
C ASN A 1069 -15.60 -2.21 3.86
N THR A 1070 -16.12 -1.07 3.40
CA THR A 1070 -16.86 -0.09 4.25
C THR A 1070 -18.34 -0.08 3.86
N VAL A 1071 -18.63 0.07 2.57
CA VAL A 1071 -20.01 -0.05 2.01
C VAL A 1071 -20.04 -1.06 0.87
N PRO A 1072 -20.70 -2.22 1.09
CA PRO A 1072 -20.72 -3.29 0.09
C PRO A 1072 -21.91 -3.18 -0.87
N ASN A 1073 -21.83 -3.88 -1.98
CA ASN A 1073 -22.93 -4.11 -2.96
C ASN A 1073 -23.43 -2.75 -3.50
N SER A 1074 -22.52 -1.80 -3.75
CA SER A 1074 -22.89 -0.43 -4.18
C SER A 1074 -23.25 -0.45 -5.67
N SER A 1075 -24.27 0.32 -6.03
CA SER A 1075 -24.58 0.64 -7.45
C SER A 1075 -23.42 1.46 -7.99
N PRO A 1076 -23.16 1.41 -9.30
CA PRO A 1076 -22.19 2.34 -9.90
C PRO A 1076 -22.62 3.78 -9.60
N THR A 1077 -21.67 4.69 -9.48
CA THR A 1077 -21.91 6.13 -9.32
C THR A 1077 -22.40 6.62 -10.66
N ALA A 1078 -23.70 6.70 -10.85
CA ALA A 1078 -24.30 6.79 -12.18
C ALA A 1078 -25.75 7.30 -12.09
N ALA A 1079 -26.29 7.71 -13.24
CA ALA A 1079 -27.70 8.09 -13.45
C ALA A 1079 -27.97 9.42 -12.75
N SER A 1080 -26.94 10.17 -12.35
CA SER A 1080 -27.10 11.51 -11.73
C SER A 1080 -27.77 11.40 -10.36
N VAL A 1081 -27.92 10.20 -9.76
CA VAL A 1081 -28.79 10.05 -8.54
C VAL A 1081 -27.96 10.00 -7.29
N SER A 1082 -26.62 10.15 -7.38
CA SER A 1082 -25.71 9.81 -6.25
C SER A 1082 -25.98 10.73 -5.05
N THR A 1083 -26.18 12.04 -5.28
CA THR A 1083 -26.44 13.03 -4.21
C THR A 1083 -27.74 12.64 -3.51
N ASP A 1084 -28.77 12.34 -4.28
CA ASP A 1084 -30.12 11.94 -3.80
C ASP A 1084 -29.99 10.71 -2.88
N ILE A 1085 -29.35 9.64 -3.38
CA ILE A 1085 -29.41 8.34 -2.67
C ILE A 1085 -28.32 8.27 -1.57
N TYR A 1086 -27.08 8.67 -1.82
CA TYR A 1086 -26.03 8.70 -0.74
C TYR A 1086 -26.38 9.81 0.27
N GLY A 1087 -26.98 10.91 -0.20
CA GLY A 1087 -27.46 11.95 0.73
C GLY A 1087 -28.45 11.41 1.74
N GLN A 1088 -29.39 10.56 1.31
CA GLN A 1088 -30.37 9.96 2.24
C GLN A 1088 -29.65 8.97 3.15
N ALA A 1089 -28.78 8.12 2.62
CA ALA A 1089 -28.10 7.10 3.44
C ALA A 1089 -27.26 7.81 4.51
N VAL A 1090 -26.53 8.85 4.13
CA VAL A 1090 -25.70 9.64 5.08
C VAL A 1090 -26.65 10.27 6.13
N TYR A 1091 -27.76 10.84 5.66
CA TYR A 1091 -28.74 11.53 6.55
C TYR A 1091 -29.24 10.56 7.62
N GLU A 1092 -29.61 9.35 7.21
CA GLU A 1092 -30.16 8.30 8.12
C GLU A 1092 -29.08 7.85 9.11
N ALA A 1093 -27.84 7.68 8.67
CA ALA A 1093 -26.72 7.33 9.57
C ALA A 1093 -26.52 8.48 10.57
N CYS A 1094 -26.68 9.73 10.14
CA CYS A 1094 -26.57 10.90 11.05
C CYS A 1094 -27.70 10.87 12.10
N GLN A 1095 -28.92 10.47 11.72
CA GLN A 1095 -30.07 10.46 12.63
C GLN A 1095 -29.81 9.42 13.70
N THR A 1096 -29.34 8.23 13.34
CA THR A 1096 -29.01 7.20 14.34
C THR A 1096 -28.00 7.79 15.33
N ILE A 1097 -26.96 8.46 14.83
CA ILE A 1097 -25.92 9.06 15.71
C ILE A 1097 -26.62 10.08 16.63
N LEU A 1098 -27.46 10.95 16.06
CA LEU A 1098 -28.15 11.98 16.90
C LEU A 1098 -28.96 11.32 18.02
N LYS A 1099 -29.70 10.25 17.70
CA LYS A 1099 -30.56 9.51 18.66
C LYS A 1099 -29.69 8.93 19.78
N ARG A 1100 -28.47 8.48 19.47
CA ARG A 1100 -27.57 7.86 20.48
C ARG A 1100 -26.94 8.92 21.38
N LEU A 1101 -26.66 10.11 20.84
CA LEU A 1101 -26.09 11.22 21.63
C LEU A 1101 -27.18 11.98 22.42
N GLU A 1102 -28.45 11.80 22.07
CA GLU A 1102 -29.59 12.57 22.64
C GLU A 1102 -29.56 12.52 24.18
N PRO A 1103 -29.45 11.34 24.85
CA PRO A 1103 -29.38 11.30 26.31
C PRO A 1103 -28.26 12.18 26.91
N PHE A 1104 -27.14 12.34 26.20
CA PHE A 1104 -25.93 13.07 26.70
C PHE A 1104 -26.11 14.57 26.52
N LYS A 1105 -26.72 14.95 25.40
CA LYS A 1105 -27.05 16.37 25.08
C LYS A 1105 -28.09 16.83 26.12
N LYS A 1106 -29.12 16.02 26.38
CA LYS A 1106 -30.16 16.35 27.39
C LYS A 1106 -29.49 16.53 28.74
N LYS A 1107 -28.60 15.61 29.14
CA LYS A 1107 -27.94 15.66 30.48
C LYS A 1107 -26.96 16.84 30.57
N ASN A 1108 -26.44 17.35 29.44
CA ASN A 1108 -25.45 18.45 29.45
C ASN A 1108 -25.76 19.40 28.31
N PRO A 1109 -26.95 20.06 28.31
CA PRO A 1109 -27.38 20.86 27.16
C PRO A 1109 -26.43 21.99 26.79
N ASP A 1110 -25.59 22.45 27.72
CA ASP A 1110 -24.62 23.55 27.43
C ASP A 1110 -23.28 22.96 26.98
N GLY A 1111 -23.13 21.63 26.93
CA GLY A 1111 -21.87 21.01 26.49
C GLY A 1111 -21.58 21.26 25.00
N SER A 1112 -20.38 20.91 24.57
CA SER A 1112 -19.96 20.88 23.15
C SER A 1112 -20.22 19.48 22.58
N TRP A 1113 -20.27 19.39 21.26
CA TRP A 1113 -20.24 18.13 20.49
C TRP A 1113 -19.22 17.16 21.12
N GLU A 1114 -18.00 17.64 21.31
CA GLU A 1114 -16.86 16.84 21.86
C GLU A 1114 -17.22 16.28 23.25
N ASP A 1115 -17.85 17.08 24.14
CA ASP A 1115 -18.31 16.63 25.48
C ASP A 1115 -19.31 15.47 25.32
N TRP A 1116 -20.30 15.61 24.43
CA TRP A 1116 -21.36 14.58 24.26
C TRP A 1116 -20.75 13.28 23.72
N VAL A 1117 -19.84 13.40 22.74
CA VAL A 1117 -19.21 12.22 22.10
C VAL A 1117 -18.35 11.48 23.13
N MET A 1118 -17.51 12.19 23.90
CA MET A 1118 -16.67 11.52 24.93
C MET A 1118 -17.59 10.87 25.99
N ALA A 1119 -18.69 11.53 26.36
CA ALA A 1119 -19.58 10.98 27.41
C ALA A 1119 -20.25 9.70 26.88
N ALA A 1120 -20.66 9.71 25.61
CA ALA A 1120 -21.25 8.52 24.94
C ALA A 1120 -20.22 7.38 24.95
N TYR A 1121 -18.99 7.68 24.57
CA TYR A 1121 -17.89 6.67 24.53
C TYR A 1121 -17.73 6.07 25.94
N GLN A 1122 -17.62 6.93 26.95
CA GLN A 1122 -17.37 6.49 28.35
C GLN A 1122 -18.58 5.72 28.90
N ASP A 1123 -19.76 5.89 28.30
CA ASP A 1123 -20.98 5.15 28.72
C ASP A 1123 -21.14 3.90 27.85
N ARG A 1124 -20.16 3.58 27.00
CA ARG A 1124 -20.22 2.39 26.11
C ARG A 1124 -21.46 2.47 25.21
N VAL A 1125 -21.66 3.60 24.55
CA VAL A 1125 -22.64 3.73 23.44
C VAL A 1125 -21.82 3.67 22.14
N SER A 1126 -22.26 2.88 21.16
CA SER A 1126 -21.56 2.79 19.85
C SER A 1126 -21.66 4.12 19.09
N LEU A 1127 -20.55 4.59 18.53
CA LEU A 1127 -20.50 5.81 17.71
C LEU A 1127 -20.24 5.42 16.25
N SER A 1128 -20.75 4.25 15.86
CA SER A 1128 -20.62 3.68 14.51
C SER A 1128 -21.99 3.24 14.03
N THR A 1129 -22.39 3.64 12.84
CA THR A 1129 -23.64 3.13 12.24
C THR A 1129 -23.59 3.10 10.70
N THR A 1130 -24.40 2.22 10.13
CA THR A 1130 -24.80 2.27 8.71
C THR A 1130 -26.04 3.16 8.56
N GLY A 1131 -26.19 3.72 7.37
CA GLY A 1131 -27.42 4.33 6.85
C GLY A 1131 -27.74 3.66 5.53
N PHE A 1132 -29.00 3.62 5.14
CA PHE A 1132 -29.39 2.96 3.88
C PHE A 1132 -30.59 3.69 3.34
N TYR A 1133 -30.69 3.80 2.02
CA TYR A 1133 -31.85 4.38 1.32
C TYR A 1133 -32.21 3.52 0.10
N ARG A 1134 -33.52 3.42 -0.13
CA ARG A 1134 -34.20 2.62 -1.20
C ARG A 1134 -35.20 3.57 -1.84
N THR A 1135 -35.00 4.03 -3.08
CA THR A 1135 -35.95 4.97 -3.72
C THR A 1135 -37.32 4.31 -3.83
N PRO A 1136 -38.37 4.95 -3.26
CA PRO A 1136 -39.70 4.33 -3.21
C PRO A 1136 -40.45 4.44 -4.55
N ASN A 1137 -41.33 3.46 -4.79
CA ASN A 1137 -42.44 3.54 -5.79
C ASN A 1137 -41.89 3.57 -7.21
N LEU A 1138 -40.86 2.76 -7.50
CA LEU A 1138 -40.28 2.68 -8.85
C LEU A 1138 -40.56 1.30 -9.41
N GLY A 1139 -40.76 1.19 -10.71
CA GLY A 1139 -40.83 -0.13 -11.35
C GLY A 1139 -41.70 -0.04 -12.56
N TYR A 1140 -41.14 0.41 -13.67
CA TYR A 1140 -41.88 0.51 -14.94
C TYR A 1140 -41.81 -0.83 -15.66
N SER A 1141 -42.86 -1.19 -16.37
CA SER A 1141 -42.93 -2.38 -17.24
C SER A 1141 -43.20 -1.93 -18.67
N PHE A 1142 -42.34 -2.38 -19.59
CA PHE A 1142 -42.48 -2.15 -21.05
C PHE A 1142 -43.68 -2.96 -21.57
N GLU A 1143 -44.06 -4.06 -20.94
CA GLU A 1143 -45.17 -4.92 -21.44
C GLU A 1143 -46.52 -4.26 -21.21
N THR A 1144 -46.73 -3.59 -20.07
CA THR A 1144 -48.03 -3.02 -19.65
C THR A 1144 -48.01 -1.48 -19.79
N ASN A 1145 -46.85 -0.91 -20.11
CA ASN A 1145 -46.68 0.58 -20.16
C ASN A 1145 -47.24 1.20 -18.88
N SER A 1146 -46.89 0.63 -17.71
CA SER A 1146 -47.33 1.16 -16.40
C SER A 1146 -46.19 1.11 -15.38
N GLY A 1147 -46.35 1.82 -14.27
CA GLY A 1147 -45.41 1.91 -13.14
C GLY A 1147 -44.45 3.07 -13.33
N ASN A 1148 -43.86 3.60 -12.25
CA ASN A 1148 -42.95 4.77 -12.29
C ASN A 1148 -41.57 4.33 -12.80
N ALA A 1149 -41.14 4.87 -13.96
CA ALA A 1149 -39.76 4.75 -14.44
C ALA A 1149 -38.85 5.63 -13.57
N PHE A 1150 -39.32 6.82 -13.22
CA PHE A 1150 -38.46 7.86 -12.59
C PHE A 1150 -39.09 8.32 -11.29
N HIS A 1151 -38.25 8.81 -10.39
CA HIS A 1151 -38.69 9.41 -9.12
C HIS A 1151 -39.20 10.84 -9.38
N TYR A 1152 -38.56 11.57 -10.27
CA TYR A 1152 -38.93 12.93 -10.72
C TYR A 1152 -38.12 13.24 -11.99
N PHE A 1153 -38.28 14.44 -12.53
CA PHE A 1153 -37.57 14.96 -13.72
C PHE A 1153 -36.87 16.26 -13.33
N THR A 1154 -35.63 16.36 -13.83
CA THR A 1154 -34.87 17.61 -13.84
C THR A 1154 -35.19 18.30 -15.16
N TYR A 1155 -35.36 19.62 -15.11
CA TYR A 1155 -35.79 20.41 -16.30
C TYR A 1155 -34.86 21.59 -16.54
N GLY A 1156 -34.83 22.03 -17.79
CA GLY A 1156 -34.12 23.27 -18.14
C GLY A 1156 -34.38 23.71 -19.56
N VAL A 1157 -33.99 24.95 -19.83
CA VAL A 1157 -34.12 25.60 -21.16
C VAL A 1157 -32.80 26.30 -21.50
N ALA A 1158 -32.40 26.24 -22.77
CA ALA A 1158 -31.19 26.95 -23.24
C ALA A 1158 -31.51 27.66 -24.56
N CYS A 1159 -31.09 28.90 -24.64
CA CYS A 1159 -31.14 29.72 -25.87
C CYS A 1159 -29.71 30.01 -26.32
N SER A 1160 -29.38 29.68 -27.57
CA SER A 1160 -28.03 29.87 -28.13
C SER A 1160 -28.09 30.59 -29.48
N GLU A 1161 -27.08 31.40 -29.70
CA GLU A 1161 -26.88 32.18 -30.92
C GLU A 1161 -25.46 31.90 -31.42
N VAL A 1162 -25.35 31.69 -32.73
CA VAL A 1162 -24.07 31.38 -33.38
C VAL A 1162 -23.96 32.30 -34.60
N GLU A 1163 -22.74 32.47 -35.09
CA GLU A 1163 -22.45 33.05 -36.41
C GLU A 1163 -21.65 32.03 -37.21
N ILE A 1164 -22.12 31.61 -38.38
CA ILE A 1164 -21.32 30.68 -39.23
C ILE A 1164 -20.59 31.49 -40.29
N ASP A 1165 -19.41 31.00 -40.63
CA ASP A 1165 -18.65 31.46 -41.81
C ASP A 1165 -19.08 30.55 -42.96
N CYS A 1166 -19.86 31.09 -43.90
CA CYS A 1166 -20.47 30.27 -44.96
C CYS A 1166 -19.37 29.79 -45.90
N LEU A 1167 -18.17 30.37 -45.84
CA LEU A 1167 -17.10 30.04 -46.81
C LEU A 1167 -16.11 28.98 -46.27
N THR A 1168 -16.07 28.74 -44.95
CA THR A 1168 -15.09 27.81 -44.32
C THR A 1168 -15.79 26.75 -43.48
N GLY A 1169 -16.97 27.05 -42.93
CA GLY A 1169 -17.67 26.12 -42.02
C GLY A 1169 -17.31 26.33 -40.56
N ASP A 1170 -16.38 27.24 -40.28
CA ASP A 1170 -16.10 27.68 -38.88
C ASP A 1170 -17.33 28.41 -38.33
N HIS A 1171 -17.52 28.42 -37.03
CA HIS A 1171 -18.61 29.21 -36.38
C HIS A 1171 -18.15 29.77 -35.04
N LYS A 1172 -18.75 30.87 -34.61
CA LYS A 1172 -18.65 31.40 -33.24
C LYS A 1172 -19.89 31.03 -32.45
N ASN A 1173 -19.72 30.67 -31.18
CA ASN A 1173 -20.79 30.59 -30.16
C ASN A 1173 -20.84 31.99 -29.55
N LEU A 1174 -21.79 32.83 -29.99
CA LEU A 1174 -21.85 34.27 -29.58
C LEU A 1174 -22.39 34.36 -28.15
N ARG A 1175 -23.48 33.65 -27.88
CA ARG A 1175 -24.21 33.84 -26.62
C ARG A 1175 -25.07 32.62 -26.33
N THR A 1176 -24.98 32.14 -25.08
CA THR A 1176 -25.87 31.11 -24.53
C THR A 1176 -26.42 31.59 -23.19
N ASP A 1177 -27.73 31.45 -23.01
CA ASP A 1177 -28.44 31.67 -21.73
C ASP A 1177 -29.12 30.36 -21.34
N ILE A 1178 -28.90 29.92 -20.11
CA ILE A 1178 -29.52 28.67 -19.59
C ILE A 1178 -30.33 29.03 -18.34
N VAL A 1179 -31.51 28.45 -18.22
CA VAL A 1179 -32.24 28.42 -16.91
C VAL A 1179 -32.46 26.95 -16.58
N MET A 1180 -31.88 26.52 -15.45
CA MET A 1180 -31.95 25.11 -15.00
C MET A 1180 -32.77 25.03 -13.71
N ASP A 1181 -33.72 24.12 -13.66
CA ASP A 1181 -34.42 23.74 -12.40
C ASP A 1181 -33.60 22.63 -11.71
N VAL A 1182 -32.83 22.96 -10.67
CA VAL A 1182 -32.12 21.97 -9.80
C VAL A 1182 -32.77 21.95 -8.41
N GLY A 1183 -34.06 22.24 -8.32
CA GLY A 1183 -34.74 22.32 -7.02
C GLY A 1183 -34.00 23.33 -6.15
N SER A 1184 -33.98 23.09 -4.85
CA SER A 1184 -33.19 23.90 -3.89
C SER A 1184 -31.78 23.32 -3.91
N SER A 1185 -30.89 23.96 -4.66
CA SER A 1185 -29.50 23.46 -4.88
C SER A 1185 -28.83 23.27 -3.53
N LEU A 1186 -28.24 22.08 -3.30
CA LEU A 1186 -27.35 21.85 -2.14
C LEU A 1186 -26.12 22.74 -2.24
N ASN A 1187 -25.69 23.04 -3.45
CA ASN A 1187 -24.41 23.78 -3.67
C ASN A 1187 -24.50 24.42 -5.05
N PRO A 1188 -24.91 25.70 -5.14
CA PRO A 1188 -25.07 26.32 -6.44
C PRO A 1188 -23.75 26.44 -7.22
N ALA A 1189 -22.58 26.46 -6.56
CA ALA A 1189 -21.29 26.53 -7.32
C ALA A 1189 -21.07 25.21 -8.05
N ILE A 1190 -21.27 24.10 -7.37
CA ILE A 1190 -21.10 22.76 -7.97
C ILE A 1190 -22.22 22.54 -8.98
N ASP A 1191 -23.46 22.96 -8.71
CA ASP A 1191 -24.59 22.74 -9.67
C ASP A 1191 -24.41 23.59 -10.94
N ILE A 1192 -24.05 24.86 -10.84
CA ILE A 1192 -23.79 25.69 -12.04
C ILE A 1192 -22.60 25.08 -12.81
N GLY A 1193 -21.59 24.57 -12.09
CA GLY A 1193 -20.43 23.89 -12.70
C GLY A 1193 -20.84 22.63 -13.44
N GLN A 1194 -21.81 21.89 -12.91
CA GLN A 1194 -22.36 20.69 -13.61
C GLN A 1194 -23.13 21.16 -14.84
N VAL A 1195 -23.92 22.23 -14.76
CA VAL A 1195 -24.72 22.76 -15.91
C VAL A 1195 -23.74 23.22 -17.01
N GLU A 1196 -22.67 23.91 -16.64
CA GLU A 1196 -21.74 24.50 -17.63
C GLU A 1196 -20.94 23.35 -18.24
N GLY A 1197 -20.46 22.44 -17.41
CA GLY A 1197 -19.67 21.30 -17.88
C GLY A 1197 -20.46 20.41 -18.83
N ALA A 1198 -21.66 20.01 -18.41
CA ALA A 1198 -22.60 19.18 -19.18
C ALA A 1198 -22.92 19.86 -20.51
N PHE A 1199 -23.30 21.14 -20.47
CA PHE A 1199 -23.63 21.94 -21.67
C PHE A 1199 -22.47 21.90 -22.66
N VAL A 1200 -21.23 22.08 -22.18
CA VAL A 1200 -20.03 22.08 -23.09
C VAL A 1200 -19.73 20.68 -23.63
N GLN A 1201 -19.92 19.60 -22.86
CA GLN A 1201 -19.74 18.23 -23.43
C GLN A 1201 -20.82 17.99 -24.52
N GLY A 1202 -22.04 18.53 -24.34
CA GLY A 1202 -23.10 18.42 -25.35
C GLY A 1202 -22.76 19.20 -26.62
N LEU A 1203 -22.33 20.44 -26.45
CA LEU A 1203 -21.81 21.30 -27.53
C LEU A 1203 -20.75 20.50 -28.31
N GLY A 1204 -19.92 19.73 -27.59
CA GLY A 1204 -18.89 18.87 -28.20
C GLY A 1204 -19.53 17.75 -29.00
N LEU A 1205 -20.45 17.04 -28.38
CA LEU A 1205 -21.21 15.95 -29.03
C LEU A 1205 -21.82 16.42 -30.38
N PHE A 1206 -22.43 17.61 -30.39
CA PHE A 1206 -23.31 18.04 -31.51
C PHE A 1206 -22.55 18.86 -32.55
N THR A 1207 -21.33 19.34 -32.30
CA THR A 1207 -20.73 20.37 -33.17
C THR A 1207 -19.24 20.14 -33.43
N LEU A 1208 -18.50 19.34 -32.66
CA LEU A 1208 -17.01 19.29 -32.83
C LEU A 1208 -16.48 17.85 -32.84
N GLU A 1209 -17.01 16.99 -32.01
CA GLU A 1209 -16.46 15.66 -31.71
C GLU A 1209 -16.94 14.63 -32.73
N GLU A 1210 -15.99 14.02 -33.43
CA GLU A 1210 -16.28 13.02 -34.47
C GLU A 1210 -15.22 11.92 -34.41
N LEU A 1211 -15.67 10.68 -34.34
CA LEU A 1211 -14.76 9.51 -34.46
C LEU A 1211 -14.82 8.96 -35.89
N HIS A 1212 -13.69 8.73 -36.53
CA HIS A 1212 -13.63 8.20 -37.91
C HIS A 1212 -13.05 6.80 -37.89
N TYR A 1213 -13.66 5.90 -38.66
CA TYR A 1213 -13.27 4.47 -38.76
C TYR A 1213 -13.05 4.13 -40.24
N SER A 1214 -11.99 3.37 -40.53
CA SER A 1214 -11.80 2.66 -41.82
C SER A 1214 -13.05 1.85 -42.17
N PRO A 1215 -13.33 1.57 -43.47
CA PRO A 1215 -14.37 0.58 -43.84
C PRO A 1215 -14.20 -0.77 -43.12
N GLU A 1216 -12.99 -1.15 -42.77
CA GLU A 1216 -12.66 -2.44 -42.09
C GLU A 1216 -12.86 -2.33 -40.56
N GLY A 1217 -13.27 -1.17 -40.01
CA GLY A 1217 -13.60 -1.06 -38.57
C GLY A 1217 -12.45 -0.63 -37.67
N SER A 1218 -11.37 -0.09 -38.22
CA SER A 1218 -10.22 0.40 -37.43
C SER A 1218 -10.37 1.91 -37.17
N LEU A 1219 -10.51 2.29 -35.90
CA LEU A 1219 -10.60 3.70 -35.47
C LEU A 1219 -9.36 4.44 -35.97
N HIS A 1220 -9.56 5.50 -36.75
CA HIS A 1220 -8.48 6.45 -37.14
C HIS A 1220 -8.21 7.45 -36.00
N THR A 1221 -9.21 7.85 -35.24
CA THR A 1221 -9.07 9.09 -34.41
C THR A 1221 -8.76 8.64 -32.98
N ARG A 1222 -7.49 8.71 -32.57
CA ARG A 1222 -7.03 8.06 -31.32
C ARG A 1222 -6.21 9.02 -30.47
N GLY A 1223 -6.44 10.33 -30.60
CA GLY A 1223 -5.85 11.29 -29.67
C GLY A 1223 -6.37 12.71 -29.88
N PRO A 1224 -6.01 13.68 -29.01
CA PRO A 1224 -6.54 15.04 -29.15
C PRO A 1224 -6.15 15.73 -30.46
N SER A 1225 -5.13 15.24 -31.16
CA SER A 1225 -4.71 15.79 -32.47
C SER A 1225 -5.85 15.63 -33.48
N THR A 1226 -6.64 14.54 -33.36
CA THR A 1226 -7.68 14.21 -34.39
C THR A 1226 -9.08 14.21 -33.77
N TYR A 1227 -9.19 14.04 -32.47
CA TYR A 1227 -10.50 14.05 -31.78
C TYR A 1227 -10.60 15.37 -31.02
N LYS A 1228 -11.45 16.28 -31.50
CA LYS A 1228 -11.45 17.69 -31.05
C LYS A 1228 -12.57 17.93 -30.06
N ILE A 1229 -12.26 17.96 -28.77
CA ILE A 1229 -13.24 18.32 -27.71
C ILE A 1229 -13.26 19.84 -27.61
N PRO A 1230 -14.30 20.40 -26.95
CA PRO A 1230 -14.36 21.85 -26.79
C PRO A 1230 -13.09 22.38 -26.11
N ALA A 1231 -12.54 23.45 -26.67
CA ALA A 1231 -11.35 24.17 -26.17
C ALA A 1231 -11.80 25.44 -25.44
N PHE A 1232 -10.91 26.08 -24.71
CA PHE A 1232 -11.20 27.38 -24.05
C PHE A 1232 -11.95 28.32 -25.02
N GLY A 1233 -11.48 28.40 -26.26
CA GLY A 1233 -12.04 29.32 -27.28
C GLY A 1233 -13.38 28.86 -27.87
N SER A 1234 -13.85 27.65 -27.54
CA SER A 1234 -15.07 27.04 -28.11
C SER A 1234 -16.33 27.53 -27.38
N ILE A 1235 -16.23 28.03 -26.16
CA ILE A 1235 -17.44 28.22 -25.32
C ILE A 1235 -18.16 29.48 -25.78
N PRO A 1236 -19.46 29.62 -25.46
CA PRO A 1236 -20.18 30.85 -25.80
C PRO A 1236 -19.48 32.05 -25.15
N THR A 1237 -19.27 33.11 -25.93
CA THR A 1237 -18.51 34.29 -25.51
C THR A 1237 -19.27 35.01 -24.41
N GLU A 1238 -20.58 35.10 -24.55
CA GLU A 1238 -21.49 35.53 -23.47
C GLU A 1238 -22.21 34.28 -23.00
N PHE A 1239 -22.00 33.94 -21.74
CA PHE A 1239 -22.39 32.64 -21.15
C PHE A 1239 -23.11 32.92 -19.85
N ARG A 1240 -24.43 32.77 -19.85
CA ARG A 1240 -25.28 33.09 -18.68
C ARG A 1240 -25.96 31.83 -18.21
N VAL A 1241 -25.89 31.61 -16.90
CA VAL A 1241 -26.52 30.45 -16.23
C VAL A 1241 -27.33 30.98 -15.07
N SER A 1242 -28.60 30.60 -15.01
CA SER A 1242 -29.51 30.86 -13.87
C SER A 1242 -30.01 29.53 -13.35
N LEU A 1243 -30.08 29.42 -12.02
CA LEU A 1243 -30.81 28.33 -11.35
C LEU A 1243 -32.19 28.88 -10.97
N LEU A 1244 -33.22 28.13 -11.29
CA LEU A 1244 -34.61 28.55 -11.05
C LEU A 1244 -34.82 28.78 -9.54
N ARG A 1245 -35.42 29.93 -9.18
CA ARG A 1245 -35.75 30.31 -7.78
C ARG A 1245 -37.03 29.60 -7.34
N ASP A 1246 -37.14 29.35 -6.04
CA ASP A 1246 -38.40 29.00 -5.34
C ASP A 1246 -39.01 27.77 -6.00
N CYS A 1247 -38.29 26.65 -6.03
CA CYS A 1247 -38.76 25.40 -6.68
C CYS A 1247 -38.29 24.19 -5.89
N PRO A 1248 -38.50 24.18 -4.54
CA PRO A 1248 -38.17 22.99 -3.76
C PRO A 1248 -38.72 21.70 -4.40
N ASN A 1249 -37.93 20.64 -4.33
CA ASN A 1249 -38.28 19.28 -4.82
C ASN A 1249 -38.45 18.36 -3.63
N LYS A 1250 -39.68 18.11 -3.22
CA LYS A 1250 -39.92 17.35 -1.97
C LYS A 1250 -39.51 15.88 -2.20
N LYS A 1251 -39.14 15.47 -3.41
CA LYS A 1251 -38.78 14.05 -3.70
C LYS A 1251 -37.29 13.75 -3.42
N ALA A 1252 -36.48 14.72 -2.99
CA ALA A 1252 -35.02 14.46 -2.76
C ALA A 1252 -34.47 15.27 -1.58
N ILE A 1253 -33.29 14.84 -1.11
CA ILE A 1253 -32.58 15.31 0.11
C ILE A 1253 -32.48 16.85 0.10
N TYR A 1254 -32.95 17.49 1.18
CA TYR A 1254 -33.05 18.95 1.40
C TYR A 1254 -33.58 19.67 0.14
N ALA A 1255 -34.53 19.08 -0.58
CA ALA A 1255 -35.33 19.74 -1.63
C ALA A 1255 -34.50 20.01 -2.90
N SER A 1256 -33.36 19.33 -3.07
CA SER A 1256 -32.46 19.45 -4.26
C SER A 1256 -32.94 18.56 -5.41
N LYS A 1257 -32.29 18.66 -6.57
CA LYS A 1257 -32.53 17.81 -7.76
C LYS A 1257 -31.18 17.39 -8.33
N ALA A 1258 -31.12 16.17 -8.86
CA ALA A 1258 -30.04 15.65 -9.69
C ALA A 1258 -29.71 16.66 -10.81
N VAL A 1259 -28.40 16.88 -11.06
CA VAL A 1259 -27.92 17.85 -12.08
C VAL A 1259 -26.84 17.28 -13.01
N GLY A 1260 -26.24 16.13 -12.73
CA GLY A 1260 -25.08 15.61 -13.49
C GLY A 1260 -25.33 15.54 -15.00
N GLU A 1261 -26.34 14.78 -15.44
CA GLU A 1261 -26.61 14.51 -16.87
C GLU A 1261 -27.66 15.46 -17.48
N PRO A 1262 -28.79 15.84 -16.81
CA PRO A 1262 -29.83 16.62 -17.47
C PRO A 1262 -29.42 17.79 -18.35
N PRO A 1263 -28.39 18.60 -18.02
CA PRO A 1263 -28.05 19.75 -18.85
C PRO A 1263 -27.28 19.44 -20.13
N LEU A 1264 -26.82 18.21 -20.35
CA LEU A 1264 -25.96 17.93 -21.51
C LEU A 1264 -26.75 18.19 -22.80
N PHE A 1265 -28.00 17.75 -22.86
CA PHE A 1265 -28.81 17.91 -24.09
C PHE A 1265 -28.96 19.38 -24.45
N LEU A 1266 -28.93 20.30 -23.49
CA LEU A 1266 -29.09 21.74 -23.81
C LEU A 1266 -27.98 22.25 -24.74
N GLY A 1267 -26.84 21.53 -24.83
CA GLY A 1267 -25.83 21.81 -25.87
C GLY A 1267 -26.41 21.73 -27.29
N ALA A 1268 -27.53 21.01 -27.51
CA ALA A 1268 -28.21 20.89 -28.83
C ALA A 1268 -28.73 22.28 -29.28
N SER A 1269 -28.89 23.24 -28.36
CA SER A 1269 -29.35 24.61 -28.70
C SER A 1269 -28.39 25.22 -29.73
N VAL A 1270 -27.09 24.94 -29.59
CA VAL A 1270 -26.04 25.45 -30.53
C VAL A 1270 -26.24 24.78 -31.90
N PHE A 1271 -26.47 23.47 -31.91
CA PHE A 1271 -26.73 22.72 -33.17
C PHE A 1271 -27.93 23.32 -33.91
N PHE A 1272 -29.06 23.49 -33.23
CA PHE A 1272 -30.30 24.06 -33.84
C PHE A 1272 -30.07 25.54 -34.19
N ALA A 1273 -29.17 26.28 -33.53
CA ALA A 1273 -28.88 27.68 -33.96
C ALA A 1273 -28.03 27.59 -35.25
N ILE A 1274 -27.15 26.59 -35.34
CA ILE A 1274 -26.30 26.38 -36.55
C ILE A 1274 -27.24 26.02 -37.72
N LYS A 1275 -28.23 25.17 -37.48
CA LYS A 1275 -29.21 24.78 -38.52
C LYS A 1275 -29.98 26.02 -39.04
N ASP A 1276 -30.41 26.89 -38.12
CA ASP A 1276 -31.11 28.17 -38.43
C ASP A 1276 -30.19 28.98 -39.35
N ALA A 1277 -28.91 29.05 -39.02
CA ALA A 1277 -27.94 29.91 -39.74
C ALA A 1277 -27.72 29.33 -41.14
N ILE A 1278 -27.64 28.01 -41.26
CA ILE A 1278 -27.50 27.29 -42.56
C ILE A 1278 -28.73 27.54 -43.43
N ARG A 1279 -29.95 27.47 -42.85
CA ARG A 1279 -31.18 27.83 -43.60
C ARG A 1279 -31.04 29.25 -44.19
N ALA A 1280 -30.41 30.20 -43.48
CA ALA A 1280 -30.24 31.59 -43.95
C ALA A 1280 -29.24 31.57 -45.12
N ALA A 1281 -28.19 30.75 -45.02
CA ALA A 1281 -27.15 30.64 -46.06
C ALA A 1281 -27.77 30.06 -47.32
N ARG A 1282 -28.61 29.04 -47.19
CA ARG A 1282 -29.28 28.34 -48.32
C ARG A 1282 -30.36 29.26 -48.94
N ALA A 1283 -31.03 30.12 -48.17
CA ALA A 1283 -31.99 31.11 -48.70
C ALA A 1283 -31.23 32.08 -49.62
N GLN A 1284 -29.97 32.40 -49.25
CA GLN A 1284 -29.10 33.42 -49.88
C GLN A 1284 -28.52 32.93 -51.21
N HIS A 1285 -27.98 31.71 -51.29
CA HIS A 1285 -27.19 31.25 -52.47
C HIS A 1285 -27.69 29.93 -53.06
N THR A 1286 -28.62 29.20 -52.44
CA THR A 1286 -28.96 27.82 -52.89
C THR A 1286 -30.31 27.84 -53.62
N ASN A 1287 -31.38 28.22 -52.92
CA ASN A 1287 -32.75 28.25 -53.50
C ASN A 1287 -33.66 29.10 -52.61
N ASN A 1288 -34.91 29.28 -53.05
CA ASN A 1288 -35.90 30.17 -52.39
C ASN A 1288 -37.09 29.32 -51.91
N ASN A 1289 -36.87 28.02 -51.69
CA ASN A 1289 -37.91 27.14 -51.08
C ASN A 1289 -37.84 27.30 -49.55
N THR A 1290 -38.58 28.26 -49.00
CA THR A 1290 -38.56 28.59 -47.55
C THR A 1290 -39.05 27.38 -46.72
N LYS A 1291 -39.51 26.28 -47.33
CA LYS A 1291 -40.06 25.10 -46.61
C LYS A 1291 -39.22 23.85 -46.92
N GLU A 1292 -38.07 23.99 -47.54
CA GLU A 1292 -37.15 22.86 -47.78
C GLU A 1292 -36.70 22.28 -46.43
N LEU A 1293 -36.62 20.96 -46.34
CA LEU A 1293 -36.05 20.24 -45.19
C LEU A 1293 -34.73 19.59 -45.60
N PHE A 1294 -33.61 20.26 -45.34
CA PHE A 1294 -32.29 19.65 -45.58
C PHE A 1294 -31.91 18.90 -44.31
N ARG A 1295 -31.35 17.72 -44.51
CA ARG A 1295 -30.92 16.81 -43.44
C ARG A 1295 -29.56 17.32 -42.95
N LEU A 1296 -29.44 17.65 -41.67
CA LEU A 1296 -28.16 17.89 -40.96
C LEU A 1296 -28.01 16.80 -39.87
N ASP A 1297 -27.05 15.91 -40.06
CA ASP A 1297 -26.71 14.90 -39.06
C ASP A 1297 -25.82 15.56 -38.00
N SER A 1298 -25.69 14.89 -36.85
CA SER A 1298 -24.77 15.24 -35.75
C SER A 1298 -23.53 14.38 -35.88
N PRO A 1299 -22.32 14.95 -35.67
CA PRO A 1299 -22.14 16.36 -35.32
C PRO A 1299 -22.07 17.34 -36.51
N ALA A 1300 -22.59 18.55 -36.29
CA ALA A 1300 -22.49 19.66 -37.27
C ALA A 1300 -21.10 20.28 -37.19
N THR A 1301 -20.14 19.55 -37.72
CA THR A 1301 -18.72 19.92 -37.84
C THR A 1301 -18.61 20.96 -38.95
N PRO A 1302 -17.44 21.60 -39.12
CA PRO A 1302 -17.23 22.50 -40.27
C PRO A 1302 -17.48 21.85 -41.64
N GLU A 1303 -17.12 20.57 -41.78
CA GLU A 1303 -17.42 19.82 -43.03
C GLU A 1303 -18.92 19.89 -43.31
N LYS A 1304 -19.75 19.53 -42.35
CA LYS A 1304 -21.21 19.46 -42.56
C LYS A 1304 -21.75 20.87 -42.78
N ILE A 1305 -21.25 21.87 -42.06
CA ILE A 1305 -21.75 23.27 -42.21
C ILE A 1305 -21.37 23.82 -43.60
N ARG A 1306 -20.11 23.68 -44.02
CA ARG A 1306 -19.63 24.21 -45.32
C ARG A 1306 -20.39 23.55 -46.48
N ASN A 1307 -20.55 22.23 -46.43
CA ASN A 1307 -21.15 21.44 -47.52
C ASN A 1307 -22.65 21.77 -47.64
N ALA A 1308 -23.32 22.05 -46.53
CA ALA A 1308 -24.74 22.44 -46.50
C ALA A 1308 -24.91 23.86 -47.08
N CYS A 1309 -23.87 24.73 -47.06
CA CYS A 1309 -23.96 26.12 -47.61
C CYS A 1309 -23.63 26.05 -49.10
N VAL A 1310 -24.56 25.46 -49.86
CA VAL A 1310 -24.45 25.20 -51.32
C VAL A 1310 -24.39 26.55 -52.04
N ASP A 1311 -23.43 26.71 -52.93
CA ASP A 1311 -23.18 28.01 -53.56
C ASP A 1311 -22.45 27.71 -54.86
N LYS A 1312 -21.93 28.75 -55.47
CA LYS A 1312 -21.26 28.64 -56.78
C LYS A 1312 -19.98 27.82 -56.58
N PHE A 1313 -19.42 27.76 -55.34
CA PHE A 1313 -18.15 27.06 -55.06
C PHE A 1313 -18.39 25.56 -54.88
N THR A 1314 -19.36 25.18 -54.03
CA THR A 1314 -19.70 23.76 -53.81
C THR A 1314 -20.11 23.15 -55.15
N THR A 1315 -20.80 23.93 -55.99
CA THR A 1315 -21.28 23.48 -57.33
C THR A 1315 -20.10 23.13 -58.26
N LEU A 1316 -19.04 23.93 -58.33
CA LEU A 1316 -17.87 23.60 -59.19
C LEU A 1316 -17.14 22.35 -58.65
N CYS A 1317 -17.09 22.14 -57.33
CA CYS A 1317 -16.59 20.90 -56.69
C CYS A 1317 -17.73 19.88 -56.61
N LYS A 1326 -24.41 14.46 -67.66
CA LYS A 1326 -23.33 13.44 -67.63
C LYS A 1326 -23.84 12.08 -68.12
N PRO A 1327 -24.93 11.46 -67.57
CA PRO A 1327 -25.37 10.17 -68.10
C PRO A 1327 -25.86 10.31 -69.54
N TRP A 1328 -25.67 9.28 -70.37
CA TRP A 1328 -26.03 9.32 -71.81
C TRP A 1328 -27.53 9.65 -72.01
N SER A 1329 -28.43 9.05 -71.23
CA SER A 1329 -29.89 9.27 -71.34
C SER A 1329 -30.46 9.51 -69.95
N LEU A 1330 -31.62 10.18 -69.90
CA LEU A 1330 -32.44 10.40 -68.68
C LEU A 1330 -33.92 10.27 -69.08
N ARG A 1331 -34.70 9.45 -68.37
CA ARG A 1331 -36.14 9.26 -68.68
C ARG A 1331 -36.84 10.61 -68.60
N VAL A 1332 -37.83 10.82 -69.44
CA VAL A 1332 -38.56 12.12 -69.45
C VAL A 1332 -39.81 12.01 -68.57
N ALA B 3 35.34 -7.44 -9.09
CA ALA B 3 35.02 -8.57 -8.19
C ALA B 3 34.47 -9.76 -8.99
N ASP B 4 34.53 -10.95 -8.39
CA ASP B 4 33.96 -12.20 -8.94
C ASP B 4 32.44 -12.23 -8.79
N GLU B 5 31.78 -13.02 -9.61
CA GLU B 5 30.33 -13.32 -9.48
C GLU B 5 30.16 -14.23 -8.25
N LEU B 6 29.17 -13.97 -7.40
CA LEU B 6 28.69 -14.97 -6.40
C LEU B 6 27.54 -15.79 -6.99
N VAL B 7 27.71 -17.12 -7.09
CA VAL B 7 26.72 -18.03 -7.75
C VAL B 7 26.27 -19.06 -6.72
N PHE B 8 24.98 -19.06 -6.39
CA PHE B 8 24.39 -20.06 -5.47
C PHE B 8 22.97 -20.31 -5.96
N PHE B 9 22.23 -21.18 -5.28
CA PHE B 9 20.86 -21.56 -5.67
C PHE B 9 19.93 -21.36 -4.47
N VAL B 10 18.69 -20.94 -4.73
CA VAL B 10 17.62 -20.75 -3.71
C VAL B 10 16.38 -21.43 -4.24
N ASN B 11 15.89 -22.42 -3.51
CA ASN B 11 14.71 -23.23 -3.89
C ASN B 11 14.87 -23.73 -5.33
N GLY B 12 16.07 -24.15 -5.69
CA GLY B 12 16.34 -24.73 -7.01
C GLY B 12 16.60 -23.71 -8.11
N LYS B 13 16.45 -22.41 -7.85
CA LYS B 13 16.67 -21.36 -8.89
C LYS B 13 18.07 -20.75 -8.74
N LYS B 14 18.79 -20.62 -9.84
CA LYS B 14 20.15 -20.04 -9.84
C LYS B 14 20.08 -18.56 -9.44
N VAL B 15 21.00 -18.10 -8.62
CA VAL B 15 21.17 -16.68 -8.24
C VAL B 15 22.59 -16.30 -8.67
N VAL B 16 22.71 -15.25 -9.48
CA VAL B 16 24.03 -14.72 -9.94
C VAL B 16 24.10 -13.30 -9.38
N GLU B 17 24.86 -13.11 -8.30
CA GLU B 17 25.06 -11.78 -7.67
C GLU B 17 26.41 -11.22 -8.16
N LYS B 18 26.35 -10.24 -9.06
CA LYS B 18 27.55 -9.69 -9.73
C LYS B 18 28.28 -8.78 -8.74
N ASN B 19 27.64 -8.33 -7.66
CA ASN B 19 28.25 -7.34 -6.75
C ASN B 19 27.97 -7.68 -5.29
N ALA B 20 28.40 -8.87 -4.83
CA ALA B 20 28.18 -9.35 -3.44
C ALA B 20 28.88 -8.38 -2.50
N ASP B 21 28.18 -7.86 -1.49
CA ASP B 21 28.77 -7.13 -0.35
C ASP B 21 29.04 -8.14 0.76
N PRO B 22 30.30 -8.29 1.20
CA PRO B 22 30.63 -9.23 2.27
C PRO B 22 29.78 -9.09 3.54
N GLU B 23 29.18 -7.93 3.78
CA GLU B 23 28.39 -7.67 5.01
C GLU B 23 26.97 -8.18 4.85
N THR B 24 26.54 -8.56 3.65
CA THR B 24 25.15 -9.00 3.41
C THR B 24 24.96 -10.42 3.99
N THR B 25 23.97 -10.57 4.89
CA THR B 25 23.53 -11.88 5.43
C THR B 25 22.54 -12.52 4.46
N LEU B 26 22.44 -13.83 4.50
CA LEU B 26 21.49 -14.56 3.66
C LEU B 26 20.07 -14.08 4.03
N LEU B 27 19.81 -13.80 5.29
CA LEU B 27 18.47 -13.34 5.71
C LEU B 27 18.10 -12.04 4.96
N ALA B 28 19.01 -11.07 4.91
CA ALA B 28 18.76 -9.76 4.26
C ALA B 28 18.56 -10.00 2.76
N TYR B 29 19.40 -10.86 2.17
CA TYR B 29 19.36 -11.15 0.73
C TYR B 29 17.99 -11.78 0.39
N LEU B 30 17.59 -12.81 1.15
CA LEU B 30 16.31 -13.52 0.92
C LEU B 30 15.15 -12.54 1.01
N ARG B 31 15.13 -11.71 2.06
CA ARG B 31 13.96 -10.85 2.37
C ARG B 31 13.96 -9.63 1.43
N ARG B 32 15.10 -9.01 1.17
CA ARG B 32 15.15 -7.68 0.50
C ARG B 32 15.51 -7.80 -0.97
N LYS B 33 16.25 -8.80 -1.40
CA LYS B 33 16.60 -8.90 -2.84
C LYS B 33 15.76 -9.96 -3.54
N LEU B 34 15.52 -11.13 -2.93
CA LEU B 34 14.76 -12.20 -3.60
C LEU B 34 13.26 -12.15 -3.31
N GLY B 35 12.78 -11.34 -2.38
CA GLY B 35 11.33 -11.25 -2.09
C GLY B 35 10.76 -12.49 -1.40
N LEU B 36 11.59 -13.26 -0.70
CA LEU B 36 11.18 -14.47 0.05
C LEU B 36 11.11 -14.10 1.54
N ARG B 37 9.94 -13.66 1.97
CA ARG B 37 9.75 -13.20 3.35
C ARG B 37 9.18 -14.29 4.26
N GLY B 38 9.26 -15.58 3.88
CA GLY B 38 8.93 -16.68 4.82
C GLY B 38 9.94 -16.78 5.95
N THR B 39 11.22 -16.53 5.66
CA THR B 39 12.31 -16.55 6.64
C THR B 39 12.30 -15.23 7.43
N LYS B 40 12.29 -15.31 8.75
CA LYS B 40 11.99 -14.18 9.66
C LYS B 40 13.23 -13.75 10.43
N LEU B 41 13.26 -12.47 10.83
CA LEU B 41 14.20 -11.94 11.85
C LEU B 41 13.51 -11.98 13.21
N GLY B 42 14.07 -12.75 14.14
CA GLY B 42 13.63 -12.81 15.54
C GLY B 42 14.63 -12.20 16.51
N CYS B 43 15.95 -12.17 16.20
CA CYS B 43 16.96 -11.76 17.22
C CYS B 43 18.26 -11.29 16.58
N GLY B 44 18.60 -11.83 15.41
CA GLY B 44 19.83 -11.49 14.66
C GLY B 44 21.08 -11.97 15.40
N GLU B 45 20.93 -12.87 16.39
CA GLU B 45 22.11 -13.31 17.19
C GLU B 45 22.15 -14.83 17.34
N GLY B 46 21.41 -15.62 16.54
CA GLY B 46 21.65 -17.08 16.46
C GLY B 46 20.83 -17.88 17.46
N GLY B 47 20.08 -17.21 18.34
CA GLY B 47 19.43 -17.87 19.49
C GLY B 47 17.99 -18.33 19.27
N CYS B 48 17.24 -17.84 18.27
CA CYS B 48 15.77 -18.07 18.21
C CYS B 48 15.38 -19.07 17.09
N GLY B 49 16.14 -19.12 15.98
CA GLY B 49 15.93 -20.05 14.86
C GLY B 49 14.82 -19.64 13.90
N ALA B 50 14.24 -18.43 14.04
CA ALA B 50 13.16 -17.94 13.18
C ALA B 50 13.68 -17.82 11.76
N CYS B 51 14.99 -17.69 11.60
CA CYS B 51 15.68 -17.44 10.32
C CYS B 51 16.26 -18.73 9.76
N THR B 52 15.86 -19.89 10.28
CA THR B 52 16.45 -21.17 9.88
C THR B 52 16.16 -21.49 8.42
N VAL B 53 17.19 -21.96 7.72
CA VAL B 53 17.11 -22.42 6.32
C VAL B 53 17.89 -23.74 6.22
N MET B 54 17.63 -24.52 5.18
CA MET B 54 18.47 -25.69 4.88
C MET B 54 19.48 -25.27 3.81
N LEU B 55 20.71 -25.72 3.97
CA LEU B 55 21.81 -25.57 3.02
C LEU B 55 22.18 -26.98 2.55
N SER B 56 22.45 -27.11 1.25
CA SER B 56 22.86 -28.38 0.58
C SER B 56 24.10 -28.11 -0.26
N LYS B 57 25.09 -28.99 -0.22
CA LYS B 57 26.31 -28.84 -1.05
C LYS B 57 26.91 -30.21 -1.31
N TYR B 58 27.69 -30.29 -2.38
CA TYR B 58 28.41 -31.53 -2.72
C TYR B 58 29.65 -31.56 -1.83
N ASP B 59 29.78 -32.57 -0.98
CA ASP B 59 31.02 -32.82 -0.21
C ASP B 59 31.93 -33.73 -1.06
N ARG B 60 33.13 -33.23 -1.38
CA ARG B 60 34.23 -33.94 -2.10
C ARG B 60 34.79 -35.03 -1.19
N LEU B 61 35.33 -34.63 -0.02
CA LEU B 61 36.05 -35.53 0.91
C LEU B 61 35.13 -36.70 1.31
N GLN B 62 33.81 -36.57 1.12
CA GLN B 62 32.80 -37.62 1.44
C GLN B 62 32.14 -38.16 0.16
N ASP B 63 32.23 -37.42 -0.94
CA ASP B 63 31.72 -37.74 -2.30
C ASP B 63 30.21 -37.89 -2.27
N LYS B 64 29.48 -36.92 -1.70
CA LYS B 64 28.01 -36.91 -1.78
C LYS B 64 27.44 -35.54 -1.41
N ILE B 65 26.13 -35.41 -1.59
CA ILE B 65 25.35 -34.19 -1.21
C ILE B 65 25.05 -34.28 0.27
N ILE B 66 25.29 -33.17 0.97
CA ILE B 66 25.07 -33.04 2.44
C ILE B 66 23.99 -31.98 2.61
N HIS B 67 23.10 -32.16 3.58
CA HIS B 67 22.05 -31.18 3.92
C HIS B 67 22.24 -30.80 5.39
N PHE B 68 22.21 -29.52 5.71
CA PHE B 68 22.37 -29.08 7.11
C PHE B 68 21.59 -27.78 7.28
N SER B 69 21.16 -27.50 8.49
CA SER B 69 20.38 -26.29 8.81
C SER B 69 21.33 -25.13 9.17
N ALA B 70 20.89 -23.90 9.02
CA ALA B 70 21.75 -22.76 9.39
C ALA B 70 20.86 -21.57 9.69
N ASN B 71 21.37 -20.66 10.50
CA ASN B 71 20.72 -19.37 10.81
C ASN B 71 20.99 -18.42 9.63
N ALA B 72 20.00 -18.10 8.82
CA ALA B 72 20.16 -17.07 7.76
C ALA B 72 20.65 -15.72 8.34
N CYS B 73 20.37 -15.39 9.60
CA CYS B 73 20.71 -14.07 10.20
C CYS B 73 22.22 -13.92 10.35
N LEU B 74 22.96 -15.05 10.37
CA LEU B 74 24.44 -15.02 10.59
C LEU B 74 25.21 -15.61 9.38
N ALA B 75 24.54 -16.19 8.38
CA ALA B 75 25.19 -16.75 7.18
C ALA B 75 25.55 -15.60 6.23
N PRO B 76 26.85 -15.23 6.06
CA PRO B 76 27.21 -14.30 4.99
C PRO B 76 26.95 -14.98 3.65
N ILE B 77 26.32 -14.24 2.73
CA ILE B 77 26.07 -14.76 1.36
C ILE B 77 27.43 -15.08 0.72
N CYS B 78 28.51 -14.40 1.11
CA CYS B 78 29.84 -14.69 0.51
C CYS B 78 30.42 -16.05 0.97
N THR B 79 29.79 -16.76 1.90
CA THR B 79 30.13 -18.19 2.22
C THR B 79 29.39 -19.18 1.31
N LEU B 80 28.38 -18.73 0.52
CA LEU B 80 27.43 -19.68 -0.10
C LEU B 80 27.70 -19.91 -1.59
N HIS B 81 28.88 -19.57 -2.12
CA HIS B 81 29.20 -19.88 -3.53
C HIS B 81 29.00 -21.39 -3.75
N HIS B 82 28.18 -21.79 -4.71
CA HIS B 82 27.93 -23.20 -5.09
C HIS B 82 27.31 -23.99 -3.93
N VAL B 83 26.54 -23.30 -3.08
CA VAL B 83 25.60 -23.91 -2.08
C VAL B 83 24.16 -23.73 -2.58
N ALA B 84 23.29 -24.70 -2.25
CA ALA B 84 21.84 -24.65 -2.56
C ALA B 84 21.07 -24.37 -1.26
N VAL B 85 20.35 -23.25 -1.22
CA VAL B 85 19.51 -22.84 -0.06
C VAL B 85 18.10 -23.35 -0.33
N THR B 86 17.47 -23.98 0.69
CA THR B 86 16.02 -24.24 0.73
C THR B 86 15.41 -23.39 1.83
N THR B 87 14.38 -22.64 1.53
CA THR B 87 13.61 -21.88 2.53
C THR B 87 12.25 -22.56 2.69
N VAL B 88 11.40 -22.03 3.57
CA VAL B 88 10.06 -22.60 3.85
C VAL B 88 9.26 -22.60 2.54
N GLU B 89 9.50 -21.62 1.67
CA GLU B 89 8.79 -21.52 0.37
C GLU B 89 9.22 -22.66 -0.56
N GLY B 90 10.41 -23.23 -0.41
CA GLY B 90 10.92 -24.24 -1.37
C GLY B 90 10.38 -25.64 -1.12
N ILE B 91 9.64 -25.87 -0.03
CA ILE B 91 9.23 -27.26 0.35
C ILE B 91 7.74 -27.45 0.12
N GLY B 92 6.96 -26.38 -0.01
CA GLY B 92 5.50 -26.51 -0.17
C GLY B 92 4.81 -25.20 0.06
N SER B 93 3.52 -25.13 -0.24
CA SER B 93 2.73 -23.90 -0.03
C SER B 93 1.26 -24.25 -0.11
N THR B 94 0.39 -23.35 0.32
CA THR B 94 -1.09 -23.54 0.24
C THR B 94 -1.56 -23.40 -1.20
N LYS B 95 -0.74 -22.82 -2.09
CA LYS B 95 -1.11 -22.58 -3.49
C LYS B 95 -0.79 -23.85 -4.29
N THR B 96 0.07 -24.72 -3.80
CA THR B 96 0.45 -25.99 -4.47
C THR B 96 0.00 -27.13 -3.54
N ARG B 97 0.89 -27.59 -2.70
CA ARG B 97 0.61 -28.64 -1.68
C ARG B 97 1.58 -28.39 -0.54
N LEU B 98 1.11 -28.55 0.69
CA LEU B 98 1.96 -28.43 1.90
C LEU B 98 2.86 -29.66 1.95
N HIS B 99 4.13 -29.48 2.31
CA HIS B 99 5.03 -30.58 2.69
C HIS B 99 4.43 -31.24 3.92
N PRO B 100 4.62 -32.56 4.10
CA PRO B 100 4.21 -33.22 5.35
C PRO B 100 4.61 -32.47 6.64
N VAL B 101 5.82 -31.91 6.71
CA VAL B 101 6.24 -31.10 7.90
C VAL B 101 5.28 -29.91 8.09
N GLN B 102 4.88 -29.22 7.04
CA GLN B 102 4.00 -28.03 7.13
C GLN B 102 2.59 -28.46 7.52
N GLU B 103 2.10 -29.54 6.91
CA GLU B 103 0.75 -30.07 7.15
C GLU B 103 0.68 -30.46 8.63
N ARG B 104 1.67 -31.18 9.14
CA ARG B 104 1.55 -31.72 10.51
C ARG B 104 1.62 -30.58 11.54
N ILE B 105 2.55 -29.62 11.40
CA ILE B 105 2.60 -28.54 12.42
C ILE B 105 1.29 -27.75 12.42
N ALA B 106 0.66 -27.47 11.28
CA ALA B 106 -0.62 -26.72 11.20
C ALA B 106 -1.76 -27.57 11.80
N LYS B 107 -1.91 -28.85 11.37
CA LYS B 107 -3.05 -29.70 11.79
C LYS B 107 -2.95 -30.09 13.26
N SER B 108 -1.75 -30.13 13.84
CA SER B 108 -1.53 -30.56 15.25
C SER B 108 -1.64 -29.36 16.21
N HIS B 109 -1.95 -28.16 15.73
CA HIS B 109 -2.09 -26.93 16.58
C HIS B 109 -0.70 -26.49 17.06
N GLY B 110 0.34 -26.78 16.28
CA GLY B 110 1.68 -26.39 16.62
C GLY B 110 2.01 -24.96 16.19
N SER B 111 1.03 -24.20 15.68
CA SER B 111 1.29 -22.82 15.20
C SER B 111 0.23 -21.90 15.76
N GLN B 112 0.64 -20.92 16.55
CA GLN B 112 -0.29 -19.92 17.12
C GLN B 112 -0.09 -18.60 16.39
N CYS B 113 0.87 -17.75 16.82
CA CYS B 113 1.09 -16.47 16.12
C CYS B 113 1.72 -16.74 14.76
N GLY B 114 2.47 -17.83 14.67
CA GLY B 114 3.06 -18.35 13.43
C GLY B 114 4.44 -17.81 13.12
N PHE B 115 5.00 -16.91 13.95
CA PHE B 115 6.27 -16.25 13.55
C PHE B 115 7.45 -17.22 13.59
N CYS B 116 7.44 -18.18 14.52
CA CYS B 116 8.50 -19.21 14.64
C CYS B 116 8.30 -20.37 13.67
N THR B 117 7.15 -20.49 13.02
CA THR B 117 6.73 -21.76 12.38
C THR B 117 7.65 -22.07 11.21
N PRO B 118 7.97 -21.10 10.35
CA PRO B 118 8.89 -21.39 9.25
C PRO B 118 10.26 -21.90 9.73
N GLY B 119 10.84 -21.31 10.77
CA GLY B 119 12.14 -21.80 11.23
C GLY B 119 12.05 -23.22 11.79
N ILE B 120 10.97 -23.51 12.51
CA ILE B 120 10.76 -24.86 13.11
C ILE B 120 10.51 -25.90 12.01
N VAL B 121 9.74 -25.54 11.00
CA VAL B 121 9.47 -26.36 9.78
C VAL B 121 10.82 -26.64 9.15
N MET B 122 11.70 -25.65 8.99
CA MET B 122 12.97 -25.94 8.30
C MET B 122 13.90 -26.83 9.13
N SER B 123 13.95 -26.65 10.47
CA SER B 123 14.68 -27.53 11.42
C SER B 123 14.19 -29.00 11.30
N MET B 124 12.88 -29.20 11.19
CA MET B 124 12.27 -30.55 11.10
C MET B 124 12.51 -31.10 9.68
N TYR B 125 12.40 -30.26 8.66
CA TYR B 125 12.66 -30.65 7.26
C TYR B 125 14.10 -31.13 7.13
N THR B 126 15.03 -30.38 7.70
CA THR B 126 16.47 -30.74 7.59
C THR B 126 16.75 -32.09 8.24
N LEU B 127 16.20 -32.34 9.42
CA LEU B 127 16.28 -33.66 10.10
C LEU B 127 15.79 -34.76 9.13
N LEU B 128 14.58 -34.62 8.56
CA LEU B 128 13.98 -35.68 7.71
C LEU B 128 14.80 -35.88 6.44
N ARG B 129 15.42 -34.83 5.90
CA ARG B 129 16.31 -34.99 4.72
C ARG B 129 17.55 -35.80 5.12
N ASN B 130 17.94 -35.80 6.40
CA ASN B 130 19.11 -36.58 6.86
C ASN B 130 18.66 -37.96 7.32
N GLN B 131 17.46 -38.06 7.86
CA GLN B 131 16.93 -39.28 8.52
C GLN B 131 15.42 -39.28 8.36
N PRO B 132 14.88 -39.96 7.32
CA PRO B 132 13.44 -39.93 7.04
C PRO B 132 12.55 -40.66 8.07
N GLU B 133 13.14 -41.47 8.94
CA GLU B 133 12.45 -42.18 10.07
C GLU B 133 13.21 -41.93 11.37
N PRO B 134 13.15 -40.69 11.92
CA PRO B 134 13.97 -40.36 13.07
C PRO B 134 13.43 -40.97 14.37
N THR B 135 14.28 -41.04 15.40
CA THR B 135 13.88 -41.37 16.79
C THR B 135 13.20 -40.15 17.40
N VAL B 136 12.46 -40.36 18.50
CA VAL B 136 11.84 -39.25 19.26
C VAL B 136 12.96 -38.34 19.80
N GLU B 137 14.06 -38.91 20.28
CA GLU B 137 15.25 -38.13 20.74
C GLU B 137 15.80 -37.25 19.60
N GLU B 138 15.99 -37.78 18.40
CA GLU B 138 16.46 -36.97 17.24
C GLU B 138 15.49 -35.83 16.95
N ILE B 139 14.18 -36.05 17.05
CA ILE B 139 13.14 -35.02 16.79
C ILE B 139 13.27 -33.89 17.81
N GLU B 140 13.34 -34.18 19.12
CA GLU B 140 13.54 -33.13 20.17
C GLU B 140 14.86 -32.39 19.89
N ASP B 141 15.91 -33.13 19.55
CA ASP B 141 17.25 -32.53 19.37
C ASP B 141 17.30 -31.63 18.11
N ALA B 142 16.36 -31.77 17.18
CA ALA B 142 16.36 -30.94 15.97
C ALA B 142 16.12 -29.48 16.36
N PHE B 143 15.54 -29.21 17.56
CA PHE B 143 15.04 -27.86 17.92
C PHE B 143 15.80 -27.21 19.09
N GLN B 144 17.01 -27.68 19.44
CA GLN B 144 17.90 -27.02 20.45
C GLN B 144 17.99 -25.50 20.14
N GLY B 145 17.90 -25.12 18.88
CA GLY B 145 18.10 -23.74 18.44
C GLY B 145 16.85 -23.10 17.91
N ASN B 146 15.65 -23.52 18.34
CA ASN B 146 14.39 -22.87 17.90
C ASN B 146 13.60 -22.47 19.15
N LEU B 147 13.07 -21.26 19.16
CA LEU B 147 12.21 -20.78 20.26
C LEU B 147 10.78 -20.55 19.73
N CYS B 148 9.80 -20.89 20.57
CA CYS B 148 8.39 -20.55 20.38
C CYS B 148 7.87 -20.01 21.70
N ARG B 149 7.20 -18.86 21.62
CA ARG B 149 6.71 -18.10 22.80
C ARG B 149 5.23 -18.42 23.04
N CYS B 150 4.52 -18.91 22.01
CA CYS B 150 3.05 -19.09 22.05
C CYS B 150 2.61 -20.48 22.55
N THR B 151 3.21 -21.56 22.04
CA THR B 151 2.51 -22.88 22.01
C THR B 151 2.79 -23.67 23.29
N GLY B 152 3.90 -23.43 24.01
CA GLY B 152 4.33 -24.35 25.06
C GLY B 152 4.85 -25.66 24.48
N TYR B 153 5.20 -25.68 23.19
CA TYR B 153 6.03 -26.70 22.49
C TYR B 153 5.35 -28.09 22.40
N ARG B 154 4.54 -28.50 23.38
CA ARG B 154 3.90 -29.84 23.40
C ARG B 154 3.32 -30.22 22.02
N PRO B 155 2.44 -29.40 21.40
CA PRO B 155 1.81 -29.78 20.14
C PRO B 155 2.77 -29.91 18.95
N ILE B 156 3.81 -29.10 18.91
CA ILE B 156 4.85 -29.19 17.84
C ILE B 156 5.51 -30.57 17.97
N LEU B 157 5.92 -30.94 19.17
CA LEU B 157 6.61 -32.24 19.36
C LEU B 157 5.65 -33.41 19.11
N GLN B 158 4.42 -33.35 19.63
CA GLN B 158 3.46 -34.46 19.49
C GLN B 158 3.07 -34.63 18.03
N GLY B 159 2.85 -33.53 17.31
CA GLY B 159 2.60 -33.58 15.85
C GLY B 159 3.77 -34.17 15.07
N PHE B 160 5.01 -33.82 15.42
CA PHE B 160 6.20 -34.35 14.72
C PHE B 160 6.57 -35.76 15.19
N ARG B 161 6.12 -36.18 16.37
CA ARG B 161 6.40 -37.56 16.89
C ARG B 161 5.78 -38.58 15.91
N THR B 162 4.81 -38.16 15.11
CA THR B 162 4.19 -39.07 14.09
C THR B 162 5.17 -39.41 12.97
N PHE B 163 6.29 -38.69 12.83
CA PHE B 163 7.32 -39.05 11.85
C PHE B 163 8.17 -40.21 12.35
N ALA B 164 8.18 -40.55 13.67
CA ALA B 164 9.11 -41.55 14.26
C ALA B 164 8.75 -43.00 13.87
N PRO B 193 -11.99 -38.32 22.41
CA PRO B 193 -11.96 -37.26 21.36
C PRO B 193 -10.56 -36.62 21.28
N SER B 194 -10.00 -36.49 20.05
CA SER B 194 -8.59 -36.09 19.79
C SER B 194 -8.50 -34.70 19.15
N LEU B 195 -7.44 -33.95 19.44
CA LEU B 195 -7.25 -32.60 18.88
C LEU B 195 -6.88 -32.73 17.41
N PHE B 196 -6.26 -33.85 17.01
CA PHE B 196 -5.90 -34.11 15.59
C PHE B 196 -5.91 -35.61 15.31
N ASN B 197 -5.89 -35.92 14.02
CA ASN B 197 -6.02 -37.30 13.51
C ASN B 197 -4.79 -37.63 12.68
N PRO B 198 -3.79 -38.36 13.23
CA PRO B 198 -2.58 -38.69 12.47
C PRO B 198 -2.85 -39.58 11.25
N GLU B 199 -4.05 -40.16 11.12
CA GLU B 199 -4.37 -41.08 9.99
C GLU B 199 -4.59 -40.27 8.71
N GLU B 200 -4.86 -38.98 8.82
CA GLU B 200 -5.06 -38.05 7.69
C GLU B 200 -3.71 -37.58 7.17
N PHE B 201 -2.62 -37.79 7.90
CA PHE B 201 -1.28 -37.24 7.56
C PHE B 201 -0.65 -38.04 6.42
N MET B 202 -0.24 -37.31 5.40
CA MET B 202 0.51 -37.82 4.24
C MET B 202 1.88 -38.28 4.70
N PRO B 203 2.25 -39.57 4.48
CA PRO B 203 3.57 -40.07 4.83
C PRO B 203 4.62 -39.29 4.04
N LEU B 204 5.81 -39.17 4.62
CA LEU B 204 6.97 -38.61 3.89
C LEU B 204 7.32 -39.54 2.74
N ASP B 205 7.60 -38.99 1.55
CA ASP B 205 8.08 -39.79 0.40
C ASP B 205 9.34 -39.15 -0.17
N PRO B 206 10.55 -39.63 0.23
CA PRO B 206 11.81 -39.02 -0.20
C PRO B 206 12.03 -38.93 -1.72
N THR B 207 11.42 -39.82 -2.50
CA THR B 207 11.50 -39.79 -3.98
C THR B 207 10.79 -38.54 -4.52
N GLN B 208 9.93 -37.89 -3.76
CA GLN B 208 9.18 -36.70 -4.27
C GLN B 208 9.91 -35.39 -3.85
N GLU B 209 11.05 -35.43 -3.16
CA GLU B 209 11.73 -34.20 -2.66
C GLU B 209 12.40 -33.47 -3.83
N PRO B 210 12.55 -32.12 -3.79
CA PRO B 210 13.30 -31.42 -4.82
C PRO B 210 14.70 -32.02 -5.03
N ILE B 211 15.09 -32.21 -6.28
CA ILE B 211 16.42 -32.72 -6.70
C ILE B 211 17.45 -31.62 -6.45
N PHE B 212 18.64 -32.00 -5.99
CA PHE B 212 19.81 -31.11 -5.90
C PHE B 212 20.09 -30.50 -7.27
N PRO B 213 20.29 -29.16 -7.39
CA PRO B 213 20.39 -28.51 -8.71
C PRO B 213 21.40 -29.19 -9.64
N PRO B 214 20.98 -29.74 -10.81
CA PRO B 214 21.94 -30.45 -11.67
C PRO B 214 23.12 -29.56 -12.09
N GLU B 215 22.92 -28.25 -12.23
CA GLU B 215 24.02 -27.33 -12.61
C GLU B 215 25.11 -27.33 -11.53
N LEU B 216 24.76 -27.40 -10.24
CA LEU B 216 25.76 -27.46 -9.14
C LEU B 216 26.52 -28.76 -9.21
N LEU B 217 25.82 -29.84 -9.52
CA LEU B 217 26.48 -31.17 -9.61
C LEU B 217 27.53 -31.15 -10.74
N ARG B 218 27.31 -30.42 -11.85
CA ARG B 218 28.36 -30.25 -12.92
C ARG B 218 29.57 -29.47 -12.38
N LEU B 219 29.32 -28.37 -11.64
CA LEU B 219 30.35 -27.44 -11.12
C LEU B 219 31.24 -28.18 -10.11
N LYS B 220 30.73 -29.24 -9.47
CA LYS B 220 31.44 -30.06 -8.44
C LYS B 220 32.81 -30.53 -8.96
N ASP B 221 32.97 -30.69 -10.28
CA ASP B 221 34.20 -31.23 -10.93
C ASP B 221 35.27 -30.14 -11.00
N VAL B 222 34.93 -29.01 -11.66
CA VAL B 222 35.82 -27.83 -11.88
C VAL B 222 36.55 -27.51 -10.58
N PRO B 223 37.90 -27.34 -10.60
CA PRO B 223 38.63 -27.05 -9.37
C PRO B 223 38.32 -25.64 -8.88
N PRO B 224 38.19 -25.46 -7.55
CA PRO B 224 37.89 -24.15 -6.99
C PRO B 224 38.99 -23.13 -7.29
N LYS B 225 38.61 -21.86 -7.34
CA LYS B 225 39.51 -20.74 -7.72
C LYS B 225 39.25 -19.62 -6.70
N GLN B 226 40.28 -18.88 -6.32
CA GLN B 226 40.15 -17.81 -5.30
C GLN B 226 39.14 -16.79 -5.82
N LEU B 227 38.24 -16.33 -4.96
CA LEU B 227 37.26 -15.28 -5.29
C LEU B 227 37.50 -14.07 -4.39
N ARG B 228 37.14 -12.89 -4.92
CA ARG B 228 37.22 -11.58 -4.25
C ARG B 228 35.85 -10.92 -4.39
N PHE B 229 35.23 -10.59 -3.26
CA PHE B 229 34.02 -9.76 -3.15
C PHE B 229 34.42 -8.42 -2.54
N GLU B 230 33.81 -7.33 -3.02
CA GLU B 230 34.08 -5.95 -2.58
C GLU B 230 32.74 -5.31 -2.27
N GLY B 231 32.60 -4.87 -1.03
CA GLY B 231 31.40 -4.21 -0.48
C GLY B 231 31.65 -2.74 -0.23
N GLU B 232 30.71 -2.11 0.49
CA GLU B 232 30.78 -0.68 0.81
C GLU B 232 32.00 -0.46 1.72
N ARG B 233 32.28 -1.38 2.65
CA ARG B 233 33.28 -1.16 3.72
C ARG B 233 34.24 -2.35 3.85
N VAL B 234 33.91 -3.49 3.24
CA VAL B 234 34.61 -4.78 3.51
C VAL B 234 35.01 -5.44 2.20
N THR B 235 36.24 -5.99 2.17
CA THR B 235 36.72 -6.88 1.10
C THR B 235 36.76 -8.31 1.64
N TRP B 236 36.34 -9.28 0.83
CA TRP B 236 36.27 -10.71 1.20
C TRP B 236 37.03 -11.52 0.17
N ILE B 237 38.00 -12.30 0.63
CA ILE B 237 38.73 -13.21 -0.27
C ILE B 237 38.37 -14.63 0.13
N GLN B 238 37.82 -15.41 -0.80
CA GLN B 238 37.56 -16.85 -0.58
C GLN B 238 38.82 -17.59 -1.01
N ALA B 239 39.65 -18.06 -0.07
CA ALA B 239 40.90 -18.78 -0.38
C ALA B 239 40.59 -20.22 -0.83
N SER B 240 41.21 -20.71 -1.89
CA SER B 240 40.93 -22.05 -2.45
C SER B 240 41.98 -23.08 -2.02
N THR B 241 43.19 -22.64 -1.62
CA THR B 241 44.34 -23.51 -1.23
C THR B 241 45.00 -23.03 0.08
N LEU B 242 45.58 -23.96 0.83
CA LEU B 242 46.38 -23.62 2.03
C LEU B 242 47.46 -22.59 1.65
N LYS B 243 48.16 -22.81 0.55
CA LYS B 243 49.21 -21.87 0.06
C LYS B 243 48.59 -20.47 -0.09
N GLU B 244 47.42 -20.36 -0.71
CA GLU B 244 46.79 -19.03 -0.93
C GLU B 244 46.50 -18.43 0.43
N LEU B 245 45.97 -19.20 1.37
CA LEU B 245 45.65 -18.68 2.72
C LEU B 245 46.93 -18.15 3.39
N LEU B 246 48.01 -18.91 3.35
CA LEU B 246 49.26 -18.49 4.05
C LEU B 246 49.87 -17.23 3.43
N ASP B 247 49.76 -17.10 2.11
CA ASP B 247 50.22 -15.89 1.37
C ASP B 247 49.35 -14.70 1.78
N LEU B 248 48.03 -14.87 1.81
CA LEU B 248 47.10 -13.76 2.15
C LEU B 248 47.32 -13.31 3.59
N LYS B 249 47.56 -14.25 4.52
CA LYS B 249 47.85 -13.88 5.93
C LYS B 249 49.17 -13.11 6.03
N ALA B 250 50.16 -13.45 5.21
CA ALA B 250 51.43 -12.68 5.09
C ALA B 250 51.11 -11.29 4.53
N GLN B 251 50.25 -11.20 3.51
CA GLN B 251 50.00 -9.89 2.84
C GLN B 251 49.07 -9.01 3.70
N HIS B 252 48.13 -9.60 4.43
CA HIS B 252 47.13 -8.90 5.30
C HIS B 252 47.03 -9.62 6.64
N PRO B 253 48.01 -9.45 7.56
CA PRO B 253 47.98 -10.16 8.86
C PRO B 253 46.80 -9.78 9.78
N GLU B 254 46.26 -8.57 9.63
CA GLU B 254 45.10 -8.04 10.39
C GLU B 254 43.77 -8.65 9.87
N ALA B 255 43.79 -9.37 8.74
CA ALA B 255 42.57 -9.93 8.13
C ALA B 255 42.00 -10.97 9.09
N LYS B 256 40.66 -11.02 9.21
CA LYS B 256 39.92 -12.03 10.02
C LYS B 256 39.61 -13.25 9.17
N LEU B 257 39.78 -14.45 9.72
CA LEU B 257 39.39 -15.73 9.08
C LEU B 257 37.96 -16.08 9.48
N VAL B 258 36.99 -15.73 8.65
CA VAL B 258 35.58 -16.15 8.90
C VAL B 258 35.41 -17.57 8.38
N VAL B 259 34.85 -18.45 9.20
CA VAL B 259 34.26 -19.71 8.68
C VAL B 259 32.75 -19.68 8.85
N GLY B 260 32.30 -19.88 10.09
CA GLY B 260 30.87 -19.95 10.45
C GLY B 260 30.27 -18.59 10.65
N ASN B 261 31.09 -17.59 11.02
CA ASN B 261 30.65 -16.17 11.20
C ASN B 261 29.83 -16.04 12.50
N THR B 262 29.82 -17.06 13.35
CA THR B 262 28.95 -17.05 14.56
C THR B 262 29.64 -16.28 15.69
N GLU B 263 30.89 -15.87 15.54
CA GLU B 263 31.54 -14.86 16.42
C GLU B 263 31.63 -13.53 15.66
N ILE B 264 32.21 -13.54 14.46
CA ILE B 264 32.44 -12.26 13.72
C ILE B 264 31.10 -11.56 13.46
N GLY B 265 30.05 -12.30 13.10
CA GLY B 265 28.71 -11.72 12.88
C GLY B 265 28.22 -10.94 14.06
N ILE B 266 28.48 -11.46 15.27
CA ILE B 266 28.07 -10.82 16.54
C ILE B 266 28.95 -9.60 16.76
N GLU B 267 30.27 -9.74 16.52
CA GLU B 267 31.20 -8.60 16.72
C GLU B 267 30.78 -7.44 15.83
N MET B 268 30.51 -7.72 14.56
CA MET B 268 30.09 -6.67 13.61
C MET B 268 28.72 -6.12 13.99
N LYS B 269 27.75 -6.96 14.34
CA LYS B 269 26.37 -6.44 14.51
C LYS B 269 26.23 -5.76 15.89
N PHE B 270 26.76 -6.33 16.96
CA PHE B 270 26.46 -5.91 18.36
C PHE B 270 27.63 -5.15 18.96
N LYS B 271 28.85 -5.31 18.47
CA LYS B 271 30.01 -4.63 19.14
C LYS B 271 30.55 -3.53 18.21
N ASN B 272 29.87 -3.24 17.10
CA ASN B 272 30.20 -2.08 16.22
C ASN B 272 31.62 -2.22 15.68
N GLN B 273 32.14 -3.45 15.57
CA GLN B 273 33.49 -3.72 15.00
C GLN B 273 33.37 -3.62 13.49
N LEU B 274 34.44 -3.16 12.82
CA LEU B 274 34.52 -3.13 11.35
C LEU B 274 35.85 -3.76 10.98
N PHE B 275 35.79 -4.88 10.26
CA PHE B 275 36.97 -5.66 9.82
C PHE B 275 37.09 -5.47 8.32
N PRO B 276 37.92 -4.51 7.84
CA PRO B 276 37.91 -4.16 6.43
C PRO B 276 38.30 -5.32 5.51
N MET B 277 38.90 -6.38 6.04
CA MET B 277 39.31 -7.50 5.19
C MET B 277 39.04 -8.83 5.88
N ILE B 278 38.38 -9.73 5.16
CA ILE B 278 37.98 -11.08 5.60
C ILE B 278 38.61 -12.05 4.62
N ILE B 279 39.19 -13.11 5.15
CA ILE B 279 39.68 -14.29 4.37
C ILE B 279 38.85 -15.45 4.86
N CYS B 280 38.08 -16.07 3.98
CA CYS B 280 37.32 -17.27 4.34
C CYS B 280 38.08 -18.49 3.88
N PRO B 281 38.56 -19.34 4.79
CA PRO B 281 39.35 -20.52 4.42
C PRO B 281 38.58 -21.83 4.29
N ALA B 282 37.25 -21.77 4.24
CA ALA B 282 36.35 -22.92 4.46
C ALA B 282 36.57 -23.99 3.38
N TRP B 283 36.91 -23.60 2.15
CA TRP B 283 37.10 -24.55 1.02
C TRP B 283 38.35 -25.44 1.15
N ILE B 284 39.31 -25.14 2.03
CA ILE B 284 40.69 -25.67 1.92
C ILE B 284 40.72 -27.10 2.47
N PRO B 285 41.13 -28.11 1.67
CA PRO B 285 41.10 -29.52 2.08
C PRO B 285 41.78 -29.80 3.42
N GLU B 286 42.98 -29.26 3.66
CA GLU B 286 43.75 -29.46 4.91
C GLU B 286 42.97 -28.91 6.12
N LEU B 287 42.16 -27.84 6.00
CA LEU B 287 41.34 -27.30 7.11
C LEU B 287 40.03 -28.12 7.29
N ASN B 288 39.77 -29.12 6.46
CA ASN B 288 38.53 -29.95 6.52
C ASN B 288 38.88 -31.43 6.72
N ALA B 289 40.15 -31.78 6.78
CA ALA B 289 40.58 -33.20 6.77
C ALA B 289 40.40 -33.79 8.17
N VAL B 290 39.98 -35.06 8.22
CA VAL B 290 39.75 -35.87 9.45
C VAL B 290 40.65 -37.09 9.34
N GLU B 291 41.59 -37.25 10.27
CA GLU B 291 42.60 -38.35 10.21
C GLU B 291 42.63 -39.11 11.54
N HIS B 292 42.53 -40.43 11.44
CA HIS B 292 42.59 -41.39 12.55
C HIS B 292 44.04 -41.85 12.67
N GLY B 293 44.76 -41.32 13.65
CA GLY B 293 46.18 -41.59 13.92
C GLY B 293 46.30 -42.44 15.19
N PRO B 294 47.54 -42.84 15.55
CA PRO B 294 47.76 -43.66 16.74
C PRO B 294 47.51 -42.89 18.06
N GLU B 295 47.70 -41.57 18.13
CA GLU B 295 47.54 -40.77 19.39
C GLU B 295 46.09 -40.27 19.58
N GLY B 296 45.29 -40.19 18.52
CA GLY B 296 43.94 -39.60 18.58
C GLY B 296 43.42 -39.28 17.20
N ILE B 297 42.37 -38.45 17.13
CA ILE B 297 41.66 -38.13 15.87
C ILE B 297 41.91 -36.66 15.59
N SER B 298 42.49 -36.40 14.43
CA SER B 298 42.84 -35.03 13.95
C SER B 298 41.66 -34.50 13.14
N PHE B 299 41.30 -33.24 13.42
CA PHE B 299 40.28 -32.44 12.68
C PHE B 299 40.94 -31.17 12.18
N GLY B 300 40.78 -30.90 10.88
CA GLY B 300 40.97 -29.56 10.28
C GLY B 300 40.26 -28.48 11.08
N ALA B 301 40.89 -27.32 11.26
CA ALA B 301 40.33 -26.18 12.02
C ALA B 301 38.97 -25.67 11.47
N ALA B 302 38.63 -25.86 10.19
CA ALA B 302 37.37 -25.41 9.58
C ALA B 302 36.26 -26.44 9.75
N CYS B 303 36.56 -27.67 10.22
CA CYS B 303 35.55 -28.73 10.52
C CYS B 303 34.45 -28.12 11.40
N ALA B 304 33.20 -28.26 10.97
CA ALA B 304 32.02 -27.83 11.74
C ALA B 304 31.94 -28.71 12.98
N LEU B 305 31.43 -28.13 14.06
CA LEU B 305 31.20 -28.88 15.33
C LEU B 305 30.28 -30.08 15.10
N SER B 306 29.27 -29.97 14.23
CA SER B 306 28.38 -31.11 13.89
C SER B 306 29.20 -32.27 13.29
N SER B 307 30.18 -32.00 12.43
CA SER B 307 31.12 -33.03 11.89
C SER B 307 31.97 -33.63 12.99
N VAL B 308 32.46 -32.79 13.89
CA VAL B 308 33.24 -33.32 15.03
C VAL B 308 32.32 -34.26 15.81
N GLU B 309 31.10 -33.82 16.09
CA GLU B 309 30.13 -34.60 16.89
C GLU B 309 29.96 -35.97 16.19
N LYS B 310 29.75 -35.99 14.89
CA LYS B 310 29.37 -37.24 14.20
C LYS B 310 30.57 -38.18 14.22
N THR B 311 31.77 -37.69 13.92
CA THR B 311 33.03 -38.47 13.97
C THR B 311 33.24 -39.04 15.37
N LEU B 312 33.11 -38.23 16.43
CA LEU B 312 33.38 -38.72 17.79
C LEU B 312 32.28 -39.70 18.21
N LEU B 313 31.03 -39.49 17.80
CA LEU B 313 29.95 -40.45 18.17
C LEU B 313 30.30 -41.83 17.57
N GLU B 314 30.81 -41.88 16.34
CA GLU B 314 31.18 -43.15 15.66
C GLU B 314 32.41 -43.75 16.36
N ALA B 315 33.40 -42.95 16.75
CA ALA B 315 34.57 -43.41 17.54
C ALA B 315 34.08 -44.07 18.84
N VAL B 316 33.17 -43.41 19.57
CA VAL B 316 32.74 -43.89 20.92
C VAL B 316 32.01 -45.23 20.77
N ALA B 317 31.18 -45.35 19.71
CA ALA B 317 30.41 -46.57 19.43
C ALA B 317 31.35 -47.73 19.04
N LYS B 318 32.49 -47.42 18.41
CA LYS B 318 33.39 -48.44 17.82
C LYS B 318 34.57 -48.80 18.74
N LEU B 319 35.10 -47.87 19.55
CA LEU B 319 36.36 -48.09 20.30
C LEU B 319 36.07 -48.54 21.73
N PRO B 320 36.99 -49.24 22.43
CA PRO B 320 36.83 -49.50 23.87
C PRO B 320 36.58 -48.21 24.67
N THR B 321 35.74 -48.32 25.71
CA THR B 321 35.38 -47.21 26.62
C THR B 321 36.67 -46.55 27.11
N GLN B 322 37.73 -47.30 27.33
CA GLN B 322 38.91 -46.74 28.05
C GLN B 322 39.69 -45.82 27.08
N LYS B 323 39.39 -45.86 25.79
CA LYS B 323 40.09 -45.02 24.80
C LYS B 323 39.31 -43.72 24.53
N THR B 324 38.04 -43.65 24.95
CA THR B 324 37.15 -42.55 24.46
C THR B 324 36.71 -41.63 25.59
N GLU B 325 37.46 -41.56 26.71
CA GLU B 325 37.13 -40.65 27.86
C GLU B 325 37.12 -39.17 27.43
N VAL B 326 38.10 -38.73 26.66
CA VAL B 326 38.14 -37.32 26.18
C VAL B 326 37.03 -37.12 25.14
N PHE B 327 36.85 -38.06 24.22
CA PHE B 327 35.80 -37.95 23.18
C PHE B 327 34.45 -37.73 23.86
N ARG B 328 34.19 -38.47 24.94
CA ARG B 328 32.87 -38.39 25.63
C ARG B 328 32.77 -37.05 26.37
N GLY B 329 33.87 -36.52 26.86
CA GLY B 329 33.84 -35.15 27.41
C GLY B 329 33.51 -34.10 26.35
N VAL B 330 34.11 -34.21 25.17
CA VAL B 330 33.83 -33.30 24.02
C VAL B 330 32.34 -33.44 23.68
N LEU B 331 31.86 -34.68 23.58
CA LEU B 331 30.45 -34.93 23.18
C LEU B 331 29.48 -34.37 24.22
N GLU B 332 29.80 -34.50 25.50
CA GLU B 332 28.91 -34.03 26.60
C GLU B 332 28.77 -32.51 26.48
N GLN B 333 29.83 -31.76 26.15
CA GLN B 333 29.76 -30.29 25.95
C GLN B 333 28.99 -29.97 24.63
N LEU B 334 29.19 -30.74 23.55
CA LEU B 334 28.52 -30.46 22.24
C LEU B 334 27.00 -30.63 22.33
N ARG B 335 26.51 -31.50 23.22
CA ARG B 335 25.05 -31.65 23.51
C ARG B 335 24.45 -30.30 23.93
N TRP B 336 25.16 -29.52 24.75
CA TRP B 336 24.68 -28.25 25.33
C TRP B 336 25.33 -27.04 24.64
N PHE B 337 25.87 -27.22 23.43
CA PHE B 337 26.54 -26.16 22.64
C PHE B 337 25.56 -25.68 21.56
N ALA B 338 24.91 -24.55 21.82
CA ALA B 338 24.04 -23.83 20.85
C ALA B 338 22.97 -24.81 20.38
N GLY B 339 22.69 -24.85 19.07
CA GLY B 339 21.71 -25.75 18.47
C GLY B 339 22.24 -26.33 17.20
N LYS B 340 21.40 -27.00 16.42
CA LYS B 340 21.85 -27.67 15.17
C LYS B 340 22.34 -26.62 14.17
N GLN B 341 21.67 -25.47 14.10
CA GLN B 341 21.95 -24.38 13.12
C GLN B 341 23.37 -23.87 13.38
N VAL B 342 23.71 -23.56 14.61
CA VAL B 342 25.06 -23.01 14.94
C VAL B 342 26.13 -24.11 14.85
N LYS B 343 25.85 -25.30 15.36
CA LYS B 343 26.86 -26.38 15.28
C LYS B 343 27.20 -26.79 13.83
N SER B 344 26.27 -26.68 12.89
CA SER B 344 26.47 -27.09 11.48
C SER B 344 27.38 -26.09 10.74
N VAL B 345 27.57 -24.86 11.25
CA VAL B 345 28.45 -23.86 10.56
C VAL B 345 29.67 -23.47 11.43
N ALA B 346 29.55 -23.56 12.74
CA ALA B 346 30.63 -23.17 13.70
C ALA B 346 31.81 -24.15 13.55
N SER B 347 33.02 -23.61 13.42
CA SER B 347 34.28 -24.33 13.22
C SER B 347 34.97 -24.52 14.57
N LEU B 348 35.70 -25.63 14.67
CA LEU B 348 36.66 -25.86 15.76
C LEU B 348 37.60 -24.68 16.00
N GLY B 349 38.26 -24.22 14.95
CA GLY B 349 39.25 -23.14 15.04
C GLY B 349 38.61 -21.84 15.47
N GLY B 350 37.38 -21.60 15.02
CA GLY B 350 36.61 -20.41 15.43
C GLY B 350 36.47 -20.41 16.95
N ASN B 351 36.15 -21.57 17.56
CA ASN B 351 35.95 -21.62 19.04
C ASN B 351 37.30 -21.42 19.77
N ILE B 352 38.33 -22.11 19.33
CA ILE B 352 39.68 -22.05 19.94
C ILE B 352 40.25 -20.63 19.83
N ILE B 353 40.27 -20.01 18.64
CA ILE B 353 40.99 -18.71 18.47
C ILE B 353 40.15 -17.55 19.01
N THR B 354 38.83 -17.63 19.05
CA THR B 354 37.96 -16.60 19.67
C THR B 354 38.34 -16.43 21.13
N ALA B 355 38.67 -17.55 21.80
CA ALA B 355 39.21 -17.53 23.17
C ALA B 355 38.26 -16.78 24.07
N SER B 356 36.97 -17.04 23.96
CA SER B 356 36.02 -16.49 24.94
C SER B 356 36.27 -17.13 26.29
N PRO B 357 36.17 -16.33 27.38
CA PRO B 357 36.23 -16.84 28.73
C PRO B 357 35.24 -17.98 29.00
N ILE B 358 34.13 -18.03 28.26
CA ILE B 358 33.01 -18.99 28.53
C ILE B 358 33.00 -20.08 27.45
N SER B 359 34.03 -20.20 26.63
CA SER B 359 34.21 -21.36 25.71
C SER B 359 33.95 -22.67 26.46
N ASP B 360 33.10 -23.54 25.90
CA ASP B 360 32.77 -24.84 26.53
C ASP B 360 33.78 -25.88 26.06
N LEU B 361 34.52 -25.60 24.98
CA LEU B 361 35.48 -26.58 24.38
C LEU B 361 36.91 -26.30 24.85
N ASN B 362 37.30 -25.02 25.04
CA ASN B 362 38.71 -24.71 25.40
C ASN B 362 39.08 -25.39 26.72
N PRO B 363 38.22 -25.41 27.78
CA PRO B 363 38.60 -26.10 29.01
C PRO B 363 38.83 -27.60 28.75
N VAL B 364 38.11 -28.19 27.81
CA VAL B 364 38.23 -29.65 27.54
C VAL B 364 39.54 -29.88 26.78
N PHE B 365 39.85 -29.03 25.82
CA PHE B 365 41.09 -29.12 25.01
C PHE B 365 42.30 -28.90 25.91
N MET B 366 42.21 -27.96 26.85
CA MET B 366 43.27 -27.61 27.81
C MET B 366 43.48 -28.80 28.77
N ALA B 367 42.43 -29.31 29.39
CA ALA B 367 42.55 -30.36 30.41
C ALA B 367 43.11 -31.65 29.78
N SER B 368 42.84 -31.88 28.50
CA SER B 368 43.29 -33.09 27.76
C SER B 368 44.62 -32.90 27.02
N GLY B 369 45.23 -31.71 27.02
CA GLY B 369 46.45 -31.46 26.23
C GLY B 369 46.21 -31.67 24.74
N THR B 370 45.04 -31.31 24.23
CA THR B 370 44.68 -31.46 22.80
C THR B 370 45.79 -30.79 21.96
N LYS B 371 46.26 -31.46 20.91
CA LYS B 371 47.41 -31.05 20.08
C LYS B 371 46.93 -30.06 19.00
N LEU B 372 47.57 -28.90 18.93
CA LEU B 372 47.27 -27.81 17.96
C LEU B 372 48.40 -27.73 16.94
N THR B 373 48.09 -27.80 15.65
CA THR B 373 49.07 -27.66 14.56
C THR B 373 48.85 -26.27 13.97
N ILE B 374 49.85 -25.41 14.11
CA ILE B 374 49.80 -23.97 13.75
C ILE B 374 50.82 -23.74 12.64
N VAL B 375 50.44 -23.05 11.56
CA VAL B 375 51.30 -22.87 10.36
C VAL B 375 51.31 -21.39 9.97
N SER B 376 52.41 -20.93 9.39
CA SER B 376 52.48 -19.67 8.62
C SER B 376 53.16 -20.04 7.31
N ARG B 377 53.23 -19.10 6.37
CA ARG B 377 54.01 -19.31 5.14
C ARG B 377 55.42 -19.79 5.56
N GLY B 378 55.76 -21.05 5.26
CA GLY B 378 57.11 -21.59 5.50
C GLY B 378 57.36 -22.15 6.89
N THR B 379 56.49 -21.94 7.89
CA THR B 379 56.71 -22.48 9.26
C THR B 379 55.58 -23.44 9.63
N ARG B 380 55.88 -24.36 10.56
CA ARG B 380 54.90 -25.33 11.05
C ARG B 380 55.32 -25.86 12.42
N ARG B 381 54.39 -25.90 13.37
CA ARG B 381 54.66 -26.33 14.76
C ARG B 381 53.41 -27.00 15.35
N THR B 382 53.66 -27.90 16.28
CA THR B 382 52.59 -28.61 17.03
C THR B 382 52.85 -28.38 18.50
N VAL B 383 51.84 -27.96 19.23
CA VAL B 383 51.97 -27.71 20.69
C VAL B 383 50.75 -28.30 21.39
N PRO B 384 50.93 -28.95 22.55
CA PRO B 384 49.80 -29.30 23.41
C PRO B 384 49.15 -28.03 23.96
N MET B 385 47.81 -27.94 23.93
CA MET B 385 47.11 -26.82 24.60
C MET B 385 47.34 -26.99 26.10
N ASP B 386 47.73 -25.91 26.75
CA ASP B 386 48.04 -25.87 28.19
C ASP B 386 47.68 -24.46 28.63
N HIS B 387 47.82 -24.13 29.90
CA HIS B 387 47.31 -22.85 30.49
C HIS B 387 47.97 -21.64 29.81
N THR B 388 49.16 -21.79 29.23
CA THR B 388 49.94 -20.64 28.64
C THR B 388 49.37 -20.24 27.28
N PHE B 389 48.60 -21.12 26.62
CA PHE B 389 48.06 -20.81 25.27
C PHE B 389 47.11 -19.61 25.30
N PHE B 390 46.46 -19.35 26.43
CA PHE B 390 45.55 -18.19 26.59
C PHE B 390 46.20 -17.20 27.53
N PRO B 391 47.11 -16.33 27.06
CA PRO B 391 47.87 -15.46 27.97
C PRO B 391 47.03 -14.36 28.64
N SER B 392 46.00 -13.85 27.95
CA SER B 392 45.16 -12.74 28.45
C SER B 392 43.85 -12.69 27.65
N TYR B 393 43.00 -11.71 27.96
CA TYR B 393 41.61 -11.58 27.46
C TYR B 393 41.61 -11.71 25.94
N ARG B 394 40.94 -12.74 25.42
CA ARG B 394 40.66 -12.95 23.98
C ARG B 394 41.95 -13.08 23.17
N LYS B 395 43.07 -13.45 23.79
CA LYS B 395 44.33 -13.65 23.05
C LYS B 395 44.77 -15.11 23.18
N THR B 396 45.49 -15.58 22.18
CA THR B 396 46.11 -16.92 22.10
C THR B 396 47.57 -16.73 21.74
N LEU B 397 48.38 -17.78 21.86
CA LEU B 397 49.79 -17.77 21.40
C LEU B 397 49.88 -18.14 19.92
N LEU B 398 49.14 -17.46 19.06
CA LEU B 398 49.32 -17.49 17.58
C LEU B 398 49.98 -16.19 17.20
N GLY B 399 50.97 -16.21 16.31
CA GLY B 399 51.54 -14.98 15.74
C GLY B 399 50.63 -14.41 14.65
N PRO B 400 50.80 -13.11 14.30
CA PRO B 400 49.88 -12.42 13.39
C PRO B 400 49.75 -13.03 11.99
N GLU B 401 50.78 -13.76 11.53
CA GLU B 401 50.76 -14.40 10.19
C GLU B 401 50.46 -15.89 10.32
N GLU B 402 50.17 -16.40 11.52
CA GLU B 402 49.88 -17.85 11.72
C GLU B 402 48.36 -18.10 11.67
N ILE B 403 48.00 -19.30 11.25
CA ILE B 403 46.61 -19.82 11.30
C ILE B 403 46.64 -21.15 12.04
N LEU B 404 45.52 -21.53 12.65
CA LEU B 404 45.34 -22.89 13.23
C LEU B 404 44.94 -23.81 12.08
N LEU B 405 45.76 -24.82 11.80
CA LEU B 405 45.55 -25.78 10.69
C LEU B 405 44.67 -26.94 11.15
N SER B 406 45.00 -27.55 12.28
CA SER B 406 44.30 -28.78 12.75
C SER B 406 44.48 -28.96 14.24
N ILE B 407 43.56 -29.72 14.82
CA ILE B 407 43.65 -30.14 16.23
C ILE B 407 43.51 -31.66 16.30
N GLU B 408 44.23 -32.26 17.24
CA GLU B 408 44.18 -33.72 17.44
C GLU B 408 43.68 -34.00 18.85
N ILE B 409 42.46 -34.51 18.93
CA ILE B 409 41.79 -34.85 20.21
C ILE B 409 42.29 -36.24 20.59
N PRO B 410 42.92 -36.36 21.78
CA PRO B 410 43.61 -37.58 22.14
C PRO B 410 42.70 -38.75 22.54
N TYR B 411 43.11 -39.96 22.20
CA TYR B 411 42.65 -41.18 22.92
C TYR B 411 43.04 -41.05 24.38
N SER B 412 42.20 -41.58 25.27
CA SER B 412 42.54 -41.76 26.70
C SER B 412 43.38 -43.03 26.83
N ARG B 413 44.28 -43.05 27.80
CA ARG B 413 45.15 -44.21 28.09
C ARG B 413 44.51 -45.03 29.20
N GLU B 414 45.01 -46.24 29.45
CA GLU B 414 44.69 -46.99 30.68
C GLU B 414 44.99 -46.08 31.88
N ASP B 415 44.16 -46.17 32.92
CA ASP B 415 44.32 -45.44 34.21
C ASP B 415 44.04 -43.93 34.03
N GLU B 416 43.35 -43.53 32.95
CA GLU B 416 43.14 -42.11 32.59
C GLU B 416 41.65 -41.85 32.40
N PHE B 417 41.12 -40.87 33.13
CA PHE B 417 39.67 -40.61 33.21
C PHE B 417 39.43 -39.11 33.00
N PHE B 418 38.24 -38.78 32.49
CA PHE B 418 37.87 -37.44 32.01
C PHE B 418 36.38 -37.21 32.23
N SER B 419 36.04 -36.00 32.69
CA SER B 419 34.69 -35.45 32.76
C SER B 419 34.69 -34.03 32.19
N ALA B 420 33.56 -33.64 31.64
CA ALA B 420 33.27 -32.24 31.27
C ALA B 420 31.87 -31.89 31.71
N PHE B 421 31.71 -30.72 32.29
CA PHE B 421 30.43 -30.27 32.86
C PHE B 421 30.22 -28.81 32.42
N LYS B 422 28.95 -28.47 32.22
CA LYS B 422 28.50 -27.09 31.93
C LYS B 422 27.28 -26.81 32.79
N GLN B 423 27.19 -25.61 33.37
CA GLN B 423 25.96 -25.12 34.02
C GLN B 423 25.74 -23.67 33.60
N ALA B 424 24.52 -23.40 33.15
CA ALA B 424 24.11 -22.07 32.65
C ALA B 424 22.82 -21.66 33.38
N SER B 425 21.96 -20.88 32.72
CA SER B 425 20.63 -20.49 33.28
C SER B 425 19.56 -21.44 32.74
N ARG B 426 19.79 -21.96 31.54
CA ARG B 426 18.92 -22.95 30.88
C ARG B 426 19.85 -24.03 30.35
N ARG B 427 19.41 -25.30 30.38
CA ARG B 427 20.22 -26.43 29.89
C ARG B 427 20.49 -26.25 28.37
N GLU B 428 19.47 -25.93 27.55
CA GLU B 428 19.61 -25.92 26.07
C GLU B 428 20.07 -24.54 25.59
N ASP B 429 21.03 -24.47 24.67
CA ASP B 429 21.43 -23.24 23.90
C ASP B 429 21.65 -22.03 24.85
N ASP B 430 22.63 -22.14 25.74
CA ASP B 430 22.98 -21.08 26.73
C ASP B 430 24.49 -20.88 26.82
N ILE B 431 24.89 -19.74 27.34
CA ILE B 431 26.29 -19.35 27.68
C ILE B 431 26.61 -20.01 29.01
N ALA B 432 27.73 -20.69 29.15
CA ALA B 432 28.09 -21.26 30.48
C ALA B 432 28.16 -20.13 31.52
N LYS B 433 27.71 -20.44 32.73
CA LYS B 433 28.10 -19.69 33.95
C LYS B 433 29.47 -20.23 34.38
N VAL B 434 29.59 -21.55 34.49
CA VAL B 434 30.87 -22.29 34.73
C VAL B 434 30.83 -23.53 33.85
N THR B 435 31.95 -23.83 33.24
CA THR B 435 32.14 -24.95 32.32
C THR B 435 33.54 -25.46 32.60
N CYS B 436 33.75 -26.76 32.45
CA CYS B 436 35.08 -27.32 32.81
C CYS B 436 35.42 -28.55 31.99
N GLY B 437 36.72 -28.82 32.00
CA GLY B 437 37.32 -30.09 31.57
C GLY B 437 38.17 -30.59 32.71
N MET B 438 38.10 -31.90 32.99
CA MET B 438 38.79 -32.48 34.16
C MET B 438 39.36 -33.85 33.76
N ARG B 439 40.66 -34.01 33.97
CA ARG B 439 41.43 -35.22 33.67
C ARG B 439 42.26 -35.62 34.90
N VAL B 440 42.33 -36.91 35.12
CA VAL B 440 43.25 -37.51 36.10
C VAL B 440 43.93 -38.67 35.40
N LEU B 441 45.24 -38.79 35.60
CA LEU B 441 46.01 -39.95 35.14
C LEU B 441 46.59 -40.55 36.40
N PHE B 442 46.32 -41.83 36.65
CA PHE B 442 46.87 -42.56 37.83
C PHE B 442 48.13 -43.34 37.44
N GLN B 443 48.97 -43.66 38.43
CA GLN B 443 50.06 -44.66 38.25
C GLN B 443 49.42 -45.98 37.84
N PRO B 444 50.09 -46.81 37.01
CA PRO B 444 49.46 -48.02 36.49
C PRO B 444 48.78 -48.87 37.57
N GLY B 445 47.52 -49.23 37.36
CA GLY B 445 46.68 -50.07 38.23
C GLY B 445 46.44 -49.48 39.62
N SER B 446 46.74 -48.20 39.88
CA SER B 446 46.68 -47.59 41.23
C SER B 446 45.61 -46.48 41.31
N MET B 447 45.41 -45.97 42.53
CA MET B 447 44.58 -44.76 42.80
C MET B 447 45.53 -43.59 43.12
N GLN B 448 46.80 -43.71 42.70
CA GLN B 448 47.84 -42.70 43.01
C GLN B 448 47.88 -41.71 41.85
N VAL B 449 47.68 -40.42 42.13
CA VAL B 449 47.58 -39.39 41.07
C VAL B 449 48.96 -39.18 40.46
N LYS B 450 49.11 -39.42 39.15
CA LYS B 450 50.30 -39.05 38.35
C LYS B 450 50.11 -37.67 37.69
N GLU B 451 49.00 -37.44 36.98
CA GLU B 451 48.63 -36.06 36.50
C GLU B 451 47.22 -35.71 36.96
N LEU B 452 46.96 -34.41 37.21
CA LEU B 452 45.61 -33.87 37.48
C LEU B 452 45.46 -32.51 36.80
N ALA B 453 44.39 -32.34 36.02
CA ALA B 453 44.11 -31.07 35.32
C ALA B 453 42.65 -30.70 35.57
N LEU B 454 42.43 -29.57 36.22
CA LEU B 454 41.07 -29.03 36.40
C LEU B 454 41.00 -27.69 35.67
N CYS B 455 40.35 -27.65 34.52
CA CYS B 455 40.31 -26.42 33.67
C CYS B 455 38.90 -25.88 33.61
N TYR B 456 38.73 -24.57 33.82
CA TYR B 456 37.42 -23.89 33.97
C TYR B 456 37.28 -22.68 33.02
N GLY B 457 36.08 -22.55 32.46
CA GLY B 457 35.56 -21.33 31.84
C GLY B 457 34.61 -20.65 32.78
N GLY B 458 34.46 -19.34 32.65
CA GLY B 458 33.47 -18.55 33.40
C GLY B 458 33.98 -18.09 34.74
N MET B 459 35.27 -18.29 35.04
CA MET B 459 35.84 -17.97 36.39
C MET B 459 36.96 -16.90 36.31
N ALA B 460 37.22 -16.38 35.10
CA ALA B 460 38.24 -15.36 34.85
C ALA B 460 38.04 -14.80 33.43
N ASP B 461 38.93 -13.94 32.95
CA ASP B 461 38.77 -13.28 31.62
C ASP B 461 39.38 -14.18 30.53
N ARG B 462 39.64 -15.42 30.89
CA ARG B 462 40.20 -16.45 29.97
C ARG B 462 39.99 -17.85 30.57
N THR B 463 40.12 -18.89 29.75
CA THR B 463 40.14 -20.26 30.26
C THR B 463 41.35 -20.43 31.18
N ILE B 464 41.14 -20.98 32.37
CA ILE B 464 42.20 -21.13 33.40
C ILE B 464 42.22 -22.57 33.93
N SER B 465 43.41 -22.93 34.40
CA SER B 465 43.71 -24.23 35.04
C SER B 465 43.95 -23.99 36.54
N ALA B 466 43.37 -24.82 37.39
CA ALA B 466 43.54 -24.75 38.86
C ALA B 466 44.90 -25.35 39.26
N LEU B 467 45.99 -24.83 38.71
CA LEU B 467 47.34 -25.46 38.78
C LEU B 467 47.85 -25.47 40.22
N LYS B 468 47.61 -24.42 40.99
CA LYS B 468 48.10 -24.35 42.39
C LYS B 468 47.47 -25.48 43.21
N THR B 469 46.17 -25.71 42.99
CA THR B 469 45.38 -26.77 43.67
C THR B 469 45.82 -28.17 43.19
N THR B 470 45.92 -28.37 41.89
CA THR B 470 46.14 -29.74 41.31
C THR B 470 47.59 -30.19 41.59
N GLN B 471 48.56 -29.28 41.52
CA GLN B 471 49.98 -29.63 41.76
C GLN B 471 50.11 -30.20 43.19
N LYS B 472 49.37 -29.70 44.19
CA LYS B 472 49.48 -30.22 45.56
C LYS B 472 49.03 -31.68 45.62
N GLN B 473 48.28 -32.20 44.63
CA GLN B 473 47.68 -33.55 44.76
C GLN B 473 48.49 -34.60 44.02
N LEU B 474 49.59 -34.23 43.36
CA LEU B 474 50.39 -35.18 42.59
C LEU B 474 51.02 -36.18 43.56
N SER B 475 50.94 -37.47 43.27
CA SER B 475 51.42 -38.57 44.14
C SER B 475 50.52 -38.78 45.38
N LYS B 476 49.46 -37.99 45.59
CA LYS B 476 48.41 -38.31 46.58
C LYS B 476 47.49 -39.36 45.97
N PHE B 477 46.60 -39.94 46.78
CA PHE B 477 45.68 -41.00 46.32
C PHE B 477 44.26 -40.45 46.28
N TRP B 478 43.41 -41.10 45.49
CA TRP B 478 41.99 -40.72 45.31
C TRP B 478 41.18 -41.18 46.52
N ASN B 479 40.96 -40.27 47.47
CA ASN B 479 40.35 -40.58 48.78
C ASN B 479 39.68 -39.31 49.30
N GLU B 480 38.93 -39.42 50.39
CA GLU B 480 38.13 -38.32 50.97
C GLU B 480 39.04 -37.13 51.30
N LYS B 481 40.29 -37.39 51.72
CA LYS B 481 41.21 -36.29 52.11
C LYS B 481 41.60 -35.50 50.85
N LEU B 482 41.82 -36.17 49.71
CA LEU B 482 42.06 -35.42 48.43
C LEU B 482 40.83 -34.56 48.08
N LEU B 483 39.60 -35.08 48.23
CA LEU B 483 38.36 -34.32 47.91
C LEU B 483 38.35 -33.04 48.76
N GLN B 484 38.56 -33.18 50.06
CA GLN B 484 38.50 -32.06 51.03
C GLN B 484 39.55 -31.04 50.65
N ASP B 485 40.79 -31.48 50.36
CA ASP B 485 41.94 -30.58 50.09
C ASP B 485 41.73 -29.87 48.74
N VAL B 486 41.21 -30.58 47.73
CA VAL B 486 40.95 -30.00 46.38
C VAL B 486 39.86 -28.94 46.54
N CYS B 487 38.79 -29.20 47.31
CA CYS B 487 37.65 -28.29 47.49
C CYS B 487 38.14 -27.02 48.22
N ALA B 488 38.89 -27.16 49.31
CA ALA B 488 39.50 -26.01 50.04
C ALA B 488 40.46 -25.25 49.10
N GLY B 489 41.26 -25.96 48.30
CA GLY B 489 42.17 -25.38 47.30
C GLY B 489 41.41 -24.56 46.24
N LEU B 490 40.36 -25.13 45.65
CA LEU B 490 39.60 -24.43 44.58
C LEU B 490 38.96 -23.15 45.16
N ALA B 491 38.45 -23.24 46.38
CA ALA B 491 37.77 -22.14 47.10
C ALA B 491 38.74 -20.97 47.29
N GLU B 492 40.04 -21.24 47.46
CA GLU B 492 41.06 -20.18 47.65
C GLU B 492 41.58 -19.70 46.28
N GLU B 493 41.90 -20.60 45.37
CA GLU B 493 42.55 -20.22 44.10
C GLU B 493 41.50 -19.60 43.15
N LEU B 494 40.29 -20.15 43.04
CA LEU B 494 39.30 -19.62 42.06
C LEU B 494 38.45 -18.55 42.72
N SER B 495 39.13 -17.52 43.24
CA SER B 495 38.48 -16.35 43.87
C SER B 495 37.74 -15.53 42.82
N LEU B 496 36.70 -14.81 43.24
CA LEU B 496 36.04 -13.78 42.42
C LEU B 496 35.88 -12.54 43.30
N SER B 497 36.13 -11.36 42.75
CA SER B 497 35.86 -10.06 43.42
C SER B 497 34.37 -9.77 43.35
N PRO B 498 33.82 -9.04 44.35
CA PRO B 498 32.40 -8.65 44.37
C PRO B 498 31.95 -7.92 43.09
N ASP B 499 32.90 -7.39 42.29
CA ASP B 499 32.59 -6.65 41.03
C ASP B 499 32.90 -7.52 39.80
N ALA B 500 33.07 -8.83 39.96
CA ALA B 500 33.37 -9.73 38.83
C ALA B 500 32.26 -9.64 37.81
N PRO B 501 32.59 -9.47 36.50
CA PRO B 501 31.59 -9.39 35.44
C PRO B 501 30.69 -10.63 35.43
N GLY B 502 29.39 -10.39 35.40
CA GLY B 502 28.36 -11.44 35.43
C GLY B 502 27.83 -11.74 36.83
N GLY B 503 28.45 -11.24 37.91
CA GLY B 503 28.00 -11.49 39.28
C GLY B 503 27.83 -12.99 39.55
N MET B 504 26.82 -13.36 40.31
CA MET B 504 26.53 -14.76 40.74
C MET B 504 27.81 -15.38 41.32
N ILE B 505 28.45 -14.65 42.22
CA ILE B 505 29.81 -14.94 42.77
C ILE B 505 29.75 -16.26 43.57
N GLU B 506 28.83 -16.39 44.51
CA GLU B 506 28.72 -17.58 45.39
C GLU B 506 28.33 -18.80 44.53
N PHE B 507 27.39 -18.63 43.59
CA PHE B 507 26.88 -19.71 42.71
C PHE B 507 28.06 -20.28 41.93
N ARG B 508 28.79 -19.40 41.26
CA ARG B 508 29.91 -19.78 40.38
C ARG B 508 31.01 -20.50 41.16
N ARG B 509 31.37 -19.99 42.34
CA ARG B 509 32.41 -20.64 43.19
C ARG B 509 31.91 -22.01 43.63
N THR B 510 30.62 -22.10 44.02
CA THR B 510 29.96 -23.35 44.43
C THR B 510 30.04 -24.36 43.28
N LEU B 511 29.80 -23.95 42.04
CA LEU B 511 29.86 -24.85 40.86
C LEU B 511 31.26 -25.40 40.67
N THR B 512 32.31 -24.61 40.85
CA THR B 512 33.69 -25.11 40.64
C THR B 512 33.93 -26.29 41.60
N LEU B 513 33.45 -26.24 42.84
CA LEU B 513 33.65 -27.34 43.82
C LEU B 513 32.73 -28.51 43.45
N SER B 514 31.46 -28.19 43.18
CA SER B 514 30.38 -29.19 42.92
C SER B 514 30.78 -30.04 41.70
N PHE B 515 31.31 -29.39 40.64
CA PHE B 515 31.86 -30.09 39.46
C PHE B 515 32.98 -31.03 39.90
N PHE B 516 33.90 -30.56 40.72
CA PHE B 516 35.03 -31.42 41.11
C PHE B 516 34.52 -32.63 41.90
N PHE B 517 33.57 -32.41 42.81
CA PHE B 517 32.89 -33.48 43.58
C PHE B 517 32.30 -34.52 42.60
N LYS B 518 31.56 -34.07 41.57
CA LYS B 518 30.96 -35.02 40.59
C LYS B 518 32.11 -35.80 39.95
N PHE B 519 33.16 -35.09 39.57
CA PHE B 519 34.32 -35.75 38.94
C PHE B 519 34.88 -36.79 39.93
N TYR B 520 35.07 -36.39 41.18
CA TYR B 520 35.65 -37.22 42.25
C TYR B 520 34.84 -38.52 42.33
N LEU B 521 33.51 -38.42 42.40
CA LEU B 521 32.65 -39.63 42.55
C LEU B 521 32.68 -40.45 41.26
N THR B 522 32.75 -39.80 40.09
CA THR B 522 32.71 -40.50 38.78
C THR B 522 34.00 -41.32 38.66
N VAL B 523 35.13 -40.74 39.10
CA VAL B 523 36.45 -41.43 39.05
C VAL B 523 36.46 -42.59 40.05
N LEU B 524 35.85 -42.45 41.24
CA LEU B 524 35.70 -43.61 42.18
C LEU B 524 34.97 -44.75 41.47
N LYS B 525 33.88 -44.47 40.75
CA LYS B 525 33.05 -45.50 40.08
C LYS B 525 33.87 -46.12 38.94
N LYS B 526 34.56 -45.29 38.18
CA LYS B 526 35.40 -45.77 37.05
C LYS B 526 36.58 -46.60 37.59
N LEU B 527 37.11 -46.27 38.76
CA LEU B 527 38.23 -47.04 39.35
C LEU B 527 37.71 -48.39 39.88
N GLY B 528 36.41 -48.51 40.22
CA GLY B 528 35.81 -49.71 40.83
C GLY B 528 35.23 -50.69 39.82
N LEU B 538 30.44 -47.38 45.62
CA LEU B 538 29.79 -46.06 45.90
C LEU B 538 28.50 -46.26 46.71
N ASP B 539 28.22 -45.38 47.67
CA ASP B 539 26.93 -45.41 48.43
C ASP B 539 25.79 -45.26 47.42
N PRO B 540 24.76 -46.13 47.41
CA PRO B 540 23.68 -45.99 46.44
C PRO B 540 23.00 -44.61 46.49
N THR B 541 23.08 -43.88 47.62
CA THR B 541 22.45 -42.54 47.75
C THR B 541 23.28 -41.50 46.99
N TYR B 542 24.50 -41.87 46.56
CA TYR B 542 25.48 -40.96 45.89
C TYR B 542 25.51 -41.18 44.37
N THR B 543 25.09 -42.34 43.88
CA THR B 543 25.24 -42.80 42.47
C THR B 543 24.68 -41.75 41.50
N SER B 544 23.49 -41.21 41.78
CA SER B 544 22.81 -40.28 40.85
C SER B 544 23.65 -39.00 40.62
N ALA B 545 24.59 -38.66 41.52
CA ALA B 545 25.45 -37.46 41.38
C ALA B 545 26.37 -37.65 40.17
N THR B 546 26.61 -38.90 39.77
CA THR B 546 27.57 -39.24 38.69
C THR B 546 26.87 -39.41 37.32
N LEU B 547 25.56 -39.44 37.26
CA LEU B 547 24.84 -39.74 35.99
C LEU B 547 24.86 -38.47 35.13
N LEU B 548 25.12 -38.60 33.83
CA LEU B 548 24.95 -37.45 32.91
C LEU B 548 23.46 -37.30 32.63
N PHE B 549 23.04 -36.13 32.16
CA PHE B 549 21.60 -35.76 32.05
C PHE B 549 20.92 -36.78 31.12
N GLN B 550 19.72 -37.15 31.47
CA GLN B 550 18.88 -38.04 30.62
C GLN B 550 17.43 -37.89 31.08
N LYS B 551 16.49 -37.80 30.17
CA LYS B 551 15.05 -37.79 30.59
C LYS B 551 14.33 -38.92 29.89
N ASP B 552 13.20 -39.33 30.49
CA ASP B 552 12.27 -40.35 29.97
C ASP B 552 11.65 -39.86 28.67
N PRO B 553 11.03 -40.78 27.89
CA PRO B 553 10.26 -40.38 26.72
C PRO B 553 9.08 -39.52 27.17
N PRO B 554 8.57 -38.61 26.33
CA PRO B 554 7.43 -37.79 26.72
C PRO B 554 6.14 -38.61 26.66
N ALA B 555 5.16 -38.18 27.45
CA ALA B 555 3.78 -38.71 27.44
C ALA B 555 2.84 -37.50 27.53
N ASN B 556 1.98 -37.31 26.55
CA ASN B 556 1.04 -36.17 26.49
C ASN B 556 -0.38 -36.72 26.38
N ILE B 557 -1.27 -36.27 27.25
CA ILE B 557 -2.72 -36.60 27.16
C ILE B 557 -3.50 -35.28 27.16
N GLN B 558 -4.46 -35.15 26.24
CA GLN B 558 -5.41 -34.01 26.28
C GLN B 558 -6.82 -34.59 26.40
N LEU B 559 -7.57 -34.17 27.40
CA LEU B 559 -9.00 -34.57 27.60
C LEU B 559 -9.90 -33.35 27.38
N PHE B 560 -10.92 -33.46 26.54
CA PHE B 560 -11.95 -32.40 26.40
C PHE B 560 -13.27 -33.09 26.04
N GLN B 561 -14.32 -32.29 25.83
CA GLN B 561 -15.71 -32.80 25.70
C GLN B 561 -16.10 -32.89 24.23
N GLU B 562 -16.62 -34.03 23.81
CA GLU B 562 -17.28 -34.18 22.49
C GLU B 562 -18.40 -33.15 22.40
N VAL B 563 -18.72 -32.66 21.20
CA VAL B 563 -19.90 -31.77 20.99
C VAL B 563 -21.16 -32.64 21.10
N PRO B 564 -22.32 -32.05 21.47
CA PRO B 564 -23.55 -32.84 21.58
C PRO B 564 -23.79 -33.60 20.27
N ASN B 565 -23.93 -34.93 20.36
CA ASN B 565 -23.99 -35.93 19.25
C ASN B 565 -24.89 -35.47 18.07
N GLY B 566 -25.94 -34.66 18.34
CA GLY B 566 -26.89 -34.17 17.31
C GLY B 566 -26.49 -32.86 16.63
N GLN B 567 -25.26 -32.37 16.81
CA GLN B 567 -24.79 -31.06 16.28
C GLN B 567 -24.41 -31.19 14.81
N SER B 568 -24.88 -30.26 13.99
CA SER B 568 -24.52 -30.16 12.55
C SER B 568 -22.99 -30.17 12.40
N LYS B 569 -22.50 -30.85 11.37
CA LYS B 569 -21.06 -30.86 11.00
C LYS B 569 -20.62 -29.46 10.57
N GLU B 570 -21.53 -28.59 10.11
CA GLU B 570 -21.22 -27.18 9.74
C GLU B 570 -21.15 -26.27 10.97
N ASP B 571 -21.64 -26.73 12.13
CA ASP B 571 -21.56 -25.99 13.42
C ASP B 571 -20.25 -26.44 14.04
N THR B 572 -19.20 -25.62 13.92
CA THR B 572 -17.83 -25.99 14.37
C THR B 572 -17.59 -25.54 15.83
N VAL B 573 -18.55 -24.87 16.45
CA VAL B 573 -18.42 -24.39 17.84
C VAL B 573 -18.37 -25.60 18.78
N GLY B 574 -17.29 -25.69 19.56
CA GLY B 574 -16.92 -26.82 20.44
C GLY B 574 -16.06 -27.82 19.73
N ARG B 575 -15.74 -27.61 18.45
CA ARG B 575 -14.87 -28.54 17.68
C ARG B 575 -13.44 -28.01 17.68
N PRO B 576 -12.46 -28.93 17.66
CA PRO B 576 -11.04 -28.59 17.59
C PRO B 576 -10.53 -28.14 16.20
N LEU B 577 -11.11 -27.08 15.65
CA LEU B 577 -10.74 -26.48 14.34
C LEU B 577 -9.35 -25.84 14.47
N PRO B 578 -8.37 -26.19 13.61
CA PRO B 578 -7.07 -25.52 13.63
C PRO B 578 -7.26 -24.03 13.31
N HIS B 579 -6.41 -23.21 13.91
CA HIS B 579 -6.22 -21.77 13.60
C HIS B 579 -6.33 -21.59 12.09
N LEU B 580 -7.13 -20.63 11.64
CA LEU B 580 -7.47 -20.51 10.21
C LEU B 580 -6.21 -20.18 9.40
N ALA B 581 -5.20 -19.53 10.00
CA ALA B 581 -4.00 -19.09 9.26
C ALA B 581 -2.85 -20.07 9.43
N ALA B 582 -3.03 -21.19 10.16
CA ALA B 582 -1.87 -22.02 10.53
C ALA B 582 -1.17 -22.57 9.28
N ALA B 583 -1.91 -23.00 8.25
CA ALA B 583 -1.31 -23.57 7.01
C ALA B 583 -0.46 -22.48 6.33
N MET B 584 -0.95 -21.25 6.27
CA MET B 584 -0.16 -20.14 5.69
C MET B 584 1.01 -19.73 6.61
N GLN B 585 0.92 -19.92 7.93
CA GLN B 585 2.08 -19.70 8.85
C GLN B 585 3.11 -20.81 8.65
N ALA B 586 2.70 -22.07 8.42
CA ALA B 586 3.62 -23.20 8.17
C ALA B 586 4.36 -23.00 6.84
N SER B 587 3.76 -22.32 5.91
CA SER B 587 4.28 -22.14 4.51
C SER B 587 5.04 -20.83 4.32
N GLY B 588 5.06 -19.95 5.31
CA GLY B 588 5.71 -18.64 5.13
C GLY B 588 4.90 -17.69 4.25
N GLU B 589 3.63 -17.99 3.98
CA GLU B 589 2.75 -17.12 3.16
C GLU B 589 2.10 -16.06 4.05
N ALA B 590 1.85 -16.35 5.33
CA ALA B 590 1.26 -15.39 6.28
C ALA B 590 2.10 -14.11 6.34
N VAL B 591 1.50 -12.98 6.08
CA VAL B 591 2.24 -11.69 5.99
C VAL B 591 2.20 -11.00 7.36
N TYR B 592 3.38 -10.72 7.92
CA TYR B 592 3.54 -9.89 9.13
C TYR B 592 3.99 -8.50 8.66
N CYS B 593 3.98 -7.51 9.56
CA CYS B 593 4.20 -6.09 9.18
C CYS B 593 5.40 -5.92 8.23
N ASP B 594 6.59 -6.40 8.61
CA ASP B 594 7.83 -6.15 7.82
C ASP B 594 7.87 -7.03 6.57
N ASP B 595 6.96 -7.99 6.42
CA ASP B 595 6.84 -8.80 5.17
C ASP B 595 6.14 -8.00 4.07
N ILE B 596 5.38 -7.00 4.45
CA ILE B 596 4.72 -6.10 3.47
C ILE B 596 5.83 -5.54 2.59
N PRO B 597 5.73 -5.65 1.25
CA PRO B 597 6.74 -5.06 0.38
C PRO B 597 7.00 -3.56 0.65
N ARG B 598 8.24 -3.12 0.47
CA ARG B 598 8.53 -1.66 0.60
C ARG B 598 8.19 -0.91 -0.70
N TYR B 599 7.76 0.34 -0.59
CA TYR B 599 7.59 1.25 -1.73
C TYR B 599 9.01 1.53 -2.24
N GLU B 600 9.12 1.87 -3.53
CA GLU B 600 10.41 2.21 -4.15
C GLU B 600 11.03 3.39 -3.40
N ASN B 601 10.23 4.33 -2.87
CA ASN B 601 10.73 5.55 -2.17
C ASN B 601 10.65 5.38 -0.63
N GLU B 602 10.49 4.16 -0.11
CA GLU B 602 10.32 3.91 1.35
C GLU B 602 11.68 4.07 2.07
N LEU B 603 11.70 4.81 3.18
CA LEU B 603 12.89 5.07 4.00
C LEU B 603 12.81 4.23 5.27
N PHE B 604 13.92 4.19 6.02
CA PHE B 604 14.07 3.39 7.26
C PHE B 604 14.46 4.32 8.40
N LEU B 605 13.80 4.10 9.54
CA LEU B 605 13.97 4.91 10.76
C LEU B 605 14.73 4.05 11.78
N ARG B 606 15.68 4.65 12.48
CA ARG B 606 16.35 4.02 13.64
C ARG B 606 16.27 4.99 14.81
N LEU B 607 15.72 4.55 15.93
CA LEU B 607 15.61 5.36 17.16
C LEU B 607 17.02 5.68 17.70
N VAL B 608 17.19 6.91 18.16
CA VAL B 608 18.35 7.32 18.99
C VAL B 608 17.87 7.41 20.45
N THR B 609 18.50 6.62 21.33
CA THR B 609 18.03 6.51 22.74
C THR B 609 19.11 6.96 23.71
N SER B 610 18.66 7.35 24.91
CA SER B 610 19.49 7.69 26.08
C SER B 610 20.38 6.50 26.46
N THR B 611 21.65 6.77 26.78
CA THR B 611 22.59 5.86 27.47
C THR B 611 22.69 6.23 28.97
N ARG B 612 21.84 7.15 29.47
CA ARG B 612 21.84 7.56 30.89
C ARG B 612 20.44 7.38 31.48
N ALA B 613 20.39 6.86 32.70
CA ALA B 613 19.18 6.67 33.52
C ALA B 613 18.51 8.03 33.82
N HIS B 614 19.29 9.07 34.13
CA HIS B 614 18.72 10.41 34.48
C HIS B 614 19.76 11.49 34.22
N ALA B 615 19.48 12.40 33.28
CA ALA B 615 20.44 13.46 32.87
C ALA B 615 19.75 14.58 32.10
N LYS B 616 20.38 15.75 32.13
CA LYS B 616 20.09 16.85 31.18
C LYS B 616 20.73 16.44 29.86
N ILE B 617 20.01 16.68 28.77
CA ILE B 617 20.60 16.72 27.40
C ILE B 617 21.22 18.10 27.22
N LYS B 618 22.55 18.17 27.14
CA LYS B 618 23.31 19.43 26.98
C LYS B 618 23.33 19.81 25.50
N SER B 619 23.60 18.84 24.62
CA SER B 619 23.67 19.08 23.16
C SER B 619 23.51 17.76 22.43
N ILE B 620 23.12 17.83 21.17
CA ILE B 620 23.15 16.69 20.22
C ILE B 620 23.95 17.13 19.00
N ASP B 621 24.88 16.31 18.56
CA ASP B 621 25.71 16.59 17.36
C ASP B 621 25.49 15.44 16.39
N VAL B 622 25.03 15.80 15.18
CA VAL B 622 24.62 14.89 14.09
C VAL B 622 25.67 14.95 12.98
N SER B 623 26.77 15.65 13.21
CA SER B 623 27.76 15.97 12.16
C SER B 623 28.44 14.69 11.66
N GLU B 624 28.61 13.67 12.52
CA GLU B 624 29.13 12.37 12.06
C GLU B 624 28.00 11.58 11.36
N ALA B 625 26.78 11.60 11.87
CA ALA B 625 25.65 10.86 11.25
C ALA B 625 25.48 11.33 9.80
N GLN B 626 25.61 12.63 9.57
CA GLN B 626 25.41 13.30 8.26
C GLN B 626 26.35 12.73 7.18
N LYS B 627 27.45 12.11 7.57
CA LYS B 627 28.48 11.67 6.60
C LYS B 627 28.17 10.24 6.17
N VAL B 628 27.30 9.54 6.90
CA VAL B 628 26.97 8.13 6.54
C VAL B 628 26.22 8.18 5.21
N PRO B 629 26.65 7.40 4.19
CA PRO B 629 25.91 7.37 2.94
C PRO B 629 24.42 7.04 3.19
N GLY B 630 23.53 7.73 2.48
CA GLY B 630 22.07 7.50 2.47
C GLY B 630 21.37 8.14 3.64
N PHE B 631 22.08 8.86 4.52
CA PHE B 631 21.50 9.69 5.59
C PHE B 631 20.48 10.64 4.97
N VAL B 632 19.27 10.66 5.51
CA VAL B 632 18.22 11.60 5.05
C VAL B 632 18.05 12.70 6.09
N CYS B 633 17.74 12.36 7.34
CA CYS B 633 17.61 13.41 8.38
C CYS B 633 17.65 12.81 9.78
N PHE B 634 17.84 13.70 10.75
CA PHE B 634 17.75 13.41 12.20
C PHE B 634 16.53 14.18 12.70
N LEU B 635 15.62 13.47 13.37
CA LEU B 635 14.37 14.02 13.92
C LEU B 635 14.51 14.10 15.42
N SER B 636 14.03 15.17 16.01
CA SER B 636 13.98 15.38 17.46
C SER B 636 12.71 16.17 17.80
N ALA B 637 12.52 16.52 19.08
CA ALA B 637 11.26 17.08 19.59
C ALA B 637 10.83 18.27 18.74
N ASP B 638 11.77 19.11 18.33
CA ASP B 638 11.43 20.37 17.61
C ASP B 638 10.73 20.08 16.27
N ASP B 639 10.88 18.89 15.68
CA ASP B 639 10.29 18.60 14.35
C ASP B 639 8.79 18.30 14.48
N ILE B 640 8.31 18.03 15.68
CA ILE B 640 6.90 17.60 15.90
C ILE B 640 5.98 18.77 15.58
N PRO B 641 4.98 18.64 14.67
CA PRO B 641 4.12 19.76 14.30
C PRO B 641 2.99 19.97 15.29
N GLY B 642 2.61 18.90 15.98
CA GLY B 642 1.50 18.88 16.94
C GLY B 642 2.02 18.96 18.35
N SER B 643 1.89 17.89 19.13
CA SER B 643 2.22 17.85 20.58
C SER B 643 3.31 16.80 20.84
N ASN B 644 4.28 17.16 21.68
CA ASN B 644 5.32 16.26 22.19
C ASN B 644 4.84 15.55 23.45
N GLU B 645 3.57 15.68 23.80
CA GLU B 645 3.04 15.09 25.04
C GLU B 645 2.21 13.87 24.64
N THR B 646 2.56 12.68 25.16
CA THR B 646 1.95 11.40 24.71
C THR B 646 1.81 10.48 25.92
N GLY B 647 1.43 9.24 25.67
CA GLY B 647 1.28 8.19 26.69
C GLY B 647 -0.13 8.19 27.21
N LEU B 648 -0.52 7.10 27.84
CA LEU B 648 -1.91 6.87 28.33
C LEU B 648 -2.34 7.99 29.28
N PHE B 649 -1.44 8.44 30.16
CA PHE B 649 -1.75 9.50 31.16
C PHE B 649 -1.03 10.79 30.78
N ASN B 650 -0.62 10.96 29.51
CA ASN B 650 -0.08 12.23 28.99
C ASN B 650 1.13 12.69 29.79
N ASP B 651 1.95 11.74 30.24
CA ASP B 651 3.08 12.04 31.14
C ASP B 651 4.39 11.64 30.47
N GLU B 652 4.39 11.50 29.13
CA GLU B 652 5.61 11.11 28.40
C GLU B 652 5.83 12.11 27.27
N THR B 653 7.05 12.13 26.76
CA THR B 653 7.47 12.78 25.50
C THR B 653 7.39 11.76 24.36
N VAL B 654 7.15 12.22 23.13
CA VAL B 654 7.38 11.44 21.89
C VAL B 654 8.89 11.37 21.71
N PHE B 655 9.55 12.52 21.84
CA PHE B 655 11.02 12.68 21.82
C PHE B 655 11.48 13.46 23.04
N ALA B 656 12.54 12.97 23.71
CA ALA B 656 13.08 13.61 24.94
C ALA B 656 13.45 15.06 24.62
N LYS B 657 13.04 16.00 25.46
CA LYS B 657 13.52 17.41 25.42
C LYS B 657 13.99 17.81 26.82
N ASP B 658 15.17 18.40 26.91
CA ASP B 658 15.76 18.90 28.18
C ASP B 658 16.31 17.72 28.97
N THR B 659 15.51 16.73 29.36
CA THR B 659 16.06 15.62 30.19
C THR B 659 15.67 14.25 29.65
N VAL B 660 16.52 13.27 29.96
CA VAL B 660 16.27 11.80 29.79
C VAL B 660 16.02 11.19 31.18
N THR B 661 15.01 10.32 31.32
CA THR B 661 14.59 9.74 32.61
C THR B 661 14.71 8.19 32.59
N CYS B 662 15.39 7.60 31.59
CA CYS B 662 15.78 6.16 31.61
C CYS B 662 16.81 5.89 30.52
N VAL B 663 17.62 4.84 30.71
CA VAL B 663 18.40 4.25 29.60
C VAL B 663 17.36 3.69 28.62
N GLY B 664 17.38 4.11 27.34
CA GLY B 664 16.36 3.73 26.35
C GLY B 664 15.36 4.82 26.03
N HIS B 665 15.37 5.92 26.78
CA HIS B 665 14.47 7.09 26.58
C HIS B 665 14.73 7.59 25.17
N ILE B 666 13.69 7.63 24.35
CA ILE B 666 13.86 8.02 22.92
C ILE B 666 14.13 9.53 22.85
N ILE B 667 15.24 9.88 22.24
CA ILE B 667 15.69 11.28 22.09
C ILE B 667 15.35 11.76 20.68
N GLY B 668 15.49 10.87 19.72
CA GLY B 668 15.19 11.21 18.33
C GLY B 668 15.30 10.01 17.44
N ALA B 669 15.50 10.24 16.14
CA ALA B 669 15.44 9.15 15.16
C ALA B 669 16.24 9.59 13.97
N VAL B 670 17.02 8.67 13.41
CA VAL B 670 17.63 8.89 12.08
C VAL B 670 16.77 8.21 11.03
N VAL B 671 16.67 8.83 9.87
CA VAL B 671 15.96 8.28 8.69
C VAL B 671 17.05 8.14 7.64
N ALA B 672 17.15 6.98 7.01
CA ALA B 672 18.16 6.69 5.97
C ALA B 672 17.52 5.84 4.88
N ASP B 673 18.23 5.64 3.79
CA ASP B 673 17.76 4.93 2.58
C ASP B 673 17.78 3.42 2.82
N THR B 674 18.55 2.92 3.79
CA THR B 674 18.61 1.48 4.15
C THR B 674 18.58 1.34 5.66
N PRO B 675 18.11 0.20 6.21
CA PRO B 675 18.16 -0.02 7.66
C PRO B 675 19.60 0.04 8.19
N GLU B 676 20.55 -0.52 7.44
CA GLU B 676 21.99 -0.55 7.85
C GLU B 676 22.56 0.87 7.95
N HIS B 677 22.28 1.72 6.98
CA HIS B 677 22.73 3.15 7.00
C HIS B 677 22.05 3.89 8.15
N ALA B 678 20.77 3.62 8.42
CA ALA B 678 20.06 4.21 9.57
C ALA B 678 20.76 3.83 10.88
N GLU B 679 21.04 2.55 11.06
CA GLU B 679 21.69 2.03 12.27
C GLU B 679 23.05 2.71 12.42
N ARG B 680 23.87 2.69 11.38
CA ARG B 680 25.24 3.25 11.46
C ARG B 680 25.14 4.75 11.82
N ALA B 681 24.29 5.52 11.17
CA ALA B 681 24.20 6.97 11.46
C ALA B 681 23.73 7.17 12.90
N ALA B 682 22.69 6.44 13.34
CA ALA B 682 22.15 6.54 14.72
C ALA B 682 23.27 6.28 15.74
N HIS B 683 24.17 5.36 15.44
CA HIS B 683 25.24 4.92 16.35
C HIS B 683 26.20 6.08 16.64
N VAL B 684 26.43 6.97 15.68
CA VAL B 684 27.44 8.06 15.81
C VAL B 684 26.75 9.41 16.08
N VAL B 685 25.45 9.46 16.33
CA VAL B 685 24.84 10.71 16.88
C VAL B 685 25.40 10.86 18.29
N LYS B 686 26.03 11.99 18.60
CA LYS B 686 26.75 12.21 19.88
C LYS B 686 25.90 13.08 20.78
N VAL B 687 25.42 12.54 21.89
CA VAL B 687 24.65 13.31 22.90
C VAL B 687 25.59 13.67 24.07
N THR B 688 25.58 14.94 24.49
CA THR B 688 26.24 15.46 25.71
C THR B 688 25.20 15.56 26.81
N TYR B 689 25.49 14.94 27.95
CA TYR B 689 24.60 14.79 29.13
C TYR B 689 25.25 15.43 30.37
N GLU B 690 24.42 15.85 31.32
CA GLU B 690 24.81 16.12 32.73
C GLU B 690 23.94 15.24 33.62
N ASP B 691 24.56 14.26 34.27
CA ASP B 691 23.90 13.31 35.19
C ASP B 691 23.09 14.05 36.26
N LEU B 692 21.87 13.55 36.52
CA LEU B 692 21.01 13.94 37.65
C LEU B 692 20.88 12.73 38.56
N PRO B 693 20.55 12.90 39.86
CA PRO B 693 20.30 11.77 40.74
C PRO B 693 19.20 10.85 40.18
N ALA B 694 19.52 9.54 40.07
CA ALA B 694 18.64 8.48 39.55
C ALA B 694 18.03 7.70 40.71
N ILE B 695 16.77 7.31 40.58
CA ILE B 695 16.04 6.35 41.45
C ILE B 695 15.75 5.12 40.59
N ILE B 696 16.40 4.00 40.86
CA ILE B 696 16.36 2.78 40.01
C ILE B 696 15.41 1.74 40.60
N THR B 697 15.60 1.43 41.87
CA THR B 697 15.04 0.22 42.52
C THR B 697 13.75 0.59 43.25
N ILE B 698 12.96 -0.42 43.60
CA ILE B 698 11.80 -0.30 44.52
C ILE B 698 12.28 0.28 45.87
N GLU B 699 13.40 -0.19 46.40
CA GLU B 699 13.94 0.30 47.71
C GLU B 699 14.32 1.79 47.59
N ASP B 700 15.03 2.17 46.52
CA ASP B 700 15.34 3.59 46.22
C ASP B 700 14.05 4.41 46.20
N ALA B 701 12.98 3.89 45.59
CA ALA B 701 11.73 4.65 45.40
C ALA B 701 11.04 4.84 46.76
N ILE B 702 10.93 3.78 47.55
CA ILE B 702 10.33 3.82 48.90
C ILE B 702 11.11 4.82 49.79
N LYS B 703 12.44 4.81 49.74
CA LYS B 703 13.31 5.71 50.57
C LYS B 703 13.15 7.18 50.15
N ASN B 704 12.89 7.44 48.87
CA ASN B 704 12.85 8.81 48.29
C ASN B 704 11.39 9.26 48.13
N ASN B 705 10.42 8.46 48.55
CA ASN B 705 8.97 8.77 48.35
C ASN B 705 8.68 9.08 46.86
N SER B 706 9.17 8.24 45.96
CA SER B 706 9.07 8.42 44.49
C SER B 706 7.95 7.51 43.98
N PHE B 707 6.73 8.01 44.03
CA PHE B 707 5.52 7.19 43.77
C PHE B 707 4.69 7.90 42.69
N TYR B 708 3.90 7.11 41.95
CA TYR B 708 2.81 7.67 41.11
C TYR B 708 1.52 7.57 41.92
N GLY B 709 0.94 8.72 42.27
CA GLY B 709 -0.39 8.83 42.90
C GLY B 709 -0.41 8.27 44.31
N SER B 710 -1.58 7.98 44.85
CA SER B 710 -1.76 7.57 46.26
C SER B 710 -1.77 6.05 46.30
N GLU B 711 -1.69 5.55 47.52
CA GLU B 711 -1.85 4.15 47.92
C GLU B 711 -3.21 3.62 47.45
N LEU B 712 -3.22 2.42 46.86
CA LEU B 712 -4.45 1.67 46.55
C LEU B 712 -4.67 0.71 47.72
N LYS B 713 -5.90 0.44 48.11
CA LYS B 713 -6.18 -0.44 49.26
C LYS B 713 -7.52 -1.15 49.09
N ILE B 714 -7.56 -2.43 49.44
CA ILE B 714 -8.81 -3.16 49.73
C ILE B 714 -8.71 -3.69 51.17
N GLU B 715 -9.76 -3.53 51.96
CA GLU B 715 -9.76 -3.95 53.38
C GLU B 715 -11.16 -4.47 53.72
N LYS B 716 -11.22 -5.64 54.34
CA LYS B 716 -12.49 -6.26 54.80
C LYS B 716 -12.27 -6.85 56.19
N GLY B 717 -13.26 -6.74 57.07
CA GLY B 717 -13.22 -7.34 58.41
C GLY B 717 -12.39 -6.49 59.35
N ASP B 718 -11.85 -7.13 60.38
CA ASP B 718 -11.20 -6.47 61.53
C ASP B 718 -9.82 -7.09 61.70
N LEU B 719 -8.78 -6.43 61.17
CA LEU B 719 -7.42 -6.99 61.11
C LEU B 719 -6.88 -7.23 62.52
N LYS B 720 -7.07 -6.27 63.43
CA LYS B 720 -6.62 -6.36 64.86
C LYS B 720 -7.26 -7.58 65.53
N LYS B 721 -8.58 -7.77 65.40
CA LYS B 721 -9.30 -8.88 66.08
C LYS B 721 -8.88 -10.22 65.46
N GLY B 722 -8.61 -10.24 64.15
CA GLY B 722 -8.11 -11.43 63.44
C GLY B 722 -6.76 -11.89 63.98
N PHE B 723 -5.80 -10.97 64.07
CA PHE B 723 -4.43 -11.27 64.58
C PHE B 723 -4.53 -11.67 66.06
N SER B 724 -5.41 -11.00 66.81
CA SER B 724 -5.71 -11.34 68.23
C SER B 724 -6.12 -12.81 68.34
N GLU B 725 -6.92 -13.32 67.41
CA GLU B 725 -7.50 -14.69 67.49
C GLU B 725 -6.54 -15.75 66.94
N ALA B 726 -5.56 -15.36 66.14
CA ALA B 726 -4.61 -16.30 65.48
C ALA B 726 -3.75 -17.04 66.52
N ASP B 727 -3.68 -18.35 66.41
CA ASP B 727 -2.66 -19.18 67.09
C ASP B 727 -1.26 -18.75 66.67
N ASN B 728 -1.03 -18.56 65.36
CA ASN B 728 0.32 -18.35 64.77
C ASN B 728 0.29 -17.11 63.88
N VAL B 729 1.38 -16.36 63.87
CA VAL B 729 1.56 -15.18 62.97
C VAL B 729 2.93 -15.29 62.31
N VAL B 730 2.96 -15.19 60.98
CA VAL B 730 4.21 -15.22 60.20
C VAL B 730 4.32 -13.92 59.40
N SER B 731 5.48 -13.29 59.45
CA SER B 731 5.82 -12.05 58.70
C SER B 731 6.97 -12.33 57.77
N GLY B 732 6.99 -11.64 56.63
CA GLY B 732 8.03 -11.85 55.62
C GLY B 732 8.02 -10.81 54.51
N GLU B 733 9.01 -10.96 53.65
CA GLU B 733 9.21 -10.11 52.47
C GLU B 733 9.48 -11.08 51.31
N LEU B 734 8.91 -10.77 50.14
CA LEU B 734 9.03 -11.60 48.92
C LEU B 734 9.21 -10.69 47.72
N TYR B 735 10.06 -11.11 46.80
CA TYR B 735 10.31 -10.38 45.54
C TYR B 735 10.00 -11.30 44.35
N ILE B 736 9.38 -10.73 43.31
CA ILE B 736 9.22 -11.42 42.01
C ILE B 736 9.77 -10.49 40.93
N GLY B 737 10.72 -11.01 40.17
CA GLY B 737 11.42 -10.30 39.09
C GLY B 737 10.50 -10.12 37.90
N GLY B 738 10.84 -9.14 37.07
CA GLY B 738 10.07 -8.74 35.88
C GLY B 738 10.10 -9.81 34.81
N GLN B 739 9.70 -9.43 33.62
CA GLN B 739 9.65 -10.41 32.50
C GLN B 739 9.62 -9.61 31.20
N ASP B 740 10.35 -10.07 30.20
CA ASP B 740 10.30 -9.49 28.85
C ASP B 740 9.32 -10.32 28.00
N HIS B 741 8.47 -9.68 27.22
CA HIS B 741 7.39 -10.37 26.46
C HIS B 741 8.00 -11.45 25.57
N PHE B 742 9.09 -11.10 24.90
CA PHE B 742 9.78 -11.92 23.88
C PHE B 742 8.76 -12.49 22.88
N TYR B 743 7.83 -11.65 22.41
CA TYR B 743 7.05 -11.91 21.17
C TYR B 743 8.12 -12.18 20.11
N LEU B 744 7.95 -13.22 19.29
CA LEU B 744 9.01 -13.55 18.30
C LEU B 744 9.10 -12.46 17.24
N GLU B 745 7.98 -11.79 16.92
CA GLU B 745 7.97 -10.56 16.07
C GLU B 745 8.09 -9.33 16.99
N THR B 746 9.17 -8.60 16.90
CA THR B 746 9.35 -7.35 17.66
C THR B 746 8.40 -6.27 17.12
N HIS B 747 8.38 -5.16 17.81
CA HIS B 747 7.61 -3.96 17.42
C HIS B 747 7.95 -3.57 15.97
N CYS B 748 6.96 -3.11 15.24
CA CYS B 748 7.08 -2.77 13.82
C CYS B 748 5.97 -1.80 13.42
N THR B 749 6.30 -0.76 12.66
CA THR B 749 5.30 0.14 12.08
C THR B 749 5.76 0.53 10.68
N ILE B 750 4.84 0.48 9.73
CA ILE B 750 4.99 1.18 8.42
C ILE B 750 4.04 2.38 8.45
N ALA B 751 4.50 3.57 8.11
CA ALA B 751 3.66 4.78 7.98
C ALA B 751 3.71 5.31 6.54
N ILE B 752 2.52 5.43 5.91
CA ILE B 752 2.33 5.91 4.51
C ILE B 752 1.68 7.28 4.56
N PRO B 753 2.41 8.39 4.29
CA PRO B 753 1.78 9.72 4.24
C PRO B 753 1.09 9.87 2.88
N LYS B 754 -0.17 10.26 2.85
CA LYS B 754 -0.95 10.33 1.58
C LYS B 754 -0.74 11.67 0.89
N GLY B 755 -0.34 12.71 1.63
CA GLY B 755 0.03 14.02 1.07
C GLY B 755 -1.17 14.96 0.96
N GLU B 756 -2.34 14.53 1.43
CA GLU B 756 -3.63 15.24 1.34
C GLU B 756 -4.23 15.38 2.72
N GLU B 757 -4.46 16.61 3.19
CA GLU B 757 -5.26 16.89 4.42
C GLU B 757 -4.71 16.17 5.65
N GLY B 758 -3.40 15.89 5.70
CA GLY B 758 -2.75 15.23 6.84
C GLY B 758 -2.97 13.72 6.87
N GLU B 759 -3.57 13.14 5.83
CA GLU B 759 -3.97 11.72 5.83
C GLU B 759 -2.75 10.81 5.95
N MET B 760 -2.84 9.79 6.79
CA MET B 760 -1.77 8.78 6.91
C MET B 760 -2.39 7.41 7.15
N GLU B 761 -1.82 6.39 6.51
CA GLU B 761 -2.21 4.97 6.65
C GLU B 761 -1.02 4.23 7.28
N LEU B 762 -1.25 3.56 8.43
CA LEU B 762 -0.21 2.84 9.18
C LEU B 762 -0.57 1.36 9.27
N PHE B 763 0.44 0.54 9.05
CA PHE B 763 0.44 -0.92 9.20
C PHE B 763 1.25 -1.17 10.46
N VAL B 764 0.62 -1.78 11.47
CA VAL B 764 1.24 -1.76 12.82
C VAL B 764 1.05 -3.12 13.48
N SER B 765 2.10 -3.56 14.16
CA SER B 765 2.09 -4.72 15.07
C SER B 765 1.60 -4.26 16.44
N THR B 766 0.30 -4.16 16.63
CA THR B 766 -0.25 -3.57 17.87
C THR B 766 -1.57 -4.25 18.23
N GLN B 767 -1.78 -4.36 19.53
CA GLN B 767 -3.07 -4.79 20.14
C GLN B 767 -4.04 -3.61 20.26
N ASN B 768 -3.63 -2.40 19.90
CA ASN B 768 -4.39 -1.16 20.28
C ASN B 768 -4.37 -0.21 19.09
N ALA B 769 -5.14 -0.52 18.05
CA ALA B 769 -5.16 0.33 16.86
C ALA B 769 -5.75 1.70 17.26
N MET B 770 -6.66 1.74 18.23
CA MET B 770 -7.37 2.99 18.63
C MET B 770 -6.36 4.01 19.20
N LYS B 771 -5.56 3.61 20.19
CA LYS B 771 -4.56 4.52 20.79
C LYS B 771 -3.46 4.79 19.77
N THR B 772 -3.07 3.82 18.92
CA THR B 772 -2.10 4.12 17.83
C THR B 772 -2.64 5.30 17.02
N GLN B 773 -3.91 5.23 16.59
CA GLN B 773 -4.55 6.27 15.77
C GLN B 773 -4.61 7.62 16.53
N SER B 774 -5.11 7.64 17.74
CA SER B 774 -5.26 8.94 18.47
C SER B 774 -3.88 9.50 18.87
N PHE B 775 -2.90 8.65 19.22
CA PHE B 775 -1.55 9.16 19.58
C PHE B 775 -0.85 9.70 18.33
N VAL B 776 -0.98 9.06 17.17
CA VAL B 776 -0.36 9.58 15.92
C VAL B 776 -1.00 10.93 15.56
N ALA B 777 -2.33 11.03 15.63
CA ALA B 777 -3.10 12.26 15.36
C ALA B 777 -2.67 13.40 16.31
N LYS B 778 -2.49 13.10 17.60
CA LYS B 778 -2.12 14.10 18.65
C LYS B 778 -0.73 14.64 18.33
N MET B 779 0.19 13.78 17.96
CA MET B 779 1.57 14.23 17.61
C MET B 779 1.54 15.07 16.32
N LEU B 780 0.74 14.70 15.34
CA LEU B 780 0.68 15.44 14.06
C LEU B 780 -0.13 16.73 14.26
N GLY B 781 -0.98 16.80 15.29
CA GLY B 781 -1.99 17.87 15.47
C GLY B 781 -3.03 17.86 14.34
N VAL B 782 -3.53 16.69 13.95
CA VAL B 782 -4.64 16.55 12.96
C VAL B 782 -5.81 15.83 13.64
N PRO B 783 -7.05 15.95 13.10
CA PRO B 783 -8.15 15.15 13.60
C PRO B 783 -7.91 13.63 13.42
N VAL B 784 -8.48 12.87 14.34
CA VAL B 784 -8.31 11.40 14.36
C VAL B 784 -8.87 10.79 13.05
N ASN B 785 -9.85 11.44 12.40
CA ASN B 785 -10.51 10.90 11.17
C ASN B 785 -9.53 10.91 10.00
N ARG B 786 -8.34 11.44 10.17
CA ARG B 786 -7.32 11.52 9.09
C ARG B 786 -6.41 10.30 9.11
N ILE B 787 -6.43 9.54 10.20
CA ILE B 787 -5.43 8.48 10.48
C ILE B 787 -6.13 7.13 10.43
N LEU B 788 -5.63 6.26 9.55
CA LEU B 788 -6.12 4.87 9.38
C LEU B 788 -5.04 3.94 9.94
N VAL B 789 -5.38 3.12 10.94
CA VAL B 789 -4.43 2.08 11.42
C VAL B 789 -5.01 0.69 11.05
N ARG B 790 -4.19 -0.12 10.39
CA ARG B 790 -4.52 -1.47 9.92
C ARG B 790 -3.64 -2.49 10.63
N VAL B 791 -4.26 -3.47 11.24
CA VAL B 791 -3.54 -4.58 11.91
C VAL B 791 -3.97 -5.90 11.23
N LYS B 792 -3.09 -6.53 10.47
CA LYS B 792 -3.33 -7.87 9.86
C LYS B 792 -3.19 -8.93 10.96
N ARG B 793 -2.00 -9.03 11.53
CA ARG B 793 -1.69 -9.96 12.64
C ARG B 793 -0.42 -9.47 13.34
N MET B 794 -0.23 -9.91 14.58
CA MET B 794 1.03 -9.80 15.34
C MET B 794 1.67 -11.17 15.43
N GLY B 795 2.99 -11.27 15.30
CA GLY B 795 3.77 -12.41 15.79
C GLY B 795 3.92 -12.39 17.30
N GLY B 796 2.82 -12.48 18.05
CA GLY B 796 2.85 -12.29 19.50
C GLY B 796 2.68 -10.84 19.94
N GLY B 797 1.99 -10.69 21.06
CA GLY B 797 1.82 -9.40 21.74
C GLY B 797 1.97 -9.55 23.23
N PHE B 798 1.15 -10.41 23.84
CA PHE B 798 1.22 -10.79 25.28
C PHE B 798 1.13 -9.56 26.21
N GLY B 799 0.57 -8.45 25.74
CA GLY B 799 0.36 -7.22 26.52
C GLY B 799 1.38 -6.16 26.17
N GLY B 800 2.54 -6.56 25.64
CA GLY B 800 3.61 -5.62 25.32
C GLY B 800 3.26 -4.78 24.12
N LYS B 801 2.18 -5.12 23.42
CA LYS B 801 1.71 -4.32 22.26
C LYS B 801 0.37 -3.67 22.58
N GLU B 802 -0.01 -3.61 23.85
CA GLU B 802 -1.26 -2.92 24.28
C GLU B 802 -1.10 -1.39 24.19
N THR B 803 0.07 -0.84 24.52
CA THR B 803 0.35 0.63 24.56
C THR B 803 1.73 0.95 24.00
N ARG B 804 2.73 0.14 24.31
CA ARG B 804 4.17 0.52 24.12
C ARG B 804 4.52 0.45 22.64
N SER B 805 3.64 -0.09 21.80
CA SER B 805 3.84 -0.08 20.33
C SER B 805 3.83 1.36 19.82
N THR B 806 3.19 2.28 20.52
CA THR B 806 3.06 3.68 20.07
C THR B 806 4.44 4.37 20.06
N LEU B 807 5.40 3.88 20.86
CA LEU B 807 6.74 4.54 20.96
C LEU B 807 7.33 4.51 19.56
N VAL B 808 7.18 3.38 18.87
CA VAL B 808 7.68 3.22 17.49
C VAL B 808 6.73 3.91 16.46
N SER B 809 5.42 3.69 16.56
CA SER B 809 4.40 4.17 15.59
C SER B 809 4.48 5.70 15.50
N VAL B 810 4.56 6.42 16.61
CA VAL B 810 4.53 7.91 16.55
C VAL B 810 5.84 8.41 15.93
N ALA B 811 6.99 7.78 16.21
CA ALA B 811 8.29 8.14 15.60
C ALA B 811 8.24 7.95 14.08
N VAL B 812 7.81 6.78 13.62
CA VAL B 812 7.76 6.46 12.16
C VAL B 812 6.78 7.44 11.48
N ALA B 813 5.67 7.74 12.16
CA ALA B 813 4.64 8.66 11.63
C ALA B 813 5.25 10.05 11.43
N LEU B 814 6.07 10.51 12.39
CA LEU B 814 6.74 11.84 12.29
C LEU B 814 7.67 11.81 11.10
N ALA B 815 8.42 10.73 10.91
CA ALA B 815 9.35 10.57 9.77
C ALA B 815 8.56 10.65 8.46
N ALA B 816 7.40 9.97 8.37
CA ALA B 816 6.55 10.02 7.16
C ALA B 816 6.07 11.47 6.94
N TYR B 817 5.54 12.12 7.96
CA TYR B 817 5.09 13.53 7.87
C TYR B 817 6.24 14.42 7.39
N LYS B 818 7.44 14.34 7.97
CA LYS B 818 8.55 15.26 7.63
C LYS B 818 9.10 15.01 6.23
N THR B 819 9.23 13.75 5.80
CA THR B 819 9.86 13.43 4.49
C THR B 819 8.82 13.49 3.35
N GLY B 820 7.55 13.21 3.64
CA GLY B 820 6.56 12.91 2.60
C GLY B 820 6.79 11.54 1.96
N HIS B 821 7.62 10.68 2.54
CA HIS B 821 7.88 9.32 2.03
C HIS B 821 7.27 8.28 2.97
N PRO B 822 6.92 7.09 2.48
CA PRO B 822 6.74 5.93 3.35
C PRO B 822 8.00 5.76 4.19
N VAL B 823 7.82 5.42 5.46
CA VAL B 823 8.91 5.08 6.39
C VAL B 823 8.49 3.84 7.15
N ARG B 824 9.46 3.01 7.46
CA ARG B 824 9.21 1.88 8.37
C ARG B 824 10.31 1.74 9.40
N CYS B 825 9.99 1.05 10.50
CA CYS B 825 10.97 0.64 11.52
C CYS B 825 10.49 -0.65 12.17
N MET B 826 11.30 -1.70 12.11
CA MET B 826 11.11 -2.91 12.96
C MET B 826 12.26 -2.91 13.96
N LEU B 827 11.96 -3.06 15.25
CA LEU B 827 13.00 -2.99 16.30
C LEU B 827 13.85 -4.25 16.21
N ASP B 828 15.16 -4.09 16.40
CA ASP B 828 16.08 -5.21 16.72
C ASP B 828 15.71 -5.69 18.12
N ARG B 829 15.93 -6.98 18.40
CA ARG B 829 15.61 -7.55 19.72
C ARG B 829 16.24 -6.71 20.84
N ASN B 830 17.49 -6.26 20.71
CA ASN B 830 18.18 -5.54 21.81
C ASN B 830 17.54 -4.17 22.03
N GLU B 831 17.07 -3.52 20.98
CA GLU B 831 16.29 -2.25 21.12
C GLU B 831 14.97 -2.53 21.85
N ASP B 832 14.24 -3.56 21.41
CA ASP B 832 12.91 -3.92 21.92
C ASP B 832 13.00 -4.20 23.42
N MET B 833 13.92 -5.03 23.86
CA MET B 833 14.03 -5.41 25.30
C MET B 833 14.41 -4.20 26.18
N LEU B 834 15.23 -3.31 25.66
CA LEU B 834 15.69 -2.09 26.37
C LEU B 834 14.55 -1.08 26.47
N ILE B 835 13.83 -0.84 25.37
CA ILE B 835 12.97 0.37 25.23
C ILE B 835 11.54 0.12 25.73
N THR B 836 10.93 -1.06 25.48
CA THR B 836 9.45 -1.19 25.38
C THR B 836 8.78 -1.70 26.66
N GLY B 837 9.50 -1.76 27.78
CA GLY B 837 8.94 -2.19 29.07
C GLY B 837 8.66 -3.68 29.14
N GLY B 838 8.41 -4.16 30.36
CA GLY B 838 8.07 -5.56 30.65
C GLY B 838 7.06 -5.70 31.77
N ARG B 839 6.92 -6.92 32.29
CA ARG B 839 6.13 -7.18 33.49
C ARG B 839 6.71 -6.36 34.64
N HIS B 840 5.85 -5.94 35.54
CA HIS B 840 6.24 -5.18 36.75
C HIS B 840 6.89 -6.14 37.76
N PRO B 841 8.16 -5.91 38.15
CA PRO B 841 8.70 -6.50 39.37
C PRO B 841 7.80 -6.06 40.55
N PHE B 842 7.55 -6.98 41.47
CA PHE B 842 6.80 -6.72 42.72
C PHE B 842 7.72 -7.03 43.89
N LEU B 843 7.70 -6.16 44.90
CA LEU B 843 8.14 -6.46 46.28
C LEU B 843 6.91 -6.46 47.18
N ALA B 844 6.76 -7.48 48.03
CA ALA B 844 5.67 -7.56 49.02
C ALA B 844 6.19 -7.72 50.45
N ARG B 845 5.59 -7.01 51.39
CA ARG B 845 5.69 -7.27 52.85
C ARG B 845 4.35 -7.80 53.32
N TYR B 846 4.37 -8.98 53.93
CA TYR B 846 3.13 -9.70 54.29
C TYR B 846 3.20 -10.10 55.77
N LYS B 847 2.02 -10.28 56.33
CA LYS B 847 1.82 -10.80 57.69
C LYS B 847 0.55 -11.63 57.66
N VAL B 848 0.67 -12.93 57.97
CA VAL B 848 -0.50 -13.84 57.96
C VAL B 848 -0.74 -14.42 59.37
N GLY B 849 -2.00 -14.40 59.81
CA GLY B 849 -2.53 -15.02 61.03
C GLY B 849 -3.36 -16.26 60.74
N PHE B 850 -3.04 -17.37 61.40
CA PHE B 850 -3.69 -18.68 61.15
C PHE B 850 -3.75 -19.49 62.44
N MET B 851 -4.72 -20.40 62.47
CA MET B 851 -4.87 -21.39 63.56
C MET B 851 -3.93 -22.57 63.29
N LYS B 852 -3.85 -23.51 64.23
CA LYS B 852 -2.93 -24.68 64.17
C LYS B 852 -3.43 -25.71 63.14
N THR B 853 -4.72 -25.66 62.83
CA THR B 853 -5.39 -26.40 61.75
C THR B 853 -4.91 -25.92 60.35
N GLY B 854 -4.30 -24.74 60.27
CA GLY B 854 -3.87 -24.08 59.02
C GLY B 854 -4.92 -23.12 58.48
N THR B 855 -6.08 -23.03 59.16
CA THR B 855 -7.19 -22.09 58.81
C THR B 855 -6.68 -20.66 58.92
N ILE B 856 -6.90 -19.82 57.91
CA ILE B 856 -6.37 -18.44 57.81
C ILE B 856 -7.39 -17.53 58.48
N VAL B 857 -6.94 -16.60 59.30
CA VAL B 857 -7.88 -15.71 60.04
C VAL B 857 -7.56 -14.26 59.71
N ALA B 858 -6.32 -13.93 59.34
CA ALA B 858 -5.87 -12.53 59.14
C ALA B 858 -4.80 -12.48 58.05
N LEU B 859 -4.80 -11.41 57.23
CA LEU B 859 -3.76 -11.24 56.18
C LEU B 859 -3.55 -9.76 55.87
N GLU B 860 -2.32 -9.30 55.97
CA GLU B 860 -1.92 -7.94 55.54
C GLU B 860 -0.81 -8.11 54.52
N VAL B 861 -0.98 -7.55 53.34
CA VAL B 861 0.08 -7.51 52.29
C VAL B 861 0.19 -6.09 51.76
N ASP B 862 1.39 -5.54 51.81
CA ASP B 862 1.73 -4.30 51.10
C ASP B 862 2.54 -4.68 49.85
N HIS B 863 2.06 -4.23 48.71
CA HIS B 863 2.66 -4.48 47.38
C HIS B 863 3.35 -3.21 46.90
N TYR B 864 4.49 -3.38 46.26
CA TYR B 864 5.26 -2.29 45.62
C TYR B 864 5.63 -2.78 44.23
N SER B 865 5.34 -2.01 43.20
CA SER B 865 5.66 -2.37 41.80
C SER B 865 6.70 -1.36 41.32
N ASN B 866 7.65 -1.84 40.52
CA ASN B 866 8.56 -0.94 39.80
C ASN B 866 7.84 -0.52 38.50
N ALA B 867 7.33 0.72 38.45
CA ALA B 867 6.51 1.21 37.31
C ALA B 867 7.41 1.80 36.23
N GLY B 868 8.64 2.20 36.56
CA GLY B 868 9.51 2.89 35.59
C GLY B 868 9.06 4.33 35.39
N ASN B 869 9.36 4.90 34.20
CA ASN B 869 9.44 6.38 33.98
C ASN B 869 8.12 6.95 33.41
N SER B 870 7.05 6.17 33.39
CA SER B 870 5.71 6.76 33.20
C SER B 870 4.65 5.92 33.88
N ARG B 871 3.44 6.44 33.95
CA ARG B 871 2.34 5.67 34.57
C ARG B 871 1.98 4.45 33.68
N ASP B 872 1.71 4.68 32.39
CA ASP B 872 1.17 3.65 31.45
C ASP B 872 0.04 2.87 32.16
N LEU B 873 0.11 1.55 32.22
CA LEU B 873 -1.01 0.71 32.75
C LEU B 873 -0.75 0.33 34.22
N SER B 874 0.22 0.94 34.89
CA SER B 874 0.73 0.52 36.22
C SER B 874 -0.39 0.52 37.27
N HIS B 875 -1.31 1.50 37.25
CA HIS B 875 -2.42 1.64 38.21
C HIS B 875 -3.44 0.52 38.02
N SER B 876 -3.84 0.22 36.79
CA SER B 876 -4.83 -0.87 36.58
C SER B 876 -4.18 -2.21 36.95
N ILE B 877 -2.89 -2.36 36.68
CA ILE B 877 -2.14 -3.61 37.01
C ILE B 877 -2.16 -3.79 38.54
N MET B 878 -1.95 -2.71 39.32
CA MET B 878 -1.90 -2.83 40.81
C MET B 878 -3.34 -3.10 41.32
N GLU B 879 -4.35 -2.47 40.71
CA GLU B 879 -5.76 -2.87 41.01
C GLU B 879 -5.96 -4.38 40.79
N ARG B 880 -5.57 -4.92 39.64
CA ARG B 880 -5.76 -6.38 39.38
C ARG B 880 -4.99 -7.24 40.41
N ALA B 881 -3.80 -6.79 40.83
CA ALA B 881 -3.00 -7.49 41.84
C ALA B 881 -3.79 -7.60 43.15
N LEU B 882 -4.34 -6.47 43.60
CA LEU B 882 -5.17 -6.41 44.84
C LEU B 882 -6.42 -7.29 44.74
N PHE B 883 -7.08 -7.32 43.57
CA PHE B 883 -8.27 -8.17 43.33
C PHE B 883 -7.88 -9.65 43.38
N HIS B 884 -6.59 -9.97 43.27
CA HIS B 884 -6.18 -11.42 43.20
C HIS B 884 -5.34 -11.86 44.40
N MET B 885 -5.15 -11.02 45.42
CA MET B 885 -4.30 -11.36 46.59
C MET B 885 -4.89 -12.52 47.43
N ASP B 886 -6.16 -12.88 47.22
CA ASP B 886 -6.87 -13.99 47.91
C ASP B 886 -6.58 -15.34 47.21
N ASN B 887 -6.13 -15.32 45.97
CA ASN B 887 -6.20 -16.50 45.07
C ASN B 887 -7.58 -17.17 45.30
N CYS B 888 -7.62 -18.39 45.84
CA CYS B 888 -8.86 -19.20 45.93
C CYS B 888 -9.27 -19.42 47.40
N TYR B 889 -8.86 -18.51 48.30
CA TYR B 889 -8.91 -18.73 49.77
C TYR B 889 -9.78 -17.68 50.47
N LYS B 890 -10.70 -18.15 51.32
CA LYS B 890 -11.59 -17.29 52.13
C LYS B 890 -10.76 -16.79 53.30
N ILE B 891 -10.63 -15.48 53.40
CA ILE B 891 -9.83 -14.79 54.44
C ILE B 891 -10.70 -13.71 55.10
N PRO B 892 -11.27 -13.95 56.32
CA PRO B 892 -12.29 -13.05 56.88
C PRO B 892 -11.79 -11.63 57.21
N ASN B 893 -10.50 -11.49 57.52
CA ASN B 893 -9.89 -10.21 57.97
C ASN B 893 -8.71 -9.92 57.05
N ILE B 894 -8.80 -8.93 56.18
CA ILE B 894 -7.80 -8.80 55.08
C ILE B 894 -7.59 -7.34 54.73
N ARG B 895 -6.33 -7.00 54.54
CA ARG B 895 -5.93 -5.64 54.07
C ARG B 895 -4.80 -5.84 53.07
N GLY B 896 -5.00 -5.27 51.88
CA GLY B 896 -4.05 -5.23 50.78
C GLY B 896 -3.81 -3.81 50.36
N THR B 897 -2.56 -3.39 50.29
CA THR B 897 -2.16 -2.07 49.77
C THR B 897 -1.23 -2.26 48.56
N GLY B 898 -1.22 -1.28 47.69
CA GLY B 898 -0.31 -1.19 46.54
C GLY B 898 0.18 0.22 46.37
N ARG B 899 1.47 0.36 46.08
CA ARG B 899 2.10 1.63 45.64
C ARG B 899 2.84 1.37 44.31
N LEU B 900 2.81 2.35 43.44
CA LEU B 900 3.52 2.35 42.14
C LEU B 900 4.78 3.18 42.30
N CYS B 901 5.94 2.52 42.25
CA CYS B 901 7.27 3.16 42.34
C CYS B 901 7.64 3.77 40.99
N LYS B 902 7.95 5.06 41.06
CA LYS B 902 8.38 5.93 39.96
C LYS B 902 9.91 5.89 39.91
N THR B 903 10.47 5.37 38.82
CA THR B 903 11.91 5.06 38.72
C THR B 903 12.41 5.50 37.35
N ASN B 904 13.74 5.62 37.25
CA ASN B 904 14.49 5.91 36.01
C ASN B 904 14.79 4.60 35.29
N LEU B 905 13.72 3.89 34.91
CA LEU B 905 13.80 2.70 34.02
C LEU B 905 12.70 2.82 32.98
N SER B 906 12.86 2.12 31.86
CA SER B 906 11.76 1.96 30.88
C SER B 906 10.44 1.66 31.60
N SER B 907 9.40 2.36 31.19
CA SER B 907 8.03 2.20 31.75
C SER B 907 7.54 0.76 31.54
N ASN B 908 7.13 0.10 32.61
CA ASN B 908 6.62 -1.30 32.57
C ASN B 908 5.13 -1.24 32.27
N THR B 909 4.63 -2.31 31.68
CA THR B 909 3.32 -2.30 31.01
C THR B 909 2.60 -3.59 31.30
N ALA B 910 1.56 -3.82 30.53
CA ALA B 910 0.78 -5.05 30.51
C ALA B 910 1.65 -6.22 30.12
N PHE B 911 1.50 -7.34 30.81
CA PHE B 911 2.10 -8.64 30.46
C PHE B 911 1.16 -9.71 30.96
N ARG B 912 0.69 -10.53 30.02
CA ARG B 912 -0.25 -11.68 30.23
C ARG B 912 -0.43 -11.99 31.73
N GLY B 913 -1.61 -11.69 32.29
CA GLY B 913 -1.92 -11.81 33.72
C GLY B 913 -2.08 -10.45 34.39
N PHE B 914 -1.37 -9.43 33.94
CA PHE B 914 -1.68 -8.00 34.21
C PHE B 914 -1.74 -7.78 35.75
N GLY B 915 -0.69 -8.18 36.48
CA GLY B 915 -0.56 -7.99 37.93
C GLY B 915 -1.11 -9.16 38.71
N GLY B 916 -2.00 -9.95 38.12
CA GLY B 916 -2.59 -11.11 38.80
C GLY B 916 -1.51 -12.10 39.22
N PRO B 917 -0.61 -12.51 38.31
CA PRO B 917 0.42 -13.52 38.64
C PRO B 917 1.28 -13.16 39.85
N GLN B 918 1.71 -11.90 39.92
CA GLN B 918 2.50 -11.36 41.06
C GLN B 918 1.71 -11.58 42.37
N ALA B 919 0.45 -11.14 42.44
CA ALA B 919 -0.39 -11.16 43.65
C ALA B 919 -0.69 -12.60 44.02
N LEU B 920 -0.97 -13.44 43.01
CA LEU B 920 -1.26 -14.87 43.24
C LEU B 920 0.00 -15.57 43.79
N PHE B 921 1.17 -15.26 43.23
CA PHE B 921 2.49 -15.79 43.67
C PHE B 921 2.69 -15.45 45.15
N ILE B 922 2.50 -14.19 45.52
CA ILE B 922 2.64 -13.74 46.92
C ILE B 922 1.68 -14.56 47.80
N ALA B 923 0.46 -14.80 47.32
CA ALA B 923 -0.57 -15.51 48.09
C ALA B 923 -0.08 -16.93 48.35
N GLU B 924 0.36 -17.62 47.29
CA GLU B 924 0.71 -19.06 47.44
C GLU B 924 1.99 -19.17 48.26
N ASN B 925 2.83 -18.14 48.24
CA ASN B 925 4.09 -18.17 49.05
C ASN B 925 3.71 -18.27 50.53
N TRP B 926 2.90 -17.34 51.04
CA TRP B 926 2.52 -17.36 52.48
C TRP B 926 1.68 -18.60 52.76
N MET B 927 0.86 -19.06 51.83
CA MET B 927 0.06 -20.27 52.08
C MET B 927 1.00 -21.48 52.27
N SER B 928 2.06 -21.58 51.47
CA SER B 928 3.10 -22.65 51.57
C SER B 928 3.81 -22.54 52.93
N GLU B 929 3.98 -21.32 53.45
CA GLU B 929 4.61 -21.08 54.78
C GLU B 929 3.63 -21.49 55.91
N VAL B 930 2.34 -21.21 55.76
CA VAL B 930 1.31 -21.67 56.72
C VAL B 930 1.40 -23.21 56.83
N ALA B 931 1.39 -23.99 55.74
CA ALA B 931 1.40 -25.48 55.83
C ALA B 931 2.64 -25.94 56.59
N VAL B 932 3.81 -25.40 56.27
CA VAL B 932 5.11 -25.83 56.89
C VAL B 932 5.07 -25.55 58.40
N THR B 933 4.69 -24.34 58.81
CA THR B 933 4.59 -23.91 60.21
C THR B 933 3.64 -24.83 61.00
N CYS B 934 2.49 -25.21 60.43
CA CYS B 934 1.50 -26.07 61.11
C CYS B 934 1.94 -27.53 61.06
N GLY B 935 2.93 -27.85 60.21
CA GLY B 935 3.35 -29.23 59.99
C GLY B 935 2.26 -30.05 59.37
N LEU B 936 1.50 -29.49 58.42
CA LEU B 936 0.37 -30.20 57.75
C LEU B 936 0.67 -30.29 56.27
N PRO B 937 0.15 -31.32 55.58
CA PRO B 937 0.31 -31.41 54.13
C PRO B 937 -0.32 -30.15 53.48
N ALA B 938 0.37 -29.56 52.51
CA ALA B 938 -0.05 -28.31 51.83
C ALA B 938 -1.42 -28.46 51.19
N GLU B 939 -1.73 -29.62 50.60
CA GLU B 939 -3.01 -29.80 49.88
C GLU B 939 -4.15 -29.73 50.90
N GLU B 940 -3.91 -30.15 52.15
CA GLU B 940 -4.96 -30.17 53.21
C GLU B 940 -5.26 -28.74 53.63
N VAL B 941 -4.20 -27.97 53.79
CA VAL B 941 -4.27 -26.56 54.21
C VAL B 941 -4.97 -25.75 53.13
N ARG B 942 -4.60 -25.94 51.86
CA ARG B 942 -5.23 -25.22 50.72
C ARG B 942 -6.72 -25.57 50.64
N TRP B 943 -7.05 -26.85 50.70
CA TRP B 943 -8.46 -27.36 50.64
C TRP B 943 -9.32 -26.70 51.73
N LYS B 944 -8.88 -26.74 52.98
CA LYS B 944 -9.74 -26.31 54.12
C LYS B 944 -9.87 -24.79 54.08
N ASN B 945 -9.03 -24.06 53.33
CA ASN B 945 -9.12 -22.57 53.24
C ASN B 945 -9.85 -22.13 51.99
N MET B 946 -10.18 -23.06 51.09
CA MET B 946 -10.74 -22.69 49.76
C MET B 946 -12.14 -22.10 49.97
N TYR B 947 -12.47 -21.08 49.20
CA TYR B 947 -13.85 -20.55 49.11
C TYR B 947 -14.77 -21.72 48.75
N LYS B 948 -16.06 -21.55 49.07
CA LYS B 948 -17.18 -22.45 48.67
C LYS B 948 -18.11 -21.68 47.74
N GLU B 949 -18.91 -22.43 46.99
CA GLU B 949 -19.93 -21.83 46.11
C GLU B 949 -20.68 -20.74 46.90
N GLY B 950 -20.84 -19.55 46.32
CA GLY B 950 -21.56 -18.43 46.95
C GLY B 950 -20.78 -17.59 47.94
N ASP B 951 -19.55 -17.94 48.33
CA ASP B 951 -18.74 -17.04 49.19
C ASP B 951 -18.50 -15.69 48.49
N LEU B 952 -18.28 -14.63 49.26
CA LEU B 952 -17.88 -13.32 48.72
C LEU B 952 -16.35 -13.29 48.76
N THR B 953 -15.73 -12.66 47.77
CA THR B 953 -14.31 -12.27 47.80
C THR B 953 -14.09 -11.15 48.83
N HIS B 954 -12.84 -10.81 49.07
CA HIS B 954 -12.40 -9.62 49.87
C HIS B 954 -12.89 -8.31 49.26
N PHE B 955 -13.27 -8.31 47.98
CA PHE B 955 -13.93 -7.14 47.32
C PHE B 955 -15.44 -7.38 47.15
N ASN B 956 -16.01 -8.34 47.89
CA ASN B 956 -17.48 -8.47 48.11
C ASN B 956 -18.16 -8.96 46.82
N GLN B 957 -17.45 -9.62 45.91
CA GLN B 957 -18.15 -10.18 44.75
C GLN B 957 -18.44 -11.65 45.04
N ARG B 958 -19.62 -12.10 44.64
CA ARG B 958 -20.11 -13.46 44.89
C ARG B 958 -19.48 -14.39 43.86
N LEU B 959 -18.98 -15.52 44.33
CA LEU B 959 -18.45 -16.60 43.49
C LEU B 959 -19.61 -17.51 43.09
N GLU B 960 -20.16 -17.27 41.91
CA GLU B 960 -21.23 -18.14 41.34
C GLU B 960 -20.60 -19.09 40.33
N GLY B 961 -21.02 -20.35 40.37
CA GLY B 961 -20.41 -21.43 39.57
C GLY B 961 -18.92 -21.55 39.85
N PHE B 962 -18.56 -21.62 41.13
CA PHE B 962 -17.16 -21.71 41.61
C PHE B 962 -16.72 -23.17 41.42
N SER B 963 -15.98 -23.43 40.37
CA SER B 963 -15.70 -24.80 39.86
C SER B 963 -14.33 -25.28 40.35
N VAL B 964 -13.60 -24.52 41.17
CA VAL B 964 -12.26 -24.93 41.66
C VAL B 964 -12.35 -26.26 42.40
N PRO B 965 -13.36 -26.52 43.27
CA PRO B 965 -13.43 -27.81 43.94
C PRO B 965 -13.47 -28.99 42.95
N ARG B 966 -14.26 -28.93 41.89
CA ARG B 966 -14.28 -29.98 40.83
C ARG B 966 -12.89 -30.08 40.17
N CYS B 967 -12.26 -28.95 39.79
CA CYS B 967 -10.92 -28.98 39.12
C CYS B 967 -9.90 -29.62 40.07
N TRP B 968 -10.02 -29.31 41.35
CA TRP B 968 -9.11 -29.79 42.43
C TRP B 968 -9.24 -31.31 42.59
N ASP B 969 -10.45 -31.79 42.84
CA ASP B 969 -10.74 -33.23 43.05
C ASP B 969 -10.32 -34.02 41.80
N GLU B 970 -10.69 -33.54 40.62
CA GLU B 970 -10.35 -34.21 39.34
C GLU B 970 -8.83 -34.23 39.17
N CYS B 971 -8.16 -33.09 39.37
CA CYS B 971 -6.68 -33.00 39.21
C CYS B 971 -5.98 -33.91 40.23
N LEU B 972 -6.44 -33.98 41.50
CA LEU B 972 -5.81 -34.89 42.51
C LEU B 972 -5.88 -36.32 41.99
N LYS B 973 -7.00 -36.71 41.39
CA LYS B 973 -7.30 -38.11 40.99
C LYS B 973 -6.61 -38.46 39.66
N SER B 974 -6.71 -37.65 38.61
CA SER B 974 -6.03 -37.95 37.31
C SER B 974 -4.50 -37.83 37.44
N SER B 975 -4.00 -36.97 38.32
CA SER B 975 -2.54 -36.83 38.53
C SER B 975 -2.02 -37.94 39.47
N GLN B 976 -2.88 -38.67 40.16
CA GLN B 976 -2.45 -39.71 41.15
C GLN B 976 -1.57 -39.05 42.21
N TYR B 977 -1.92 -37.82 42.60
CA TYR B 977 -1.16 -37.02 43.57
C TYR B 977 -0.77 -37.85 44.83
N TYR B 978 -1.74 -38.48 45.49
CA TYR B 978 -1.50 -39.17 46.79
C TYR B 978 -0.45 -40.28 46.62
N ALA B 979 -0.59 -41.16 45.63
CA ALA B 979 0.40 -42.25 45.41
C ALA B 979 1.75 -41.60 45.06
N ARG B 980 1.75 -40.50 44.30
CA ARG B 980 3.02 -39.93 43.78
C ARG B 980 3.76 -39.20 44.89
N LYS B 981 3.05 -38.64 45.89
CA LYS B 981 3.67 -37.97 47.07
C LYS B 981 4.55 -39.00 47.80
N SER B 982 4.09 -40.26 47.87
CA SER B 982 4.84 -41.30 48.62
C SER B 982 6.04 -41.72 47.77
N GLU B 983 5.93 -41.73 46.44
CA GLU B 983 7.09 -42.04 45.55
C GLU B 983 8.15 -40.93 45.67
N VAL B 984 7.75 -39.68 45.82
CA VAL B 984 8.70 -38.54 45.98
C VAL B 984 9.51 -38.70 47.27
N ASP B 985 8.82 -39.00 48.38
CA ASP B 985 9.45 -39.31 49.69
C ASP B 985 10.46 -40.45 49.50
N LYS B 986 10.10 -41.53 48.83
CA LYS B 986 11.01 -42.68 48.58
C LYS B 986 12.23 -42.21 47.78
N PHE B 987 12.04 -41.47 46.70
CA PHE B 987 13.17 -40.97 45.90
C PHE B 987 14.11 -40.13 46.81
N ASN B 988 13.55 -39.28 47.65
CA ASN B 988 14.36 -38.35 48.49
C ASN B 988 15.16 -39.16 49.52
N LYS B 989 14.59 -40.23 50.09
CA LYS B 989 15.34 -41.07 51.06
C LYS B 989 16.51 -41.76 50.33
N GLU B 990 16.35 -42.14 49.06
CA GLU B 990 17.33 -42.94 48.28
C GLU B 990 18.35 -42.09 47.52
N ASN B 991 18.26 -40.74 47.54
CA ASN B 991 19.17 -39.85 46.76
C ASN B 991 19.64 -38.69 47.63
N CYS B 992 20.96 -38.49 47.82
CA CYS B 992 21.51 -37.36 48.64
C CYS B 992 21.66 -36.08 47.82
N TRP B 993 21.89 -36.18 46.50
CA TRP B 993 22.38 -35.05 45.67
C TRP B 993 21.38 -34.71 44.56
N LYS B 994 20.22 -35.36 44.54
CA LYS B 994 19.04 -35.01 43.70
C LYS B 994 17.81 -35.15 44.58
N LYS B 995 16.83 -34.27 44.42
CA LYS B 995 15.60 -34.33 45.26
C LYS B 995 14.40 -34.09 44.35
N ARG B 996 13.28 -34.71 44.68
CA ARG B 996 12.01 -34.46 43.99
C ARG B 996 11.08 -33.60 44.86
N GLY B 997 10.23 -32.85 44.17
CA GLY B 997 9.19 -31.99 44.74
C GLY B 997 7.90 -32.12 43.97
N LEU B 998 6.79 -31.97 44.65
CA LEU B 998 5.43 -32.14 44.11
C LEU B 998 4.53 -31.10 44.77
N CYS B 999 3.75 -30.37 43.97
CA CYS B 999 2.84 -29.35 44.51
C CYS B 999 1.60 -29.19 43.61
N ILE B 1000 0.43 -28.98 44.23
CA ILE B 1000 -0.85 -28.79 43.49
C ILE B 1000 -1.41 -27.46 43.97
N ILE B 1001 -1.60 -26.52 43.03
CA ILE B 1001 -2.09 -25.15 43.37
C ILE B 1001 -3.29 -24.83 42.49
N PRO B 1002 -4.26 -24.07 43.03
CA PRO B 1002 -5.44 -23.70 42.28
C PRO B 1002 -5.22 -22.30 41.73
N THR B 1003 -6.11 -21.83 40.89
CA THR B 1003 -6.18 -20.39 40.56
C THR B 1003 -7.60 -20.01 40.15
N LYS B 1004 -7.89 -18.73 40.38
CA LYS B 1004 -9.07 -18.03 39.83
C LYS B 1004 -8.58 -16.71 39.24
N PHE B 1005 -9.14 -16.31 38.12
CA PHE B 1005 -8.77 -15.06 37.41
C PHE B 1005 -10.05 -14.36 37.00
N GLY B 1006 -10.19 -13.11 37.42
CA GLY B 1006 -11.37 -12.29 37.15
C GLY B 1006 -11.42 -11.89 35.69
N ILE B 1007 -12.58 -12.04 35.05
CA ILE B 1007 -12.73 -11.72 33.60
C ILE B 1007 -13.48 -10.40 33.40
N SER B 1008 -12.76 -9.41 32.89
CA SER B 1008 -13.25 -8.10 32.39
C SER B 1008 -12.12 -7.10 32.53
N PHE B 1009 -12.19 -6.00 31.79
CA PHE B 1009 -11.33 -4.84 32.05
C PHE B 1009 -11.78 -4.28 33.41
N THR B 1010 -10.84 -3.97 34.27
CA THR B 1010 -11.08 -3.26 35.55
C THR B 1010 -11.46 -1.78 35.30
N VAL B 1011 -11.15 -1.24 34.14
CA VAL B 1011 -11.73 0.06 33.66
C VAL B 1011 -13.07 -0.23 33.00
N PRO B 1012 -14.22 0.12 33.62
CA PRO B 1012 -15.52 -0.31 33.10
C PRO B 1012 -15.76 -0.01 31.61
N PHE B 1013 -15.44 1.19 31.17
CA PHE B 1013 -15.76 1.71 29.81
C PHE B 1013 -15.02 0.89 28.72
N LEU B 1014 -14.00 0.12 29.08
CA LEU B 1014 -13.24 -0.67 28.07
C LEU B 1014 -14.00 -1.95 27.74
N ASN B 1015 -15.04 -2.30 28.52
CA ASN B 1015 -15.87 -3.51 28.31
C ASN B 1015 -16.96 -3.22 27.26
N GLN B 1016 -16.50 -2.90 26.05
CA GLN B 1016 -17.38 -2.62 24.88
C GLN B 1016 -16.72 -3.19 23.63
N ALA B 1017 -17.51 -3.55 22.65
CA ALA B 1017 -17.02 -4.18 21.41
C ALA B 1017 -17.97 -3.96 20.23
N GLY B 1018 -17.37 -3.67 19.09
CA GLY B 1018 -18.00 -3.43 17.79
C GLY B 1018 -17.62 -4.49 16.78
N ALA B 1019 -18.56 -4.81 15.90
CA ALA B 1019 -18.36 -5.64 14.70
C ALA B 1019 -19.06 -4.95 13.53
N LEU B 1020 -18.56 -5.24 12.34
CA LEU B 1020 -19.17 -4.78 11.09
C LEU B 1020 -19.21 -5.97 10.18
N ILE B 1021 -20.38 -6.33 9.64
CA ILE B 1021 -20.47 -7.52 8.73
C ILE B 1021 -21.09 -7.14 7.40
N HIS B 1022 -20.50 -7.61 6.32
CA HIS B 1022 -21.03 -7.49 4.95
C HIS B 1022 -21.31 -8.87 4.38
N VAL B 1023 -22.46 -9.02 3.73
CA VAL B 1023 -22.72 -10.20 2.85
C VAL B 1023 -22.66 -9.67 1.42
N TYR B 1024 -21.74 -10.15 0.62
CA TYR B 1024 -21.63 -9.79 -0.80
C TYR B 1024 -22.62 -10.63 -1.60
N THR B 1025 -22.88 -10.26 -2.85
CA THR B 1025 -24.05 -10.78 -3.62
C THR B 1025 -23.78 -12.22 -4.07
N ASP B 1026 -22.56 -12.72 -3.86
CA ASP B 1026 -22.26 -14.17 -4.06
C ASP B 1026 -22.59 -14.96 -2.79
N GLY B 1027 -23.04 -14.29 -1.71
CA GLY B 1027 -23.27 -14.97 -0.44
C GLY B 1027 -22.04 -15.09 0.45
N SER B 1028 -20.83 -14.75 -0.03
CA SER B 1028 -19.62 -14.72 0.85
C SER B 1028 -19.78 -13.55 1.84
N VAL B 1029 -19.31 -13.77 3.06
CA VAL B 1029 -19.48 -12.84 4.20
C VAL B 1029 -18.08 -12.36 4.61
N LEU B 1030 -17.91 -11.06 4.80
CA LEU B 1030 -16.68 -10.46 5.34
C LEU B 1030 -17.04 -9.93 6.72
N VAL B 1031 -16.39 -10.49 7.74
CA VAL B 1031 -16.53 -10.00 9.14
C VAL B 1031 -15.34 -9.11 9.48
N SER B 1032 -15.62 -7.99 10.12
CA SER B 1032 -14.64 -7.08 10.74
C SER B 1032 -15.06 -6.90 12.19
N HIS B 1033 -14.12 -6.84 13.14
CA HIS B 1033 -14.42 -6.58 14.57
C HIS B 1033 -13.25 -5.82 15.20
N GLY B 1034 -13.42 -5.31 16.42
CA GLY B 1034 -12.39 -4.47 17.09
C GLY B 1034 -11.15 -5.22 17.55
N GLY B 1035 -11.20 -6.55 17.59
CA GLY B 1035 -10.14 -7.40 18.10
C GLY B 1035 -9.05 -7.62 17.11
N THR B 1036 -7.82 -7.85 17.62
CA THR B 1036 -6.66 -8.15 16.75
C THR B 1036 -6.21 -9.58 16.99
N GLU B 1037 -5.61 -10.17 15.96
CA GLU B 1037 -5.05 -11.52 16.01
C GLU B 1037 -3.57 -11.43 16.36
N MET B 1038 -3.16 -12.09 17.43
CA MET B 1038 -1.76 -12.16 17.89
C MET B 1038 -1.34 -13.62 18.11
N GLY B 1039 -2.12 -14.57 17.58
CA GLY B 1039 -1.81 -16.02 17.71
C GLY B 1039 -2.82 -16.77 18.55
N GLN B 1040 -3.70 -16.06 19.27
CA GLN B 1040 -4.65 -16.65 20.24
C GLN B 1040 -5.87 -17.24 19.51
N GLY B 1041 -5.95 -17.09 18.18
CA GLY B 1041 -7.05 -17.67 17.36
C GLY B 1041 -8.37 -16.92 17.49
N LEU B 1042 -8.32 -15.62 17.74
CA LEU B 1042 -9.54 -14.79 17.90
C LEU B 1042 -10.34 -14.80 16.59
N HIS B 1043 -9.69 -14.55 15.44
CA HIS B 1043 -10.38 -14.52 14.15
C HIS B 1043 -11.00 -15.91 13.90
N THR B 1044 -10.30 -16.99 14.22
CA THR B 1044 -10.82 -18.39 14.10
C THR B 1044 -12.13 -18.49 14.88
N LYS B 1045 -12.13 -18.03 16.13
CA LYS B 1045 -13.31 -18.17 17.02
C LYS B 1045 -14.48 -17.32 16.50
N MET B 1046 -14.18 -16.12 15.98
CA MET B 1046 -15.20 -15.21 15.45
C MET B 1046 -15.81 -15.83 14.20
N VAL B 1047 -15.02 -16.51 13.36
CA VAL B 1047 -15.57 -17.18 12.16
C VAL B 1047 -16.47 -18.34 12.64
N GLN B 1048 -16.01 -19.12 13.63
CA GLN B 1048 -16.81 -20.24 14.19
C GLN B 1048 -18.15 -19.72 14.75
N VAL B 1049 -18.12 -18.58 15.46
CA VAL B 1049 -19.33 -17.91 16.02
C VAL B 1049 -20.22 -17.50 14.84
N ALA B 1050 -19.71 -16.75 13.86
CA ALA B 1050 -20.54 -16.23 12.75
C ALA B 1050 -21.18 -17.40 11.98
N SER B 1051 -20.42 -18.47 11.72
CA SER B 1051 -20.92 -19.70 11.07
C SER B 1051 -22.08 -20.32 11.86
N LYS B 1052 -21.96 -20.45 13.18
CA LYS B 1052 -23.06 -21.04 14.01
C LYS B 1052 -24.31 -20.16 13.93
N ALA B 1053 -24.19 -18.87 14.23
CA ALA B 1053 -25.30 -17.90 14.23
C ALA B 1053 -26.00 -17.86 12.86
N LEU B 1054 -25.25 -17.86 11.75
CA LEU B 1054 -25.82 -17.66 10.40
C LEU B 1054 -26.31 -19.00 9.85
N LYS B 1055 -25.92 -20.12 10.49
CA LYS B 1055 -26.10 -21.50 9.98
C LYS B 1055 -25.59 -21.63 8.54
N ILE B 1056 -24.36 -21.21 8.27
CA ILE B 1056 -23.64 -21.44 6.99
C ILE B 1056 -22.26 -22.01 7.35
N PRO B 1057 -21.63 -22.73 6.42
CA PRO B 1057 -20.29 -23.23 6.63
C PRO B 1057 -19.28 -22.10 6.85
N ILE B 1058 -18.27 -22.33 7.70
CA ILE B 1058 -17.14 -21.38 7.92
C ILE B 1058 -16.50 -21.01 6.56
N SER B 1059 -16.51 -21.91 5.56
CA SER B 1059 -15.90 -21.66 4.22
C SER B 1059 -16.50 -20.41 3.55
N LYS B 1060 -17.68 -19.95 3.98
CA LYS B 1060 -18.34 -18.77 3.35
C LYS B 1060 -18.00 -17.47 4.07
N ILE B 1061 -17.19 -17.54 5.14
CA ILE B 1061 -16.91 -16.39 6.05
C ILE B 1061 -15.41 -16.15 6.05
N TYR B 1062 -15.00 -14.88 6.04
CA TYR B 1062 -13.58 -14.48 5.99
C TYR B 1062 -13.40 -13.25 6.87
N ILE B 1063 -12.26 -13.20 7.57
CA ILE B 1063 -11.81 -12.01 8.32
C ILE B 1063 -10.44 -11.68 7.75
N SER B 1064 -10.31 -10.48 7.19
CA SER B 1064 -9.06 -10.04 6.54
C SER B 1064 -8.15 -9.39 7.57
N GLU B 1065 -8.65 -8.42 8.32
CA GLU B 1065 -7.77 -7.63 9.22
C GLU B 1065 -8.62 -6.82 10.17
N THR B 1066 -7.95 -6.10 11.06
CA THR B 1066 -8.56 -5.10 11.95
C THR B 1066 -8.18 -3.70 11.44
N SER B 1067 -9.14 -2.79 11.41
CA SER B 1067 -8.92 -1.43 10.88
C SER B 1067 -9.80 -0.41 11.58
N THR B 1068 -9.26 0.76 11.86
CA THR B 1068 -9.98 1.88 12.54
C THR B 1068 -11.07 2.48 11.64
N ASN B 1069 -11.05 2.25 10.33
CA ASN B 1069 -12.12 2.77 9.42
C ASN B 1069 -13.22 1.73 9.21
N THR B 1070 -13.16 0.54 9.82
CA THR B 1070 -14.31 -0.41 9.82
C THR B 1070 -14.97 -0.48 11.20
N VAL B 1071 -14.19 -0.53 12.28
CA VAL B 1071 -14.69 -0.47 13.69
C VAL B 1071 -13.86 0.55 14.44
N PRO B 1072 -14.45 1.72 14.78
CA PRO B 1072 -13.74 2.77 15.48
C PRO B 1072 -13.74 2.56 17.00
N ASN B 1073 -12.86 3.26 17.73
CA ASN B 1073 -13.00 3.43 19.19
C ASN B 1073 -12.89 2.05 19.88
N SER B 1074 -12.10 1.16 19.32
CA SER B 1074 -11.91 -0.20 19.85
C SER B 1074 -11.07 -0.15 21.14
N SER B 1075 -11.49 -0.90 22.14
CA SER B 1075 -10.63 -1.26 23.30
C SER B 1075 -9.43 -2.04 22.74
N PRO B 1076 -8.25 -1.99 23.42
CA PRO B 1076 -7.13 -2.85 23.03
C PRO B 1076 -7.58 -4.30 23.17
N THR B 1077 -6.97 -5.18 22.39
CA THR B 1077 -7.22 -6.63 22.45
C THR B 1077 -6.50 -7.13 23.70
N ALA B 1078 -7.23 -7.36 24.79
CA ALA B 1078 -6.60 -7.52 26.12
C ALA B 1078 -7.62 -8.01 27.16
N ALA B 1079 -7.15 -8.38 28.37
CA ALA B 1079 -7.94 -8.82 29.54
C ALA B 1079 -8.65 -10.14 29.26
N SER B 1080 -8.17 -10.92 28.27
CA SER B 1080 -8.70 -12.24 27.91
C SER B 1080 -10.17 -12.15 27.44
N VAL B 1081 -10.74 -10.95 27.23
CA VAL B 1081 -12.21 -10.83 27.03
C VAL B 1081 -12.61 -10.74 25.57
N SER B 1082 -11.68 -10.84 24.61
CA SER B 1082 -11.96 -10.50 23.20
C SER B 1082 -12.98 -11.51 22.62
N THR B 1083 -12.86 -12.80 22.93
CA THR B 1083 -13.81 -13.81 22.42
C THR B 1083 -15.21 -13.48 22.94
N ASP B 1084 -15.30 -13.16 24.23
CA ASP B 1084 -16.59 -12.86 24.93
C ASP B 1084 -17.23 -11.65 24.25
N ILE B 1085 -16.49 -10.56 24.08
CA ILE B 1085 -17.13 -9.27 23.70
C ILE B 1085 -17.26 -9.14 22.17
N TYR B 1086 -16.25 -9.53 21.39
CA TYR B 1086 -16.35 -9.44 19.91
C TYR B 1086 -17.30 -10.55 19.47
N GLY B 1087 -17.33 -11.67 20.19
CA GLY B 1087 -18.25 -12.79 19.91
C GLY B 1087 -19.69 -12.35 20.05
N GLN B 1088 -19.98 -11.54 21.07
CA GLN B 1088 -21.33 -10.95 21.24
C GLN B 1088 -21.59 -9.99 20.08
N ALA B 1089 -20.63 -9.13 19.75
CA ALA B 1089 -20.83 -8.07 18.71
C ALA B 1089 -21.07 -8.75 17.36
N VAL B 1090 -20.32 -9.79 17.07
CA VAL B 1090 -20.46 -10.54 15.79
C VAL B 1090 -21.84 -11.21 15.77
N TYR B 1091 -22.18 -11.88 16.90
CA TYR B 1091 -23.48 -12.55 17.12
C TYR B 1091 -24.62 -11.59 16.76
N GLU B 1092 -24.62 -10.39 17.33
CA GLU B 1092 -25.70 -9.37 17.15
C GLU B 1092 -25.75 -8.91 15.69
N ALA B 1093 -24.60 -8.70 15.07
CA ALA B 1093 -24.55 -8.33 13.63
C ALA B 1093 -25.18 -9.49 12.85
N CYS B 1094 -24.89 -10.73 13.20
CA CYS B 1094 -25.46 -11.88 12.47
C CYS B 1094 -26.98 -11.94 12.65
N GLN B 1095 -27.49 -11.57 13.84
CA GLN B 1095 -28.94 -11.58 14.16
C GLN B 1095 -29.63 -10.56 13.24
N THR B 1096 -29.06 -9.37 13.06
CA THR B 1096 -29.63 -8.35 12.13
C THR B 1096 -29.68 -8.92 10.70
N ILE B 1097 -28.61 -9.54 10.22
CA ILE B 1097 -28.59 -10.13 8.85
C ILE B 1097 -29.77 -11.14 8.77
N LEU B 1098 -29.87 -12.03 9.75
CA LEU B 1098 -30.90 -13.10 9.70
C LEU B 1098 -32.30 -12.49 9.64
N LYS B 1099 -32.58 -11.42 10.38
CA LYS B 1099 -33.90 -10.73 10.42
C LYS B 1099 -34.16 -10.15 9.04
N ARG B 1100 -33.12 -9.64 8.37
CA ARG B 1100 -33.25 -9.05 7.02
C ARG B 1100 -33.52 -10.14 5.97
N LEU B 1101 -32.90 -11.31 6.11
CA LEU B 1101 -33.08 -12.42 5.16
C LEU B 1101 -34.41 -13.18 5.40
N GLU B 1102 -34.99 -13.09 6.59
CA GLU B 1102 -36.15 -13.92 7.04
C GLU B 1102 -37.31 -13.90 6.04
N PRO B 1103 -37.79 -12.75 5.55
CA PRO B 1103 -38.86 -12.71 4.54
C PRO B 1103 -38.52 -13.53 3.29
N PHE B 1104 -37.24 -13.55 2.87
CA PHE B 1104 -36.75 -14.27 1.66
C PHE B 1104 -36.67 -15.76 1.93
N LYS B 1105 -36.27 -16.12 3.15
CA LYS B 1105 -36.26 -17.53 3.63
C LYS B 1105 -37.70 -18.07 3.65
N LYS B 1106 -38.66 -17.31 4.20
CA LYS B 1106 -40.10 -17.72 4.32
C LYS B 1106 -40.73 -17.80 2.92
N LYS B 1107 -40.33 -16.91 2.01
CA LYS B 1107 -40.77 -16.85 0.58
C LYS B 1107 -40.22 -18.06 -0.19
N ASN B 1108 -39.05 -18.59 0.15
CA ASN B 1108 -38.37 -19.64 -0.66
C ASN B 1108 -37.66 -20.61 0.30
N PRO B 1109 -38.42 -21.34 1.15
CA PRO B 1109 -37.84 -22.09 2.27
C PRO B 1109 -36.90 -23.23 1.87
N ASP B 1110 -37.00 -23.69 0.63
CA ASP B 1110 -36.13 -24.78 0.10
C ASP B 1110 -34.91 -24.21 -0.64
N GLY B 1111 -34.82 -22.88 -0.78
CA GLY B 1111 -33.71 -22.23 -1.50
C GLY B 1111 -32.41 -22.34 -0.72
N SER B 1112 -31.31 -21.88 -1.30
CA SER B 1112 -29.97 -21.83 -0.66
C SER B 1112 -29.72 -20.45 -0.06
N TRP B 1113 -28.77 -20.37 0.84
CA TRP B 1113 -28.23 -19.11 1.39
C TRP B 1113 -28.05 -18.09 0.26
N GLU B 1114 -27.46 -18.50 -0.84
CA GLU B 1114 -27.09 -17.65 -2.01
C GLU B 1114 -28.38 -17.09 -2.66
N ASP B 1115 -29.42 -17.92 -2.78
CA ASP B 1115 -30.72 -17.49 -3.35
C ASP B 1115 -31.30 -16.38 -2.49
N TRP B 1116 -31.28 -16.55 -1.15
CA TRP B 1116 -31.88 -15.58 -0.22
C TRP B 1116 -31.12 -14.26 -0.28
N VAL B 1117 -29.78 -14.35 -0.28
CA VAL B 1117 -28.90 -13.14 -0.35
C VAL B 1117 -29.14 -12.42 -1.68
N MET B 1118 -29.17 -13.11 -2.81
CA MET B 1118 -29.43 -12.40 -4.11
C MET B 1118 -30.85 -11.80 -4.12
N ALA B 1119 -31.83 -12.48 -3.54
CA ALA B 1119 -33.24 -12.03 -3.51
C ALA B 1119 -33.31 -10.76 -2.67
N ALA B 1120 -32.56 -10.75 -1.55
CA ALA B 1120 -32.50 -9.57 -0.65
C ALA B 1120 -31.87 -8.41 -1.44
N TYR B 1121 -30.75 -8.65 -2.10
CA TYR B 1121 -30.05 -7.57 -2.86
C TYR B 1121 -31.00 -6.99 -3.93
N GLN B 1122 -31.60 -7.85 -4.75
CA GLN B 1122 -32.54 -7.43 -5.85
C GLN B 1122 -33.75 -6.67 -5.26
N ASP B 1123 -34.11 -6.94 -4.00
CA ASP B 1123 -35.25 -6.27 -3.34
C ASP B 1123 -34.78 -5.01 -2.63
N ARG B 1124 -33.51 -4.64 -2.80
CA ARG B 1124 -32.92 -3.42 -2.19
C ARG B 1124 -33.01 -3.49 -0.66
N VAL B 1125 -32.66 -4.66 -0.10
CA VAL B 1125 -32.45 -4.84 1.37
C VAL B 1125 -30.94 -4.77 1.64
N SER B 1126 -30.56 -3.96 2.64
CA SER B 1126 -29.14 -3.78 3.05
C SER B 1126 -28.55 -5.09 3.58
N LEU B 1127 -27.38 -5.51 3.10
CA LEU B 1127 -26.65 -6.70 3.63
C LEU B 1127 -25.39 -6.27 4.37
N SER B 1128 -25.39 -5.07 4.95
CA SER B 1128 -24.34 -4.50 5.81
C SER B 1128 -24.97 -4.11 7.16
N THR B 1129 -24.38 -4.55 8.26
CA THR B 1129 -24.80 -4.07 9.60
C THR B 1129 -23.61 -4.01 10.56
N THR B 1130 -23.72 -3.14 11.55
CA THR B 1130 -22.89 -3.19 12.77
C THR B 1130 -23.49 -4.19 13.77
N GLY B 1131 -22.65 -4.65 14.67
CA GLY B 1131 -23.06 -5.24 15.97
C GLY B 1131 -22.29 -4.58 17.09
N PHE B 1132 -22.83 -4.60 18.30
CA PHE B 1132 -22.13 -4.02 19.46
C PHE B 1132 -22.49 -4.80 20.71
N TYR B 1133 -21.61 -4.76 21.70
CA TYR B 1133 -21.89 -5.41 23.00
C TYR B 1133 -21.25 -4.57 24.08
N ARG B 1134 -21.95 -4.45 25.21
CA ARG B 1134 -21.57 -3.71 26.43
C ARG B 1134 -21.76 -4.72 27.57
N THR B 1135 -20.70 -5.14 28.26
CA THR B 1135 -20.85 -6.13 29.37
C THR B 1135 -21.70 -5.52 30.50
N PRO B 1136 -22.83 -6.19 30.88
CA PRO B 1136 -23.73 -5.64 31.89
C PRO B 1136 -23.19 -5.80 33.32
N ASN B 1137 -23.69 -4.94 34.23
CA ASN B 1137 -23.62 -5.05 35.70
C ASN B 1137 -22.18 -4.96 36.21
N LEU B 1138 -21.30 -4.17 35.58
CA LEU B 1138 -19.90 -3.94 36.06
C LEU B 1138 -19.78 -2.57 36.71
N GLY B 1139 -18.94 -2.45 37.75
CA GLY B 1139 -18.66 -1.16 38.39
C GLY B 1139 -18.29 -1.37 39.84
N TYR B 1140 -17.04 -1.77 40.05
CA TYR B 1140 -16.44 -1.87 41.39
C TYR B 1140 -16.04 -0.48 41.85
N SER B 1141 -16.32 -0.14 43.10
CA SER B 1141 -15.79 1.10 43.75
C SER B 1141 -14.80 0.70 44.85
N PHE B 1142 -13.59 1.24 44.80
CA PHE B 1142 -12.56 1.13 45.85
C PHE B 1142 -13.05 1.86 47.10
N GLU B 1143 -13.83 2.91 46.91
CA GLU B 1143 -14.35 3.77 48.01
C GLU B 1143 -15.35 2.97 48.85
N THR B 1144 -16.22 2.16 48.23
CA THR B 1144 -17.30 1.44 48.95
C THR B 1144 -16.96 -0.05 49.08
N ASN B 1145 -15.90 -0.55 48.44
CA ASN B 1145 -15.61 -1.99 48.37
C ASN B 1145 -16.90 -2.74 47.97
N SER B 1146 -17.54 -2.30 46.88
CA SER B 1146 -18.72 -3.04 46.37
C SER B 1146 -18.90 -2.76 44.88
N GLY B 1147 -19.76 -3.54 44.24
CA GLY B 1147 -19.98 -3.55 42.78
C GLY B 1147 -19.09 -4.59 42.14
N ASN B 1148 -19.52 -5.15 41.02
CA ASN B 1148 -18.80 -6.22 40.30
C ASN B 1148 -17.57 -5.63 39.61
N ALA B 1149 -16.39 -6.10 40.00
CA ALA B 1149 -15.13 -5.92 39.26
C ALA B 1149 -15.12 -6.76 37.98
N PHE B 1150 -15.61 -7.99 38.07
CA PHE B 1150 -15.49 -9.01 36.98
C PHE B 1150 -16.89 -9.50 36.62
N HIS B 1151 -17.09 -9.92 35.37
CA HIS B 1151 -18.35 -10.55 34.90
C HIS B 1151 -18.44 -11.98 35.41
N TYR B 1152 -17.31 -12.67 35.44
CA TYR B 1152 -17.16 -14.03 36.03
C TYR B 1152 -15.66 -14.31 36.24
N PHE B 1153 -15.34 -15.51 36.69
CA PHE B 1153 -13.97 -15.98 37.00
C PHE B 1153 -13.71 -17.25 36.20
N THR B 1154 -12.50 -17.35 35.67
CA THR B 1154 -11.96 -18.59 35.07
C THR B 1154 -11.13 -19.30 36.14
N TYR B 1155 -11.18 -20.62 36.16
CA TYR B 1155 -10.62 -21.41 37.28
C TYR B 1155 -9.78 -22.55 36.72
N GLY B 1156 -8.74 -22.92 37.44
CA GLY B 1156 -7.95 -24.10 37.10
C GLY B 1156 -7.10 -24.59 38.25
N VAL B 1157 -6.62 -25.82 38.10
CA VAL B 1157 -5.68 -26.49 39.03
C VAL B 1157 -4.57 -27.17 38.26
N ALA B 1158 -3.35 -27.01 38.76
CA ALA B 1158 -2.14 -27.67 38.22
C ALA B 1158 -1.37 -28.36 39.36
N CYS B 1159 -1.01 -29.60 39.10
CA CYS B 1159 -0.10 -30.44 39.90
C CYS B 1159 1.20 -30.63 39.13
N SER B 1160 2.33 -30.20 39.69
CA SER B 1160 3.66 -30.33 39.03
C SER B 1160 4.67 -31.07 39.91
N GLU B 1161 5.50 -31.90 39.28
CA GLU B 1161 6.61 -32.64 39.93
C GLU B 1161 7.91 -32.25 39.22
N VAL B 1162 8.95 -31.98 39.99
CA VAL B 1162 10.32 -31.67 39.51
C VAL B 1162 11.31 -32.61 40.19
N GLU B 1163 12.49 -32.68 39.60
CA GLU B 1163 13.71 -33.25 40.19
C GLU B 1163 14.79 -32.18 40.07
N ILE B 1164 15.32 -31.70 41.19
CA ILE B 1164 16.46 -30.75 41.18
C ILE B 1164 17.76 -31.54 41.26
N ASP B 1165 18.79 -31.01 40.61
CA ASP B 1165 20.20 -31.36 40.88
C ASP B 1165 20.73 -30.41 41.97
N CYS B 1166 20.94 -30.95 43.18
CA CYS B 1166 21.37 -30.18 44.38
C CYS B 1166 22.82 -29.71 44.24
N LEU B 1167 23.57 -30.24 43.27
CA LEU B 1167 24.99 -29.85 43.07
C LEU B 1167 25.15 -28.77 41.98
N THR B 1168 24.18 -28.57 41.08
CA THR B 1168 24.32 -27.61 39.94
C THR B 1168 23.19 -26.57 39.86
N GLY B 1169 22.03 -26.86 40.44
CA GLY B 1169 20.83 -26.02 40.35
C GLY B 1169 20.00 -26.30 39.09
N ASP B 1170 20.42 -27.21 38.23
CA ASP B 1170 19.57 -27.64 37.09
C ASP B 1170 18.36 -28.39 37.68
N HIS B 1171 17.25 -28.44 36.97
CA HIS B 1171 16.06 -29.23 37.36
C HIS B 1171 15.36 -29.75 36.10
N LYS B 1172 14.70 -30.88 36.26
CA LYS B 1172 13.76 -31.43 35.26
C LYS B 1172 12.33 -31.16 35.70
N ASN B 1173 11.48 -30.76 34.77
CA ASN B 1173 10.01 -30.79 34.91
C ASN B 1173 9.53 -32.21 34.55
N LEU B 1174 9.24 -33.08 35.52
CA LEU B 1174 8.98 -34.51 35.24
C LEU B 1174 7.56 -34.64 34.73
N ARG B 1175 6.61 -34.00 35.42
CA ARG B 1175 5.18 -34.22 35.12
C ARG B 1175 4.38 -33.01 35.59
N THR B 1176 3.45 -32.57 34.77
CA THR B 1176 2.42 -31.56 35.11
C THR B 1176 1.08 -32.10 34.66
N ASP B 1177 0.07 -31.92 35.50
CA ASP B 1177 -1.36 -32.23 35.22
C ASP B 1177 -2.12 -30.93 35.44
N ILE B 1178 -2.89 -30.50 34.43
CA ILE B 1178 -3.75 -29.29 34.53
C ILE B 1178 -5.22 -29.69 34.32
N VAL B 1179 -6.11 -29.17 35.16
CA VAL B 1179 -7.57 -29.22 34.90
C VAL B 1179 -8.02 -27.76 34.85
N MET B 1180 -8.50 -27.36 33.68
CA MET B 1180 -8.96 -25.97 33.45
C MET B 1180 -10.49 -25.93 33.19
N ASP B 1181 -11.17 -25.03 33.89
CA ASP B 1181 -12.57 -24.67 33.63
C ASP B 1181 -12.59 -23.54 32.58
N VAL B 1182 -12.91 -23.87 31.33
CA VAL B 1182 -13.07 -22.87 30.25
C VAL B 1182 -14.52 -22.89 29.77
N GLY B 1183 -15.44 -23.30 30.67
CA GLY B 1183 -16.85 -23.46 30.32
C GLY B 1183 -17.00 -24.46 29.21
N SER B 1184 -17.96 -24.23 28.33
CA SER B 1184 -18.18 -24.97 27.06
C SER B 1184 -17.26 -24.35 25.99
N SER B 1185 -16.07 -24.90 25.80
CA SER B 1185 -15.01 -24.31 24.94
C SER B 1185 -15.62 -24.06 23.54
N LEU B 1186 -15.46 -22.86 22.98
CA LEU B 1186 -15.73 -22.59 21.53
C LEU B 1186 -14.82 -23.46 20.68
N ASN B 1187 -13.61 -23.77 21.17
CA ASN B 1187 -12.59 -24.46 20.36
C ASN B 1187 -11.57 -25.06 21.31
N PRO B 1188 -11.73 -26.36 21.62
CA PRO B 1188 -10.87 -27.01 22.62
C PRO B 1188 -9.39 -27.03 22.20
N ALA B 1189 -9.08 -27.07 20.91
CA ALA B 1189 -7.68 -27.04 20.41
C ALA B 1189 -7.07 -25.70 20.74
N ILE B 1190 -7.73 -24.59 20.38
CA ILE B 1190 -7.20 -23.24 20.65
C ILE B 1190 -7.15 -23.07 22.19
N ASP B 1191 -8.16 -23.55 22.93
CA ASP B 1191 -8.18 -23.38 24.41
C ASP B 1191 -7.08 -24.22 25.08
N ILE B 1192 -6.87 -25.47 24.67
CA ILE B 1192 -5.78 -26.30 25.25
C ILE B 1192 -4.48 -25.61 24.89
N GLY B 1193 -4.40 -25.03 23.69
CA GLY B 1193 -3.19 -24.34 23.24
C GLY B 1193 -2.94 -23.10 24.08
N GLN B 1194 -4.00 -22.38 24.47
CA GLN B 1194 -3.89 -21.23 25.39
C GLN B 1194 -3.45 -21.69 26.79
N VAL B 1195 -4.03 -22.75 27.31
CA VAL B 1195 -3.62 -23.31 28.62
C VAL B 1195 -2.12 -23.69 28.58
N GLU B 1196 -1.65 -24.38 27.55
CA GLU B 1196 -0.24 -24.87 27.54
C GLU B 1196 0.71 -23.67 27.35
N GLY B 1197 0.37 -22.79 26.40
CA GLY B 1197 1.17 -21.60 26.14
C GLY B 1197 1.33 -20.75 27.38
N ALA B 1198 0.24 -20.34 28.00
CA ALA B 1198 0.20 -19.52 29.23
C ALA B 1198 1.00 -20.23 30.34
N PHE B 1199 0.74 -21.52 30.54
CA PHE B 1199 1.47 -22.32 31.56
C PHE B 1199 2.98 -22.18 31.35
N VAL B 1200 3.45 -22.34 30.12
CA VAL B 1200 4.92 -22.33 29.87
C VAL B 1200 5.47 -20.90 30.05
N GLN B 1201 4.72 -19.87 29.67
CA GLN B 1201 5.16 -18.47 29.96
C GLN B 1201 5.27 -18.28 31.48
N GLY B 1202 4.34 -18.82 32.27
CA GLY B 1202 4.42 -18.77 33.74
C GLY B 1202 5.64 -19.53 34.27
N LEU B 1203 5.85 -20.74 33.75
CA LEU B 1203 7.05 -21.54 34.04
C LEU B 1203 8.30 -20.67 33.82
N GLY B 1204 8.32 -19.89 32.76
CA GLY B 1204 9.45 -19.02 32.44
C GLY B 1204 9.59 -17.95 33.51
N LEU B 1205 8.51 -17.24 33.80
CA LEU B 1205 8.49 -16.14 34.81
C LEU B 1205 9.04 -16.64 36.16
N PHE B 1206 8.60 -17.81 36.62
CA PHE B 1206 8.88 -18.33 37.98
C PHE B 1206 10.20 -19.12 38.04
N THR B 1207 10.84 -19.48 36.92
CA THR B 1207 11.99 -20.43 37.01
C THR B 1207 13.15 -20.17 36.04
N LEU B 1208 13.01 -19.40 34.95
CA LEU B 1208 14.10 -19.30 33.94
C LEU B 1208 14.46 -17.85 33.62
N GLU B 1209 13.44 -17.00 33.56
CA GLU B 1209 13.55 -15.71 32.88
C GLU B 1209 13.99 -14.65 33.89
N GLU B 1210 15.12 -14.01 33.65
CA GLU B 1210 15.60 -13.02 34.62
C GLU B 1210 16.20 -11.86 33.85
N LEU B 1211 15.83 -10.63 34.18
CA LEU B 1211 16.47 -9.43 33.58
C LEU B 1211 17.50 -8.88 34.58
N HIS B 1212 18.72 -8.59 34.15
CA HIS B 1212 19.79 -8.05 35.03
C HIS B 1212 20.10 -6.62 34.58
N TYR B 1213 20.19 -5.72 35.56
CA TYR B 1213 20.48 -4.28 35.38
C TYR B 1213 21.74 -3.94 36.18
N SER B 1214 22.59 -3.12 35.60
CA SER B 1214 23.72 -2.44 36.28
C SER B 1214 23.15 -1.59 37.43
N PRO B 1215 23.93 -1.33 38.52
CA PRO B 1215 23.48 -0.40 39.56
C PRO B 1215 23.04 0.98 39.03
N GLU B 1216 23.59 1.45 37.92
CA GLU B 1216 23.21 2.73 37.24
C GLU B 1216 21.93 2.57 36.41
N GLY B 1217 21.40 1.34 36.28
CA GLY B 1217 20.09 1.06 35.65
C GLY B 1217 20.16 0.77 34.14
N SER B 1218 21.31 0.28 33.64
CA SER B 1218 21.48 -0.19 32.26
C SER B 1218 21.19 -1.70 32.20
N LEU B 1219 20.19 -2.08 31.39
CA LEU B 1219 19.81 -3.49 31.17
C LEU B 1219 21.03 -4.19 30.56
N HIS B 1220 21.51 -5.25 31.20
CA HIS B 1220 22.58 -6.11 30.62
C HIS B 1220 21.96 -7.14 29.66
N THR B 1221 20.75 -7.63 29.93
CA THR B 1221 20.21 -8.84 29.26
C THR B 1221 19.34 -8.39 28.09
N ARG B 1222 19.89 -8.41 26.86
CA ARG B 1222 19.21 -7.76 25.72
C ARG B 1222 19.04 -8.73 24.54
N GLY B 1223 19.17 -10.04 24.74
CA GLY B 1223 18.80 -10.97 23.67
C GLY B 1223 18.68 -12.41 24.16
N PRO B 1224 18.29 -13.37 23.28
CA PRO B 1224 18.05 -14.73 23.69
C PRO B 1224 19.29 -15.40 24.32
N SER B 1225 20.48 -14.89 24.02
CA SER B 1225 21.76 -15.37 24.59
C SER B 1225 21.77 -15.20 26.11
N THR B 1226 21.22 -14.09 26.63
CA THR B 1226 21.27 -13.74 28.06
C THR B 1226 19.88 -13.83 28.71
N TYR B 1227 18.81 -13.81 27.93
CA TYR B 1227 17.42 -13.85 28.47
C TYR B 1227 16.85 -15.20 28.04
N LYS B 1228 16.61 -16.10 28.99
CA LYS B 1228 16.37 -17.54 28.67
C LYS B 1228 14.89 -17.85 28.88
N ILE B 1229 14.11 -17.77 27.80
CA ILE B 1229 12.68 -18.22 27.81
C ILE B 1229 12.66 -19.74 27.71
N PRO B 1230 11.55 -20.39 28.10
CA PRO B 1230 11.50 -21.85 28.02
C PRO B 1230 11.80 -22.31 26.59
N ALA B 1231 12.56 -23.38 26.52
CA ALA B 1231 12.98 -24.04 25.28
C ALA B 1231 12.16 -25.31 25.11
N PHE B 1232 12.25 -25.95 23.96
CA PHE B 1232 11.62 -27.28 23.69
C PHE B 1232 11.88 -28.24 24.85
N GLY B 1233 13.13 -28.30 25.30
CA GLY B 1233 13.61 -29.14 26.42
C GLY B 1233 13.09 -28.75 27.80
N SER B 1234 12.48 -27.57 27.99
CA SER B 1234 12.12 -27.03 29.32
C SER B 1234 10.77 -27.57 29.78
N ILE B 1235 9.95 -28.12 28.88
CA ILE B 1235 8.51 -28.34 29.17
C ILE B 1235 8.40 -29.62 29.99
N PRO B 1236 7.28 -29.84 30.73
CA PRO B 1236 7.16 -31.06 31.50
C PRO B 1236 7.15 -32.29 30.57
N THR B 1237 7.94 -33.31 30.91
CA THR B 1237 8.08 -34.53 30.08
C THR B 1237 6.74 -35.23 29.92
N GLU B 1238 6.03 -35.42 31.02
CA GLU B 1238 4.63 -35.89 31.01
C GLU B 1238 3.72 -34.67 31.25
N PHE B 1239 2.93 -34.28 30.25
CA PHE B 1239 2.20 -32.99 30.20
C PHE B 1239 0.77 -33.33 29.79
N ARG B 1240 -0.13 -33.19 30.73
CA ARG B 1240 -1.55 -33.59 30.62
C ARG B 1240 -2.40 -32.36 30.86
N VAL B 1241 -3.37 -32.12 29.97
CA VAL B 1241 -4.32 -31.00 30.11
C VAL B 1241 -5.74 -31.57 29.96
N SER B 1242 -6.60 -31.21 30.89
CA SER B 1242 -8.05 -31.50 30.83
C SER B 1242 -8.84 -30.21 30.85
N LEU B 1243 -9.81 -30.10 29.96
CA LEU B 1243 -10.91 -29.11 30.04
C LEU B 1243 -12.05 -29.74 30.85
N LEU B 1244 -12.44 -29.07 31.90
CA LEU B 1244 -13.55 -29.52 32.77
C LEU B 1244 -14.80 -29.81 31.90
N ARG B 1245 -15.44 -30.95 32.12
CA ARG B 1245 -16.67 -31.42 31.41
C ARG B 1245 -17.90 -30.81 32.07
N ASP B 1246 -18.92 -30.50 31.28
CA ASP B 1246 -20.29 -30.17 31.78
C ASP B 1246 -20.22 -28.96 32.72
N CYS B 1247 -19.77 -27.81 32.24
CA CYS B 1247 -19.70 -26.57 33.05
C CYS B 1247 -20.05 -25.37 32.18
N PRO B 1248 -21.22 -25.37 31.52
CA PRO B 1248 -21.64 -24.21 30.72
C PRO B 1248 -21.54 -22.94 31.57
N ASN B 1249 -21.00 -21.86 30.99
CA ASN B 1249 -20.94 -20.49 31.59
C ASN B 1249 -22.01 -19.62 30.93
N LYS B 1250 -23.13 -19.37 31.62
CA LYS B 1250 -24.28 -18.61 31.05
C LYS B 1250 -23.92 -17.13 30.87
N LYS B 1251 -22.80 -16.65 31.41
CA LYS B 1251 -22.38 -15.24 31.33
C LYS B 1251 -21.63 -14.92 30.03
N ALA B 1252 -21.36 -15.88 29.13
CA ALA B 1252 -20.61 -15.57 27.89
C ALA B 1252 -21.09 -16.38 26.67
N ILE B 1253 -20.61 -15.94 25.50
CA ILE B 1253 -21.04 -16.40 24.15
C ILE B 1253 -20.97 -17.93 24.10
N TYR B 1254 -22.10 -18.56 23.76
CA TYR B 1254 -22.23 -20.04 23.63
C TYR B 1254 -21.62 -20.75 24.85
N ALA B 1255 -21.74 -20.16 26.03
CA ALA B 1255 -21.44 -20.81 27.34
C ALA B 1255 -19.93 -21.01 27.52
N SER B 1256 -19.09 -20.32 26.75
CA SER B 1256 -17.61 -20.41 26.83
C SER B 1256 -17.06 -19.56 28.01
N LYS B 1257 -15.77 -19.69 28.32
CA LYS B 1257 -15.05 -18.80 29.27
C LYS B 1257 -13.73 -18.31 28.67
N ALA B 1258 -13.32 -17.10 29.03
CA ALA B 1258 -11.99 -16.53 28.77
C ALA B 1258 -10.89 -17.54 29.18
N VAL B 1259 -9.83 -17.65 28.37
CA VAL B 1259 -8.74 -18.63 28.58
C VAL B 1259 -7.34 -18.01 28.40
N GLY B 1260 -7.21 -16.78 27.87
CA GLY B 1260 -5.90 -16.24 27.45
C GLY B 1260 -4.89 -16.14 28.61
N GLU B 1261 -5.23 -15.40 29.66
CA GLU B 1261 -4.31 -15.12 30.81
C GLU B 1261 -4.51 -16.07 31.99
N PRO B 1262 -5.73 -16.55 32.31
CA PRO B 1262 -5.94 -17.32 33.54
C PRO B 1262 -5.03 -18.50 33.79
N PRO B 1263 -4.55 -19.27 32.79
CA PRO B 1263 -3.73 -20.44 33.08
C PRO B 1263 -2.25 -20.09 33.40
N LEU B 1264 -1.82 -18.86 33.23
CA LEU B 1264 -0.36 -18.56 33.32
C LEU B 1264 0.13 -18.80 34.75
N PHE B 1265 -0.62 -18.34 35.77
CA PHE B 1265 -0.19 -18.48 37.17
C PHE B 1265 -0.02 -19.97 37.56
N LEU B 1266 -0.69 -20.88 36.85
CA LEU B 1266 -0.58 -22.33 37.16
C LEU B 1266 0.86 -22.83 36.93
N GLY B 1267 1.68 -22.11 36.16
CA GLY B 1267 3.13 -22.35 36.07
C GLY B 1267 3.85 -22.26 37.43
N ALA B 1268 3.30 -21.53 38.41
CA ALA B 1268 3.87 -21.46 39.78
C ALA B 1268 3.84 -22.85 40.45
N SER B 1269 3.00 -23.77 40.00
CA SER B 1269 3.03 -25.18 40.51
C SER B 1269 4.47 -25.72 40.40
N VAL B 1270 5.22 -25.34 39.37
CA VAL B 1270 6.64 -25.77 39.19
C VAL B 1270 7.49 -25.08 40.25
N PHE B 1271 7.25 -23.80 40.48
CA PHE B 1271 8.02 -23.05 41.50
C PHE B 1271 7.88 -23.74 42.85
N PHE B 1272 6.65 -24.11 43.22
CA PHE B 1272 6.37 -24.60 44.58
C PHE B 1272 6.81 -26.07 44.63
N ALA B 1273 6.85 -26.78 43.50
CA ALA B 1273 7.45 -28.13 43.49
C ALA B 1273 8.96 -27.98 43.77
N ILE B 1274 9.62 -27.02 43.13
CA ILE B 1274 11.07 -26.78 43.35
C ILE B 1274 11.30 -26.44 44.83
N LYS B 1275 10.48 -25.57 45.40
CA LYS B 1275 10.61 -25.15 46.82
C LYS B 1275 10.52 -26.39 47.72
N ASP B 1276 9.56 -27.29 47.46
CA ASP B 1276 9.39 -28.60 48.15
C ASP B 1276 10.72 -29.36 48.08
N ALA B 1277 11.36 -29.37 46.91
CA ALA B 1277 12.57 -30.18 46.64
C ALA B 1277 13.75 -29.59 47.42
N ILE B 1278 13.85 -28.25 47.43
CA ILE B 1278 14.90 -27.53 48.18
C ILE B 1278 14.72 -27.88 49.66
N ARG B 1279 13.48 -28.01 50.14
CA ARG B 1279 13.19 -28.32 51.56
C ARG B 1279 13.75 -29.71 51.85
N ALA B 1280 13.56 -30.67 50.95
CA ALA B 1280 14.14 -32.03 51.11
C ALA B 1280 15.68 -31.94 51.13
N ALA B 1281 16.29 -31.13 50.27
CA ALA B 1281 17.77 -30.95 50.19
C ALA B 1281 18.30 -30.36 51.49
N ARG B 1282 17.60 -29.36 52.04
CA ARG B 1282 18.02 -28.65 53.26
C ARG B 1282 17.86 -29.60 54.45
N ALA B 1283 16.80 -30.43 54.49
CA ALA B 1283 16.66 -31.53 55.48
C ALA B 1283 17.88 -32.48 55.36
N GLN B 1284 18.42 -32.70 54.16
CA GLN B 1284 19.52 -33.67 53.92
C GLN B 1284 20.87 -33.14 54.43
N HIS B 1285 21.20 -31.87 54.19
CA HIS B 1285 22.58 -31.33 54.38
C HIS B 1285 22.64 -30.01 55.15
N THR B 1286 21.54 -29.27 55.32
CA THR B 1286 21.60 -27.94 55.98
C THR B 1286 21.34 -28.08 57.49
N ASN B 1287 20.13 -28.46 57.89
CA ASN B 1287 19.71 -28.49 59.31
C ASN B 1287 18.49 -29.42 59.47
N ASN B 1288 18.08 -29.62 60.72
CA ASN B 1288 17.00 -30.54 61.15
C ASN B 1288 15.69 -29.76 61.33
N ASN B 1289 15.69 -28.43 61.15
CA ASN B 1289 14.51 -27.60 61.48
C ASN B 1289 13.45 -27.85 60.41
N THR B 1290 12.51 -28.76 60.68
CA THR B 1290 11.45 -29.15 59.72
C THR B 1290 10.42 -28.02 59.55
N LYS B 1291 10.45 -26.96 60.36
CA LYS B 1291 9.51 -25.80 60.28
C LYS B 1291 10.26 -24.52 59.90
N GLU B 1292 11.53 -24.63 59.46
CA GLU B 1292 12.26 -23.46 58.89
C GLU B 1292 11.48 -22.90 57.71
N LEU B 1293 11.43 -21.56 57.58
CA LEU B 1293 10.81 -20.84 56.44
C LEU B 1293 11.92 -20.07 55.70
N PHE B 1294 12.62 -20.73 54.78
CA PHE B 1294 13.67 -20.06 54.00
C PHE B 1294 13.02 -19.33 52.82
N ARG B 1295 13.55 -18.15 52.55
CA ARG B 1295 12.96 -17.25 51.54
C ARG B 1295 13.45 -17.73 50.17
N LEU B 1296 12.55 -17.99 49.26
CA LEU B 1296 12.92 -18.23 47.84
C LEU B 1296 12.20 -17.20 46.98
N ASP B 1297 12.92 -16.24 46.45
CA ASP B 1297 12.34 -15.24 45.53
C ASP B 1297 12.17 -15.86 44.14
N SER B 1298 11.38 -15.19 43.30
CA SER B 1298 11.15 -15.59 41.89
C SER B 1298 11.98 -14.68 41.02
N PRO B 1299 12.58 -15.19 39.94
CA PRO B 1299 12.51 -16.60 39.57
C PRO B 1299 13.48 -17.51 40.32
N ALA B 1300 13.06 -18.75 40.48
CA ALA B 1300 13.87 -19.86 41.04
C ALA B 1300 14.78 -20.42 39.95
N THR B 1301 15.81 -19.67 39.65
CA THR B 1301 16.86 -19.97 38.64
C THR B 1301 17.83 -20.98 39.23
N PRO B 1302 18.72 -21.60 38.40
CA PRO B 1302 19.77 -22.47 38.94
C PRO B 1302 20.53 -21.80 40.10
N GLU B 1303 20.78 -20.49 39.98
CA GLU B 1303 21.49 -19.71 40.99
C GLU B 1303 20.77 -19.86 42.31
N LYS B 1304 19.44 -19.65 42.33
CA LYS B 1304 18.66 -19.61 43.59
C LYS B 1304 18.53 -21.03 44.12
N ILE B 1305 18.32 -22.01 43.24
CA ILE B 1305 18.17 -23.40 43.68
C ILE B 1305 19.48 -23.83 44.33
N ARG B 1306 20.60 -23.69 43.63
CA ARG B 1306 21.91 -24.25 44.07
C ARG B 1306 22.32 -23.54 45.37
N ASN B 1307 22.15 -22.20 45.43
CA ASN B 1307 22.51 -21.41 46.66
C ASN B 1307 21.63 -21.81 47.86
N ALA B 1308 20.38 -22.22 47.63
CA ALA B 1308 19.49 -22.66 48.72
C ALA B 1308 19.89 -24.05 49.21
N CYS B 1309 20.55 -24.87 48.38
CA CYS B 1309 20.96 -26.27 48.73
C CYS B 1309 22.29 -26.18 49.51
N VAL B 1310 22.25 -25.62 50.72
CA VAL B 1310 23.43 -25.37 51.59
C VAL B 1310 23.97 -26.73 52.04
N ASP B 1311 25.28 -26.88 51.92
CA ASP B 1311 26.06 -28.15 52.03
C ASP B 1311 27.50 -27.77 52.37
N LYS B 1312 28.43 -28.73 52.39
CA LYS B 1312 29.86 -28.48 52.71
C LYS B 1312 30.52 -27.61 51.62
N PHE B 1313 29.97 -27.57 50.42
CA PHE B 1313 30.57 -26.85 49.27
C PHE B 1313 30.20 -25.36 49.32
N THR B 1314 28.91 -25.06 49.48
CA THR B 1314 28.41 -23.64 49.63
C THR B 1314 29.12 -23.01 50.84
N THR B 1315 29.26 -23.76 51.94
CA THR B 1315 29.88 -23.31 53.21
C THR B 1315 31.33 -22.85 52.94
N LEU B 1316 32.07 -23.56 52.11
CA LEU B 1316 33.43 -23.11 51.67
C LEU B 1316 33.38 -21.89 50.74
N CYS B 1317 32.26 -21.58 50.07
CA CYS B 1317 32.25 -20.56 48.98
C CYS B 1317 31.56 -19.26 49.40
N VAL B 1318 30.88 -19.24 50.55
CA VAL B 1318 30.10 -18.07 51.05
C VAL B 1318 31.00 -16.84 51.10
N THR B 1319 30.57 -15.66 50.64
CA THR B 1319 31.43 -14.43 50.57
C THR B 1319 31.87 -14.04 51.98
N CYS B 1325 42.99 -14.80 55.19
CA CYS B 1325 43.04 -13.35 55.55
C CYS B 1325 41.96 -13.02 56.60
N LYS B 1326 42.26 -13.19 57.90
CA LYS B 1326 41.30 -13.01 59.02
C LYS B 1326 41.57 -11.68 59.74
N PRO B 1327 40.55 -11.10 60.40
CA PRO B 1327 40.72 -9.83 61.10
C PRO B 1327 41.58 -10.00 62.37
N TRP B 1328 42.26 -8.93 62.76
CA TRP B 1328 43.12 -8.91 63.97
C TRP B 1328 42.29 -9.30 65.21
N SER B 1329 41.11 -8.71 65.38
CA SER B 1329 40.21 -9.03 66.52
C SER B 1329 38.78 -9.33 66.05
N LEU B 1330 38.03 -9.99 66.89
CA LEU B 1330 36.58 -10.24 66.69
C LEU B 1330 35.90 -10.20 68.06
N ARG B 1331 34.86 -9.38 68.23
CA ARG B 1331 34.14 -9.22 69.52
C ARG B 1331 33.59 -10.59 69.93
N VAL B 1332 33.59 -10.85 71.24
CA VAL B 1332 33.24 -12.19 71.78
C VAL B 1332 31.76 -12.16 72.19
#